data_6JX7
#
_entry.id   6JX7
#
_cell.length_a   1.00
_cell.length_b   1.00
_cell.length_c   1.00
_cell.angle_alpha   90.00
_cell.angle_beta   90.00
_cell.angle_gamma   90.00
#
_symmetry.space_group_name_H-M   'P 1'
#
loop_
_entity.id
_entity.type
_entity.pdbx_description
1 polymer 'Feline Infectious Peritonitis Virus Spike Protein'
2 branched 2-acetamido-2-deoxy-beta-D-glucopyranose-(1-4)-2-acetamido-2-deoxy-beta-D-glucopyranose
3 branched beta-D-mannopyranose-(1-4)-2-acetamido-2-deoxy-beta-D-glucopyranose-(1-4)-2-acetamido-2-deoxy-beta-D-glucopyranose
4 branched alpha-D-mannopyranose-(1-2)-alpha-D-mannopyranose-(1-3)-[alpha-D-mannopyranose-(1-6)-alpha-D-mannopyranose-(1-6)]beta-D-mannopyranose-(1-4)-2-acetamido-2-deoxy-beta-D-glucopyranose-(1-4)-2-acetamido-2-deoxy-beta-D-glucopyranose
5 branched alpha-D-mannopyranose-(1-6)-beta-D-mannopyranose-(1-4)-2-acetamido-2-deoxy-beta-D-glucopyranose-(1-4)-2-acetamido-2-deoxy-beta-D-glucopyranose
6 branched beta-D-mannopyranose-(1-4)-2-acetamido-2-deoxy-beta-D-glucopyranose-(1-4)-[alpha-L-fucopyranose-(1-6)]2-acetamido-2-deoxy-beta-D-glucopyranose
7 branched alpha-D-mannopyranose-(1-3)-[alpha-D-mannopyranose-(1-6)]beta-D-mannopyranose-(1-4)-2-acetamido-2-deoxy-beta-D-glucopyranose-(1-4)-2-acetamido-2-deoxy-beta-D-glucopyranose
8 branched alpha-D-mannopyranose-(1-2)-alpha-D-mannopyranose-(1-3)-[alpha-D-mannopyranose-(1-3)-alpha-D-mannopyranose-(1-6)]beta-D-mannopyranose-(1-4)-2-acetamido-2-deoxy-beta-D-glucopyranose-(1-4)-2-acetamido-2-deoxy-beta-D-glucopyranose
9 non-polymer 2-acetamido-2-deoxy-beta-D-glucopyranose
10 non-polymer alpha-D-mannopyranose
#
_entity_poly.entity_id   1
_entity_poly.type   'polypeptide(L)'
_entity_poly.pdbx_seq_one_letter_code
;DAPHGVTLPHFNTSHNNSKFELNFYNFLQTWDIPPNTETILGGYLPYCDHEDNCGWYNFVYNNKVGPNAKYSYINTQNLN
IPNVHGVYFDVREHNSDGVWDQIDRVGLLIAIHGTSHYSLLMVLQDGVEASQPHVAVKICHWNPGNISTYHQFDVNLGDG
GQCVFNQRFSLDTVLTANDFYGFQWTDTYVDIYLGGTITKVWVVNDWSVVEASISSHWNALNYGYYIQFVNRTTYYAYNS
TGGSNYTHLQLTECHTDYCAGYAKNVFVPIDGKIPEGFSFSNWFLLTDKSTLVQGRVLSSQPVFVQCLRPVPTWSNNTAV
VHFKNDVFCPNVTADVLRFNLNFSDTDVYTDSTTDDQLHFTFEDNTTASITCYSSANVTDNQPASGSISHTPFVSNSYLC
FANFSHSSVSRQFLGILPPTVREFAFGRDGSIFVNGYKYFSLQPIKSVNFSISSVENYGFWTIAYTNYTDVMVDVNGTVI
TRLFYCDSPLNRIKCQQLKHELPDGFYSASMLVKKDLPKTFVTMPQFYNWMNVTLHVVLNDIEKKADIILAGAPELASLA
DIHFEIAQANGSVVNVTSVCVQARQLALFYKYTSLQGLYTYSNLVQLQNYDCPFSPQQFNNYLQFETLCFDVSPAVAGCK
WSLVHDVKWRTQFATITVSYKDGAMITTMPKAQLGFQDISNIVKDECTDYNIYGFQGTGIIRSTTSRLVAGLYYTSASGD
LLGFKISTTGEIFTVVPCDLTAQAAVINDEIVGAITATNQTDLFEFVNHTWSRSARGSSPSTVNTYTMPQFYYITKWNNG
TSSNCTSVITYSSFAICNTGEIKYVNVTHVEIVDDSVGVIKPVSTGNITIPKNFTVAVQAEYVQIQVKPVAVDCAKYVCN
GNRHCLNLLTQYTSACQTIENSLNLGARLESLMLNDMITVSDRSLEFATVDKFNTTALGGEKLGGLYFDGLSSLLPPRVG
MRSAVEDLLFNKVVTSGLGTVDDDYKKCSAGTDVADLVCAQYYNGIMVLPGVVDYNKMAMYTASLIGGMALGSITSAVAV
PFSMQVQARLNYVALQTDVLQENQKILANAFNNAIGNITLALGKVSNAITTVSDGFNSMASALTKIQSVVNQQGEALSHL
ISQLQKNFQAISSSIAEIYNRLEKVEADAQVDRLITGRLAALNAYVAQTLTQYAEVKASRQLAMEKVNECVKSQSDRYGF
CGNGTHLFSLVNSAPDGLLFFHTVLLPTEWEEVTAWSGICVNDTYAYLLKDFDHSIFSYNGTYMVTPRNMFQPRKPQMSD
FVQITSCEVTFLNTTHTTFQEIVIDYIDINKTIADMLEQYHSNYTTPELDLQLEIFNQTKLNLTAEIDQLEQRADNLTNI
AHELQQYIDNLNKTIVDLEWLNRIETYVKWPGSGGYIPEAPRDGQAYVRKDGEWVLLSTFLKGQDNSADIQHSGGRSSLE
GPRFEGKPIPNPLLGLDSTRTGHHHHHH
;
_entity_poly.pdbx_strand_id   A,B,C
#
# COMPACT_ATOMS: atom_id res chain seq x y z
N TYR A 47 -8.69 -0.45 -81.58
CA TYR A 47 -9.84 0.24 -82.14
C TYR A 47 -10.44 -0.51 -83.31
N CYS A 48 -11.77 -0.52 -83.39
CA CYS A 48 -12.50 -1.12 -84.49
C CYS A 48 -13.88 -0.47 -84.54
N ASP A 49 -14.80 -1.08 -85.29
CA ASP A 49 -16.15 -0.54 -85.36
C ASP A 49 -17.02 -0.96 -84.19
N HIS A 50 -16.60 -1.96 -83.39
CA HIS A 50 -17.38 -2.42 -82.25
C HIS A 50 -17.03 -1.69 -80.96
N GLU A 51 -16.55 -0.44 -81.07
CA GLU A 51 -16.23 0.34 -79.88
C GLU A 51 -17.48 0.65 -79.07
N ASP A 52 -18.54 1.09 -79.74
CA ASP A 52 -19.80 1.34 -79.07
C ASP A 52 -20.42 0.06 -78.53
N ASN A 53 -20.21 -1.05 -79.23
CA ASN A 53 -20.76 -2.32 -78.78
C ASN A 53 -19.98 -2.85 -77.59
N CYS A 54 -18.67 -2.66 -77.60
CA CYS A 54 -17.92 -2.85 -76.37
C CYS A 54 -18.24 -1.75 -75.37
N GLY A 55 -18.56 -0.54 -75.86
CA GLY A 55 -19.00 0.52 -74.97
C GLY A 55 -20.36 0.26 -74.38
N TRP A 56 -21.19 -0.53 -75.06
CA TRP A 56 -22.41 -1.00 -74.42
C TRP A 56 -22.10 -2.14 -73.47
N TYR A 57 -21.12 -2.98 -73.82
CA TYR A 57 -20.64 -4.02 -72.92
C TYR A 57 -20.00 -3.45 -71.68
N ASN A 58 -19.39 -2.26 -71.81
CA ASN A 58 -18.88 -1.52 -70.67
C ASN A 58 -20.00 -1.21 -69.69
N PHE A 59 -21.14 -0.78 -70.20
CA PHE A 59 -22.17 -0.28 -69.31
C PHE A 59 -22.89 -1.40 -68.59
N VAL A 60 -23.57 -2.26 -69.35
CA VAL A 60 -24.53 -3.16 -68.73
C VAL A 60 -23.84 -4.33 -68.04
N TYR A 61 -22.78 -4.88 -68.65
CA TYR A 61 -22.25 -6.12 -68.14
C TYR A 61 -21.42 -5.92 -66.88
N ASN A 62 -20.71 -4.82 -66.80
CA ASN A 62 -19.90 -4.54 -65.62
C ASN A 62 -20.67 -3.75 -64.58
N ASN A 63 -21.97 -3.53 -64.79
CA ASN A 63 -22.84 -3.04 -63.73
C ASN A 63 -23.48 -4.16 -62.95
N LYS A 64 -22.81 -5.32 -62.89
CA LYS A 64 -23.33 -6.41 -62.09
C LYS A 64 -23.18 -6.11 -60.60
N VAL A 65 -21.97 -5.77 -60.16
CA VAL A 65 -21.63 -5.75 -58.74
C VAL A 65 -21.15 -4.39 -58.28
N GLY A 66 -20.43 -3.67 -59.16
CA GLY A 66 -19.43 -2.68 -58.81
C GLY A 66 -19.69 -1.63 -57.75
N PRO A 67 -18.96 -1.73 -56.64
CA PRO A 67 -18.94 -0.62 -55.66
C PRO A 67 -18.10 0.56 -56.11
N ASN A 68 -17.89 1.52 -55.22
CA ASN A 68 -17.32 2.82 -55.59
C ASN A 68 -15.81 2.86 -55.36
N ALA A 69 -15.14 3.70 -56.15
CA ALA A 69 -13.79 4.21 -55.88
C ALA A 69 -12.75 3.10 -55.79
N LYS A 70 -12.99 2.01 -56.52
CA LYS A 70 -12.10 0.81 -56.40
C LYS A 70 -11.76 0.19 -57.76
N TYR A 71 -10.61 -0.49 -57.82
CA TYR A 71 -10.07 -1.12 -59.02
C TYR A 71 -9.60 -2.51 -58.68
N SER A 72 -9.64 -3.39 -59.68
CA SER A 72 -9.25 -4.77 -59.48
C SER A 72 -8.69 -5.31 -60.80
N TYR A 73 -8.61 -6.62 -60.91
CA TYR A 73 -8.01 -7.29 -62.06
C TYR A 73 -8.98 -8.37 -62.52
N ILE A 74 -9.95 -7.99 -63.33
CA ILE A 74 -11.04 -8.88 -63.71
C ILE A 74 -10.58 -9.83 -64.79
N ASN A 75 -10.80 -11.13 -64.59
CA ASN A 75 -10.53 -12.15 -65.60
C ASN A 75 -11.75 -13.04 -65.73
N THR A 76 -12.52 -12.83 -66.80
CA THR A 76 -13.64 -13.68 -67.15
C THR A 76 -13.59 -13.92 -68.66
N GLN A 77 -13.74 -15.16 -69.07
CA GLN A 77 -13.69 -15.53 -70.47
C GLN A 77 -14.93 -14.99 -71.18
N ASN A 78 -14.74 -13.93 -71.96
CA ASN A 78 -15.84 -13.12 -72.49
C ASN A 78 -15.54 -12.76 -73.94
N LEU A 79 -16.25 -11.75 -74.45
CA LEU A 79 -16.26 -11.44 -75.87
C LEU A 79 -14.95 -10.79 -76.33
N ASN A 80 -14.62 -11.03 -77.58
CA ASN A 80 -13.61 -10.25 -78.29
C ASN A 80 -14.07 -9.78 -79.66
N ILE A 81 -14.79 -10.61 -80.41
CA ILE A 81 -15.21 -10.36 -81.79
C ILE A 81 -16.54 -11.08 -82.00
N PRO A 82 -17.58 -10.41 -82.53
CA PRO A 82 -18.92 -10.99 -82.52
C PRO A 82 -19.12 -12.03 -83.61
N ASN A 83 -20.30 -12.65 -83.56
CA ASN A 83 -20.77 -13.57 -84.60
C ASN A 83 -22.28 -13.50 -84.67
N VAL A 84 -22.80 -13.42 -85.90
CA VAL A 84 -24.24 -13.45 -86.17
C VAL A 84 -24.53 -14.75 -86.90
N HIS A 85 -25.44 -15.55 -86.35
CA HIS A 85 -25.68 -16.88 -86.89
C HIS A 85 -27.16 -17.16 -86.98
N GLY A 86 -27.61 -17.55 -88.18
CA GLY A 86 -28.97 -17.99 -88.40
C GLY A 86 -29.00 -19.37 -89.04
N VAL A 87 -28.07 -20.22 -88.62
CA VAL A 87 -27.99 -21.57 -89.17
C VAL A 87 -29.07 -22.46 -88.56
N TYR A 88 -29.50 -22.14 -87.34
CA TYR A 88 -30.53 -22.77 -86.50
C TYR A 88 -30.12 -24.14 -85.95
N PHE A 89 -28.94 -24.66 -86.29
CA PHE A 89 -28.32 -25.79 -85.59
C PHE A 89 -26.86 -25.40 -85.40
N ASP A 90 -26.58 -24.66 -84.34
CA ASP A 90 -25.23 -24.14 -84.12
C ASP A 90 -24.46 -25.13 -83.25
N VAL A 91 -24.05 -26.22 -83.90
CA VAL A 91 -23.31 -27.29 -83.23
C VAL A 91 -21.84 -26.87 -83.23
N ARG A 92 -21.38 -26.41 -82.07
CA ARG A 92 -20.01 -25.96 -81.93
C ARG A 92 -19.44 -26.49 -80.64
N GLU A 93 -18.23 -27.05 -80.71
CA GLU A 93 -17.57 -27.68 -79.58
C GLU A 93 -16.31 -26.89 -79.23
N HIS A 94 -16.24 -26.40 -78.01
CA HIS A 94 -15.18 -25.50 -77.53
C HIS A 94 -14.96 -25.81 -76.05
N ASN A 95 -14.37 -24.88 -75.30
CA ASN A 95 -13.98 -25.21 -73.93
C ASN A 95 -14.63 -24.35 -72.86
N SER A 96 -15.40 -23.33 -73.22
CA SER A 96 -16.23 -22.62 -72.25
C SER A 96 -17.38 -21.98 -73.01
N ASP A 97 -18.33 -21.42 -72.26
CA ASP A 97 -19.46 -20.81 -72.93
C ASP A 97 -19.09 -19.45 -73.49
N GLY A 98 -19.89 -19.00 -74.46
CA GLY A 98 -19.92 -17.64 -74.85
C GLY A 98 -21.16 -16.93 -74.36
N VAL A 99 -21.39 -15.76 -74.94
CA VAL A 99 -22.47 -14.86 -74.55
C VAL A 99 -23.30 -14.57 -75.80
N TRP A 100 -24.61 -14.54 -75.64
CA TRP A 100 -25.50 -14.15 -76.72
C TRP A 100 -26.08 -12.77 -76.46
N ASP A 101 -26.78 -12.25 -77.48
CA ASP A 101 -27.33 -10.91 -77.43
C ASP A 101 -28.44 -10.78 -78.47
N GLN A 102 -29.62 -10.35 -78.05
CA GLN A 102 -30.77 -10.25 -78.93
C GLN A 102 -31.80 -9.30 -78.32
N ILE A 103 -32.45 -8.50 -79.17
CA ILE A 103 -33.51 -7.61 -78.72
C ILE A 103 -34.90 -8.10 -79.13
N ASP A 104 -35.03 -8.79 -80.27
CA ASP A 104 -36.33 -9.16 -80.80
C ASP A 104 -36.95 -10.32 -80.02
N ARG A 105 -38.21 -10.60 -80.34
CA ARG A 105 -39.08 -11.47 -79.53
C ARG A 105 -39.15 -12.88 -80.11
N VAL A 106 -38.02 -13.58 -80.08
CA VAL A 106 -37.91 -14.93 -80.62
C VAL A 106 -37.36 -15.83 -79.53
N GLY A 107 -37.93 -17.04 -79.39
CA GLY A 107 -37.44 -17.97 -78.40
C GLY A 107 -36.05 -18.50 -78.71
N LEU A 108 -35.32 -18.85 -77.65
CA LEU A 108 -33.97 -19.39 -77.74
C LEU A 108 -33.87 -20.68 -76.93
N LEU A 109 -32.78 -21.41 -77.15
CA LEU A 109 -32.54 -22.67 -76.44
C LEU A 109 -31.05 -22.98 -76.49
N ILE A 110 -30.44 -23.18 -75.32
CA ILE A 110 -29.04 -23.55 -75.19
C ILE A 110 -28.94 -24.85 -74.40
N ALA A 111 -28.09 -25.77 -74.87
CA ALA A 111 -27.81 -27.01 -74.17
C ALA A 111 -26.30 -27.18 -74.03
N ILE A 112 -25.86 -27.58 -72.84
CA ILE A 112 -24.45 -27.70 -72.52
C ILE A 112 -24.20 -29.12 -72.06
N HIS A 113 -23.20 -29.77 -72.67
CA HIS A 113 -22.84 -31.12 -72.27
C HIS A 113 -21.37 -31.35 -72.62
N GLY A 114 -20.85 -32.48 -72.16
CA GLY A 114 -19.61 -32.98 -72.70
C GLY A 114 -19.97 -33.94 -73.81
N THR A 115 -19.59 -35.19 -73.66
CA THR A 115 -20.16 -36.24 -74.49
C THR A 115 -21.50 -36.66 -73.88
N SER A 116 -22.20 -37.59 -74.51
CA SER A 116 -23.43 -38.11 -73.93
C SER A 116 -23.03 -39.08 -72.83
N HIS A 117 -23.00 -38.56 -71.60
CA HIS A 117 -22.63 -39.36 -70.45
C HIS A 117 -23.83 -40.19 -69.97
N TYR A 118 -23.70 -40.71 -68.75
CA TYR A 118 -24.63 -41.66 -68.16
C TYR A 118 -25.15 -41.23 -66.79
N SER A 119 -24.34 -40.53 -65.99
CA SER A 119 -24.85 -39.82 -64.83
C SER A 119 -24.33 -38.40 -64.71
N LEU A 120 -23.37 -37.99 -65.52
CA LEU A 120 -22.88 -36.62 -65.47
C LEU A 120 -23.97 -35.71 -66.02
N LEU A 121 -24.44 -34.79 -65.20
CA LEU A 121 -25.61 -34.02 -65.57
C LEU A 121 -25.26 -32.95 -66.59
N MET A 122 -26.23 -32.61 -67.42
CA MET A 122 -26.09 -31.60 -68.45
C MET A 122 -26.85 -30.34 -68.03
N VAL A 123 -26.83 -29.34 -68.90
CA VAL A 123 -27.55 -28.09 -68.69
C VAL A 123 -28.58 -27.92 -69.79
N LEU A 124 -29.81 -27.64 -69.39
CA LEU A 124 -30.87 -27.29 -70.32
C LEU A 124 -31.42 -25.92 -69.95
N GLN A 125 -31.78 -25.15 -70.99
CA GLN A 125 -32.15 -23.76 -70.80
C GLN A 125 -32.92 -23.28 -72.02
N ASP A 126 -33.99 -22.53 -71.78
CA ASP A 126 -34.76 -21.87 -72.83
C ASP A 126 -34.90 -20.39 -72.50
N GLY A 127 -34.71 -19.53 -73.50
CA GLY A 127 -35.10 -18.15 -73.36
C GLY A 127 -36.30 -17.85 -74.24
N VAL A 128 -37.49 -17.78 -73.63
CA VAL A 128 -38.74 -17.71 -74.38
C VAL A 128 -39.39 -16.36 -74.11
N GLU A 129 -39.96 -15.76 -75.15
CA GLU A 129 -40.75 -14.54 -75.01
C GLU A 129 -42.15 -14.87 -74.50
N ALA A 130 -42.64 -14.04 -73.59
CA ALA A 130 -43.96 -14.21 -73.00
C ALA A 130 -44.48 -12.82 -72.65
N SER A 131 -45.47 -12.77 -71.74
CA SER A 131 -45.89 -11.50 -71.16
C SER A 131 -44.74 -10.82 -70.45
N GLN A 132 -43.95 -11.59 -69.71
CA GLN A 132 -42.64 -11.20 -69.28
C GLN A 132 -41.65 -12.21 -69.86
N PRO A 133 -40.58 -11.78 -70.53
CA PRO A 133 -39.66 -12.75 -71.13
C PRO A 133 -38.86 -13.49 -70.08
N HIS A 134 -39.22 -14.75 -69.85
CA HIS A 134 -38.67 -15.53 -68.76
C HIS A 134 -37.67 -16.56 -69.29
N VAL A 135 -36.95 -17.16 -68.35
CA VAL A 135 -35.91 -18.11 -68.66
C VAL A 135 -35.81 -19.12 -67.53
N ALA A 136 -35.86 -20.40 -67.87
CA ALA A 136 -35.71 -21.48 -66.91
C ALA A 136 -34.46 -22.27 -67.26
N VAL A 137 -33.67 -22.59 -66.26
CA VAL A 137 -32.45 -23.39 -66.41
C VAL A 137 -32.60 -24.66 -65.60
N LYS A 138 -32.27 -25.78 -66.21
CA LYS A 138 -32.39 -27.08 -65.56
C LYS A 138 -31.08 -27.84 -65.66
N ILE A 139 -30.81 -28.65 -64.64
CA ILE A 139 -29.62 -29.49 -64.59
C ILE A 139 -30.10 -30.93 -64.50
N CYS A 140 -30.23 -31.59 -65.64
CA CYS A 140 -30.56 -33.00 -65.71
C CYS A 140 -29.99 -33.63 -66.97
N HIS A 141 -30.47 -34.83 -67.25
CA HIS A 141 -29.75 -35.80 -68.07
C HIS A 141 -30.70 -36.47 -69.04
N TRP A 142 -30.20 -36.77 -70.24
CA TRP A 142 -30.98 -37.47 -71.25
C TRP A 142 -30.05 -38.21 -72.20
N ASN A 143 -30.40 -39.44 -72.55
CA ASN A 143 -29.89 -40.11 -73.73
C ASN A 143 -30.61 -39.79 -75.06
N PRO A 144 -31.94 -39.80 -75.19
CA PRO A 144 -32.51 -39.68 -76.54
C PRO A 144 -32.71 -38.24 -76.97
N GLY A 145 -32.52 -38.03 -78.27
CA GLY A 145 -32.98 -36.80 -78.89
C GLY A 145 -31.84 -35.92 -79.35
N ASN A 146 -32.25 -34.86 -80.03
CA ASN A 146 -31.36 -33.88 -80.61
C ASN A 146 -32.20 -32.67 -80.97
N ILE A 147 -31.55 -31.52 -81.10
CA ILE A 147 -32.27 -30.27 -81.34
C ILE A 147 -32.28 -30.06 -82.85
N SER A 148 -33.24 -30.73 -83.49
CA SER A 148 -33.78 -30.31 -84.79
C SER A 148 -35.28 -30.38 -84.56
N THR A 149 -35.83 -29.33 -83.95
CA THR A 149 -37.08 -29.50 -83.23
C THR A 149 -38.23 -28.65 -83.77
N TYR A 150 -38.11 -27.33 -83.76
CA TYR A 150 -39.14 -26.37 -84.20
C TYR A 150 -40.50 -26.61 -83.53
N HIS A 151 -40.50 -26.49 -82.21
CA HIS A 151 -41.75 -26.57 -81.44
C HIS A 151 -41.89 -25.32 -80.57
N GLN A 152 -42.82 -25.39 -79.62
CA GLN A 152 -42.95 -24.43 -78.54
C GLN A 152 -42.30 -25.01 -77.29
N PHE A 153 -41.68 -24.16 -76.48
CA PHE A 153 -40.61 -24.60 -75.59
C PHE A 153 -40.73 -24.00 -74.19
N ASP A 154 -41.88 -24.15 -73.55
CA ASP A 154 -41.98 -23.77 -72.14
C ASP A 154 -41.08 -24.63 -71.25
N VAL A 155 -41.35 -25.93 -71.13
CA VAL A 155 -40.39 -26.91 -70.60
C VAL A 155 -40.40 -28.07 -71.59
N ASN A 156 -39.55 -28.01 -72.62
CA ASN A 156 -39.52 -29.09 -73.62
C ASN A 156 -38.08 -29.44 -74.00
N LEU A 157 -37.42 -30.27 -73.16
CA LEU A 157 -36.42 -31.23 -73.65
C LEU A 157 -36.27 -32.29 -72.56
N GLY A 158 -36.96 -33.41 -72.72
CA GLY A 158 -36.71 -34.58 -71.89
C GLY A 158 -37.26 -34.53 -70.48
N ASP A 159 -37.89 -35.61 -70.05
CA ASP A 159 -38.17 -35.79 -68.62
C ASP A 159 -37.16 -36.78 -68.05
N GLY A 160 -35.95 -36.28 -67.82
CA GLY A 160 -34.91 -37.10 -67.27
C GLY A 160 -35.16 -37.39 -65.80
N GLY A 161 -35.02 -38.67 -65.43
CA GLY A 161 -35.25 -39.07 -64.05
C GLY A 161 -34.15 -38.69 -63.08
N GLN A 162 -33.04 -38.16 -63.59
CA GLN A 162 -31.91 -37.73 -62.79
C GLN A 162 -31.83 -36.21 -62.91
N CYS A 163 -32.59 -35.49 -62.09
CA CYS A 163 -32.65 -34.03 -62.19
C CYS A 163 -32.75 -33.41 -60.82
N VAL A 164 -31.84 -32.46 -60.55
CA VAL A 164 -31.61 -31.95 -59.21
C VAL A 164 -31.84 -30.44 -59.12
N PHE A 165 -31.41 -29.68 -60.13
CA PHE A 165 -31.52 -28.22 -60.06
C PHE A 165 -32.43 -27.69 -61.15
N ASN A 166 -33.30 -26.77 -60.75
CA ASN A 166 -34.24 -26.12 -61.64
C ASN A 166 -34.55 -24.75 -61.06
N GLN A 167 -34.57 -23.74 -61.92
CA GLN A 167 -34.97 -22.41 -61.48
C GLN A 167 -35.46 -21.61 -62.67
N ARG A 168 -36.58 -20.92 -62.49
CA ARG A 168 -37.17 -20.08 -63.52
C ARG A 168 -36.77 -18.64 -63.21
N PHE A 169 -35.87 -18.09 -64.02
CA PHE A 169 -35.36 -16.75 -63.80
C PHE A 169 -36.14 -15.73 -64.60
N SER A 170 -36.20 -14.51 -64.08
CA SER A 170 -36.85 -13.40 -64.77
C SER A 170 -35.76 -12.55 -65.41
N LEU A 171 -35.76 -12.48 -66.74
CA LEU A 171 -34.76 -11.69 -67.43
C LEU A 171 -35.10 -10.22 -67.32
N ASP A 172 -34.23 -9.44 -66.67
CA ASP A 172 -34.43 -8.00 -66.54
C ASP A 172 -34.08 -7.35 -67.86
N THR A 173 -35.10 -7.07 -68.66
CA THR A 173 -34.95 -6.32 -69.92
C THR A 173 -35.21 -4.84 -69.65
N VAL A 174 -34.52 -4.31 -68.65
CA VAL A 174 -34.72 -2.94 -68.19
C VAL A 174 -34.22 -1.93 -69.23
N LEU A 175 -33.02 -2.13 -69.75
CA LEU A 175 -32.48 -1.23 -70.75
C LEU A 175 -33.06 -1.54 -72.13
N THR A 176 -33.16 -0.50 -72.96
CA THR A 176 -33.61 -0.64 -74.33
C THR A 176 -32.49 -0.98 -75.30
N ALA A 177 -31.24 -0.85 -74.87
CA ALA A 177 -30.11 -1.18 -75.73
C ALA A 177 -29.81 -2.68 -75.62
N ASN A 178 -28.68 -3.10 -76.18
CA ASN A 178 -28.30 -4.50 -76.15
C ASN A 178 -27.58 -4.85 -74.85
N ASP A 179 -28.07 -5.89 -74.18
CA ASP A 179 -27.52 -6.35 -72.91
C ASP A 179 -27.09 -7.80 -73.06
N PHE A 180 -25.99 -8.15 -72.41
CA PHE A 180 -25.34 -9.44 -72.63
C PHE A 180 -25.73 -10.44 -71.55
N TYR A 181 -25.92 -11.69 -71.96
CA TYR A 181 -26.28 -12.77 -71.04
C TYR A 181 -25.60 -14.05 -71.49
N GLY A 182 -24.61 -14.51 -70.73
CA GLY A 182 -23.87 -15.70 -71.09
C GLY A 182 -23.68 -16.59 -69.88
N PHE A 183 -22.77 -17.56 -69.95
CA PHE A 183 -22.51 -18.44 -68.82
C PHE A 183 -21.03 -18.75 -68.75
N GLN A 184 -20.66 -19.54 -67.74
CA GLN A 184 -19.29 -19.97 -67.57
C GLN A 184 -19.26 -21.21 -66.70
N TRP A 185 -18.34 -22.12 -67.00
CA TRP A 185 -18.05 -23.24 -66.14
C TRP A 185 -16.56 -23.48 -66.16
N THR A 186 -16.02 -24.00 -65.06
CA THR A 186 -14.59 -24.32 -65.03
C THR A 186 -14.34 -25.81 -64.91
N ASP A 187 -14.58 -26.40 -63.75
CA ASP A 187 -14.51 -27.85 -63.58
C ASP A 187 -15.55 -28.40 -62.63
N THR A 188 -16.02 -27.61 -61.67
CA THR A 188 -16.99 -28.03 -60.66
C THR A 188 -17.97 -26.91 -60.33
N TYR A 189 -18.12 -25.96 -61.23
CA TYR A 189 -18.38 -24.58 -60.80
C TYR A 189 -19.08 -23.87 -61.95
N VAL A 190 -20.40 -23.76 -61.87
CA VAL A 190 -21.22 -23.31 -63.00
C VAL A 190 -21.76 -21.93 -62.69
N ASP A 191 -21.72 -21.04 -63.69
CA ASP A 191 -22.05 -19.64 -63.50
C ASP A 191 -23.33 -19.31 -64.26
N ILE A 192 -24.11 -18.38 -63.69
CA ILE A 192 -25.32 -17.86 -64.29
C ILE A 192 -25.18 -16.34 -64.37
N TYR A 193 -25.51 -15.77 -65.53
CA TYR A 193 -25.44 -14.32 -65.68
C TYR A 193 -26.79 -13.72 -66.05
N LEU A 194 -27.86 -14.14 -65.37
CA LEU A 194 -29.21 -13.84 -65.81
C LEU A 194 -29.77 -12.64 -65.08
N GLY A 195 -29.90 -11.54 -65.80
CA GLY A 195 -30.68 -10.41 -65.38
C GLY A 195 -29.95 -9.38 -64.57
N GLY A 196 -29.69 -9.68 -63.29
CA GLY A 196 -29.14 -8.66 -62.43
C GLY A 196 -28.12 -9.18 -61.44
N THR A 197 -27.76 -10.45 -61.55
CA THR A 197 -26.94 -11.07 -60.52
C THR A 197 -26.12 -12.19 -61.13
N ILE A 198 -25.29 -12.78 -60.29
CA ILE A 198 -24.48 -13.93 -60.65
C ILE A 198 -24.80 -15.02 -59.65
N THR A 199 -25.18 -16.19 -60.15
CA THR A 199 -25.52 -17.31 -59.31
C THR A 199 -24.59 -18.46 -59.64
N LYS A 200 -24.26 -19.25 -58.62
CA LYS A 200 -23.28 -20.31 -58.77
C LYS A 200 -23.88 -21.67 -58.44
N VAL A 201 -23.53 -22.67 -59.24
CA VAL A 201 -23.96 -24.05 -59.04
C VAL A 201 -22.71 -24.92 -58.96
N TRP A 202 -22.61 -25.71 -57.91
CA TRP A 202 -21.48 -26.63 -57.74
C TRP A 202 -21.98 -28.02 -58.09
N VAL A 203 -21.62 -28.52 -59.27
CA VAL A 203 -21.85 -29.96 -59.49
C VAL A 203 -20.60 -30.73 -59.92
N VAL A 204 -20.25 -30.67 -61.21
CA VAL A 204 -19.02 -31.14 -61.84
C VAL A 204 -19.13 -30.62 -63.26
N ASN A 205 -18.01 -30.29 -63.90
CA ASN A 205 -18.03 -29.89 -65.30
C ASN A 205 -17.04 -30.77 -66.05
N ASP A 206 -17.54 -31.75 -66.77
CA ASP A 206 -16.78 -32.38 -67.85
C ASP A 206 -17.53 -31.99 -69.12
N TRP A 207 -17.27 -30.78 -69.60
CA TRP A 207 -18.16 -30.11 -70.54
C TRP A 207 -17.35 -29.48 -71.66
N SER A 208 -17.60 -29.92 -72.89
CA SER A 208 -16.93 -29.33 -74.03
C SER A 208 -17.82 -29.15 -75.26
N VAL A 209 -19.11 -29.45 -75.19
CA VAL A 209 -20.00 -29.31 -76.33
C VAL A 209 -21.20 -28.46 -75.93
N VAL A 210 -21.29 -27.26 -76.48
CA VAL A 210 -22.46 -26.41 -76.31
C VAL A 210 -23.35 -26.58 -77.52
N GLU A 211 -24.66 -26.68 -77.27
CA GLU A 211 -25.65 -26.85 -78.33
C GLU A 211 -26.60 -25.66 -78.30
N ALA A 212 -26.57 -24.85 -79.34
CA ALA A 212 -27.44 -23.68 -79.45
C ALA A 212 -28.21 -23.75 -80.76
N SER A 213 -29.47 -23.29 -80.70
CA SER A 213 -30.35 -23.40 -81.84
C SER A 213 -31.51 -22.43 -81.68
N ILE A 214 -32.07 -22.01 -82.82
CA ILE A 214 -33.28 -21.20 -82.85
C ILE A 214 -34.34 -22.05 -83.54
N SER A 215 -35.46 -22.25 -82.86
CA SER A 215 -36.47 -23.21 -83.30
C SER A 215 -37.70 -22.46 -83.81
N SER A 216 -37.61 -22.01 -85.07
CA SER A 216 -38.71 -21.39 -85.81
C SER A 216 -38.31 -21.29 -87.27
N HIS A 217 -39.24 -21.53 -88.19
CA HIS A 217 -38.96 -21.34 -89.60
C HIS A 217 -39.62 -20.05 -90.06
N TRP A 218 -38.93 -18.93 -89.83
CA TRP A 218 -39.32 -17.68 -90.44
C TRP A 218 -38.92 -17.67 -91.91
N ASN A 219 -39.75 -17.04 -92.73
CA ASN A 219 -39.52 -17.07 -94.18
C ASN A 219 -38.30 -16.23 -94.55
N ALA A 220 -38.36 -14.92 -94.30
CA ALA A 220 -37.21 -14.05 -94.54
C ALA A 220 -37.30 -12.89 -93.54
N LEU A 221 -36.61 -13.03 -92.41
CA LEU A 221 -36.53 -11.96 -91.44
C LEU A 221 -35.08 -11.65 -91.13
N ASN A 222 -34.85 -10.40 -90.74
CA ASN A 222 -33.56 -9.97 -90.23
C ASN A 222 -33.57 -10.02 -88.71
N TYR A 223 -32.43 -10.37 -88.13
CA TYR A 223 -32.28 -10.44 -86.68
C TYR A 223 -31.05 -9.63 -86.28
N GLY A 224 -31.27 -8.57 -85.51
CA GLY A 224 -30.16 -7.96 -84.83
C GLY A 224 -29.80 -8.85 -83.66
N TYR A 225 -28.75 -9.64 -83.83
CA TYR A 225 -28.62 -10.87 -83.06
C TYR A 225 -27.16 -11.28 -83.03
N TYR A 226 -26.53 -11.18 -81.87
CA TYR A 226 -25.12 -11.49 -81.72
C TYR A 226 -24.98 -12.62 -80.72
N ILE A 227 -24.08 -13.55 -81.02
CA ILE A 227 -23.78 -14.66 -80.12
C ILE A 227 -22.33 -15.08 -80.36
N GLN A 228 -21.58 -15.22 -79.28
CA GLN A 228 -20.18 -15.60 -79.36
C GLN A 228 -19.98 -16.91 -78.60
N PHE A 229 -18.79 -17.48 -78.73
CA PHE A 229 -18.42 -18.71 -78.05
C PHE A 229 -16.98 -18.58 -77.61
N VAL A 230 -16.75 -18.56 -76.31
CA VAL A 230 -15.46 -18.18 -75.77
C VAL A 230 -14.67 -19.42 -75.41
N ASN A 231 -13.45 -19.49 -75.93
CA ASN A 231 -12.45 -20.56 -75.64
C ASN A 231 -11.11 -19.81 -75.64
N ARG A 232 -10.85 -19.17 -74.51
CA ARG A 232 -9.81 -18.17 -74.34
C ARG A 232 -9.56 -17.99 -72.85
N THR A 233 -8.56 -17.18 -72.54
CA THR A 233 -8.23 -16.85 -71.15
C THR A 233 -7.92 -15.36 -71.07
N THR A 234 -8.83 -14.52 -71.53
CA THR A 234 -8.57 -13.09 -71.57
C THR A 234 -8.54 -12.48 -70.18
N TYR A 235 -7.88 -11.33 -70.08
CA TYR A 235 -7.77 -10.58 -68.85
C TYR A 235 -8.21 -9.14 -69.11
N TYR A 236 -8.52 -8.42 -68.04
CA TYR A 236 -8.91 -7.02 -68.15
C TYR A 236 -8.37 -6.27 -66.95
N ALA A 237 -8.60 -4.96 -66.93
CA ALA A 237 -8.11 -4.15 -65.82
C ALA A 237 -9.15 -3.06 -65.57
N TYR A 238 -9.94 -3.22 -64.50
CA TYR A 238 -10.96 -2.20 -64.11
C TYR A 238 -10.27 -0.99 -63.46
N ASN A 239 -10.94 0.17 -63.42
CA ASN A 239 -10.34 1.37 -62.77
C ASN A 239 -11.31 2.03 -61.79
N SER A 240 -12.19 2.90 -62.29
CA SER A 240 -13.15 3.64 -61.41
C SER A 240 -12.46 4.30 -60.21
N THR A 241 -11.43 5.11 -60.48
CA THR A 241 -10.62 5.87 -59.48
C THR A 241 -11.50 7.01 -58.94
N GLY A 242 -11.88 7.93 -59.83
CA GLY A 242 -12.76 9.03 -59.50
C GLY A 242 -13.85 9.18 -60.53
N GLY A 243 -13.74 8.43 -61.61
CA GLY A 243 -14.70 8.52 -62.70
C GLY A 243 -14.14 9.18 -63.94
N SER A 244 -13.81 8.36 -64.94
CA SER A 244 -13.27 8.88 -66.19
C SER A 244 -14.35 9.34 -67.16
N ASN A 245 -15.62 9.28 -66.74
CA ASN A 245 -16.79 9.84 -67.41
C ASN A 245 -17.06 9.24 -68.79
N TYR A 246 -16.49 8.08 -69.10
CA TYR A 246 -16.96 7.32 -70.25
C TYR A 246 -18.36 6.81 -69.97
N THR A 247 -18.50 6.00 -68.92
CA THR A 247 -19.66 6.11 -68.04
C THR A 247 -19.24 6.39 -66.61
N HIS A 248 -18.34 5.58 -66.04
CA HIS A 248 -17.77 5.89 -64.73
C HIS A 248 -16.31 5.46 -64.58
N LEU A 249 -15.64 4.98 -65.63
CA LEU A 249 -14.46 4.17 -65.40
C LEU A 249 -13.49 4.28 -66.56
N GLN A 250 -12.39 3.55 -66.43
CA GLN A 250 -11.33 3.51 -67.43
C GLN A 250 -10.92 2.05 -67.58
N LEU A 251 -11.47 1.38 -68.58
CA LEU A 251 -11.10 0.01 -68.85
C LEU A 251 -9.73 -0.07 -69.50
N THR A 252 -9.14 -1.26 -69.42
CA THR A 252 -7.88 -1.55 -70.10
C THR A 252 -7.81 -3.06 -70.29
N GLU A 253 -7.87 -3.52 -71.54
CA GLU A 253 -7.52 -4.89 -71.82
C GLU A 253 -6.01 -5.03 -71.78
N CYS A 254 -5.54 -6.17 -71.31
CA CYS A 254 -4.10 -6.40 -71.29
C CYS A 254 -3.73 -7.52 -72.26
N HIS A 255 -2.46 -7.56 -72.61
CA HIS A 255 -2.00 -8.47 -73.65
C HIS A 255 -1.79 -9.88 -73.11
N THR A 256 -0.85 -10.04 -72.17
CA THR A 256 -0.39 -11.38 -71.82
C THR A 256 -0.77 -11.79 -70.41
N ASP A 257 -0.29 -11.10 -69.38
CA ASP A 257 -0.27 -11.68 -68.04
C ASP A 257 -0.01 -10.62 -66.98
N TYR A 258 -0.87 -10.56 -65.97
CA TYR A 258 -0.63 -9.95 -64.66
C TYR A 258 -0.25 -8.47 -64.78
N CYS A 259 -1.24 -7.72 -65.24
CA CYS A 259 -1.04 -6.40 -65.80
C CYS A 259 -1.02 -5.36 -64.70
N ALA A 260 -1.16 -4.09 -65.06
CA ALA A 260 -1.22 -2.98 -64.12
C ALA A 260 -2.61 -2.84 -63.49
N GLY A 261 -3.03 -3.91 -62.82
CA GLY A 261 -4.26 -3.89 -62.06
C GLY A 261 -3.98 -3.69 -60.60
N TYR A 262 -3.01 -4.46 -60.08
CA TYR A 262 -2.41 -4.29 -58.76
C TYR A 262 -3.46 -4.41 -57.65
N ALA A 263 -3.98 -5.62 -57.53
CA ALA A 263 -4.86 -5.94 -56.41
C ALA A 263 -4.10 -5.81 -55.09
N LYS A 264 -4.66 -5.01 -54.19
CA LYS A 264 -3.98 -4.73 -52.92
C LYS A 264 -4.00 -5.91 -51.96
N ASN A 265 -4.79 -6.95 -52.23
CA ASN A 265 -4.78 -8.11 -51.37
C ASN A 265 -3.48 -8.88 -51.51
N VAL A 266 -2.99 -9.04 -52.74
CA VAL A 266 -1.73 -9.71 -52.95
C VAL A 266 -0.61 -8.79 -52.50
N PHE A 267 0.32 -9.31 -51.72
CA PHE A 267 1.51 -8.58 -51.34
C PHE A 267 2.72 -9.48 -51.54
N VAL A 268 3.89 -8.98 -51.18
CA VAL A 268 5.11 -9.77 -51.17
C VAL A 268 5.60 -9.84 -49.74
N PRO A 269 5.62 -11.00 -49.13
CA PRO A 269 6.11 -11.12 -47.75
C PRO A 269 7.61 -10.98 -47.70
N ILE A 270 8.09 -9.74 -47.64
CA ILE A 270 9.51 -9.45 -47.83
C ILE A 270 10.39 -10.01 -46.73
N ASP A 271 9.90 -10.08 -45.51
CA ASP A 271 10.68 -10.60 -44.40
C ASP A 271 9.92 -11.65 -43.61
N GLY A 272 8.73 -12.03 -44.06
CA GLY A 272 7.79 -12.65 -43.16
C GLY A 272 6.90 -11.63 -42.52
N LYS A 273 6.67 -10.50 -43.19
CA LYS A 273 6.08 -9.34 -42.57
C LYS A 273 5.08 -8.71 -43.52
N ILE A 274 3.90 -8.41 -43.02
CA ILE A 274 2.88 -7.72 -43.81
C ILE A 274 3.33 -6.28 -44.07
N PRO A 275 3.20 -5.76 -45.27
CA PRO A 275 3.70 -4.41 -45.55
C PRO A 275 2.87 -3.34 -44.86
N GLU A 276 3.56 -2.31 -44.39
CA GLU A 276 2.91 -1.19 -43.75
C GLU A 276 2.10 -0.39 -44.76
N GLY A 277 1.08 0.29 -44.28
CA GLY A 277 0.19 1.02 -45.15
C GLY A 277 -0.63 0.06 -45.96
N PHE A 278 -1.48 -0.70 -45.28
CA PHE A 278 -2.21 -1.78 -45.91
C PHE A 278 -3.55 -1.94 -45.22
N SER A 279 -4.59 -2.17 -46.01
CA SER A 279 -5.94 -2.26 -45.49
C SER A 279 -6.11 -3.59 -44.77
N PHE A 280 -6.35 -3.54 -43.47
CA PHE A 280 -6.67 -4.74 -42.71
C PHE A 280 -8.16 -4.95 -42.64
N SER A 281 -8.83 -4.89 -43.79
CA SER A 281 -10.27 -5.11 -43.82
C SER A 281 -10.63 -6.57 -43.72
N ASN A 282 -9.64 -7.44 -43.70
CA ASN A 282 -9.88 -8.85 -43.73
C ASN A 282 -8.96 -9.64 -42.81
N TRP A 283 -8.11 -8.97 -42.04
CA TRP A 283 -7.27 -9.62 -41.06
C TRP A 283 -7.76 -9.23 -39.67
N PHE A 284 -7.81 -10.17 -38.76
CA PHE A 284 -8.42 -9.93 -37.47
C PHE A 284 -7.49 -10.29 -36.32
N LEU A 285 -7.77 -9.71 -35.17
CA LEU A 285 -7.18 -10.22 -33.93
C LEU A 285 -7.82 -11.55 -33.59
N LEU A 286 -7.00 -12.57 -33.41
CA LEU A 286 -7.50 -13.90 -33.13
C LEU A 286 -7.47 -14.12 -31.63
N THR A 287 -8.63 -14.40 -31.05
CA THR A 287 -8.74 -14.61 -29.62
C THR A 287 -9.89 -15.56 -29.34
N ASP A 288 -10.08 -15.86 -28.07
CA ASP A 288 -11.18 -16.70 -27.66
C ASP A 288 -11.91 -16.18 -26.43
N LYS A 289 -11.41 -15.13 -25.79
CA LYS A 289 -12.08 -14.67 -24.58
C LYS A 289 -13.10 -13.57 -24.89
N SER A 290 -12.69 -12.51 -25.57
CA SER A 290 -13.51 -11.35 -25.87
C SER A 290 -12.74 -10.44 -26.79
N THR A 291 -13.45 -9.81 -27.72
CA THR A 291 -12.76 -8.90 -28.61
C THR A 291 -12.56 -7.56 -27.94
N LEU A 292 -11.64 -6.78 -28.49
CA LEU A 292 -11.47 -5.40 -28.06
C LEU A 292 -12.47 -4.50 -28.76
N VAL A 293 -12.38 -3.22 -28.46
CA VAL A 293 -13.11 -2.21 -29.22
C VAL A 293 -12.11 -1.16 -29.66
N GLN A 294 -11.35 -0.63 -28.70
CA GLN A 294 -10.41 0.44 -28.99
C GLN A 294 -9.11 0.19 -28.25
N GLY A 295 -8.18 1.13 -28.41
CA GLY A 295 -6.93 1.12 -27.69
C GLY A 295 -5.84 0.33 -28.38
N ARG A 296 -4.72 0.20 -27.67
CA ARG A 296 -3.62 -0.63 -28.10
C ARG A 296 -3.47 -1.81 -27.15
N VAL A 297 -2.89 -2.89 -27.65
CA VAL A 297 -2.60 -4.05 -26.82
C VAL A 297 -1.44 -4.81 -27.45
N LEU A 298 -0.69 -5.50 -26.61
CA LEU A 298 0.30 -6.46 -27.06
C LEU A 298 -0.35 -7.82 -27.13
N SER A 299 0.07 -8.60 -28.11
CA SER A 299 -0.38 -9.97 -28.23
C SER A 299 0.61 -10.74 -29.07
N SER A 300 0.58 -12.05 -28.95
CA SER A 300 1.33 -12.95 -29.81
C SER A 300 0.35 -13.41 -30.90
N GLN A 301 0.35 -12.70 -31.99
CA GLN A 301 -0.58 -12.93 -33.07
C GLN A 301 0.08 -13.71 -34.19
N PRO A 302 -0.68 -14.42 -35.00
CA PRO A 302 -0.09 -15.04 -36.20
C PRO A 302 -0.02 -14.09 -37.37
N VAL A 303 1.06 -13.30 -37.47
CA VAL A 303 1.18 -12.39 -38.60
C VAL A 303 2.53 -12.55 -39.29
N PHE A 304 3.23 -13.65 -38.99
CA PHE A 304 4.50 -13.92 -39.66
C PHE A 304 4.22 -14.68 -40.94
N VAL A 305 3.98 -13.94 -42.02
CA VAL A 305 3.53 -14.54 -43.28
C VAL A 305 4.73 -15.19 -43.93
N GLN A 306 4.82 -16.52 -43.83
CA GLN A 306 5.87 -17.23 -44.53
C GLN A 306 5.66 -17.16 -46.03
N CYS A 307 4.44 -17.39 -46.49
CA CYS A 307 4.27 -17.83 -47.87
C CYS A 307 2.83 -17.53 -48.28
N LEU A 308 2.66 -16.57 -49.18
CA LEU A 308 1.33 -16.09 -49.58
C LEU A 308 0.92 -16.75 -50.88
N ARG A 309 -0.25 -17.35 -50.89
CA ARG A 309 -0.73 -18.11 -52.06
C ARG A 309 -2.03 -17.50 -52.58
N PRO A 310 -1.97 -16.61 -53.55
CA PRO A 310 -3.18 -15.93 -54.02
C PRO A 310 -4.02 -16.82 -54.92
N VAL A 311 -5.19 -17.21 -54.44
CA VAL A 311 -6.14 -17.97 -55.24
C VAL A 311 -6.90 -17.00 -56.13
N PRO A 312 -6.91 -17.21 -57.44
CA PRO A 312 -7.73 -16.36 -58.31
C PRO A 312 -9.19 -16.71 -58.17
N THR A 313 -10.03 -15.69 -58.35
CA THR A 313 -11.46 -15.86 -58.12
C THR A 313 -12.10 -16.75 -59.17
N TRP A 314 -11.64 -16.65 -60.41
CA TRP A 314 -12.37 -17.28 -61.49
C TRP A 314 -12.03 -18.75 -61.65
N SER A 315 -10.82 -19.16 -61.28
CA SER A 315 -10.25 -20.35 -61.93
C SER A 315 -10.78 -21.65 -61.38
N ASN A 316 -10.43 -22.00 -60.15
CA ASN A 316 -10.84 -23.29 -59.61
C ASN A 316 -10.77 -23.16 -58.09
N ASN A 317 -11.91 -22.96 -57.46
CA ASN A 317 -11.90 -22.68 -56.04
C ASN A 317 -11.91 -23.99 -55.24
N THR A 318 -10.85 -24.76 -55.45
CA THR A 318 -10.68 -26.06 -54.80
C THR A 318 -9.21 -26.43 -54.88
N ALA A 319 -8.59 -26.67 -53.74
CA ALA A 319 -7.23 -27.16 -53.70
C ALA A 319 -7.05 -27.96 -52.41
N VAL A 320 -5.82 -28.37 -52.15
CA VAL A 320 -5.46 -28.90 -50.85
C VAL A 320 -4.36 -28.04 -50.28
N VAL A 321 -4.33 -27.94 -48.96
CA VAL A 321 -3.24 -27.28 -48.27
C VAL A 321 -2.73 -28.23 -47.21
N HIS A 322 -1.46 -28.58 -47.31
CA HIS A 322 -0.80 -29.34 -46.27
C HIS A 322 -0.17 -28.36 -45.29
N PHE A 323 -0.26 -28.68 -44.00
CA PHE A 323 0.43 -27.88 -43.02
C PHE A 323 1.93 -28.07 -43.14
N LYS A 324 2.36 -29.31 -43.22
CA LYS A 324 3.77 -29.67 -43.24
C LYS A 324 4.18 -29.96 -44.68
N ASN A 325 4.98 -29.06 -45.25
CA ASN A 325 5.72 -29.26 -46.50
C ASN A 325 4.77 -29.54 -47.67
N ASP A 326 4.01 -28.51 -48.02
CA ASP A 326 3.12 -28.61 -49.15
C ASP A 326 3.89 -28.46 -50.45
N VAL A 327 3.17 -28.49 -51.57
CA VAL A 327 3.80 -28.35 -52.87
C VAL A 327 3.92 -26.88 -53.29
N PHE A 328 2.98 -26.03 -52.88
CA PHE A 328 3.01 -24.64 -53.28
C PHE A 328 4.00 -23.81 -52.48
N CYS A 329 4.67 -24.40 -51.50
CA CYS A 329 5.65 -23.66 -50.75
C CYS A 329 6.72 -24.69 -50.39
N PRO A 330 8.00 -24.39 -50.63
CA PRO A 330 9.00 -25.45 -50.79
C PRO A 330 9.32 -26.34 -49.60
N ASN A 331 9.68 -25.78 -48.44
CA ASN A 331 10.23 -26.66 -47.42
C ASN A 331 9.52 -26.43 -46.10
N VAL A 332 8.87 -25.28 -45.98
CA VAL A 332 8.57 -24.70 -44.68
C VAL A 332 7.26 -25.25 -44.14
N THR A 333 7.06 -25.13 -42.84
CA THR A 333 5.91 -25.68 -42.13
C THR A 333 5.34 -24.62 -41.19
N ALA A 334 4.05 -24.36 -41.30
CA ALA A 334 3.44 -23.26 -40.56
C ALA A 334 2.44 -23.79 -39.54
N ASP A 335 1.85 -22.85 -38.80
CA ASP A 335 0.97 -23.17 -37.68
C ASP A 335 -0.50 -22.92 -38.00
N VAL A 336 -0.81 -21.80 -38.64
CA VAL A 336 -2.18 -21.49 -38.99
C VAL A 336 -2.28 -21.23 -40.49
N LEU A 337 -3.49 -21.36 -41.00
CA LEU A 337 -3.80 -21.06 -42.40
C LEU A 337 -4.92 -20.03 -42.34
N ARG A 338 -4.61 -18.79 -42.68
CA ARG A 338 -5.52 -17.71 -42.33
C ARG A 338 -6.56 -17.43 -43.38
N PHE A 339 -6.64 -18.27 -44.42
CA PHE A 339 -7.77 -18.47 -45.34
C PHE A 339 -8.61 -17.25 -45.66
N ASN A 340 -7.92 -16.16 -46.00
CA ASN A 340 -8.57 -14.86 -45.98
C ASN A 340 -9.51 -14.70 -47.17
N LEU A 341 -10.62 -14.05 -46.91
CA LEU A 341 -11.76 -14.17 -47.78
C LEU A 341 -12.67 -12.98 -47.58
N ASN A 342 -13.62 -12.93 -48.48
CA ASN A 342 -14.78 -12.06 -48.32
C ASN A 342 -15.83 -13.14 -48.53
N PHE A 343 -16.24 -13.85 -47.45
CA PHE A 343 -17.19 -14.95 -47.50
C PHE A 343 -18.62 -14.40 -47.45
N SER A 344 -19.56 -15.24 -46.98
CA SER A 344 -21.02 -15.10 -47.09
C SER A 344 -21.47 -15.31 -48.53
N ASP A 345 -20.64 -16.04 -49.28
CA ASP A 345 -21.08 -16.55 -50.56
C ASP A 345 -22.20 -17.55 -50.33
N THR A 346 -23.40 -17.18 -50.72
CA THR A 346 -24.58 -18.03 -50.56
C THR A 346 -25.05 -18.44 -51.94
N ASP A 347 -24.73 -19.67 -52.31
CA ASP A 347 -25.08 -20.23 -53.60
C ASP A 347 -25.86 -21.52 -53.37
N VAL A 348 -26.07 -22.26 -54.43
CA VAL A 348 -26.75 -23.55 -54.30
C VAL A 348 -25.70 -24.64 -54.23
N TYR A 349 -26.02 -25.69 -53.47
CA TYR A 349 -25.19 -26.88 -53.35
C TYR A 349 -26.02 -28.05 -53.78
N THR A 350 -26.08 -28.28 -55.09
CA THR A 350 -26.86 -29.38 -55.63
C THR A 350 -25.93 -30.56 -55.87
N ASP A 351 -25.42 -31.11 -54.77
CA ASP A 351 -24.43 -32.17 -54.87
C ASP A 351 -25.05 -33.49 -55.31
N SER A 352 -25.99 -34.02 -54.52
CA SER A 352 -26.55 -35.37 -54.61
C SER A 352 -25.47 -36.46 -54.56
N THR A 353 -24.29 -36.15 -54.04
CA THR A 353 -23.20 -37.10 -53.85
C THR A 353 -22.78 -37.16 -52.40
N THR A 354 -23.52 -36.48 -51.50
CA THR A 354 -23.12 -36.16 -50.13
C THR A 354 -21.74 -35.50 -50.12
N ASP A 355 -21.67 -34.32 -50.74
CA ASP A 355 -20.41 -33.61 -50.83
C ASP A 355 -20.05 -32.97 -49.49
N ASP A 356 -18.84 -32.44 -49.43
CA ASP A 356 -18.27 -31.97 -48.17
C ASP A 356 -18.38 -30.45 -48.02
N GLN A 357 -17.81 -29.70 -48.96
CA GLN A 357 -17.55 -28.25 -49.00
C GLN A 357 -16.46 -27.82 -48.03
N LEU A 358 -16.00 -28.72 -47.17
CA LEU A 358 -14.86 -28.56 -46.28
C LEU A 358 -14.48 -29.93 -45.77
N HIS A 359 -13.23 -30.33 -45.98
CA HIS A 359 -12.81 -31.68 -45.65
C HIS A 359 -11.47 -31.61 -44.95
N PHE A 360 -11.35 -32.30 -43.84
CA PHE A 360 -10.12 -32.29 -43.06
C PHE A 360 -9.51 -33.68 -43.06
N THR A 361 -8.21 -33.71 -42.80
CA THR A 361 -7.50 -34.94 -42.53
C THR A 361 -6.73 -34.74 -41.24
N PHE A 362 -7.05 -35.54 -40.24
CA PHE A 362 -6.41 -35.39 -38.94
C PHE A 362 -5.06 -36.07 -38.96
N GLU A 363 -4.39 -36.07 -37.83
CA GLU A 363 -3.22 -36.92 -37.68
C GLU A 363 -3.65 -38.37 -37.66
N ASP A 364 -2.79 -39.24 -38.21
CA ASP A 364 -2.95 -40.69 -38.20
C ASP A 364 -4.25 -41.11 -38.88
N ASN A 365 -4.55 -40.46 -40.01
CA ASN A 365 -5.55 -40.88 -40.98
C ASN A 365 -6.96 -40.94 -40.38
N THR A 366 -7.49 -39.78 -40.02
CA THR A 366 -8.86 -39.69 -39.54
C THR A 366 -9.53 -38.52 -40.24
N THR A 367 -10.75 -38.74 -40.72
CA THR A 367 -11.43 -37.83 -41.63
C THR A 367 -12.55 -37.13 -40.89
N ALA A 368 -12.58 -35.81 -40.99
CA ALA A 368 -13.74 -35.03 -40.63
C ALA A 368 -14.17 -34.19 -41.82
N SER A 369 -15.47 -34.01 -41.98
CA SER A 369 -16.03 -33.34 -43.14
C SER A 369 -17.19 -32.50 -42.66
N ILE A 370 -17.06 -31.17 -42.73
CA ILE A 370 -18.13 -30.28 -42.32
C ILE A 370 -18.68 -29.58 -43.55
N THR A 371 -19.98 -29.32 -43.53
CA THR A 371 -20.68 -28.60 -44.57
C THR A 371 -21.41 -27.43 -43.95
N CYS A 372 -22.00 -26.60 -44.80
CA CYS A 372 -22.77 -25.47 -44.32
C CYS A 372 -23.96 -25.24 -45.24
N TYR A 373 -24.91 -24.45 -44.75
CA TYR A 373 -26.07 -24.01 -45.52
C TYR A 373 -26.33 -22.57 -45.14
N SER A 374 -27.51 -22.07 -45.49
CA SER A 374 -27.97 -20.77 -45.05
C SER A 374 -29.40 -20.90 -44.53
N SER A 375 -30.01 -19.77 -44.21
CA SER A 375 -31.37 -19.76 -43.70
C SER A 375 -32.38 -19.93 -44.83
N ASN A 396 -28.32 -13.47 -42.69
CA ASN A 396 -28.57 -14.89 -42.93
C ASN A 396 -27.68 -15.79 -42.09
N SER A 397 -28.33 -16.66 -41.32
CA SER A 397 -27.64 -17.59 -40.45
C SER A 397 -26.95 -18.68 -41.25
N TYR A 398 -26.12 -19.47 -40.58
CA TYR A 398 -25.33 -20.51 -41.24
C TYR A 398 -25.45 -21.81 -40.46
N LEU A 399 -26.39 -22.65 -40.87
CA LEU A 399 -26.47 -24.01 -40.35
C LEU A 399 -25.30 -24.82 -40.87
N CYS A 400 -24.52 -25.39 -39.95
CA CYS A 400 -23.33 -26.13 -40.33
C CYS A 400 -23.22 -27.39 -39.51
N PHE A 401 -23.10 -28.53 -40.18
CA PHE A 401 -23.03 -29.84 -39.53
C PHE A 401 -21.69 -30.48 -39.81
N ALA A 402 -21.51 -31.70 -39.27
CA ALA A 402 -20.23 -32.39 -39.37
C ALA A 402 -20.44 -33.85 -39.71
N ASN A 403 -19.34 -34.49 -40.05
CA ASN A 403 -19.24 -35.94 -40.13
C ASN A 403 -17.88 -36.34 -39.60
N PHE A 404 -17.84 -37.37 -38.77
CA PHE A 404 -16.56 -37.94 -38.34
C PHE A 404 -16.62 -39.40 -38.76
N SER A 405 -16.35 -39.64 -40.04
CA SER A 405 -16.58 -40.92 -40.69
C SER A 405 -16.01 -40.85 -42.10
N HIS A 406 -16.24 -41.90 -42.88
CA HIS A 406 -15.85 -41.86 -44.28
C HIS A 406 -16.95 -41.26 -45.13
N SER A 407 -18.21 -41.49 -44.78
CA SER A 407 -19.36 -40.90 -45.45
C SER A 407 -20.24 -40.20 -44.43
N SER A 408 -21.28 -39.54 -44.93
CA SER A 408 -22.23 -38.83 -44.08
C SER A 408 -23.15 -39.84 -43.39
N VAL A 409 -22.62 -40.45 -42.33
CA VAL A 409 -23.40 -41.46 -41.63
C VAL A 409 -24.34 -40.83 -40.61
N SER A 410 -24.06 -39.60 -40.18
CA SER A 410 -24.88 -38.88 -39.22
C SER A 410 -24.63 -37.39 -39.42
N ARG A 411 -25.07 -36.58 -38.47
CA ARG A 411 -24.84 -35.15 -38.48
C ARG A 411 -24.74 -34.64 -37.06
N GLN A 412 -23.73 -33.81 -36.81
CA GLN A 412 -23.53 -33.18 -35.51
C GLN A 412 -23.56 -31.68 -35.71
N PHE A 413 -24.42 -30.99 -34.97
CA PHE A 413 -24.66 -29.58 -35.18
C PHE A 413 -23.52 -28.75 -34.59
N LEU A 414 -22.82 -28.01 -35.44
CA LEU A 414 -21.75 -27.15 -34.95
C LEU A 414 -22.32 -25.91 -34.29
N GLY A 415 -23.02 -25.10 -35.06
CA GLY A 415 -23.49 -23.83 -34.54
C GLY A 415 -24.05 -23.00 -35.65
N ILE A 416 -23.99 -21.69 -35.47
CA ILE A 416 -24.48 -20.75 -36.46
C ILE A 416 -23.37 -19.75 -36.71
N LEU A 417 -22.95 -19.66 -37.89
CA LEU A 417 -22.03 -18.56 -38.14
C LEU A 417 -22.80 -17.29 -38.42
N PRO A 418 -22.29 -16.15 -37.99
CA PRO A 418 -22.95 -14.87 -38.22
C PRO A 418 -22.99 -14.53 -39.70
N PRO A 419 -23.86 -13.61 -40.13
CA PRO A 419 -24.11 -13.45 -41.58
C PRO A 419 -22.93 -12.93 -42.39
N THR A 420 -22.10 -12.05 -41.83
CA THR A 420 -21.00 -11.45 -42.59
C THR A 420 -19.69 -12.08 -42.15
N VAL A 421 -19.37 -13.22 -42.72
CA VAL A 421 -18.10 -13.89 -42.44
C VAL A 421 -17.07 -13.31 -43.39
N ARG A 422 -15.92 -12.91 -42.86
CA ARG A 422 -14.88 -12.44 -43.76
C ARG A 422 -13.49 -12.88 -43.34
N GLU A 423 -13.37 -13.92 -42.51
CA GLU A 423 -12.08 -14.55 -42.25
C GLU A 423 -12.31 -15.93 -41.66
N PHE A 424 -11.76 -16.94 -42.32
CA PHE A 424 -11.57 -18.25 -41.71
C PHE A 424 -10.15 -18.35 -41.20
N ALA A 425 -9.93 -19.22 -40.23
CA ALA A 425 -8.60 -19.39 -39.67
C ALA A 425 -8.50 -20.77 -39.05
N PHE A 426 -7.56 -21.57 -39.53
CA PHE A 426 -7.42 -22.94 -39.07
C PHE A 426 -6.09 -23.08 -38.38
N GLY A 427 -6.11 -23.18 -37.06
CA GLY A 427 -4.90 -23.48 -36.33
C GLY A 427 -4.59 -24.95 -36.34
N ARG A 428 -3.35 -25.27 -35.99
CA ARG A 428 -2.88 -26.66 -36.15
C ARG A 428 -3.54 -27.58 -35.14
N ASP A 429 -3.66 -27.14 -33.89
CA ASP A 429 -4.16 -28.01 -32.83
C ASP A 429 -5.64 -28.34 -33.00
N GLY A 430 -6.38 -27.52 -33.73
CA GLY A 430 -7.77 -27.80 -33.97
C GLY A 430 -8.65 -26.59 -33.77
N SER A 431 -8.04 -25.45 -33.56
CA SER A 431 -8.80 -24.22 -33.41
C SER A 431 -9.37 -23.79 -34.75
N ILE A 432 -10.63 -23.44 -34.76
CA ILE A 432 -11.30 -22.96 -35.97
C ILE A 432 -11.80 -21.56 -35.65
N PHE A 433 -11.00 -20.56 -35.95
CA PHE A 433 -11.43 -19.19 -35.69
C PHE A 433 -12.31 -18.72 -36.83
N VAL A 434 -13.35 -17.97 -36.51
CA VAL A 434 -14.20 -17.32 -37.49
C VAL A 434 -14.39 -15.90 -37.02
N ASN A 435 -14.02 -14.94 -37.87
CA ASN A 435 -14.08 -13.50 -37.61
C ASN A 435 -13.27 -13.09 -36.39
N GLY A 436 -12.33 -13.91 -35.94
CA GLY A 436 -11.61 -13.63 -34.73
C GLY A 436 -11.93 -14.58 -33.61
N TYR A 437 -13.19 -14.92 -33.42
CA TYR A 437 -13.58 -15.69 -32.27
C TYR A 437 -13.37 -17.18 -32.51
N LYS A 438 -13.02 -17.89 -31.44
CA LYS A 438 -12.82 -19.33 -31.51
C LYS A 438 -14.16 -20.03 -31.33
N TYR A 439 -14.70 -20.56 -32.41
CA TYR A 439 -16.06 -21.07 -32.33
C TYR A 439 -16.07 -22.50 -31.78
N PHE A 440 -15.14 -23.33 -32.23
CA PHE A 440 -15.10 -24.71 -31.76
C PHE A 440 -13.71 -25.28 -32.01
N SER A 441 -13.23 -26.06 -31.08
CA SER A 441 -11.95 -26.74 -31.26
C SER A 441 -12.16 -28.04 -32.01
N LEU A 442 -11.06 -28.60 -32.50
CA LEU A 442 -11.06 -29.86 -33.24
C LEU A 442 -9.76 -30.59 -32.96
N GLN A 443 -9.42 -31.52 -33.85
CA GLN A 443 -8.25 -32.35 -33.72
C GLN A 443 -7.02 -31.71 -34.36
N PRO A 444 -5.82 -32.21 -34.03
CA PRO A 444 -4.63 -31.80 -34.78
C PRO A 444 -4.76 -32.06 -36.27
N ILE A 445 -4.65 -31.00 -37.04
CA ILE A 445 -4.96 -31.01 -38.46
C ILE A 445 -3.70 -31.35 -39.25
N LYS A 446 -3.82 -32.28 -40.17
CA LYS A 446 -2.74 -32.55 -41.11
C LYS A 446 -2.93 -31.80 -42.42
N SER A 447 -4.11 -31.88 -43.02
CA SER A 447 -4.32 -31.25 -44.32
C SER A 447 -5.78 -30.86 -44.49
N VAL A 448 -5.99 -29.88 -45.36
CA VAL A 448 -7.30 -29.26 -45.56
C VAL A 448 -7.69 -29.44 -47.01
N ASN A 449 -8.88 -29.96 -47.25
CA ASN A 449 -9.44 -30.16 -48.59
C ASN A 449 -10.68 -29.29 -48.67
N PHE A 450 -10.64 -28.21 -49.43
CA PHE A 450 -11.65 -27.17 -49.34
C PHE A 450 -12.26 -26.86 -50.71
N SER A 451 -13.47 -26.30 -50.66
CA SER A 451 -14.15 -25.79 -51.86
C SER A 451 -15.12 -24.71 -51.43
N ILE A 452 -14.71 -23.45 -51.55
CA ILE A 452 -15.52 -22.30 -51.14
C ILE A 452 -15.21 -21.16 -52.10
N SER A 453 -16.11 -20.18 -52.12
CA SER A 453 -15.86 -19.01 -52.96
C SER A 453 -16.30 -17.75 -52.23
N SER A 454 -16.20 -16.63 -52.93
CA SER A 454 -16.42 -15.32 -52.35
C SER A 454 -17.33 -14.53 -53.26
N VAL A 455 -18.05 -13.57 -52.68
CA VAL A 455 -18.93 -12.73 -53.48
C VAL A 455 -18.20 -11.49 -53.97
N GLU A 456 -17.26 -11.69 -54.85
CA GLU A 456 -16.70 -10.49 -55.45
C GLU A 456 -16.53 -10.60 -56.95
N ASN A 457 -16.12 -11.78 -57.45
CA ASN A 457 -15.83 -12.06 -58.85
C ASN A 457 -14.79 -11.12 -59.45
N TYR A 458 -13.92 -10.55 -58.62
CA TYR A 458 -13.03 -9.50 -59.08
C TYR A 458 -11.56 -9.88 -59.04
N GLY A 459 -11.03 -10.17 -57.87
CA GLY A 459 -9.59 -10.22 -57.73
C GLY A 459 -9.12 -11.57 -57.25
N PHE A 460 -8.49 -11.59 -56.08
CA PHE A 460 -7.97 -12.81 -55.54
C PHE A 460 -8.33 -12.89 -54.07
N TRP A 461 -8.08 -14.04 -53.48
CA TRP A 461 -8.04 -14.13 -52.03
C TRP A 461 -6.60 -14.06 -51.59
N THR A 462 -6.38 -14.37 -50.33
CA THR A 462 -5.07 -14.68 -49.81
C THR A 462 -5.22 -15.87 -48.88
N ILE A 463 -4.34 -16.85 -49.03
CA ILE A 463 -4.27 -17.98 -48.12
C ILE A 463 -2.86 -17.98 -47.54
N ALA A 464 -2.71 -17.49 -46.32
CA ALA A 464 -1.40 -17.33 -45.74
C ALA A 464 -0.96 -18.59 -45.00
N TYR A 465 0.34 -18.77 -44.91
CA TYR A 465 0.95 -19.78 -44.05
C TYR A 465 1.75 -19.01 -43.01
N THR A 466 1.35 -19.13 -41.75
CA THR A 466 1.72 -18.11 -40.78
C THR A 466 2.19 -18.69 -39.46
N ASN A 467 3.18 -18.02 -38.90
CA ASN A 467 3.75 -18.36 -37.58
C ASN A 467 3.33 -17.29 -36.57
N TYR A 468 3.31 -17.65 -35.30
CA TYR A 468 3.00 -16.70 -34.23
C TYR A 468 4.15 -15.72 -34.04
N THR A 469 3.81 -14.48 -33.70
CA THR A 469 4.82 -13.44 -33.49
C THR A 469 4.20 -12.32 -32.66
N ASP A 470 4.90 -11.91 -31.61
CA ASP A 470 4.44 -10.80 -30.78
C ASP A 470 4.45 -9.48 -31.55
N VAL A 471 3.32 -8.77 -31.51
CA VAL A 471 3.17 -7.50 -32.21
C VAL A 471 2.30 -6.58 -31.40
N MET A 472 2.34 -5.30 -31.75
CA MET A 472 1.34 -4.36 -31.30
C MET A 472 0.25 -4.27 -32.34
N VAL A 473 -0.96 -3.94 -31.89
CA VAL A 473 -2.05 -3.71 -32.82
C VAL A 473 -2.73 -2.41 -32.47
N ASP A 474 -3.31 -1.78 -33.48
CA ASP A 474 -4.13 -0.59 -33.30
C ASP A 474 -5.55 -0.95 -33.66
N VAL A 475 -6.42 -0.92 -32.67
CA VAL A 475 -7.80 -1.34 -32.82
C VAL A 475 -8.69 -0.12 -32.68
N ASN A 476 -9.58 0.10 -33.65
CA ASN A 476 -10.50 1.22 -33.60
C ASN A 476 -11.80 0.76 -34.26
N GLY A 477 -12.83 0.58 -33.45
CA GLY A 477 -14.05 0.00 -33.94
C GLY A 477 -13.80 -1.43 -34.34
N THR A 478 -13.15 -2.16 -33.44
CA THR A 478 -12.86 -3.61 -33.47
C THR A 478 -12.19 -4.11 -34.77
N VAL A 479 -11.61 -3.22 -35.56
CA VAL A 479 -10.88 -3.62 -36.75
C VAL A 479 -9.44 -3.10 -36.60
N ILE A 480 -8.49 -3.86 -37.14
CA ILE A 480 -7.09 -3.52 -36.96
C ILE A 480 -6.74 -2.31 -37.82
N THR A 481 -6.23 -1.26 -37.19
CA THR A 481 -5.87 -0.06 -37.93
C THR A 481 -4.43 -0.13 -38.44
N ARG A 482 -3.48 -0.29 -37.54
CA ARG A 482 -2.07 -0.23 -37.92
C ARG A 482 -1.27 -1.25 -37.14
N LEU A 483 -0.48 -2.04 -37.84
CA LEU A 483 0.29 -3.12 -37.26
C LEU A 483 1.74 -2.68 -37.06
N PHE A 484 2.40 -3.24 -36.05
CA PHE A 484 3.79 -2.92 -35.78
C PHE A 484 4.47 -4.14 -35.20
N TYR A 485 5.65 -4.46 -35.73
CA TYR A 485 6.32 -5.70 -35.41
C TYR A 485 7.32 -5.50 -34.27
N CYS A 486 7.71 -6.60 -33.63
CA CYS A 486 8.70 -6.60 -32.56
C CYS A 486 9.77 -7.62 -32.90
N ASP A 487 10.75 -7.22 -33.68
CA ASP A 487 11.85 -8.11 -34.04
C ASP A 487 13.22 -7.50 -33.77
N SER A 488 13.38 -6.21 -33.98
CA SER A 488 14.65 -5.57 -33.72
C SER A 488 14.77 -5.29 -32.22
N PRO A 489 15.99 -5.11 -31.71
CA PRO A 489 16.12 -4.68 -30.33
C PRO A 489 15.58 -3.30 -30.07
N LEU A 490 15.61 -2.43 -31.08
CA LEU A 490 14.97 -1.13 -30.94
C LEU A 490 13.46 -1.29 -30.88
N ASN A 491 12.92 -2.23 -31.67
CA ASN A 491 11.48 -2.41 -31.69
C ASN A 491 10.98 -3.00 -30.39
N ARG A 492 11.79 -3.81 -29.72
CA ARG A 492 11.39 -4.39 -28.44
C ARG A 492 11.21 -3.32 -27.39
N ILE A 493 11.97 -2.23 -27.49
CA ILE A 493 11.72 -1.10 -26.61
C ILE A 493 10.40 -0.45 -26.96
N LYS A 494 10.10 -0.34 -28.25
CA LYS A 494 8.86 0.30 -28.66
C LYS A 494 7.66 -0.54 -28.28
N CYS A 495 7.76 -1.86 -28.40
CA CYS A 495 6.65 -2.72 -28.01
C CYS A 495 6.48 -2.74 -26.50
N GLN A 496 7.56 -2.49 -25.76
CA GLN A 496 7.41 -2.34 -24.32
C GLN A 496 6.95 -0.96 -23.92
N GLN A 497 6.97 0.01 -24.83
CA GLN A 497 6.57 1.36 -24.52
C GLN A 497 5.19 1.72 -25.06
N LEU A 498 4.63 0.87 -25.92
CA LEU A 498 3.34 1.09 -26.59
C LEU A 498 3.31 2.37 -27.39
N LYS A 499 4.43 2.76 -27.98
CA LYS A 499 4.49 3.99 -28.74
C LYS A 499 5.29 3.77 -30.00
N HIS A 500 4.82 4.34 -31.11
CA HIS A 500 5.54 4.18 -32.37
C HIS A 500 6.76 5.08 -32.44
N GLU A 501 6.81 6.10 -31.60
CA GLU A 501 7.97 6.98 -31.58
C GLU A 501 8.36 7.26 -30.15
N LEU A 502 9.65 7.15 -29.87
CA LEU A 502 10.05 7.35 -28.49
C LEU A 502 10.66 8.72 -28.30
N PRO A 503 10.45 9.33 -27.15
CA PRO A 503 11.28 10.47 -26.77
C PRO A 503 12.69 9.99 -26.47
N ASP A 504 13.67 10.82 -26.80
CA ASP A 504 15.06 10.43 -26.65
C ASP A 504 15.46 10.42 -25.18
N GLY A 505 16.13 9.35 -24.76
CA GLY A 505 16.50 9.21 -23.35
C GLY A 505 17.07 7.84 -23.07
N PHE A 506 16.86 7.39 -21.84
CA PHE A 506 17.39 6.13 -21.35
C PHE A 506 16.26 5.14 -21.15
N TYR A 507 16.37 3.98 -21.79
CA TYR A 507 15.35 2.96 -21.70
C TYR A 507 15.99 1.63 -21.32
N SER A 508 15.50 1.05 -20.23
CA SER A 508 16.02 -0.20 -19.73
C SER A 508 15.64 -1.32 -20.69
N ALA A 509 16.62 -1.84 -21.41
CA ALA A 509 16.40 -2.91 -22.34
C ALA A 509 17.26 -4.10 -21.98
N SER A 510 16.85 -5.27 -22.46
CA SER A 510 17.63 -6.48 -22.31
C SER A 510 17.35 -7.35 -23.52
N MET A 511 17.74 -8.61 -23.45
CA MET A 511 17.56 -9.52 -24.55
C MET A 511 16.81 -10.76 -24.09
N LEU A 512 15.97 -11.29 -24.98
CA LEU A 512 15.49 -12.65 -24.80
C LEU A 512 16.69 -13.57 -24.85
N VAL A 513 16.79 -14.49 -23.89
CA VAL A 513 18.09 -15.07 -23.56
C VAL A 513 18.57 -16.05 -24.64
N LYS A 514 17.94 -17.22 -24.77
CA LYS A 514 18.26 -18.31 -25.69
C LYS A 514 17.07 -19.26 -25.68
N LYS A 515 17.21 -20.38 -26.37
CA LYS A 515 16.25 -21.47 -26.30
C LYS A 515 16.87 -22.77 -25.80
N ASP A 516 17.96 -23.21 -26.41
CA ASP A 516 18.62 -24.45 -26.03
C ASP A 516 19.78 -24.11 -25.11
N LEU A 517 19.78 -24.68 -23.92
CA LEU A 517 20.87 -24.48 -22.99
C LEU A 517 21.36 -25.83 -22.50
N PRO A 518 22.67 -26.03 -22.40
CA PRO A 518 23.20 -27.28 -21.84
C PRO A 518 22.89 -27.35 -20.34
N LYS A 519 22.40 -28.50 -19.91
CA LYS A 519 21.98 -28.62 -18.54
C LYS A 519 23.18 -28.81 -17.61
N THR A 520 22.91 -28.70 -16.31
CA THR A 520 23.94 -28.75 -15.29
C THR A 520 23.27 -29.16 -13.98
N PHE A 521 23.74 -30.24 -13.39
CA PHE A 521 23.10 -30.76 -12.18
C PHE A 521 24.17 -31.17 -11.18
N VAL A 522 24.20 -30.49 -10.05
CA VAL A 522 25.21 -30.76 -9.03
C VAL A 522 24.48 -31.05 -7.72
N THR A 523 24.83 -32.16 -7.09
CA THR A 523 24.29 -32.52 -5.80
C THR A 523 25.41 -33.08 -4.93
N MET A 524 25.04 -33.45 -3.72
CA MET A 524 25.99 -34.09 -2.83
C MET A 524 26.33 -35.47 -3.36
N PRO A 525 27.59 -35.86 -3.39
CA PRO A 525 27.98 -37.12 -4.02
C PRO A 525 27.52 -38.30 -3.19
N GLN A 526 27.05 -39.32 -3.88
CA GLN A 526 26.48 -40.46 -3.21
C GLN A 526 26.71 -41.68 -4.07
N PHE A 527 26.72 -42.84 -3.43
CA PHE A 527 26.87 -44.07 -4.19
C PHE A 527 25.56 -44.38 -4.86
N TYR A 528 25.64 -44.64 -6.16
CA TYR A 528 24.47 -44.72 -7.03
C TYR A 528 23.59 -45.91 -6.64
N ASN A 529 22.29 -45.64 -6.55
CA ASN A 529 21.33 -46.71 -6.37
C ASN A 529 20.07 -46.25 -7.10
N TRP A 530 19.96 -46.64 -8.35
CA TRP A 530 18.96 -46.10 -9.26
C TRP A 530 17.92 -47.16 -9.57
N MET A 531 16.65 -46.79 -9.45
CA MET A 531 15.55 -47.70 -9.71
C MET A 531 14.86 -47.31 -11.00
N ASN A 532 14.06 -48.25 -11.51
CA ASN A 532 13.34 -48.05 -12.77
C ASN A 532 11.95 -48.65 -12.58
N VAL A 533 11.00 -47.82 -12.15
CA VAL A 533 9.62 -48.23 -12.03
C VAL A 533 8.82 -47.59 -13.16
N THR A 534 7.99 -48.40 -13.80
CA THR A 534 7.18 -47.94 -14.91
C THR A 534 5.72 -48.19 -14.60
N LEU A 535 4.86 -47.30 -15.06
CA LEU A 535 3.43 -47.50 -14.95
C LEU A 535 2.94 -48.08 -16.27
N HIS A 536 2.22 -49.19 -16.21
CA HIS A 536 1.85 -49.93 -17.40
C HIS A 536 0.36 -50.18 -17.41
N VAL A 537 -0.33 -49.72 -18.45
CA VAL A 537 -1.77 -49.83 -18.55
C VAL A 537 -2.11 -50.65 -19.78
N VAL A 538 -2.88 -51.72 -19.58
CA VAL A 538 -3.32 -52.59 -20.66
C VAL A 538 -4.84 -52.57 -20.68
N LEU A 539 -5.41 -52.31 -21.86
CA LEU A 539 -6.85 -52.21 -22.02
C LEU A 539 -7.36 -53.37 -22.86
N ASN A 540 -8.32 -54.11 -22.31
CA ASN A 540 -8.89 -55.25 -23.01
C ASN A 540 -9.75 -54.76 -24.17
N ASP A 541 -9.36 -55.13 -25.38
CA ASP A 541 -10.04 -54.68 -26.58
C ASP A 541 -10.55 -55.87 -27.39
N ILE A 542 -10.68 -57.02 -26.73
CA ILE A 542 -11.01 -58.27 -27.40
C ILE A 542 -12.50 -58.59 -27.27
N GLU A 543 -13.16 -58.07 -26.24
CA GLU A 543 -14.59 -58.23 -26.15
C GLU A 543 -15.31 -57.05 -26.80
N LYS A 544 -14.63 -55.92 -26.92
CA LYS A 544 -15.25 -54.66 -27.29
C LYS A 544 -14.50 -54.02 -28.45
N LYS A 545 -14.35 -54.80 -29.52
CA LYS A 545 -13.75 -54.33 -30.77
C LYS A 545 -14.46 -53.09 -31.30
N ALA A 546 -13.72 -51.98 -31.35
CA ALA A 546 -14.05 -50.75 -32.07
C ALA A 546 -15.26 -49.99 -31.52
N ASP A 547 -15.92 -50.49 -30.48
CA ASP A 547 -16.97 -49.73 -29.80
C ASP A 547 -16.54 -49.35 -28.40
N ILE A 548 -15.23 -49.32 -28.15
CA ILE A 548 -14.70 -48.89 -26.86
C ILE A 548 -14.90 -47.40 -26.67
N ILE A 549 -15.13 -46.66 -27.75
CA ILE A 549 -15.41 -45.24 -27.64
C ILE A 549 -16.83 -44.99 -27.14
N LEU A 550 -17.67 -46.03 -27.15
CA LEU A 550 -19.01 -45.97 -26.59
C LEU A 550 -19.08 -46.58 -25.20
N ALA A 551 -17.95 -47.01 -24.65
CA ALA A 551 -17.94 -47.65 -23.35
C ALA A 551 -18.11 -46.61 -22.24
N GLY A 552 -18.89 -46.98 -21.23
CA GLY A 552 -19.11 -46.12 -20.08
C GLY A 552 -17.93 -46.13 -19.12
N ALA A 553 -17.98 -45.21 -18.14
CA ALA A 553 -16.81 -44.96 -17.30
C ALA A 553 -16.42 -46.14 -16.41
N PRO A 554 -17.32 -46.78 -15.63
CA PRO A 554 -16.85 -47.94 -14.87
C PRO A 554 -16.65 -49.18 -15.72
N GLU A 555 -17.08 -49.16 -16.97
CA GLU A 555 -16.90 -50.32 -17.84
C GLU A 555 -15.44 -50.52 -18.22
N LEU A 556 -14.67 -49.43 -18.33
CA LEU A 556 -13.25 -49.61 -18.60
C LEU A 556 -12.50 -50.09 -17.38
N ALA A 557 -13.06 -49.93 -16.19
CA ALA A 557 -12.39 -50.40 -14.98
C ALA A 557 -12.30 -51.91 -14.94
N SER A 558 -13.28 -52.61 -15.51
CA SER A 558 -13.15 -54.05 -15.66
C SER A 558 -12.12 -54.40 -16.72
N LEU A 559 -11.97 -53.55 -17.73
CA LEU A 559 -11.00 -53.77 -18.79
C LEU A 559 -9.66 -53.13 -18.50
N ALA A 560 -9.47 -52.61 -17.30
CA ALA A 560 -8.23 -51.96 -16.93
C ALA A 560 -7.23 -52.98 -16.42
N ASP A 561 -5.95 -52.60 -16.48
CA ASP A 561 -4.88 -53.41 -15.92
C ASP A 561 -3.77 -52.45 -15.52
N ILE A 562 -3.71 -52.12 -14.22
CA ILE A 562 -2.80 -51.12 -13.70
C ILE A 562 -1.82 -51.82 -12.78
N HIS A 563 -0.53 -51.65 -13.05
CA HIS A 563 0.50 -52.30 -12.24
C HIS A 563 1.79 -51.51 -12.41
N PHE A 564 2.69 -51.70 -11.45
CA PHE A 564 3.99 -51.04 -11.47
C PHE A 564 5.05 -52.07 -11.81
N GLU A 565 5.65 -51.93 -12.99
CA GLU A 565 6.68 -52.87 -13.42
C GLU A 565 8.01 -52.37 -12.89
N ILE A 566 8.36 -52.81 -11.68
CA ILE A 566 9.63 -52.44 -11.06
C ILE A 566 10.73 -53.32 -11.62
N ALA A 567 11.79 -52.69 -12.13
CA ALA A 567 12.82 -53.42 -12.84
C ALA A 567 13.84 -53.96 -11.86
N GLN A 568 14.04 -55.27 -11.86
CA GLN A 568 15.14 -55.85 -11.14
C GLN A 568 16.42 -55.66 -11.92
N ALA A 569 17.54 -55.53 -11.19
CA ALA A 569 18.86 -55.29 -11.81
C ALA A 569 19.50 -56.60 -12.27
N ASN A 570 18.77 -57.71 -12.19
CA ASN A 570 19.35 -59.02 -12.63
C ASN A 570 19.04 -59.29 -14.10
N GLY A 571 17.78 -59.16 -14.52
CA GLY A 571 17.45 -59.41 -15.93
C GLY A 571 16.11 -58.83 -16.37
N SER A 572 15.00 -59.44 -15.92
CA SER A 572 13.67 -58.98 -16.32
C SER A 572 13.04 -58.10 -15.24
N VAL A 573 11.74 -57.90 -15.37
CA VAL A 573 10.96 -56.95 -14.58
C VAL A 573 9.93 -57.73 -13.76
N VAL A 574 9.52 -57.13 -12.64
CA VAL A 574 8.50 -57.70 -11.75
C VAL A 574 7.37 -56.68 -11.60
N ASN A 575 6.13 -57.16 -11.56
CA ASN A 575 4.97 -56.29 -11.40
C ASN A 575 4.47 -56.33 -9.96
N VAL A 576 4.11 -55.16 -9.43
CA VAL A 576 3.51 -55.02 -8.12
C VAL A 576 2.29 -54.13 -8.23
N THR A 577 1.66 -53.87 -7.09
CA THR A 577 0.54 -52.95 -7.02
C THR A 577 0.89 -51.60 -6.45
N SER A 578 1.67 -51.54 -5.37
CA SER A 578 2.03 -50.25 -4.79
C SER A 578 3.43 -50.38 -4.22
N VAL A 579 4.43 -50.04 -5.02
CA VAL A 579 5.78 -49.95 -4.50
C VAL A 579 5.87 -48.65 -3.72
N CYS A 580 6.80 -48.58 -2.77
CA CYS A 580 7.07 -47.31 -2.12
C CYS A 580 8.55 -47.31 -1.83
N VAL A 581 9.26 -46.30 -2.34
CA VAL A 581 10.67 -46.44 -2.65
C VAL A 581 11.51 -46.23 -1.40
N GLN A 582 12.59 -47.00 -1.27
CA GLN A 582 13.58 -46.81 -0.22
C GLN A 582 14.93 -46.41 -0.78
N ALA A 583 15.07 -46.39 -2.10
CA ALA A 583 16.35 -46.20 -2.75
C ALA A 583 16.67 -44.71 -2.82
N ARG A 584 17.69 -44.37 -3.60
CA ARG A 584 18.22 -43.02 -3.65
C ARG A 584 17.85 -42.27 -4.91
N GLN A 585 17.85 -42.93 -6.05
CA GLN A 585 17.46 -42.31 -7.31
C GLN A 585 16.42 -43.18 -7.98
N LEU A 586 15.44 -42.54 -8.60
CA LEU A 586 14.39 -43.30 -9.29
C LEU A 586 13.82 -42.46 -10.40
N ALA A 587 13.01 -43.10 -11.23
CA ALA A 587 12.34 -42.44 -12.33
C ALA A 587 10.99 -43.09 -12.54
N LEU A 588 10.01 -42.29 -12.93
CA LEU A 588 8.69 -42.80 -13.28
C LEU A 588 8.52 -42.70 -14.78
N PHE A 589 8.34 -43.85 -15.42
CA PHE A 589 8.06 -43.91 -16.84
C PHE A 589 6.65 -44.40 -17.05
N TYR A 590 6.11 -44.08 -18.21
CA TYR A 590 4.72 -44.38 -18.51
C TYR A 590 4.63 -44.96 -19.91
N LYS A 591 3.87 -46.04 -20.04
CA LYS A 591 3.77 -46.74 -21.32
C LYS A 591 2.42 -47.42 -21.36
N TYR A 592 1.51 -46.90 -22.16
CA TYR A 592 0.20 -47.47 -22.32
C TYR A 592 0.15 -48.26 -23.62
N THR A 593 -0.49 -49.42 -23.58
CA THR A 593 -0.68 -50.24 -24.77
C THR A 593 -2.13 -50.69 -24.88
N SER A 594 -2.74 -50.39 -26.01
CA SER A 594 -3.96 -51.07 -26.39
C SER A 594 -3.63 -52.47 -26.85
N LEU A 595 -4.63 -53.34 -26.85
CA LEU A 595 -4.33 -54.72 -27.24
C LEU A 595 -4.28 -54.91 -28.74
N GLN A 596 -5.05 -54.16 -29.51
CA GLN A 596 -5.04 -54.35 -30.96
C GLN A 596 -4.87 -53.02 -31.70
N GLY A 597 -3.63 -52.53 -31.73
CA GLY A 597 -3.22 -51.36 -32.50
C GLY A 597 -4.10 -50.13 -32.50
N LEU A 598 -4.77 -49.87 -31.37
CA LEU A 598 -5.80 -48.84 -31.30
C LEU A 598 -5.25 -47.48 -30.91
N TYR A 599 -3.99 -47.20 -31.25
CA TYR A 599 -3.33 -45.98 -30.82
C TYR A 599 -3.74 -44.82 -31.73
N THR A 600 -5.01 -44.44 -31.61
CA THR A 600 -5.50 -43.21 -32.20
C THR A 600 -5.95 -42.28 -31.09
N TYR A 601 -6.43 -41.11 -31.50
CA TYR A 601 -6.82 -40.10 -30.54
C TYR A 601 -8.06 -40.51 -29.75
N SER A 602 -8.94 -41.32 -30.34
CA SER A 602 -10.22 -41.49 -29.71
C SER A 602 -10.20 -42.49 -28.56
N ASN A 603 -9.12 -43.25 -28.39
CA ASN A 603 -8.97 -44.08 -27.20
C ASN A 603 -7.49 -44.08 -26.83
N LEU A 604 -7.11 -43.17 -25.95
CA LEU A 604 -5.79 -43.18 -25.35
C LEU A 604 -5.93 -43.39 -23.86
N VAL A 605 -4.81 -43.38 -23.16
CA VAL A 605 -4.76 -43.08 -21.74
C VAL A 605 -3.55 -42.19 -21.53
N GLN A 606 -3.72 -41.12 -20.76
CA GLN A 606 -2.53 -40.37 -20.39
C GLN A 606 -2.71 -39.83 -18.99
N LEU A 607 -1.58 -39.52 -18.37
CA LEU A 607 -1.58 -39.07 -17.00
C LEU A 607 -2.11 -37.66 -16.89
N GLN A 608 -2.50 -37.29 -15.67
CA GLN A 608 -3.04 -35.97 -15.41
C GLN A 608 -2.75 -35.60 -13.97
N ASN A 609 -2.09 -34.48 -13.78
CA ASN A 609 -1.94 -33.93 -12.45
C ASN A 609 -3.28 -33.37 -12.03
N TYR A 610 -3.76 -33.82 -10.88
CA TYR A 610 -5.03 -33.31 -10.38
C TYR A 610 -4.86 -32.49 -9.11
N ASP A 611 -4.15 -33.00 -8.12
CA ASP A 611 -3.89 -32.24 -6.90
C ASP A 611 -2.43 -32.04 -6.57
N CYS A 612 -1.52 -32.84 -7.12
CA CYS A 612 -0.15 -32.80 -6.68
C CYS A 612 0.54 -31.54 -7.19
N PRO A 613 1.51 -31.02 -6.46
CA PRO A 613 2.27 -29.88 -6.97
C PRO A 613 3.43 -30.29 -7.86
N PHE A 614 3.19 -31.26 -8.73
CA PHE A 614 4.12 -31.66 -9.77
C PHE A 614 3.36 -32.52 -10.77
N SER A 615 3.47 -32.18 -12.03
CA SER A 615 2.81 -32.98 -13.05
C SER A 615 3.60 -34.26 -13.32
N PRO A 616 2.94 -35.32 -13.78
CA PRO A 616 3.66 -36.57 -14.01
C PRO A 616 4.61 -36.50 -15.20
N GLN A 617 4.32 -35.67 -16.20
CA GLN A 617 5.24 -35.55 -17.32
C GLN A 617 6.35 -34.54 -17.06
N GLN A 618 6.47 -34.03 -15.85
CA GLN A 618 7.63 -33.28 -15.41
C GLN A 618 8.40 -34.00 -14.32
N PHE A 619 7.93 -35.20 -13.94
CA PHE A 619 8.42 -35.86 -12.73
C PHE A 619 9.86 -36.32 -12.87
N ASN A 620 10.31 -36.58 -14.08
CA ASN A 620 11.65 -37.10 -14.26
C ASN A 620 12.72 -36.02 -14.26
N ASN A 621 12.36 -34.78 -13.98
CA ASN A 621 13.38 -33.78 -13.73
C ASN A 621 13.91 -33.97 -12.31
N TYR A 622 14.92 -33.19 -11.96
CA TYR A 622 15.63 -33.37 -10.70
C TYR A 622 14.77 -32.82 -9.56
N LEU A 623 13.79 -33.61 -9.16
CA LEU A 623 12.95 -33.28 -8.02
C LEU A 623 13.46 -33.99 -6.78
N GLN A 624 13.25 -33.37 -5.63
CA GLN A 624 13.83 -33.84 -4.38
C GLN A 624 12.74 -34.06 -3.36
N PHE A 625 12.74 -35.24 -2.74
CA PHE A 625 11.79 -35.59 -1.71
C PHE A 625 12.51 -36.22 -0.53
N GLU A 626 11.80 -36.30 0.60
CA GLU A 626 12.23 -37.09 1.73
C GLU A 626 11.65 -38.50 1.67
N THR A 627 10.34 -38.59 1.68
CA THR A 627 9.62 -39.85 1.53
C THR A 627 8.79 -39.77 0.25
N LEU A 628 8.54 -40.94 -0.34
CA LEU A 628 7.78 -40.99 -1.58
C LEU A 628 7.19 -42.39 -1.67
N CYS A 629 5.89 -42.51 -1.61
CA CYS A 629 5.28 -43.82 -1.77
C CYS A 629 4.04 -43.73 -2.63
N PHE A 630 3.96 -44.61 -3.62
CA PHE A 630 2.88 -44.62 -4.60
C PHE A 630 1.77 -45.57 -4.17
N ASP A 631 0.62 -45.41 -4.81
CA ASP A 631 -0.51 -46.31 -4.60
C ASP A 631 -1.47 -46.17 -5.77
N VAL A 632 -2.20 -47.25 -6.04
CA VAL A 632 -3.23 -47.23 -7.09
C VAL A 632 -4.64 -47.35 -6.55
N SER A 633 -4.82 -47.79 -5.31
CA SER A 633 -6.14 -47.95 -4.73
C SER A 633 -6.57 -46.67 -4.05
N PRO A 634 -7.83 -46.57 -3.62
CA PRO A 634 -8.18 -45.51 -2.67
C PRO A 634 -7.65 -45.77 -1.26
N ALA A 635 -6.33 -45.74 -1.13
CA ALA A 635 -5.62 -45.95 0.12
C ALA A 635 -5.46 -44.62 0.84
N VAL A 636 -4.47 -44.55 1.73
CA VAL A 636 -4.04 -43.33 2.41
C VAL A 636 -3.89 -42.20 1.42
N ALA A 637 -4.63 -41.12 1.63
CA ALA A 637 -4.68 -40.05 0.68
C ALA A 637 -3.46 -39.15 0.85
N GLY A 638 -2.69 -39.01 -0.21
CA GLY A 638 -1.77 -37.90 -0.31
C GLY A 638 -2.40 -36.91 -1.26
N CYS A 639 -1.75 -36.66 -2.38
CA CYS A 639 -2.43 -36.09 -3.53
C CYS A 639 -2.52 -37.15 -4.60
N LYS A 640 -3.43 -36.98 -5.55
CA LYS A 640 -3.74 -38.04 -6.48
C LYS A 640 -3.68 -37.55 -7.92
N TRP A 641 -3.20 -38.42 -8.79
CA TRP A 641 -3.12 -38.17 -10.22
C TRP A 641 -4.31 -38.81 -10.91
N SER A 642 -4.80 -38.13 -11.94
CA SER A 642 -5.94 -38.66 -12.64
C SER A 642 -5.47 -39.61 -13.74
N LEU A 643 -6.43 -40.21 -14.43
CA LEU A 643 -6.10 -41.21 -15.44
C LEU A 643 -7.27 -41.27 -16.42
N VAL A 644 -7.12 -40.62 -17.58
CA VAL A 644 -8.25 -40.28 -18.41
C VAL A 644 -8.26 -41.12 -19.67
N HIS A 645 -9.46 -41.34 -20.22
CA HIS A 645 -9.60 -42.20 -21.39
C HIS A 645 -9.63 -41.41 -22.69
N ASP A 646 -10.66 -40.65 -22.93
CA ASP A 646 -10.73 -39.92 -24.19
C ASP A 646 -10.00 -38.61 -23.98
N VAL A 647 -9.04 -38.33 -24.83
CA VAL A 647 -8.21 -37.14 -24.65
C VAL A 647 -8.97 -35.93 -25.21
N LYS A 648 -10.14 -36.16 -25.79
CA LYS A 648 -11.15 -35.12 -25.88
C LYS A 648 -12.08 -35.10 -24.67
N TRP A 649 -12.64 -36.25 -24.28
CA TRP A 649 -13.68 -36.33 -23.24
C TRP A 649 -13.12 -37.10 -22.05
N ARG A 650 -12.47 -36.38 -21.15
CA ARG A 650 -11.55 -36.99 -20.19
C ARG A 650 -12.31 -37.58 -19.01
N THR A 651 -12.92 -38.73 -19.24
CA THR A 651 -13.49 -39.52 -18.15
C THR A 651 -12.41 -40.36 -17.49
N GLN A 652 -12.61 -40.65 -16.20
CA GLN A 652 -11.53 -41.16 -15.36
C GLN A 652 -11.82 -42.57 -14.89
N PHE A 653 -10.76 -43.36 -14.74
CA PHE A 653 -10.91 -44.74 -14.29
C PHE A 653 -10.69 -44.84 -12.78
N ALA A 654 -9.48 -44.49 -12.36
CA ALA A 654 -8.96 -44.74 -11.02
C ALA A 654 -7.72 -43.90 -10.86
N THR A 655 -7.51 -43.42 -9.65
CA THR A 655 -6.44 -42.49 -9.41
C THR A 655 -5.15 -43.22 -9.07
N ILE A 656 -4.05 -42.50 -9.18
CA ILE A 656 -2.77 -42.93 -8.68
C ILE A 656 -2.38 -41.92 -7.61
N THR A 657 -2.72 -42.23 -6.37
CA THR A 657 -2.36 -41.30 -5.30
C THR A 657 -0.90 -41.52 -4.91
N VAL A 658 -0.21 -40.43 -4.61
CA VAL A 658 1.17 -40.49 -4.17
C VAL A 658 1.22 -39.88 -2.78
N SER A 659 2.14 -40.37 -1.97
CA SER A 659 2.35 -39.86 -0.63
C SER A 659 3.78 -39.41 -0.50
N TYR A 660 3.99 -38.24 0.07
CA TYR A 660 5.30 -37.62 -0.01
C TYR A 660 5.43 -36.56 1.06
N LYS A 661 6.67 -36.21 1.35
CA LYS A 661 6.99 -34.98 2.05
C LYS A 661 8.36 -34.51 1.58
N ASP A 662 8.61 -33.23 1.73
CA ASP A 662 9.79 -32.62 1.15
C ASP A 662 11.05 -33.03 1.89
N GLY A 663 12.13 -33.18 1.13
CA GLY A 663 13.40 -33.51 1.72
C GLY A 663 14.44 -33.74 0.65
N ALA A 664 15.61 -34.19 1.07
CA ALA A 664 16.76 -34.24 0.18
C ALA A 664 17.35 -35.64 0.04
N MET A 665 16.76 -36.65 0.66
CA MET A 665 17.36 -37.97 0.56
C MET A 665 17.01 -38.66 -0.75
N ILE A 666 15.91 -38.29 -1.39
CA ILE A 666 15.46 -38.93 -2.61
C ILE A 666 15.47 -37.91 -3.74
N THR A 667 16.19 -38.23 -4.81
CA THR A 667 16.33 -37.33 -5.95
C THR A 667 15.99 -38.09 -7.23
N THR A 668 15.08 -37.54 -8.02
CA THR A 668 14.71 -38.17 -9.27
C THR A 668 15.77 -37.91 -10.33
N MET A 669 16.03 -38.91 -11.16
CA MET A 669 16.96 -38.81 -12.27
C MET A 669 16.30 -39.30 -13.54
N PRO A 670 16.54 -38.65 -14.66
CA PRO A 670 15.83 -39.04 -15.88
C PRO A 670 16.46 -40.21 -16.61
N LYS A 671 17.77 -40.37 -16.55
CA LYS A 671 18.44 -41.24 -17.50
C LYS A 671 19.52 -42.10 -16.87
N ALA A 672 19.33 -42.49 -15.60
CA ALA A 672 20.02 -43.61 -14.96
C ALA A 672 21.54 -43.43 -14.93
N GLN A 673 21.99 -42.47 -14.14
CA GLN A 673 23.44 -42.26 -14.00
C GLN A 673 24.00 -43.39 -13.14
N LEU A 674 24.47 -44.44 -13.79
CA LEU A 674 24.97 -45.64 -13.14
C LEU A 674 26.50 -45.64 -13.22
N GLY A 675 27.10 -46.47 -12.37
CA GLY A 675 28.55 -46.65 -12.37
C GLY A 675 29.34 -45.59 -11.63
N PHE A 676 29.04 -44.31 -11.88
CA PHE A 676 29.76 -43.23 -11.25
C PHE A 676 29.36 -43.08 -9.78
N GLN A 677 30.36 -42.87 -8.94
CA GLN A 677 30.12 -42.42 -7.58
C GLN A 677 30.30 -40.92 -7.45
N ASP A 678 29.96 -40.19 -8.51
CA ASP A 678 30.05 -38.74 -8.55
C ASP A 678 29.13 -38.24 -9.66
N ILE A 679 28.38 -37.19 -9.36
CA ILE A 679 27.46 -36.60 -10.32
C ILE A 679 28.02 -35.25 -10.73
N SER A 680 27.85 -34.89 -11.99
CA SER A 680 28.78 -34.01 -12.68
C SER A 680 28.09 -33.01 -13.58
N ASN A 681 28.81 -32.58 -14.62
CA ASN A 681 28.40 -31.65 -15.66
C ASN A 681 28.32 -30.23 -15.13
N ILE A 682 29.33 -29.83 -14.37
CA ILE A 682 29.63 -28.41 -14.27
C ILE A 682 30.02 -27.93 -15.66
N VAL A 683 29.26 -26.98 -16.19
CA VAL A 683 29.48 -26.44 -17.52
C VAL A 683 29.85 -24.98 -17.35
N LYS A 684 31.07 -24.63 -17.68
CA LYS A 684 31.58 -23.31 -17.35
C LYS A 684 31.57 -22.40 -18.57
N ASP A 685 31.58 -21.10 -18.29
CA ASP A 685 31.82 -20.02 -19.24
C ASP A 685 30.76 -19.93 -20.34
N GLU A 686 29.54 -20.39 -20.06
CA GLU A 686 28.45 -20.20 -21.01
C GLU A 686 27.14 -20.20 -20.23
N CYS A 687 26.10 -19.72 -20.87
CA CYS A 687 24.80 -19.65 -20.22
C CYS A 687 24.20 -21.04 -20.15
N THR A 688 24.12 -21.60 -18.94
CA THR A 688 23.58 -22.93 -18.77
C THR A 688 22.25 -22.85 -18.04
N ASP A 689 21.71 -24.02 -17.72
CA ASP A 689 20.57 -24.16 -16.83
C ASP A 689 21.09 -25.03 -15.68
N TYR A 690 21.06 -24.51 -14.47
CA TYR A 690 21.60 -25.30 -13.39
C TYR A 690 20.48 -25.93 -12.56
N ASN A 691 20.86 -26.94 -11.81
CA ASN A 691 20.02 -27.50 -10.74
C ASN A 691 21.00 -27.87 -9.64
N ILE A 692 21.21 -26.96 -8.71
CA ILE A 692 22.27 -27.07 -7.73
C ILE A 692 21.65 -27.20 -6.36
N TYR A 693 21.74 -28.39 -5.78
CA TYR A 693 21.29 -28.72 -4.43
C TYR A 693 19.81 -28.41 -4.22
N GLY A 694 19.01 -28.50 -5.27
CA GLY A 694 17.63 -28.11 -5.21
C GLY A 694 17.35 -26.70 -5.71
N PHE A 695 18.35 -25.83 -5.72
CA PHE A 695 18.13 -24.52 -6.30
C PHE A 695 18.20 -24.63 -7.81
N GLN A 696 17.53 -23.70 -8.48
CA GLN A 696 17.26 -23.89 -9.90
C GLN A 696 17.19 -22.54 -10.60
N GLY A 697 17.61 -22.54 -11.85
CA GLY A 697 17.64 -21.31 -12.63
C GLY A 697 18.73 -21.40 -13.67
N THR A 698 18.88 -20.29 -14.39
CA THR A 698 19.84 -20.20 -15.47
C THR A 698 20.89 -19.15 -15.16
N GLY A 699 22.10 -19.35 -15.67
CA GLY A 699 23.15 -18.39 -15.44
C GLY A 699 24.47 -18.89 -15.99
N ILE A 700 25.53 -18.19 -15.62
CA ILE A 700 26.89 -18.48 -16.05
C ILE A 700 27.71 -18.85 -14.83
N ILE A 701 28.34 -20.02 -14.86
CA ILE A 701 29.09 -20.54 -13.73
C ILE A 701 30.57 -20.45 -14.05
N ARG A 702 31.35 -19.90 -13.13
CA ARG A 702 32.77 -19.78 -13.30
C ARG A 702 33.47 -20.44 -12.13
N SER A 703 34.80 -20.43 -12.17
CA SER A 703 35.63 -20.98 -11.11
C SER A 703 36.51 -19.86 -10.57
N THR A 704 36.75 -19.89 -9.27
CA THR A 704 37.52 -18.83 -8.64
C THR A 704 38.56 -19.42 -7.70
N THR A 705 39.46 -18.57 -7.25
CA THR A 705 40.47 -18.90 -6.26
C THR A 705 40.22 -18.04 -5.04
N SER A 706 39.28 -18.48 -4.21
CA SER A 706 39.01 -17.87 -2.93
C SER A 706 38.37 -18.97 -2.08
N ARG A 707 38.80 -19.08 -0.84
CA ARG A 707 38.36 -20.18 0.00
C ARG A 707 37.62 -19.65 1.21
N LEU A 708 36.41 -20.17 1.42
CA LEU A 708 35.60 -19.84 2.57
C LEU A 708 35.35 -21.10 3.35
N VAL A 709 35.57 -21.03 4.66
CA VAL A 709 35.36 -22.18 5.53
C VAL A 709 33.92 -22.13 6.04
N ALA A 710 33.01 -22.72 5.28
CA ALA A 710 31.60 -22.64 5.64
C ALA A 710 30.85 -23.78 4.99
N GLY A 711 29.53 -23.66 4.92
CA GLY A 711 28.67 -24.69 4.39
C GLY A 711 28.73 -24.83 2.88
N LEU A 712 27.63 -25.28 2.31
CA LEU A 712 27.68 -25.71 0.93
C LEU A 712 27.54 -24.55 -0.03
N TYR A 713 26.60 -23.65 0.22
CA TYR A 713 26.30 -22.63 -0.76
C TYR A 713 25.94 -21.33 -0.08
N TYR A 714 25.78 -20.30 -0.90
CA TYR A 714 25.75 -18.92 -0.44
C TYR A 714 24.64 -18.20 -1.18
N THR A 715 23.57 -17.86 -0.47
CA THR A 715 22.46 -17.21 -1.12
C THR A 715 22.52 -15.71 -0.95
N SER A 716 21.68 -15.03 -1.70
CA SER A 716 21.53 -13.59 -1.61
C SER A 716 20.49 -13.26 -0.54
N ALA A 717 20.05 -12.02 -0.54
CA ALA A 717 18.90 -11.63 0.28
C ALA A 717 17.58 -11.93 -0.40
N SER A 718 17.61 -12.43 -1.62
CA SER A 718 16.39 -12.72 -2.36
C SER A 718 16.26 -14.19 -2.69
N GLY A 719 17.05 -15.04 -2.06
CA GLY A 719 16.93 -16.46 -2.28
C GLY A 719 17.50 -16.96 -3.58
N ASP A 720 18.36 -16.19 -4.23
CA ASP A 720 19.04 -16.64 -5.43
C ASP A 720 20.42 -17.16 -5.09
N LEU A 721 20.91 -18.07 -5.94
CA LEU A 721 22.25 -18.58 -5.74
C LEU A 721 23.29 -17.55 -6.10
N LEU A 722 24.29 -17.41 -5.26
CA LEU A 722 25.46 -16.62 -5.59
C LEU A 722 26.71 -17.45 -5.72
N GLY A 723 26.79 -18.56 -5.00
CA GLY A 723 27.96 -19.40 -5.06
C GLY A 723 27.73 -20.65 -4.27
N PHE A 724 28.59 -21.63 -4.53
CA PHE A 724 28.41 -22.94 -3.93
C PHE A 724 29.75 -23.65 -3.91
N LYS A 725 29.86 -24.63 -3.02
CA LYS A 725 31.11 -25.32 -2.77
C LYS A 725 30.99 -26.77 -3.18
N ILE A 726 31.93 -27.23 -4.01
CA ILE A 726 32.01 -28.66 -4.29
C ILE A 726 32.52 -29.38 -3.06
N SER A 727 31.97 -30.56 -2.79
CA SER A 727 32.37 -31.29 -1.59
C SER A 727 33.59 -32.15 -1.81
N THR A 728 33.76 -32.71 -3.00
CA THR A 728 34.89 -33.61 -3.26
C THR A 728 36.21 -32.89 -3.29
N THR A 729 36.20 -31.58 -3.50
CA THR A 729 37.41 -30.78 -3.45
C THR A 729 37.09 -29.53 -2.65
N GLY A 730 37.95 -28.54 -2.74
CA GLY A 730 37.74 -27.36 -1.92
C GLY A 730 37.26 -26.16 -2.69
N GLU A 731 37.28 -26.24 -4.02
CA GLU A 731 37.05 -25.05 -4.82
C GLU A 731 35.58 -24.66 -4.80
N ILE A 732 35.34 -23.36 -4.88
CA ILE A 732 33.99 -22.84 -4.92
C ILE A 732 33.76 -22.18 -6.26
N PHE A 733 32.50 -22.08 -6.64
CA PHE A 733 32.12 -21.55 -7.93
C PHE A 733 31.22 -20.34 -7.72
N THR A 734 30.98 -19.60 -8.80
CA THR A 734 30.23 -18.36 -8.72
C THR A 734 29.13 -18.38 -9.76
N VAL A 735 27.91 -18.12 -9.32
CA VAL A 735 26.76 -18.07 -10.21
C VAL A 735 26.50 -16.62 -10.55
N VAL A 736 26.48 -16.31 -11.85
CA VAL A 736 26.15 -14.98 -12.35
C VAL A 736 25.04 -15.16 -13.37
N PRO A 737 23.95 -14.41 -13.29
CA PRO A 737 22.86 -14.60 -14.26
C PRO A 737 23.27 -14.19 -15.65
N CYS A 738 22.63 -14.84 -16.63
CA CYS A 738 23.17 -14.87 -17.99
C CYS A 738 23.01 -13.53 -18.69
N ASP A 739 21.87 -12.88 -18.52
CA ASP A 739 21.56 -11.64 -19.23
C ASP A 739 21.35 -10.55 -18.20
N LEU A 740 22.39 -9.76 -17.93
CA LEU A 740 22.23 -8.62 -17.08
C LEU A 740 21.53 -7.50 -17.82
N THR A 741 21.01 -6.54 -17.07
CA THR A 741 20.26 -5.47 -17.70
C THR A 741 21.20 -4.48 -18.36
N ALA A 742 20.62 -3.62 -19.17
CA ALA A 742 21.35 -2.56 -19.84
C ALA A 742 20.48 -1.32 -19.88
N GLN A 743 21.09 -0.21 -20.27
CA GLN A 743 20.47 1.09 -20.19
C GLN A 743 20.59 1.81 -21.52
N ALA A 744 20.14 1.14 -22.57
CA ALA A 744 20.33 1.62 -23.95
C ALA A 744 19.74 3.01 -24.16
N ALA A 745 20.46 3.81 -24.94
CA ALA A 745 20.12 5.20 -25.18
C ALA A 745 19.73 5.38 -26.64
N VAL A 746 18.55 5.93 -26.86
CA VAL A 746 18.01 6.10 -28.19
C VAL A 746 17.93 7.59 -28.49
N ILE A 747 18.43 7.98 -29.65
CA ILE A 747 18.29 9.33 -30.15
C ILE A 747 17.71 9.21 -31.54
N ASN A 748 16.44 9.57 -31.68
CA ASN A 748 15.75 9.72 -32.97
C ASN A 748 15.74 8.41 -33.74
N ASP A 749 15.03 7.43 -33.17
CA ASP A 749 14.71 6.14 -33.81
C ASP A 749 16.00 5.34 -34.10
N GLU A 750 16.95 5.40 -33.18
CA GLU A 750 18.19 4.65 -33.34
C GLU A 750 18.82 4.44 -31.97
N ILE A 751 19.10 3.20 -31.63
CA ILE A 751 19.79 2.91 -30.37
C ILE A 751 21.24 3.37 -30.53
N VAL A 752 21.59 4.42 -29.80
CA VAL A 752 22.93 4.97 -29.94
C VAL A 752 23.95 4.10 -29.23
N GLY A 753 23.75 3.87 -27.94
CA GLY A 753 24.67 3.04 -27.19
C GLY A 753 24.00 2.55 -25.93
N ALA A 754 24.73 1.70 -25.21
CA ALA A 754 24.19 1.05 -24.03
C ALA A 754 25.11 1.29 -22.86
N ILE A 755 24.57 1.85 -21.78
CA ILE A 755 25.28 1.88 -20.51
C ILE A 755 25.14 0.49 -19.94
N THR A 756 26.10 -0.36 -20.20
CA THR A 756 26.00 -1.75 -19.82
C THR A 756 26.92 -2.04 -18.66
N ALA A 757 26.94 -3.28 -18.27
CA ALA A 757 27.84 -3.72 -17.22
C ALA A 757 28.83 -4.75 -17.67
N THR A 758 28.46 -5.62 -18.58
CA THR A 758 29.48 -6.63 -18.89
C THR A 758 30.37 -6.14 -20.02
N ASN A 759 29.99 -6.54 -21.20
CA ASN A 759 30.86 -6.43 -22.34
C ASN A 759 30.18 -7.22 -23.42
N GLN A 760 30.39 -6.78 -24.63
CA GLN A 760 29.75 -7.39 -25.81
C GLN A 760 28.31 -7.81 -25.59
N THR A 761 27.51 -7.16 -24.73
CA THR A 761 26.10 -7.45 -25.03
C THR A 761 25.70 -6.84 -26.37
N ASP A 762 24.85 -7.55 -27.09
CA ASP A 762 24.74 -7.35 -28.53
C ASP A 762 24.16 -6.01 -28.95
N LEU A 763 22.82 -5.88 -28.86
CA LEU A 763 22.06 -4.66 -29.13
C LEU A 763 22.36 -3.94 -30.45
N PHE A 764 23.10 -4.56 -31.35
CA PHE A 764 23.49 -3.89 -32.58
C PHE A 764 23.55 -4.81 -33.79
N GLU A 765 23.37 -6.11 -33.62
CA GLU A 765 24.04 -7.02 -34.54
C GLU A 765 23.29 -7.19 -35.86
N PHE A 766 22.12 -7.83 -35.83
CA PHE A 766 21.60 -8.38 -37.08
C PHE A 766 20.13 -8.72 -36.95
N VAL A 767 19.49 -8.84 -38.11
CA VAL A 767 18.24 -9.55 -38.28
C VAL A 767 18.38 -10.67 -39.30
N ASN A 768 18.92 -10.35 -40.48
CA ASN A 768 19.35 -11.32 -41.46
C ASN A 768 20.79 -11.73 -41.14
N HIS A 769 21.40 -12.53 -42.03
CA HIS A 769 22.82 -12.87 -42.02
C HIS A 769 23.32 -13.56 -40.74
N SER A 781 29.42 -5.65 -36.57
CA SER A 781 30.21 -4.66 -37.29
C SER A 781 31.34 -4.12 -36.43
N THR A 782 31.80 -2.92 -36.76
CA THR A 782 32.82 -2.27 -35.95
C THR A 782 32.22 -1.72 -34.67
N VAL A 783 32.08 -2.58 -33.68
CA VAL A 783 31.36 -2.26 -32.46
C VAL A 783 32.39 -2.03 -31.37
N ASN A 784 32.64 -0.77 -31.04
CA ASN A 784 33.65 -0.42 -30.07
C ASN A 784 33.15 -0.65 -28.66
N THR A 785 34.07 -0.61 -27.70
CA THR A 785 33.76 -0.85 -26.30
C THR A 785 34.66 0.01 -25.44
N TYR A 786 34.09 0.95 -24.72
CA TYR A 786 34.87 1.86 -23.92
C TYR A 786 34.77 1.51 -22.45
N THR A 787 35.56 2.21 -21.63
CA THR A 787 35.67 1.91 -20.20
C THR A 787 35.59 3.20 -19.41
N MET A 788 34.46 3.41 -18.78
CA MET A 788 34.28 4.49 -17.83
C MET A 788 34.75 4.03 -16.46
N PRO A 789 34.81 4.93 -15.46
CA PRO A 789 35.14 4.48 -14.10
C PRO A 789 34.18 3.46 -13.52
N GLN A 790 32.90 3.53 -13.84
CA GLN A 790 31.94 2.68 -13.16
C GLN A 790 31.26 1.67 -14.06
N PHE A 791 31.38 1.79 -15.38
CA PHE A 791 30.70 0.86 -16.26
C PHE A 791 31.42 0.82 -17.59
N TYR A 792 31.12 -0.22 -18.36
CA TYR A 792 31.55 -0.26 -19.74
C TYR A 792 30.59 0.57 -20.58
N TYR A 793 30.92 0.71 -21.85
CA TYR A 793 30.09 1.51 -22.76
C TYR A 793 30.35 1.06 -24.18
N ILE A 794 29.29 0.84 -24.94
CA ILE A 794 29.34 0.15 -26.22
C ILE A 794 28.67 1.01 -27.28
N THR A 795 29.44 1.51 -28.24
CA THR A 795 28.90 2.30 -29.34
C THR A 795 29.84 2.23 -30.53
N LYS A 796 29.28 2.02 -31.72
CA LYS A 796 30.02 2.08 -32.97
C LYS A 796 30.34 3.52 -33.38
N TRP A 797 31.21 4.16 -32.60
CA TRP A 797 31.90 5.35 -33.08
C TRP A 797 33.35 5.25 -32.67
N ASN A 798 34.24 5.60 -33.58
CA ASN A 798 35.66 5.46 -33.33
C ASN A 798 36.19 6.72 -32.66
N ASN A 799 37.01 6.52 -31.62
CA ASN A 799 37.57 7.64 -30.88
C ASN A 799 38.63 8.36 -31.71
N GLY A 800 38.20 9.04 -32.76
CA GLY A 800 39.06 9.77 -33.66
C GLY A 800 38.68 11.23 -33.76
N THR A 801 38.04 11.57 -34.88
CA THR A 801 37.80 12.96 -35.25
C THR A 801 36.34 13.27 -35.51
N SER A 802 35.45 12.85 -34.59
CA SER A 802 34.05 13.20 -34.69
C SER A 802 33.85 14.71 -34.58
N SER A 803 34.15 15.27 -33.41
CA SER A 803 34.22 16.70 -33.09
C SER A 803 32.96 17.51 -33.38
N ASN A 804 31.85 16.87 -33.71
CA ASN A 804 30.58 17.56 -33.88
C ASN A 804 29.46 16.60 -33.55
N CYS A 805 28.59 17.01 -32.63
CA CYS A 805 27.32 16.37 -32.41
C CYS A 805 26.37 17.40 -31.82
N THR A 806 25.11 17.31 -32.20
CA THR A 806 24.15 18.38 -31.99
C THR A 806 23.34 18.23 -30.72
N SER A 807 22.78 17.05 -30.46
CA SER A 807 21.85 16.90 -29.35
C SER A 807 22.44 15.92 -28.35
N VAL A 808 22.16 16.15 -27.07
CA VAL A 808 22.71 15.34 -26.00
C VAL A 808 21.58 14.78 -25.16
N ILE A 809 21.84 13.64 -24.54
CA ILE A 809 21.00 13.09 -23.49
C ILE A 809 21.84 13.07 -22.23
N THR A 810 21.36 13.72 -21.19
CA THR A 810 22.21 14.06 -20.06
C THR A 810 22.07 13.04 -18.94
N TYR A 811 23.15 12.89 -18.18
CA TYR A 811 23.13 12.31 -16.85
C TYR A 811 24.32 12.87 -16.07
N SER A 812 24.30 12.64 -14.76
CA SER A 812 25.00 13.32 -13.66
C SER A 812 26.39 13.85 -13.99
N SER A 813 27.25 12.99 -14.51
CA SER A 813 28.53 13.48 -15.00
C SER A 813 28.81 12.97 -16.40
N PHE A 814 27.85 12.27 -17.02
CA PHE A 814 28.05 11.67 -18.33
C PHE A 814 26.85 11.99 -19.19
N ALA A 815 27.07 12.76 -20.24
CA ALA A 815 26.05 13.03 -21.24
C ALA A 815 26.49 12.41 -22.56
N ILE A 816 25.55 11.77 -23.24
CA ILE A 816 25.80 11.08 -24.49
C ILE A 816 25.26 11.94 -25.62
N CYS A 817 26.13 12.29 -26.56
CA CYS A 817 25.75 13.16 -27.65
C CYS A 817 25.37 12.30 -28.85
N ASN A 818 25.20 12.95 -30.00
CA ASN A 818 24.47 12.33 -31.11
C ASN A 818 25.26 11.23 -31.79
N THR A 819 26.59 11.36 -31.85
CA THR A 819 27.40 10.37 -32.52
C THR A 819 28.03 9.42 -31.52
N GLY A 820 27.31 9.10 -30.45
CA GLY A 820 27.76 8.12 -29.49
C GLY A 820 28.80 8.61 -28.51
N GLU A 821 29.30 9.82 -28.67
CA GLU A 821 30.41 10.29 -27.85
C GLU A 821 29.90 10.72 -26.49
N ILE A 822 30.41 10.09 -25.44
CA ILE A 822 30.12 10.48 -24.07
C ILE A 822 31.07 11.59 -23.68
N LYS A 823 30.52 12.73 -23.28
CA LYS A 823 31.31 13.79 -22.72
C LYS A 823 31.21 13.72 -21.20
N TYR A 824 32.29 14.06 -20.52
CA TYR A 824 32.26 14.12 -19.07
C TYR A 824 31.69 15.45 -18.64
N VAL A 825 30.53 15.41 -17.98
CA VAL A 825 29.87 16.64 -17.55
C VAL A 825 30.56 17.14 -16.29
N ASN A 826 31.37 18.17 -16.43
CA ASN A 826 31.92 18.83 -15.25
C ASN A 826 30.92 19.83 -14.70
N VAL A 827 31.30 20.50 -13.64
CA VAL A 827 30.46 21.53 -13.06
C VAL A 827 30.60 22.80 -13.90
N THR A 828 29.49 23.51 -14.08
CA THR A 828 29.49 24.69 -14.94
C THR A 828 30.26 25.82 -14.28
N HIS A 829 31.34 26.26 -14.93
CA HIS A 829 32.15 27.33 -14.39
C HIS A 829 31.53 28.67 -14.71
N VAL A 830 31.50 29.56 -13.73
CA VAL A 830 31.02 30.90 -13.92
C VAL A 830 32.13 31.87 -13.56
N GLU A 831 31.92 33.13 -13.92
CA GLU A 831 32.92 34.14 -13.60
C GLU A 831 32.90 34.47 -12.12
N ILE A 832 31.81 35.03 -11.62
CA ILE A 832 31.60 35.23 -10.20
C ILE A 832 30.22 34.70 -9.84
N VAL A 833 30.11 34.10 -8.66
CA VAL A 833 28.86 33.39 -8.30
C VAL A 833 27.92 34.45 -7.74
N ASP A 834 27.39 35.24 -8.66
CA ASP A 834 26.66 36.46 -8.35
C ASP A 834 26.13 37.02 -9.65
N ASP A 835 25.14 37.90 -9.58
CA ASP A 835 24.69 38.64 -10.73
C ASP A 835 24.70 40.09 -10.28
N SER A 836 25.80 40.78 -10.53
CA SER A 836 26.19 41.94 -9.73
C SER A 836 25.32 43.16 -9.96
N VAL A 837 24.03 43.05 -9.65
CA VAL A 837 23.09 44.16 -9.59
C VAL A 837 21.91 43.67 -8.77
N GLY A 838 21.37 44.53 -7.90
CA GLY A 838 20.26 44.15 -7.05
C GLY A 838 20.65 43.49 -5.75
N VAL A 839 21.79 42.80 -5.73
CA VAL A 839 22.36 42.17 -4.55
C VAL A 839 23.02 43.22 -3.67
N ILE A 840 23.40 42.81 -2.46
CA ILE A 840 24.17 43.68 -1.60
C ILE A 840 25.56 43.90 -2.21
N LYS A 841 26.07 45.10 -2.05
CA LYS A 841 27.35 45.51 -2.63
C LYS A 841 28.27 45.93 -1.50
N PRO A 842 28.76 44.97 -0.72
CA PRO A 842 29.39 45.32 0.54
C PRO A 842 30.85 45.67 0.41
N VAL A 843 31.22 46.43 -0.60
CA VAL A 843 32.60 46.83 -0.82
C VAL A 843 32.60 48.31 -1.08
N SER A 844 33.38 49.06 -0.32
CA SER A 844 33.61 50.45 -0.62
C SER A 844 35.10 50.74 -0.55
N THR A 845 35.45 51.96 -0.98
CA THR A 845 36.78 52.56 -0.85
C THR A 845 37.89 51.67 -1.40
N GLY A 846 37.60 51.01 -2.50
CA GLY A 846 38.59 50.21 -3.15
C GLY A 846 38.52 50.41 -4.63
N ASN A 847 39.11 49.47 -5.36
CA ASN A 847 39.01 49.44 -6.81
C ASN A 847 37.84 48.55 -7.18
N ILE A 848 36.65 49.12 -7.07
CA ILE A 848 35.41 48.35 -7.25
C ILE A 848 35.11 48.20 -8.73
N THR A 849 34.17 47.32 -9.05
CA THR A 849 33.78 47.03 -10.43
C THR A 849 32.27 47.22 -10.55
N ILE A 850 31.86 48.21 -11.32
CA ILE A 850 30.46 48.58 -11.48
C ILE A 850 30.03 48.24 -12.89
N PRO A 851 28.91 47.55 -13.10
CA PRO A 851 28.51 47.18 -14.46
C PRO A 851 27.98 48.36 -15.26
N LYS A 852 28.32 48.38 -16.55
CA LYS A 852 27.89 49.44 -17.47
C LYS A 852 26.72 49.02 -18.35
N ASN A 853 26.93 48.01 -19.18
CA ASN A 853 25.93 47.62 -20.17
C ASN A 853 25.10 46.48 -19.65
N PHE A 854 23.96 46.26 -20.30
CA PHE A 854 23.04 45.26 -19.82
C PHE A 854 22.39 44.55 -20.98
N THR A 855 21.92 43.34 -20.70
CA THR A 855 21.10 42.62 -21.62
C THR A 855 20.13 41.78 -20.82
N VAL A 856 19.10 41.31 -21.48
CA VAL A 856 18.07 40.52 -20.82
C VAL A 856 18.26 39.06 -21.18
N ALA A 857 17.58 38.20 -20.46
CA ALA A 857 17.59 36.77 -20.76
C ALA A 857 16.31 36.19 -20.21
N VAL A 858 15.56 35.49 -21.04
CA VAL A 858 14.28 34.94 -20.65
C VAL A 858 14.49 33.51 -20.22
N GLN A 859 13.96 33.16 -19.07
CA GLN A 859 14.02 31.80 -18.55
C GLN A 859 12.63 31.38 -18.13
N ALA A 860 12.13 30.31 -18.70
CA ALA A 860 10.76 29.89 -18.46
C ALA A 860 10.68 28.84 -17.36
N GLU A 861 9.61 28.89 -16.59
CA GLU A 861 9.33 27.87 -15.59
C GLU A 861 7.89 27.44 -15.71
N TYR A 862 7.58 26.27 -15.18
CA TYR A 862 6.24 25.75 -15.14
C TYR A 862 5.83 25.52 -13.70
N VAL A 863 4.56 25.80 -13.40
CA VAL A 863 4.00 25.56 -12.08
C VAL A 863 2.64 24.93 -12.26
N GLN A 864 2.42 23.78 -11.64
CA GLN A 864 1.15 23.07 -11.77
C GLN A 864 0.24 23.47 -10.63
N ILE A 865 -0.97 23.94 -10.96
CA ILE A 865 -1.84 24.53 -9.95
C ILE A 865 -3.12 23.76 -9.72
N GLN A 866 -3.46 22.80 -10.58
CA GLN A 866 -4.70 22.08 -10.32
C GLN A 866 -4.56 20.63 -10.75
N VAL A 867 -5.43 19.80 -10.22
CA VAL A 867 -5.54 18.42 -10.61
C VAL A 867 -7.00 18.14 -10.89
N LYS A 868 -7.27 17.29 -11.86
CA LYS A 868 -8.66 16.99 -12.17
C LYS A 868 -9.26 16.12 -11.09
N PRO A 869 -10.27 16.61 -10.38
CA PRO A 869 -10.79 15.88 -9.23
C PRO A 869 -11.62 14.70 -9.66
N VAL A 870 -11.62 13.68 -8.83
CA VAL A 870 -12.35 12.45 -9.09
C VAL A 870 -13.27 12.18 -7.92
N ALA A 871 -14.54 11.98 -8.20
CA ALA A 871 -15.51 11.60 -7.19
C ALA A 871 -15.76 10.10 -7.33
N VAL A 872 -15.37 9.34 -6.32
CA VAL A 872 -15.46 7.90 -6.34
C VAL A 872 -16.60 7.49 -5.43
N ASP A 873 -17.53 6.70 -5.95
CA ASP A 873 -18.52 6.08 -5.09
C ASP A 873 -17.90 4.87 -4.41
N CYS A 874 -17.98 4.84 -3.10
CA CYS A 874 -17.41 3.73 -2.35
C CYS A 874 -18.24 2.47 -2.50
N ALA A 875 -19.56 2.58 -2.45
CA ALA A 875 -20.40 1.40 -2.42
C ALA A 875 -20.53 0.74 -3.78
N LYS A 876 -20.49 1.53 -4.86
CA LYS A 876 -20.61 0.95 -6.19
C LYS A 876 -19.39 0.14 -6.55
N TYR A 877 -18.23 0.56 -6.09
CA TYR A 877 -16.99 -0.04 -6.56
C TYR A 877 -16.76 -1.39 -5.95
N VAL A 878 -17.03 -1.55 -4.66
CA VAL A 878 -16.74 -2.82 -4.03
C VAL A 878 -17.79 -3.84 -4.39
N CYS A 879 -18.99 -3.41 -4.76
CA CYS A 879 -19.97 -4.31 -5.35
C CYS A 879 -20.90 -3.50 -6.22
N ASN A 880 -21.00 -3.89 -7.50
CA ASN A 880 -21.77 -3.16 -8.48
C ASN A 880 -23.26 -3.43 -8.25
N GLY A 881 -23.78 -2.79 -7.21
CA GLY A 881 -25.21 -2.79 -6.97
C GLY A 881 -25.81 -4.11 -6.57
N ASN A 882 -25.00 -5.06 -6.12
CA ASN A 882 -25.57 -6.34 -5.72
C ASN A 882 -26.23 -6.20 -4.36
N ARG A 883 -27.40 -6.82 -4.23
CA ARG A 883 -28.20 -6.63 -3.03
C ARG A 883 -27.63 -7.37 -1.84
N HIS A 884 -27.07 -8.56 -2.06
CA HIS A 884 -26.52 -9.32 -0.96
C HIS A 884 -25.20 -8.78 -0.47
N CYS A 885 -24.49 -8.01 -1.30
CA CYS A 885 -23.23 -7.42 -0.87
C CYS A 885 -23.48 -6.35 0.18
N LEU A 886 -24.47 -5.49 -0.04
CA LEU A 886 -24.68 -4.33 0.81
C LEU A 886 -25.12 -4.68 2.21
N ASN A 887 -25.61 -5.90 2.44
CA ASN A 887 -25.81 -6.38 3.79
C ASN A 887 -24.52 -6.85 4.44
N LEU A 888 -23.40 -6.83 3.72
CA LEU A 888 -22.12 -7.15 4.31
C LEU A 888 -21.21 -5.94 4.38
N LEU A 889 -21.56 -4.83 3.75
CA LEU A 889 -20.81 -3.61 3.94
C LEU A 889 -21.15 -2.93 5.26
N THR A 890 -22.21 -3.36 5.93
CA THR A 890 -22.60 -2.76 7.19
C THR A 890 -21.57 -3.03 8.28
N GLN A 891 -20.81 -4.11 8.15
CA GLN A 891 -19.69 -4.31 9.05
C GLN A 891 -18.59 -3.30 8.80
N TYR A 892 -18.44 -2.83 7.57
CA TYR A 892 -17.32 -1.99 7.20
C TYR A 892 -17.75 -0.59 6.81
N THR A 893 -18.84 -0.09 7.39
CA THR A 893 -19.26 1.26 7.05
C THR A 893 -18.36 2.32 7.64
N SER A 894 -17.49 1.96 8.60
CA SER A 894 -16.49 2.91 9.06
C SER A 894 -15.44 3.14 8.00
N ALA A 895 -14.98 2.06 7.36
CA ALA A 895 -13.91 2.19 6.37
C ALA A 895 -14.41 2.84 5.09
N CYS A 896 -15.66 2.58 4.73
CA CYS A 896 -16.22 3.16 3.51
C CYS A 896 -16.47 4.64 3.69
N GLN A 897 -16.70 5.09 4.92
CA GLN A 897 -17.03 6.49 5.16
C GLN A 897 -15.82 7.39 4.97
N THR A 898 -14.67 6.98 5.49
CA THR A 898 -13.46 7.80 5.40
C THR A 898 -12.97 7.96 3.97
N ILE A 899 -13.23 6.98 3.12
CA ILE A 899 -12.71 7.02 1.75
C ILE A 899 -13.41 8.10 0.96
N GLU A 900 -14.72 8.25 1.15
CA GLU A 900 -15.44 9.33 0.49
C GLU A 900 -15.02 10.68 1.05
N ASN A 901 -14.89 10.78 2.37
CA ASN A 901 -14.54 12.04 2.98
C ASN A 901 -13.09 12.42 2.78
N SER A 902 -12.22 11.46 2.45
CA SER A 902 -10.86 11.83 2.11
C SER A 902 -10.80 12.47 0.74
N LEU A 903 -11.72 12.13 -0.13
CA LEU A 903 -11.64 12.65 -1.49
C LEU A 903 -12.40 13.96 -1.65
N ASN A 904 -13.57 14.07 -1.05
CA ASN A 904 -14.36 15.28 -1.19
C ASN A 904 -13.70 16.45 -0.48
N LEU A 905 -13.27 16.23 0.76
CA LEU A 905 -12.70 17.32 1.53
C LEU A 905 -11.29 17.65 1.10
N GLY A 906 -10.69 16.85 0.22
CA GLY A 906 -9.53 17.31 -0.51
C GLY A 906 -9.90 18.08 -1.75
N ALA A 907 -10.97 17.68 -2.42
CA ALA A 907 -11.38 18.34 -3.65
C ALA A 907 -12.05 19.67 -3.38
N ARG A 908 -12.82 19.76 -2.29
CA ARG A 908 -13.55 21.00 -2.02
C ARG A 908 -12.60 22.12 -1.62
N LEU A 909 -11.45 21.79 -1.06
CA LEU A 909 -10.46 22.80 -0.76
C LEU A 909 -9.84 23.39 -2.00
N GLU A 910 -9.88 22.68 -3.12
CA GLU A 910 -9.37 23.23 -4.36
C GLU A 910 -10.29 24.30 -4.90
N SER A 911 -11.57 23.97 -5.03
CA SER A 911 -12.52 24.86 -5.67
C SER A 911 -12.80 26.09 -4.83
N LEU A 912 -12.66 25.98 -3.52
CA LEU A 912 -12.76 27.18 -2.70
C LEU A 912 -11.53 28.05 -2.88
N MET A 913 -10.37 27.45 -3.06
CA MET A 913 -9.18 28.24 -3.23
C MET A 913 -9.08 28.78 -4.64
N LEU A 914 -9.40 27.95 -5.64
CA LEU A 914 -9.20 28.36 -7.02
C LEU A 914 -10.22 29.40 -7.47
N ASN A 915 -11.43 29.34 -6.96
CA ASN A 915 -12.40 30.35 -7.35
C ASN A 915 -12.18 31.67 -6.65
N ASP A 916 -11.27 31.76 -5.69
CA ASP A 916 -10.98 33.01 -5.05
C ASP A 916 -9.64 33.58 -5.45
N MET A 917 -8.96 32.98 -6.43
CA MET A 917 -7.73 33.54 -6.94
C MET A 917 -7.86 33.98 -8.38
N ILE A 918 -8.60 33.23 -9.19
CA ILE A 918 -8.70 33.51 -10.61
C ILE A 918 -9.74 34.59 -10.82
N THR A 919 -9.29 35.77 -11.24
CA THR A 919 -10.15 36.90 -11.49
C THR A 919 -9.81 37.47 -12.86
N VAL A 920 -10.84 37.83 -13.61
CA VAL A 920 -10.66 38.37 -14.95
C VAL A 920 -11.26 39.75 -14.99
N SER A 921 -10.44 40.74 -15.33
CA SER A 921 -10.93 42.10 -15.52
C SER A 921 -11.24 42.31 -16.99
N ASP A 922 -12.51 42.54 -17.30
CA ASP A 922 -12.94 42.63 -18.69
C ASP A 922 -12.43 43.90 -19.37
N ARG A 923 -12.03 44.91 -18.59
CA ARG A 923 -11.42 46.09 -19.18
C ARG A 923 -10.06 45.74 -19.78
N SER A 924 -9.23 45.06 -19.02
CA SER A 924 -7.90 44.72 -19.49
C SER A 924 -7.91 43.51 -20.42
N LEU A 925 -9.00 42.75 -20.47
CA LEU A 925 -9.05 41.62 -21.37
C LEU A 925 -9.11 42.06 -22.81
N GLU A 926 -9.66 43.24 -23.07
CA GLU A 926 -9.73 43.80 -24.40
C GLU A 926 -8.44 44.46 -24.85
N PHE A 927 -7.37 44.35 -24.08
CA PHE A 927 -6.06 44.81 -24.50
C PHE A 927 -5.10 43.68 -24.77
N ALA A 928 -5.52 42.43 -24.56
CA ALA A 928 -4.63 41.31 -24.76
C ALA A 928 -4.50 40.91 -26.22
N THR A 929 -5.29 41.49 -27.11
CA THR A 929 -5.21 41.12 -28.51
C THR A 929 -3.94 41.66 -29.14
N VAL A 930 -3.37 40.88 -30.07
CA VAL A 930 -2.17 41.33 -30.74
C VAL A 930 -2.49 42.45 -31.73
N ASP A 931 -3.75 42.58 -32.14
CA ASP A 931 -4.13 43.67 -33.02
C ASP A 931 -4.14 44.99 -32.28
N LYS A 932 -4.41 44.97 -30.98
CA LYS A 932 -4.26 46.18 -30.19
C LYS A 932 -2.81 46.62 -30.12
N PHE A 933 -1.88 45.67 -30.07
CA PHE A 933 -0.47 45.98 -29.96
C PHE A 933 0.16 46.36 -31.28
N ASN A 934 -0.63 46.66 -32.30
CA ASN A 934 -0.10 46.98 -33.61
C ASN A 934 -0.81 48.22 -34.14
N THR A 935 -2.00 48.49 -33.64
CA THR A 935 -2.88 49.49 -34.24
C THR A 935 -2.60 50.90 -33.78
N THR A 936 -1.54 51.12 -33.02
CA THR A 936 -1.35 52.41 -32.38
C THR A 936 -0.05 52.99 -32.93
N ALA A 937 0.04 53.06 -34.25
CA ALA A 937 1.23 53.59 -34.92
C ALA A 937 1.31 55.12 -34.92
N LEU A 938 0.56 55.80 -34.05
CA LEU A 938 0.71 57.24 -33.86
C LEU A 938 2.11 57.53 -33.31
N GLY A 939 2.89 58.28 -34.05
CA GLY A 939 4.30 58.42 -33.73
C GLY A 939 5.00 57.12 -34.03
N GLY A 940 5.38 56.39 -32.98
CA GLY A 940 5.85 55.03 -33.15
C GLY A 940 4.72 54.04 -33.02
N GLU A 941 5.04 52.77 -33.31
CA GLU A 941 4.08 51.70 -33.08
C GLU A 941 3.94 51.52 -31.58
N LYS A 942 2.99 52.23 -30.98
CA LYS A 942 3.05 52.51 -29.55
C LYS A 942 2.76 51.27 -28.72
N LEU A 943 1.61 50.65 -28.91
CA LEU A 943 1.18 49.60 -28.01
C LEU A 943 1.97 48.31 -28.22
N GLY A 944 2.73 48.22 -29.30
CA GLY A 944 3.78 47.23 -29.37
C GLY A 944 5.09 47.88 -29.05
N GLY A 945 5.84 48.24 -30.09
CA GLY A 945 7.15 48.82 -29.91
C GLY A 945 8.20 47.93 -30.51
N LEU A 946 9.44 48.06 -30.04
CA LEU A 946 10.49 47.19 -30.54
C LEU A 946 10.36 45.77 -30.01
N TYR A 947 9.59 45.57 -28.96
CA TYR A 947 9.36 44.24 -28.41
C TYR A 947 8.20 43.53 -29.08
N PHE A 948 7.73 44.02 -30.22
CA PHE A 948 6.50 43.49 -30.80
C PHE A 948 6.68 42.09 -31.36
N ASP A 949 7.88 41.75 -31.82
CA ASP A 949 8.08 40.47 -32.47
C ASP A 949 8.06 39.33 -31.46
N GLY A 950 8.59 39.56 -30.26
CA GLY A 950 8.52 38.55 -29.24
C GLY A 950 7.14 38.43 -28.64
N LEU A 951 6.47 39.57 -28.44
CA LEU A 951 5.14 39.54 -27.84
C LEU A 951 4.08 39.02 -28.80
N SER A 952 4.38 38.98 -30.09
CA SER A 952 3.45 38.41 -31.05
C SER A 952 3.25 36.92 -30.84
N SER A 953 4.20 36.24 -30.21
CA SER A 953 4.03 34.83 -29.91
C SER A 953 3.20 34.61 -28.66
N LEU A 954 3.15 35.57 -27.75
CA LEU A 954 2.46 35.38 -26.49
C LEU A 954 1.04 35.91 -26.47
N LEU A 955 0.71 36.85 -27.33
CA LEU A 955 -0.63 37.38 -27.17
C LEU A 955 -1.59 36.78 -28.19
N PRO A 956 -2.84 36.60 -27.82
CA PRO A 956 -3.79 36.01 -28.76
C PRO A 956 -4.15 36.99 -29.85
N PRO A 957 -4.50 36.51 -31.04
CA PRO A 957 -4.88 37.44 -32.12
C PRO A 957 -6.22 38.12 -31.91
N ARG A 958 -7.25 37.34 -31.59
CA ARG A 958 -8.57 37.88 -31.29
C ARG A 958 -8.84 37.71 -29.81
N VAL A 959 -9.89 38.39 -29.35
CA VAL A 959 -10.24 38.35 -27.94
C VAL A 959 -10.86 36.98 -27.64
N GLY A 960 -10.03 36.11 -27.11
CA GLY A 960 -10.42 34.79 -26.66
C GLY A 960 -10.12 33.74 -27.69
N MET A 961 -8.93 33.16 -27.57
CA MET A 961 -8.37 32.01 -28.27
C MET A 961 -6.96 31.88 -27.73
N ARG A 962 -6.33 30.74 -27.97
CA ARG A 962 -4.99 30.55 -27.45
C ARG A 962 -3.99 31.20 -28.39
N SER A 963 -2.86 31.62 -27.84
CA SER A 963 -1.85 32.33 -28.62
C SER A 963 -0.96 31.32 -29.33
N ALA A 964 0.16 31.81 -29.87
CA ALA A 964 1.02 30.97 -30.69
C ALA A 964 1.74 29.93 -29.84
N VAL A 965 2.10 30.27 -28.62
CA VAL A 965 2.93 29.39 -27.81
C VAL A 965 2.12 28.21 -27.29
N GLU A 966 0.91 28.47 -26.81
CA GLU A 966 0.06 27.38 -26.35
C GLU A 966 -0.37 26.49 -27.50
N ASP A 967 -0.50 27.06 -28.70
CA ASP A 967 -0.82 26.23 -29.86
C ASP A 967 0.32 25.29 -30.19
N LEU A 968 1.56 25.69 -29.92
CA LEU A 968 2.64 24.72 -30.01
C LEU A 968 2.59 23.75 -28.85
N LEU A 969 2.14 24.21 -27.68
CA LEU A 969 2.09 23.36 -26.51
C LEU A 969 1.01 22.30 -26.63
N PHE A 970 -0.19 22.70 -27.03
CA PHE A 970 -1.28 21.75 -27.11
C PHE A 970 -1.21 20.88 -28.35
N ASN A 971 -0.22 21.06 -29.20
CA ASN A 971 0.14 20.06 -30.20
C ASN A 971 1.21 19.12 -29.67
N LYS A 972 1.50 19.15 -28.38
CA LYS A 972 2.41 18.20 -27.76
C LYS A 972 1.76 17.49 -26.58
N VAL A 973 0.44 17.51 -26.50
CA VAL A 973 -0.31 16.68 -25.57
C VAL A 973 -1.21 15.67 -26.28
N VAL A 974 -1.76 16.04 -27.45
CA VAL A 974 -2.49 15.08 -28.24
C VAL A 974 -1.53 14.18 -29.01
N THR A 975 -0.46 14.76 -29.53
CA THR A 975 0.64 14.00 -30.11
C THR A 975 1.49 13.33 -29.04
N SER A 976 1.28 13.66 -27.76
CA SER A 976 1.79 12.80 -26.69
C SER A 976 1.05 11.47 -26.63
N GLY A 977 -0.16 11.41 -27.18
CA GLY A 977 -0.88 10.16 -27.32
C GLY A 977 -2.17 10.12 -26.53
N LEU A 978 -2.71 11.28 -26.19
CA LEU A 978 -3.89 11.36 -25.32
C LEU A 978 -4.92 12.33 -25.85
N GLY A 979 -5.89 12.68 -25.00
CA GLY A 979 -6.74 13.83 -25.23
C GLY A 979 -8.22 13.58 -25.50
N THR A 980 -9.02 13.73 -24.45
CA THR A 980 -10.45 14.00 -24.55
C THR A 980 -10.87 14.67 -23.25
N VAL A 981 -11.67 15.74 -23.34
CA VAL A 981 -12.06 16.50 -22.16
C VAL A 981 -13.56 16.73 -22.06
N ASP A 982 -14.31 16.69 -23.16
CA ASP A 982 -15.73 17.03 -23.15
C ASP A 982 -16.53 15.76 -22.89
N ASP A 983 -16.41 15.26 -21.67
CA ASP A 983 -17.03 14.01 -21.27
C ASP A 983 -18.49 14.27 -20.91
N ASP A 984 -19.39 13.97 -21.85
CA ASP A 984 -20.80 14.00 -21.53
C ASP A 984 -21.20 12.70 -20.88
N TYR A 985 -21.98 12.80 -19.82
CA TYR A 985 -22.49 11.61 -19.17
C TYR A 985 -23.90 11.27 -19.61
N LYS A 986 -24.56 12.17 -20.34
CA LYS A 986 -25.88 11.82 -20.87
C LYS A 986 -25.78 10.75 -21.92
N LYS A 987 -24.68 10.73 -22.68
CA LYS A 987 -24.47 9.66 -23.64
C LYS A 987 -24.18 8.33 -22.97
N CYS A 988 -23.72 8.35 -21.72
CA CYS A 988 -23.36 7.10 -21.05
C CYS A 988 -24.59 6.29 -20.71
N SER A 989 -25.67 6.95 -20.31
CA SER A 989 -26.91 6.24 -19.99
C SER A 989 -27.86 6.22 -21.17
N ALA A 990 -27.40 5.81 -22.32
CA ALA A 990 -28.34 5.77 -23.44
C ALA A 990 -28.38 4.42 -24.11
N GLY A 991 -27.24 3.75 -24.27
CA GLY A 991 -27.24 2.47 -24.93
C GLY A 991 -27.32 2.56 -26.43
N THR A 992 -26.86 3.67 -27.02
CA THR A 992 -26.87 3.79 -28.47
C THR A 992 -25.75 2.97 -29.10
N ASP A 993 -24.59 2.94 -28.46
CA ASP A 993 -23.46 2.19 -28.97
C ASP A 993 -22.89 1.33 -27.86
N VAL A 994 -21.91 0.50 -28.22
CA VAL A 994 -21.10 -0.17 -27.22
C VAL A 994 -20.29 0.89 -26.48
N ALA A 995 -20.06 0.66 -25.20
CA ALA A 995 -19.64 1.71 -24.29
C ALA A 995 -18.23 2.20 -24.57
N ASP A 996 -18.06 3.50 -24.42
CA ASP A 996 -16.76 4.16 -24.47
C ASP A 996 -15.95 3.76 -23.23
N LEU A 997 -14.63 3.91 -23.33
CA LEU A 997 -13.74 3.77 -22.18
C LEU A 997 -14.15 4.67 -21.02
N VAL A 998 -14.56 5.90 -21.32
CA VAL A 998 -14.95 6.82 -20.25
C VAL A 998 -16.26 6.37 -19.61
N CYS A 999 -17.22 5.95 -20.42
CA CYS A 999 -18.49 5.49 -19.86
C CYS A 999 -18.35 4.19 -19.10
N ALA A 1000 -17.34 3.38 -19.43
CA ALA A 1000 -17.12 2.16 -18.69
C ALA A 1000 -16.60 2.44 -17.29
N GLN A 1001 -15.88 3.54 -17.11
CA GLN A 1001 -15.44 3.89 -15.78
C GLN A 1001 -16.60 4.41 -14.93
N TYR A 1002 -17.59 4.99 -15.57
CA TYR A 1002 -18.73 5.48 -14.83
C TYR A 1002 -19.58 4.35 -14.31
N TYR A 1003 -19.58 3.22 -15.00
CA TYR A 1003 -20.40 2.11 -14.58
C TYR A 1003 -19.90 1.47 -13.30
N ASN A 1004 -18.61 1.62 -13.01
CA ASN A 1004 -18.06 1.12 -11.77
C ASN A 1004 -17.91 2.20 -10.72
N GLY A 1005 -18.77 3.22 -10.78
CA GLY A 1005 -18.84 4.20 -9.71
C GLY A 1005 -17.67 5.14 -9.62
N ILE A 1006 -16.98 5.38 -10.73
CA ILE A 1006 -15.85 6.29 -10.76
C ILE A 1006 -16.20 7.43 -11.70
N MET A 1007 -16.43 8.60 -11.16
CA MET A 1007 -16.80 9.77 -11.92
C MET A 1007 -15.55 10.61 -12.14
N VAL A 1008 -15.15 10.77 -13.39
CA VAL A 1008 -14.12 11.75 -13.71
C VAL A 1008 -14.82 13.09 -13.84
N LEU A 1009 -14.69 13.92 -12.83
CA LEU A 1009 -15.35 15.21 -12.81
C LEU A 1009 -14.70 16.13 -13.84
N PRO A 1010 -15.41 17.18 -14.27
CA PRO A 1010 -14.76 18.19 -15.12
C PRO A 1010 -13.71 18.94 -14.33
N GLY A 1011 -12.75 19.48 -15.07
CA GLY A 1011 -11.72 20.28 -14.43
C GLY A 1011 -12.33 21.51 -13.78
N VAL A 1012 -11.81 21.85 -12.60
CA VAL A 1012 -12.39 22.93 -11.82
C VAL A 1012 -12.15 24.27 -12.51
N VAL A 1013 -11.07 24.37 -13.27
CA VAL A 1013 -10.88 25.48 -14.19
C VAL A 1013 -10.63 24.88 -15.56
N ASP A 1014 -11.42 25.28 -16.54
CA ASP A 1014 -11.27 24.71 -17.87
C ASP A 1014 -10.12 25.37 -18.62
N TYR A 1015 -9.97 25.00 -19.89
CA TYR A 1015 -8.97 25.64 -20.71
C TYR A 1015 -9.37 27.06 -21.08
N ASN A 1016 -10.66 27.35 -21.07
CA ASN A 1016 -11.09 28.67 -21.51
C ASN A 1016 -10.89 29.72 -20.43
N LYS A 1017 -11.14 29.38 -19.18
CA LYS A 1017 -10.92 30.36 -18.11
C LYS A 1017 -9.44 30.61 -17.90
N MET A 1018 -8.61 29.58 -18.06
CA MET A 1018 -7.17 29.77 -17.99
C MET A 1018 -6.70 30.67 -19.12
N ALA A 1019 -7.30 30.54 -20.29
CA ALA A 1019 -6.98 31.46 -21.37
C ALA A 1019 -7.46 32.85 -21.06
N MET A 1020 -8.57 32.98 -20.36
CA MET A 1020 -9.03 34.31 -19.97
C MET A 1020 -8.21 34.88 -18.83
N TYR A 1021 -7.76 34.02 -17.91
CA TYR A 1021 -7.08 34.51 -16.73
C TYR A 1021 -5.69 35.04 -17.06
N THR A 1022 -4.93 34.29 -17.84
CA THR A 1022 -3.60 34.72 -18.20
C THR A 1022 -3.63 35.93 -19.12
N ALA A 1023 -4.61 35.98 -20.02
CA ALA A 1023 -4.72 37.13 -20.89
C ALA A 1023 -5.15 38.37 -20.14
N SER A 1024 -5.84 38.21 -19.02
CA SER A 1024 -6.14 39.38 -18.21
C SER A 1024 -4.89 39.88 -17.49
N LEU A 1025 -3.94 39.00 -17.21
CA LEU A 1025 -2.76 39.41 -16.46
C LEU A 1025 -1.83 40.24 -17.32
N ILE A 1026 -1.68 39.87 -18.60
CA ILE A 1026 -0.81 40.63 -19.47
C ILE A 1026 -1.41 41.97 -19.81
N GLY A 1027 -2.73 42.08 -19.79
CA GLY A 1027 -3.39 43.35 -20.02
C GLY A 1027 -3.17 44.35 -18.91
N GLY A 1028 -2.78 43.90 -17.72
CA GLY A 1028 -2.45 44.82 -16.65
C GLY A 1028 -1.20 45.62 -16.89
N MET A 1029 -0.35 45.17 -17.82
CA MET A 1029 0.83 45.95 -18.14
C MET A 1029 0.54 47.02 -19.18
N ALA A 1030 -0.39 46.76 -20.10
CA ALA A 1030 -0.75 47.78 -21.06
C ALA A 1030 -1.73 48.80 -20.49
N LEU A 1031 -2.39 48.47 -19.41
CA LEU A 1031 -3.43 49.31 -18.84
C LEU A 1031 -2.94 49.89 -17.52
N GLY A 1032 -2.98 51.20 -17.40
CA GLY A 1032 -2.65 51.82 -16.13
C GLY A 1032 -3.73 52.73 -15.61
N SER A 1033 -4.53 53.29 -16.52
CA SER A 1033 -5.55 54.26 -16.17
C SER A 1033 -6.91 53.61 -16.38
N ILE A 1034 -7.74 53.63 -15.33
CA ILE A 1034 -9.01 52.95 -15.39
C ILE A 1034 -9.98 53.70 -16.30
N THR A 1035 -10.17 54.99 -16.04
CA THR A 1035 -11.22 55.77 -16.68
C THR A 1035 -10.75 56.50 -17.92
N SER A 1036 -9.71 55.98 -18.59
CA SER A 1036 -9.32 56.46 -19.91
C SER A 1036 -8.81 55.27 -20.70
N ALA A 1037 -9.44 55.01 -21.84
CA ALA A 1037 -9.13 53.85 -22.65
C ALA A 1037 -7.85 53.99 -23.46
N VAL A 1038 -7.14 55.12 -23.34
CA VAL A 1038 -5.81 55.20 -23.90
C VAL A 1038 -4.88 54.28 -23.13
N ALA A 1039 -3.87 53.75 -23.80
CA ALA A 1039 -2.99 52.77 -23.19
C ALA A 1039 -1.54 53.21 -23.28
N VAL A 1040 -0.74 52.66 -22.38
CA VAL A 1040 0.66 53.06 -22.26
C VAL A 1040 1.49 52.23 -23.24
N PRO A 1041 2.44 52.82 -23.94
CA PRO A 1041 3.35 52.02 -24.76
C PRO A 1041 4.21 51.13 -23.91
N PHE A 1042 4.53 49.96 -24.46
CA PHE A 1042 5.27 48.97 -23.70
C PHE A 1042 6.71 49.35 -23.47
N SER A 1043 7.27 50.23 -24.31
CA SER A 1043 8.61 50.71 -24.07
C SER A 1043 8.66 51.62 -22.84
N MET A 1044 7.55 52.27 -22.53
CA MET A 1044 7.49 53.02 -21.27
C MET A 1044 7.41 52.08 -20.09
N GLN A 1045 6.85 50.89 -20.29
CA GLN A 1045 6.70 49.94 -19.20
C GLN A 1045 8.04 49.40 -18.75
N VAL A 1046 8.92 49.10 -19.70
CA VAL A 1046 10.23 48.57 -19.34
C VAL A 1046 11.11 49.66 -18.76
N GLN A 1047 11.06 50.84 -19.37
CA GLN A 1047 11.85 51.98 -18.91
C GLN A 1047 11.46 52.39 -17.49
N ALA A 1048 10.20 52.21 -17.13
CA ALA A 1048 9.82 52.42 -15.74
C ALA A 1048 10.39 51.34 -14.84
N ARG A 1049 10.35 50.09 -15.28
CA ARG A 1049 10.80 48.99 -14.44
C ARG A 1049 12.30 48.93 -14.29
N LEU A 1050 13.05 49.68 -15.08
CA LEU A 1050 14.47 49.81 -14.81
C LEU A 1050 14.74 50.74 -13.64
N ASN A 1051 13.85 51.68 -13.38
CA ASN A 1051 14.12 52.69 -12.37
C ASN A 1051 14.01 52.15 -10.97
N TYR A 1052 13.26 51.09 -10.75
CA TYR A 1052 13.15 50.55 -9.41
C TYR A 1052 14.40 49.80 -9.00
N VAL A 1053 15.19 49.33 -9.95
CA VAL A 1053 16.49 48.78 -9.59
C VAL A 1053 17.46 49.90 -9.26
N ALA A 1054 17.56 50.89 -10.13
CA ALA A 1054 18.38 52.05 -9.88
C ALA A 1054 17.83 53.20 -10.70
N LEU A 1055 17.91 54.40 -10.14
CA LEU A 1055 17.32 55.58 -10.76
C LEU A 1055 18.10 55.95 -12.01
N GLN A 1056 17.50 55.71 -13.17
CA GLN A 1056 18.16 56.00 -14.43
C GLN A 1056 18.28 57.49 -14.65
N THR A 1057 19.50 57.97 -14.89
CA THR A 1057 19.71 59.39 -15.07
C THR A 1057 19.64 59.80 -16.53
N ASP A 1058 20.53 59.25 -17.35
CA ASP A 1058 20.51 59.50 -18.78
C ASP A 1058 20.10 58.22 -19.50
N VAL A 1059 19.11 58.34 -20.39
CA VAL A 1059 18.64 57.22 -21.17
C VAL A 1059 18.91 57.51 -22.64
N LEU A 1060 19.28 56.48 -23.38
CA LEU A 1060 19.61 56.60 -24.79
C LEU A 1060 18.76 55.65 -25.61
N GLN A 1061 18.64 55.96 -26.90
CA GLN A 1061 17.91 55.10 -27.81
C GLN A 1061 18.64 53.82 -28.11
N GLU A 1062 19.98 53.81 -27.98
CA GLU A 1062 20.74 52.59 -28.22
C GLU A 1062 20.47 51.53 -27.17
N ASN A 1063 20.18 51.95 -25.93
CA ASN A 1063 19.88 51.01 -24.86
C ASN A 1063 18.58 50.28 -25.12
N GLN A 1064 17.65 50.93 -25.81
CA GLN A 1064 16.39 50.27 -26.13
C GLN A 1064 16.58 49.16 -27.15
N LYS A 1065 17.56 49.32 -28.05
CA LYS A 1065 17.73 48.35 -29.12
C LYS A 1065 18.30 47.05 -28.60
N ILE A 1066 19.34 47.13 -27.76
CA ILE A 1066 20.04 45.92 -27.35
C ILE A 1066 19.20 45.12 -26.38
N LEU A 1067 18.33 45.77 -25.63
CA LEU A 1067 17.38 45.03 -24.81
C LEU A 1067 16.36 44.31 -25.69
N ALA A 1068 15.89 44.98 -26.73
CA ALA A 1068 14.80 44.44 -27.51
C ALA A 1068 15.25 43.30 -28.40
N ASN A 1069 16.41 43.43 -29.04
CA ASN A 1069 16.88 42.40 -29.93
C ASN A 1069 17.25 41.14 -29.17
N ALA A 1070 17.82 41.30 -27.98
CA ALA A 1070 18.09 40.14 -27.15
C ALA A 1070 16.80 39.55 -26.61
N PHE A 1071 15.77 40.37 -26.46
CA PHE A 1071 14.48 39.85 -26.04
C PHE A 1071 13.84 39.05 -27.16
N ASN A 1072 13.83 39.59 -28.37
CA ASN A 1072 13.16 38.92 -29.48
C ASN A 1072 13.89 37.65 -29.90
N ASN A 1073 15.22 37.64 -29.80
CA ASN A 1073 15.95 36.42 -30.08
C ASN A 1073 15.79 35.40 -28.98
N ALA A 1074 15.40 35.83 -27.78
CA ALA A 1074 15.15 34.87 -26.72
C ALA A 1074 13.85 34.11 -26.98
N ILE A 1075 12.83 34.80 -27.49
CA ILE A 1075 11.55 34.14 -27.70
C ILE A 1075 11.63 33.21 -28.89
N GLY A 1076 12.43 33.56 -29.89
CA GLY A 1076 12.56 32.70 -31.06
C GLY A 1076 13.26 31.39 -30.75
N ASN A 1077 14.28 31.45 -29.89
CA ASN A 1077 14.93 30.22 -29.45
C ASN A 1077 14.02 29.44 -28.53
N ILE A 1078 13.10 30.12 -27.85
CA ILE A 1078 12.08 29.41 -27.09
C ILE A 1078 11.10 28.74 -28.04
N THR A 1079 10.67 29.46 -29.07
CA THR A 1079 9.69 28.94 -30.02
C THR A 1079 10.26 27.78 -30.82
N LEU A 1080 11.55 27.83 -31.14
CA LEU A 1080 12.18 26.75 -31.90
C LEU A 1080 12.28 25.48 -31.08
N ALA A 1081 12.43 25.60 -29.77
CA ALA A 1081 12.51 24.42 -28.93
C ALA A 1081 11.16 23.75 -28.79
N LEU A 1082 10.07 24.47 -28.97
CA LEU A 1082 8.76 23.93 -28.63
C LEU A 1082 8.23 23.00 -29.72
N GLY A 1083 7.94 23.55 -30.88
CA GLY A 1083 7.24 22.80 -31.90
C GLY A 1083 8.02 22.69 -33.18
N LYS A 1084 9.33 22.96 -33.09
CA LYS A 1084 10.31 22.84 -34.16
C LYS A 1084 9.97 23.72 -35.38
N VAL A 1085 9.33 24.87 -35.17
CA VAL A 1085 9.10 25.83 -36.24
C VAL A 1085 9.48 27.23 -35.74
N SER A 1086 10.44 27.83 -36.44
CA SER A 1086 10.82 29.24 -36.31
C SER A 1086 11.58 29.63 -37.57
N ASN A 1087 12.17 30.81 -37.54
CA ASN A 1087 12.97 31.32 -38.66
C ASN A 1087 14.39 31.59 -38.16
N ALA A 1088 15.23 30.55 -38.17
CA ALA A 1088 16.63 30.66 -37.80
C ALA A 1088 17.40 29.62 -38.60
N ILE A 1089 18.68 29.45 -38.26
CA ILE A 1089 19.57 28.51 -38.95
C ILE A 1089 19.90 27.28 -38.08
N THR A 1090 20.64 27.50 -36.98
CA THR A 1090 20.96 26.49 -35.97
C THR A 1090 21.51 27.21 -34.75
N THR A 1091 20.92 27.00 -33.57
CA THR A 1091 21.39 27.69 -32.39
C THR A 1091 21.26 26.78 -31.19
N VAL A 1092 22.36 26.56 -30.48
CA VAL A 1092 22.40 25.76 -29.26
C VAL A 1092 22.68 26.71 -28.11
N SER A 1093 21.63 27.20 -27.48
CA SER A 1093 21.72 28.06 -26.32
C SER A 1093 21.41 27.26 -25.06
N ASP A 1094 21.29 27.96 -23.93
CA ASP A 1094 20.89 27.34 -22.68
C ASP A 1094 19.44 27.61 -22.31
N GLY A 1095 18.72 28.38 -23.14
CA GLY A 1095 17.28 28.52 -22.96
C GLY A 1095 16.52 27.25 -23.20
N PHE A 1096 17.12 26.32 -23.94
CA PHE A 1096 16.61 24.96 -24.03
C PHE A 1096 16.61 24.30 -22.65
N ASN A 1097 17.66 24.54 -21.86
CA ASN A 1097 17.78 23.90 -20.57
C ASN A 1097 16.76 24.42 -19.57
N SER A 1098 16.34 25.68 -19.70
CA SER A 1098 15.14 26.10 -19.01
C SER A 1098 13.91 25.44 -19.60
N MET A 1099 13.87 25.29 -20.92
CA MET A 1099 12.68 24.76 -21.57
C MET A 1099 12.55 23.26 -21.36
N ALA A 1100 13.68 22.55 -21.32
CA ALA A 1100 13.63 21.10 -21.14
C ALA A 1100 13.17 20.74 -19.74
N SER A 1101 13.36 21.63 -18.78
CA SER A 1101 12.80 21.41 -17.45
C SER A 1101 11.28 21.47 -17.50
N ALA A 1102 10.73 22.32 -18.35
CA ALA A 1102 9.29 22.44 -18.44
C ALA A 1102 8.68 21.28 -19.20
N LEU A 1103 9.21 20.99 -20.39
CA LEU A 1103 8.58 20.04 -21.28
C LEU A 1103 8.64 18.61 -20.74
N THR A 1104 9.61 18.32 -19.90
CA THR A 1104 9.57 17.06 -19.16
C THR A 1104 8.44 17.08 -18.15
N LYS A 1105 8.26 18.22 -17.47
CA LYS A 1105 7.31 18.27 -16.37
C LYS A 1105 5.88 18.25 -16.88
N ILE A 1106 5.60 18.96 -17.96
CA ILE A 1106 4.27 18.95 -18.54
C ILE A 1106 3.95 17.58 -19.11
N GLN A 1107 4.96 16.89 -19.62
CA GLN A 1107 4.74 15.55 -20.14
C GLN A 1107 4.33 14.57 -19.04
N SER A 1108 4.84 14.77 -17.83
CA SER A 1108 4.43 13.90 -16.75
C SER A 1108 3.04 14.20 -16.24
N VAL A 1109 2.65 15.47 -16.26
CA VAL A 1109 1.40 15.91 -15.61
C VAL A 1109 0.19 15.34 -16.33
N VAL A 1110 0.24 15.28 -17.66
CA VAL A 1110 -0.84 14.64 -18.39
C VAL A 1110 -0.81 13.13 -18.23
N ASN A 1111 0.29 12.57 -17.72
CA ASN A 1111 0.46 11.12 -17.65
C ASN A 1111 0.29 10.56 -16.25
N GLN A 1112 -0.61 11.11 -15.45
CA GLN A 1112 -0.97 10.55 -14.16
C GLN A 1112 -2.41 10.09 -14.10
N GLN A 1113 -3.30 11.02 -14.40
CA GLN A 1113 -4.75 10.90 -14.32
C GLN A 1113 -5.31 9.76 -15.15
N GLY A 1114 -4.69 9.41 -16.27
CA GLY A 1114 -5.19 8.29 -17.03
C GLY A 1114 -4.62 6.98 -16.62
N GLU A 1115 -3.77 6.98 -15.59
CA GLU A 1115 -2.99 5.81 -15.24
C GLU A 1115 -3.24 5.32 -13.84
N ALA A 1116 -3.59 6.19 -12.91
CA ALA A 1116 -3.98 5.72 -11.59
C ALA A 1116 -5.35 5.06 -11.64
N LEU A 1117 -6.24 5.58 -12.48
CA LEU A 1117 -7.58 5.02 -12.57
C LEU A 1117 -7.57 3.69 -13.30
N SER A 1118 -6.84 3.63 -14.42
CA SER A 1118 -6.82 2.41 -15.20
C SER A 1118 -6.08 1.29 -14.47
N HIS A 1119 -5.22 1.64 -13.52
CA HIS A 1119 -4.72 0.61 -12.63
C HIS A 1119 -5.77 0.20 -11.62
N LEU A 1120 -6.57 1.15 -11.15
CA LEU A 1120 -7.57 0.86 -10.14
C LEU A 1120 -8.73 0.07 -10.72
N ILE A 1121 -9.10 0.38 -11.96
CA ILE A 1121 -10.16 -0.36 -12.63
C ILE A 1121 -9.74 -1.79 -12.86
N SER A 1122 -8.50 -2.00 -13.29
CA SER A 1122 -8.02 -3.32 -13.61
C SER A 1122 -7.79 -4.20 -12.40
N GLN A 1123 -8.03 -3.72 -11.18
CA GLN A 1123 -8.04 -4.57 -10.01
C GLN A 1123 -9.42 -5.11 -9.70
N LEU A 1124 -10.34 -5.07 -10.66
CA LEU A 1124 -11.61 -5.75 -10.53
C LEU A 1124 -11.62 -7.07 -11.27
N GLN A 1125 -10.45 -7.61 -11.56
CA GLN A 1125 -10.34 -8.93 -12.14
C GLN A 1125 -9.46 -9.84 -11.32
N LYS A 1126 -8.95 -9.38 -10.20
CA LYS A 1126 -8.12 -10.19 -9.32
C LYS A 1126 -9.02 -10.81 -8.27
N ASN A 1127 -9.42 -12.04 -8.49
CA ASN A 1127 -10.13 -12.80 -7.46
C ASN A 1127 -9.18 -13.07 -6.30
N PHE A 1128 -9.33 -12.32 -5.22
CA PHE A 1128 -8.38 -12.41 -4.12
C PHE A 1128 -8.65 -13.70 -3.36
N GLN A 1129 -8.07 -14.79 -3.88
CA GLN A 1129 -8.20 -16.15 -3.33
C GLN A 1129 -9.67 -16.55 -3.23
N ALA A 1130 -10.39 -16.40 -4.32
CA ALA A 1130 -11.79 -16.79 -4.33
C ALA A 1130 -12.13 -17.51 -5.62
N ILE A 1131 -13.42 -17.72 -5.87
CA ILE A 1131 -13.85 -18.51 -7.01
C ILE A 1131 -13.71 -17.73 -8.30
N SER A 1132 -14.39 -16.59 -8.38
CA SER A 1132 -14.38 -15.79 -9.60
C SER A 1132 -14.36 -14.32 -9.23
N SER A 1133 -13.97 -13.50 -10.19
CA SER A 1133 -13.78 -12.08 -9.98
C SER A 1133 -15.05 -11.27 -10.11
N SER A 1134 -16.21 -11.92 -10.21
CA SER A 1134 -17.47 -11.20 -10.28
C SER A 1134 -18.40 -11.75 -9.21
N ILE A 1135 -19.14 -10.86 -8.58
CA ILE A 1135 -19.86 -11.20 -7.37
C ILE A 1135 -21.11 -12.00 -7.68
N ALA A 1136 -21.83 -11.63 -8.72
CA ALA A 1136 -23.06 -12.34 -9.06
C ALA A 1136 -22.80 -13.76 -9.56
N GLU A 1137 -21.57 -14.07 -9.96
CA GLU A 1137 -21.22 -15.46 -10.21
C GLU A 1137 -21.16 -16.24 -8.92
N ILE A 1138 -20.75 -15.61 -7.83
CA ILE A 1138 -20.54 -16.32 -6.58
C ILE A 1138 -21.88 -16.68 -5.95
N TYR A 1139 -22.83 -15.76 -5.99
CA TYR A 1139 -24.12 -16.04 -5.39
C TYR A 1139 -24.99 -16.97 -6.22
N ASN A 1140 -24.57 -17.32 -7.43
CA ASN A 1140 -25.27 -18.32 -8.21
C ASN A 1140 -24.51 -19.62 -8.27
N ARG A 1141 -23.69 -19.88 -7.33
CA ARG A 1141 -23.19 -21.23 -7.15
C ARG A 1141 -23.38 -21.71 -5.72
N LEU A 1142 -23.23 -20.82 -4.75
CA LEU A 1142 -23.22 -21.19 -3.35
C LEU A 1142 -24.45 -20.63 -2.64
N GLU A 1143 -24.72 -21.17 -1.46
CA GLU A 1143 -25.80 -20.65 -0.63
C GLU A 1143 -25.27 -19.56 0.29
N LYS A 1144 -26.21 -18.77 0.81
CA LYS A 1144 -25.88 -17.53 1.50
C LYS A 1144 -25.11 -17.77 2.78
N VAL A 1145 -25.28 -18.94 3.40
CA VAL A 1145 -24.54 -19.26 4.61
C VAL A 1145 -23.08 -19.52 4.34
N GLU A 1146 -22.72 -19.90 3.12
CA GLU A 1146 -21.33 -20.15 2.77
C GLU A 1146 -20.79 -19.26 1.67
N ALA A 1147 -21.64 -18.55 0.93
CA ALA A 1147 -21.12 -17.66 -0.10
C ALA A 1147 -20.58 -16.38 0.50
N ASP A 1148 -21.01 -16.03 1.70
CA ASP A 1148 -20.54 -14.82 2.35
C ASP A 1148 -19.07 -14.88 2.67
N ALA A 1149 -18.56 -16.07 3.02
CA ALA A 1149 -17.14 -16.22 3.29
C ALA A 1149 -16.32 -16.01 2.04
N GLN A 1150 -16.82 -16.46 0.89
CA GLN A 1150 -16.10 -16.26 -0.36
C GLN A 1150 -16.12 -14.80 -0.78
N VAL A 1151 -17.26 -14.13 -0.63
CA VAL A 1151 -17.36 -12.74 -1.05
C VAL A 1151 -16.70 -11.82 -0.05
N ASP A 1152 -16.38 -12.32 1.14
CA ASP A 1152 -15.67 -11.49 2.12
C ASP A 1152 -14.26 -11.16 1.64
N ARG A 1153 -13.60 -12.10 0.98
CA ARG A 1153 -12.28 -11.83 0.43
C ARG A 1153 -12.34 -10.87 -0.74
N LEU A 1154 -13.48 -10.78 -1.42
CA LEU A 1154 -13.62 -9.75 -2.43
C LEU A 1154 -13.72 -8.38 -1.80
N ILE A 1155 -14.44 -8.28 -0.68
CA ILE A 1155 -14.67 -6.98 -0.07
C ILE A 1155 -13.39 -6.43 0.52
N THR A 1156 -12.74 -7.21 1.39
CA THR A 1156 -11.52 -6.73 2.04
C THR A 1156 -10.38 -6.61 1.06
N GLY A 1157 -10.40 -7.38 -0.02
CA GLY A 1157 -9.41 -7.19 -1.07
C GLY A 1157 -9.65 -5.89 -1.82
N ARG A 1158 -10.90 -5.59 -2.14
CA ARG A 1158 -11.16 -4.39 -2.92
C ARG A 1158 -11.10 -3.15 -2.07
N LEU A 1159 -11.41 -3.25 -0.78
CA LEU A 1159 -11.31 -2.08 0.08
C LEU A 1159 -9.87 -1.65 0.28
N ALA A 1160 -8.93 -2.60 0.24
CA ALA A 1160 -7.53 -2.22 0.25
C ALA A 1160 -7.12 -1.61 -1.06
N ALA A 1161 -7.80 -1.96 -2.14
CA ALA A 1161 -7.46 -1.36 -3.43
C ALA A 1161 -7.89 0.09 -3.51
N LEU A 1162 -8.87 0.49 -2.72
CA LEU A 1162 -9.21 1.91 -2.66
C LEU A 1162 -8.17 2.68 -1.86
N ASN A 1163 -7.73 2.14 -0.74
CA ASN A 1163 -6.77 2.87 0.10
C ASN A 1163 -5.43 2.99 -0.59
N ALA A 1164 -5.09 2.05 -1.46
CA ALA A 1164 -3.94 2.24 -2.31
C ALA A 1164 -4.16 3.38 -3.29
N TYR A 1165 -5.40 3.60 -3.71
CA TYR A 1165 -5.65 4.70 -4.62
C TYR A 1165 -5.78 6.01 -3.86
N VAL A 1166 -6.40 5.98 -2.69
CA VAL A 1166 -6.68 7.21 -1.96
C VAL A 1166 -5.40 7.86 -1.46
N ALA A 1167 -4.50 7.06 -0.91
CA ALA A 1167 -3.24 7.59 -0.40
C ALA A 1167 -2.36 8.12 -1.51
N GLN A 1168 -2.46 7.56 -2.71
CA GLN A 1168 -1.75 8.13 -3.83
C GLN A 1168 -2.34 9.47 -4.24
N THR A 1169 -3.65 9.63 -4.08
CA THR A 1169 -4.27 10.88 -4.47
C THR A 1169 -3.96 11.98 -3.47
N LEU A 1170 -4.09 11.70 -2.18
CA LEU A 1170 -3.80 12.70 -1.16
C LEU A 1170 -2.33 13.08 -1.10
N THR A 1171 -1.46 12.24 -1.65
CA THR A 1171 -0.11 12.69 -1.95
C THR A 1171 -0.13 13.86 -2.92
N GLN A 1172 -0.92 13.75 -3.98
CA GLN A 1172 -0.88 14.77 -5.01
C GLN A 1172 -1.62 16.03 -4.60
N TYR A 1173 -2.68 15.91 -3.81
CA TYR A 1173 -3.41 17.09 -3.38
C TYR A 1173 -2.56 17.95 -2.47
N ALA A 1174 -1.79 17.32 -1.60
CA ALA A 1174 -0.91 18.07 -0.72
C ALA A 1174 0.31 18.57 -1.44
N GLU A 1175 0.73 17.88 -2.49
CA GLU A 1175 1.88 18.33 -3.25
C GLU A 1175 1.52 19.52 -4.11
N VAL A 1176 0.34 19.49 -4.72
CA VAL A 1176 -0.13 20.61 -5.53
C VAL A 1176 -0.35 21.83 -4.66
N LYS A 1177 -0.82 21.62 -3.42
CA LYS A 1177 -1.07 22.71 -2.49
C LYS A 1177 0.20 23.46 -2.11
N ALA A 1178 1.36 22.83 -2.26
CA ALA A 1178 2.59 23.59 -2.15
C ALA A 1178 2.85 24.38 -3.40
N SER A 1179 2.62 23.78 -4.57
CA SER A 1179 2.90 24.46 -5.82
C SER A 1179 1.91 25.57 -6.08
N ARG A 1180 0.65 25.37 -5.70
CA ARG A 1180 -0.34 26.42 -5.83
C ARG A 1180 -0.04 27.56 -4.87
N GLN A 1181 0.51 27.23 -3.71
CA GLN A 1181 1.00 28.26 -2.81
C GLN A 1181 2.17 29.00 -3.44
N LEU A 1182 2.99 28.30 -4.21
CA LEU A 1182 4.08 28.96 -4.90
C LEU A 1182 3.58 29.85 -6.02
N ALA A 1183 2.47 29.47 -6.65
CA ALA A 1183 1.98 30.25 -7.77
C ALA A 1183 1.38 31.57 -7.33
N MET A 1184 0.82 31.62 -6.12
CA MET A 1184 0.32 32.90 -5.62
C MET A 1184 1.44 33.87 -5.33
N GLU A 1185 2.60 33.37 -4.92
CA GLU A 1185 3.70 34.30 -4.68
C GLU A 1185 4.28 34.79 -5.99
N LYS A 1186 4.37 33.93 -6.98
CA LYS A 1186 4.96 34.34 -8.23
C LYS A 1186 4.04 35.24 -9.03
N VAL A 1187 2.73 35.03 -8.94
CA VAL A 1187 1.80 35.89 -9.64
C VAL A 1187 1.75 37.26 -8.99
N ASN A 1188 1.72 37.30 -7.67
CA ASN A 1188 1.56 38.57 -7.01
C ASN A 1188 2.86 39.36 -6.96
N GLU A 1189 3.97 38.74 -6.60
CA GLU A 1189 5.19 39.52 -6.47
C GLU A 1189 5.88 39.79 -7.79
N CYS A 1190 5.69 38.95 -8.79
CA CYS A 1190 6.49 39.07 -9.99
C CYS A 1190 5.70 39.44 -11.23
N VAL A 1191 4.53 38.83 -11.44
CA VAL A 1191 3.75 39.19 -12.61
C VAL A 1191 3.16 40.57 -12.45
N LYS A 1192 2.79 40.91 -11.23
CA LYS A 1192 2.18 42.20 -10.99
C LYS A 1192 3.11 43.24 -10.40
N SER A 1193 4.27 42.85 -9.87
CA SER A 1193 4.87 43.80 -8.94
C SER A 1193 6.36 44.04 -9.06
N GLN A 1194 7.11 43.29 -9.86
CA GLN A 1194 8.58 43.40 -9.98
C GLN A 1194 9.25 43.26 -8.60
N SER A 1195 9.19 42.04 -8.09
CA SER A 1195 9.77 41.73 -6.78
C SER A 1195 11.28 41.93 -6.77
N ASP A 1196 11.81 42.20 -5.59
CA ASP A 1196 13.22 42.49 -5.43
C ASP A 1196 13.95 41.43 -4.62
N ARG A 1197 13.32 40.31 -4.33
CA ARG A 1197 14.04 39.19 -3.76
C ARG A 1197 14.93 38.62 -4.84
N TYR A 1198 16.23 38.69 -4.64
CA TYR A 1198 17.18 38.22 -5.65
C TYR A 1198 17.05 36.72 -5.82
N GLY A 1199 17.13 36.26 -7.06
CA GLY A 1199 17.06 34.85 -7.34
C GLY A 1199 15.66 34.30 -7.47
N PHE A 1200 14.73 34.82 -6.68
CA PHE A 1200 13.34 34.46 -6.87
C PHE A 1200 12.83 35.04 -8.17
N CYS A 1201 11.94 34.29 -8.83
CA CYS A 1201 11.38 34.63 -10.13
C CYS A 1201 12.46 34.84 -11.17
N GLY A 1202 13.15 33.72 -11.47
CA GLY A 1202 14.14 33.66 -12.52
C GLY A 1202 15.51 33.38 -11.97
N ASN A 1203 16.49 34.15 -12.44
CA ASN A 1203 17.88 33.97 -12.06
C ASN A 1203 18.53 35.33 -12.23
N GLY A 1204 18.63 36.06 -11.15
CA GLY A 1204 19.12 37.41 -11.21
C GLY A 1204 18.01 38.42 -10.95
N THR A 1205 18.31 39.66 -11.28
CA THR A 1205 17.40 40.75 -10.97
C THR A 1205 16.21 40.74 -11.91
N HIS A 1206 15.02 40.77 -11.34
CA HIS A 1206 13.79 40.56 -12.08
C HIS A 1206 13.31 41.87 -12.71
N LEU A 1207 13.04 41.85 -14.00
CA LEU A 1207 12.47 43.02 -14.68
C LEU A 1207 10.96 42.94 -14.78
N PHE A 1208 10.44 41.92 -15.45
CA PHE A 1208 9.02 41.66 -15.51
C PHE A 1208 8.85 40.19 -15.79
N SER A 1209 7.60 39.78 -16.01
CA SER A 1209 7.32 38.38 -16.25
C SER A 1209 5.97 38.25 -16.91
N LEU A 1210 5.90 37.44 -17.95
CA LEU A 1210 4.68 37.20 -18.69
C LEU A 1210 4.29 35.75 -18.53
N VAL A 1211 2.99 35.49 -18.54
CA VAL A 1211 2.45 34.17 -18.27
C VAL A 1211 1.69 33.68 -19.49
N ASN A 1212 1.50 32.38 -19.57
CA ASN A 1212 0.61 31.77 -20.54
C ASN A 1212 -0.01 30.55 -19.91
N SER A 1213 -1.11 30.11 -20.52
CA SER A 1213 -1.72 28.90 -20.02
C SER A 1213 -0.89 27.69 -20.40
N ALA A 1214 -1.20 26.58 -19.75
CA ALA A 1214 -0.51 25.32 -19.95
C ALA A 1214 -1.45 24.23 -19.48
N PRO A 1215 -1.16 22.96 -19.78
CA PRO A 1215 -1.98 21.89 -19.20
C PRO A 1215 -1.88 21.85 -17.69
N ASP A 1216 -2.96 22.29 -17.03
CA ASP A 1216 -3.12 22.30 -15.58
C ASP A 1216 -2.02 23.13 -14.90
N GLY A 1217 -2.02 24.41 -15.20
CA GLY A 1217 -1.11 25.30 -14.52
C GLY A 1217 -0.61 26.38 -15.46
N LEU A 1218 0.25 27.22 -14.92
CA LEU A 1218 0.74 28.38 -15.66
C LEU A 1218 2.12 28.09 -16.21
N LEU A 1219 2.54 28.93 -17.15
CA LEU A 1219 3.86 28.86 -17.74
C LEU A 1219 4.44 30.26 -17.71
N PHE A 1220 5.47 30.46 -16.89
CA PHE A 1220 6.00 31.78 -16.67
C PHE A 1220 7.11 32.09 -17.65
N PHE A 1221 7.36 33.38 -17.84
CA PHE A 1221 8.47 33.84 -18.67
C PHE A 1221 9.15 34.96 -17.90
N HIS A 1222 10.09 34.60 -17.04
CA HIS A 1222 10.81 35.61 -16.28
C HIS A 1222 11.86 36.27 -17.16
N THR A 1223 11.95 37.57 -17.08
CA THR A 1223 12.93 38.33 -17.84
C THR A 1223 13.89 38.96 -16.85
N VAL A 1224 15.12 38.46 -16.80
CA VAL A 1224 16.07 38.93 -15.82
C VAL A 1224 17.08 39.85 -16.49
N LEU A 1225 17.78 40.62 -15.68
CA LEU A 1225 18.86 41.44 -16.18
C LEU A 1225 20.15 40.65 -16.21
N LEU A 1226 21.07 41.07 -17.08
CA LEU A 1226 22.34 40.43 -17.18
C LEU A 1226 23.32 41.52 -17.54
N PRO A 1227 24.40 41.66 -16.80
CA PRO A 1227 25.43 42.63 -17.17
C PRO A 1227 26.45 42.00 -18.09
N THR A 1228 27.08 42.86 -18.88
CA THR A 1228 28.11 42.43 -19.81
C THR A 1228 29.45 43.09 -19.55
N GLU A 1229 29.47 44.40 -19.34
CA GLU A 1229 30.72 45.12 -19.14
C GLU A 1229 30.81 45.57 -17.70
N TRP A 1230 31.96 46.15 -17.36
CA TRP A 1230 32.18 46.62 -16.01
C TRP A 1230 33.01 47.89 -16.05
N GLU A 1231 33.28 48.43 -14.87
CA GLU A 1231 34.06 49.65 -14.75
C GLU A 1231 35.02 49.52 -13.58
N GLU A 1232 36.29 49.37 -13.87
CA GLU A 1232 37.31 49.42 -12.82
C GLU A 1232 37.42 50.87 -12.38
N VAL A 1233 37.02 51.14 -11.14
CA VAL A 1233 36.89 52.50 -10.64
C VAL A 1233 37.32 52.52 -9.17
N THR A 1234 38.22 53.44 -8.83
CA THR A 1234 38.57 53.66 -7.44
C THR A 1234 37.48 54.45 -6.74
N ALA A 1235 37.26 54.15 -5.47
CA ALA A 1235 36.10 54.66 -4.76
C ALA A 1235 36.49 55.26 -3.42
N TRP A 1236 35.56 56.03 -2.86
CA TRP A 1236 35.58 56.42 -1.47
C TRP A 1236 34.16 56.37 -0.97
N SER A 1237 33.97 56.63 0.31
CA SER A 1237 32.64 56.58 0.90
C SER A 1237 32.42 57.75 1.83
N GLY A 1238 32.85 58.94 1.41
CA GLY A 1238 32.61 60.14 2.17
C GLY A 1238 33.81 61.06 2.19
N ILE A 1239 33.55 62.27 2.68
CA ILE A 1239 34.48 63.38 2.60
C ILE A 1239 34.80 63.84 4.02
N CYS A 1240 36.07 64.03 4.31
CA CYS A 1240 36.51 64.80 5.47
C CYS A 1240 37.25 66.03 4.97
N VAL A 1241 36.77 67.20 5.35
CA VAL A 1241 37.32 68.46 4.88
C VAL A 1241 38.15 69.10 5.98
N ASN A 1242 39.44 69.33 5.67
CA ASN A 1242 40.41 70.03 6.51
C ASN A 1242 40.57 69.41 7.89
N ASP A 1243 40.29 68.10 7.98
CA ASP A 1243 40.29 67.31 9.21
C ASP A 1243 39.39 67.87 10.31
N THR A 1244 38.34 68.58 9.94
CA THR A 1244 37.37 69.09 10.92
C THR A 1244 36.02 68.43 10.76
N TYR A 1245 35.42 68.54 9.58
CA TYR A 1245 34.05 68.09 9.37
C TYR A 1245 34.07 66.75 8.65
N ALA A 1246 33.24 65.83 9.10
CA ALA A 1246 33.05 64.57 8.43
C ALA A 1246 31.76 64.62 7.64
N TYR A 1247 31.73 63.92 6.52
CA TYR A 1247 30.52 63.80 5.71
C TYR A 1247 30.40 62.37 5.24
N LEU A 1248 29.25 61.77 5.47
CA LEU A 1248 28.99 60.41 5.07
C LEU A 1248 27.80 60.40 4.14
N LEU A 1249 27.82 59.50 3.17
CA LEU A 1249 26.73 59.37 2.23
C LEU A 1249 25.48 58.83 2.92
N LYS A 1250 24.34 59.45 2.64
CA LYS A 1250 23.09 59.10 3.31
C LYS A 1250 22.66 57.71 2.93
N ASP A 1251 22.46 57.47 1.65
CA ASP A 1251 22.36 56.11 1.15
C ASP A 1251 23.70 55.42 1.35
N PHE A 1252 23.67 54.19 1.82
CA PHE A 1252 24.89 53.43 1.90
C PHE A 1252 25.26 52.79 0.57
N ASP A 1253 24.27 52.55 -0.28
CA ASP A 1253 24.54 51.95 -1.58
C ASP A 1253 25.28 52.89 -2.51
N HIS A 1254 25.17 54.19 -2.27
CA HIS A 1254 25.90 55.12 -3.11
C HIS A 1254 27.38 55.09 -2.78
N SER A 1255 28.16 55.63 -3.70
CA SER A 1255 29.60 55.70 -3.51
C SER A 1255 30.12 56.83 -4.36
N ILE A 1256 31.18 57.46 -3.91
CA ILE A 1256 31.73 58.65 -4.55
C ILE A 1256 33.05 58.27 -5.21
N PHE A 1257 33.33 58.90 -6.35
CA PHE A 1257 34.48 58.54 -7.16
C PHE A 1257 34.75 59.64 -8.16
N SER A 1258 36.02 59.79 -8.52
CA SER A 1258 36.41 60.71 -9.56
C SER A 1258 36.27 60.06 -10.91
N TYR A 1259 35.99 60.87 -11.92
CA TYR A 1259 35.62 60.34 -13.24
C TYR A 1259 36.12 61.35 -14.26
N ASN A 1260 37.32 61.09 -14.79
CA ASN A 1260 38.06 62.00 -15.66
C ASN A 1260 38.19 63.38 -15.01
N GLY A 1261 38.77 63.38 -13.82
CA GLY A 1261 38.99 64.60 -13.08
C GLY A 1261 37.75 65.22 -12.47
N THR A 1262 36.60 64.56 -12.57
CA THR A 1262 35.35 65.10 -12.05
C THR A 1262 34.76 64.08 -11.10
N TYR A 1263 34.37 64.53 -9.91
CA TYR A 1263 33.88 63.63 -8.88
C TYR A 1263 32.39 63.43 -9.06
N MET A 1264 31.97 62.18 -9.18
CA MET A 1264 30.56 61.83 -9.31
C MET A 1264 30.18 60.83 -8.24
N VAL A 1265 28.89 60.55 -8.17
CA VAL A 1265 28.32 59.63 -7.20
C VAL A 1265 27.34 58.72 -7.94
N THR A 1266 27.40 57.43 -7.64
CA THR A 1266 26.55 56.47 -8.32
C THR A 1266 26.16 55.40 -7.32
N PRO A 1267 25.06 54.70 -7.57
CA PRO A 1267 24.84 53.44 -6.87
C PRO A 1267 25.86 52.42 -7.33
N ARG A 1268 26.08 51.43 -6.49
CA ARG A 1268 26.93 50.33 -6.88
C ARG A 1268 26.17 49.24 -7.61
N ASN A 1269 24.91 49.47 -7.94
CA ASN A 1269 24.19 48.52 -8.78
C ASN A 1269 24.48 48.76 -10.26
N MET A 1270 24.14 49.95 -10.74
CA MET A 1270 24.38 50.31 -12.13
C MET A 1270 25.36 51.47 -12.21
N PHE A 1271 25.93 51.65 -13.39
CA PHE A 1271 26.80 52.80 -13.59
C PHE A 1271 25.94 53.96 -14.07
N GLN A 1272 25.31 54.61 -13.11
CA GLN A 1272 24.47 55.78 -13.37
C GLN A 1272 25.07 56.95 -12.60
N PRO A 1273 26.06 57.62 -13.17
CA PRO A 1273 26.71 58.71 -12.45
C PRO A 1273 25.90 59.98 -12.49
N ARG A 1274 26.12 60.82 -11.49
CA ARG A 1274 25.55 62.15 -11.44
C ARG A 1274 26.37 62.98 -10.49
N LYS A 1275 26.22 64.28 -10.59
CA LYS A 1275 26.89 65.16 -9.67
C LYS A 1275 26.23 65.09 -8.31
N PRO A 1276 26.96 65.29 -7.23
CA PRO A 1276 26.36 65.24 -5.90
C PRO A 1276 25.74 66.56 -5.51
N GLN A 1277 24.76 66.46 -4.61
CA GLN A 1277 24.19 67.62 -3.95
C GLN A 1277 24.41 67.47 -2.45
N MET A 1278 24.16 68.56 -1.74
CA MET A 1278 24.41 68.57 -0.30
C MET A 1278 23.43 67.73 0.49
N SER A 1279 22.33 67.32 -0.12
CA SER A 1279 21.32 66.52 0.56
C SER A 1279 21.67 65.05 0.60
N ASP A 1280 22.83 64.66 0.09
CA ASP A 1280 23.26 63.28 0.11
C ASP A 1280 24.35 63.04 1.13
N PHE A 1281 24.71 64.06 1.90
CA PHE A 1281 25.83 64.00 2.82
C PHE A 1281 25.31 64.23 4.22
N VAL A 1282 25.49 63.26 5.08
CA VAL A 1282 25.14 63.40 6.48
C VAL A 1282 26.40 63.73 7.25
N GLN A 1283 26.30 64.66 8.19
CA GLN A 1283 27.46 65.19 8.87
C GLN A 1283 27.67 64.44 10.19
N ILE A 1284 28.86 63.90 10.37
CA ILE A 1284 29.27 63.27 11.63
C ILE A 1284 30.59 63.90 12.04
N THR A 1285 31.26 63.33 13.05
CA THR A 1285 32.38 64.00 13.68
C THR A 1285 33.73 63.30 13.56
N SER A 1286 33.83 62.14 12.92
CA SER A 1286 35.04 61.35 13.03
C SER A 1286 35.98 61.48 11.83
N CYS A 1287 35.50 61.11 10.64
CA CYS A 1287 36.24 61.09 9.37
C CYS A 1287 37.56 60.31 9.47
N GLU A 1288 37.40 58.99 9.60
CA GLU A 1288 38.53 58.08 9.64
C GLU A 1288 39.24 57.96 8.30
N VAL A 1289 40.22 57.07 8.22
CA VAL A 1289 41.12 56.98 7.07
C VAL A 1289 40.43 56.41 5.84
N THR A 1290 39.23 55.87 6.01
CA THR A 1290 38.46 55.28 4.94
C THR A 1290 37.92 56.34 3.96
N PHE A 1291 37.97 57.60 4.35
CA PHE A 1291 37.30 58.68 3.66
C PHE A 1291 38.19 59.22 2.55
N LEU A 1292 37.82 60.38 2.02
CA LEU A 1292 38.60 61.05 0.99
C LEU A 1292 39.07 62.40 1.51
N ASN A 1293 40.38 62.62 1.46
CA ASN A 1293 40.96 63.83 2.01
C ASN A 1293 40.72 65.00 1.07
N THR A 1294 40.22 66.09 1.64
CA THR A 1294 39.69 67.22 0.88
C THR A 1294 39.94 68.49 1.67
N THR A 1295 40.15 69.60 0.98
CA THR A 1295 40.20 70.90 1.62
C THR A 1295 38.98 71.71 1.21
N HIS A 1296 38.87 72.93 1.76
CA HIS A 1296 37.66 73.73 1.67
C HIS A 1296 37.37 74.15 0.23
N THR A 1297 38.40 74.61 -0.48
CA THR A 1297 38.17 75.14 -1.82
C THR A 1297 37.81 74.04 -2.80
N THR A 1298 38.40 72.86 -2.67
CA THR A 1298 38.04 71.82 -3.61
C THR A 1298 36.79 71.07 -3.19
N PHE A 1299 36.21 71.39 -2.04
CA PHE A 1299 34.89 70.86 -1.72
C PHE A 1299 33.82 71.49 -2.61
N GLN A 1300 33.96 72.79 -2.89
CA GLN A 1300 32.91 73.51 -3.60
C GLN A 1300 32.82 73.14 -5.06
N GLU A 1301 33.90 72.67 -5.68
CA GLU A 1301 33.76 72.24 -7.07
C GLU A 1301 33.31 70.79 -7.16
N ILE A 1302 33.46 70.02 -6.09
CA ILE A 1302 32.98 68.65 -6.11
C ILE A 1302 31.47 68.61 -6.07
N VAL A 1303 30.90 69.28 -5.10
CA VAL A 1303 29.47 69.23 -4.90
C VAL A 1303 28.85 70.52 -5.45
N ILE A 1304 27.68 70.39 -6.05
CA ILE A 1304 27.05 71.53 -6.71
C ILE A 1304 26.17 72.26 -5.72
N ASP A 1305 26.16 73.59 -5.85
CA ASP A 1305 25.29 74.52 -5.12
C ASP A 1305 25.53 74.49 -3.61
N TYR A 1306 26.67 73.99 -3.15
CA TYR A 1306 27.06 74.26 -1.78
C TYR A 1306 27.54 75.70 -1.71
N ILE A 1307 26.78 76.55 -1.04
CA ILE A 1307 27.05 77.98 -1.03
C ILE A 1307 27.31 78.40 0.40
N ASP A 1308 28.57 78.66 0.73
CA ASP A 1308 28.87 79.45 1.91
C ASP A 1308 28.53 80.89 1.58
N ILE A 1309 27.63 81.47 2.36
CA ILE A 1309 27.09 82.78 2.03
C ILE A 1309 28.12 83.88 2.28
N ASN A 1310 29.04 83.65 3.21
CA ASN A 1310 29.99 84.67 3.65
C ASN A 1310 30.95 85.09 2.55
N LYS A 1311 31.37 84.18 1.69
CA LYS A 1311 32.22 84.58 0.57
C LYS A 1311 31.41 85.24 -0.54
N THR A 1312 30.11 84.96 -0.60
CA THR A 1312 29.30 85.48 -1.69
C THR A 1312 28.92 86.92 -1.47
N ILE A 1313 28.57 87.28 -0.23
CA ILE A 1313 28.03 88.60 0.07
C ILE A 1313 29.09 89.68 -0.12
N ALA A 1314 30.37 89.33 0.05
CA ALA A 1314 31.45 90.26 -0.21
C ALA A 1314 31.60 90.59 -1.68
N ASP A 1315 31.13 89.72 -2.58
CA ASP A 1315 31.20 90.00 -4.00
C ASP A 1315 30.16 91.04 -4.41
N MET A 1316 28.91 90.86 -3.99
CA MET A 1316 27.90 91.86 -4.31
C MET A 1316 28.00 93.10 -3.45
N LEU A 1317 28.87 93.12 -2.45
CA LEU A 1317 29.08 94.35 -1.69
C LEU A 1317 30.03 95.30 -2.40
N GLU A 1318 31.11 94.77 -2.97
CA GLU A 1318 32.02 95.61 -3.74
C GLU A 1318 31.47 95.95 -5.11
N GLN A 1319 30.60 95.09 -5.66
CA GLN A 1319 29.93 95.40 -6.91
C GLN A 1319 28.86 96.47 -6.75
N TYR A 1320 28.34 96.65 -5.53
CA TYR A 1320 27.33 97.66 -5.28
C TYR A 1320 27.94 99.06 -5.23
N HIS A 1321 29.09 99.20 -4.55
CA HIS A 1321 29.76 100.49 -4.39
C HIS A 1321 30.85 100.71 -5.43
N SER A 1322 30.70 100.16 -6.63
CA SER A 1322 31.65 100.39 -7.71
C SER A 1322 31.02 101.17 -8.85
N TYR B 47 -65.43 12.60 47.86
CA TYR B 47 -65.19 12.88 49.27
C TYR B 47 -66.21 12.21 50.17
N CYS B 48 -65.75 11.70 51.30
CA CYS B 48 -66.60 11.10 52.32
C CYS B 48 -65.86 11.16 53.64
N ASP B 49 -66.34 10.40 54.63
CA ASP B 49 -65.67 10.37 55.92
C ASP B 49 -64.48 9.42 55.96
N HIS B 50 -64.34 8.53 54.97
CA HIS B 50 -63.23 7.58 54.92
C HIS B 50 -62.03 8.12 54.18
N GLU B 51 -61.85 9.45 54.14
CA GLU B 51 -60.70 10.04 53.46
C GLU B 51 -59.41 9.67 54.17
N ASP B 52 -59.39 9.79 55.51
CA ASP B 52 -58.22 9.39 56.29
C ASP B 52 -57.98 7.89 56.19
N ASN B 53 -59.06 7.11 56.11
CA ASN B 53 -58.91 5.66 56.03
C ASN B 53 -58.42 5.25 54.65
N CYS B 54 -58.88 5.93 53.60
CA CYS B 54 -58.22 5.81 52.33
C CYS B 54 -56.85 6.48 52.37
N GLY B 55 -56.70 7.53 53.18
CA GLY B 55 -55.40 8.14 53.36
C GLY B 55 -54.44 7.26 54.13
N TRP B 56 -54.96 6.36 54.97
CA TRP B 56 -54.11 5.34 55.55
C TRP B 56 -53.85 4.24 54.54
N TYR B 57 -54.84 3.94 53.68
CA TYR B 57 -54.65 3.00 52.59
C TYR B 57 -53.64 3.52 51.57
N ASN B 58 -53.57 4.85 51.42
CA ASN B 58 -52.55 5.49 50.60
C ASN B 58 -51.17 5.13 51.11
N PHE B 59 -50.98 5.17 52.42
CA PHE B 59 -49.64 5.06 52.97
C PHE B 59 -49.15 3.62 52.93
N VAL B 60 -49.82 2.73 53.65
CA VAL B 60 -49.24 1.42 53.92
C VAL B 60 -49.37 0.50 52.72
N TYR B 61 -50.50 0.55 52.01
CA TYR B 61 -50.74 -0.47 51.00
C TYR B 61 -49.94 -0.22 49.74
N ASN B 62 -49.75 1.04 49.38
CA ASN B 62 -48.98 1.36 48.20
C ASN B 62 -47.51 1.57 48.50
N ASN B 63 -47.09 1.30 49.74
CA ASN B 63 -45.67 1.19 50.04
C ASN B 63 -45.17 -0.22 49.92
N LYS B 64 -45.79 -1.02 49.05
CA LYS B 64 -45.31 -2.36 48.80
C LYS B 64 -44.01 -2.33 48.01
N VAL B 65 -43.99 -1.65 46.86
CA VAL B 65 -42.92 -1.78 45.89
C VAL B 65 -42.24 -0.46 45.60
N GLY B 66 -43.00 0.64 45.62
CA GLY B 66 -42.76 1.85 44.85
C GLY B 66 -41.37 2.48 44.80
N PRO B 67 -40.76 2.45 43.62
CA PRO B 67 -39.55 3.26 43.38
C PRO B 67 -39.84 4.74 43.20
N ASN B 68 -38.83 5.51 42.82
CA ASN B 68 -38.91 6.97 42.85
C ASN B 68 -39.30 7.54 41.49
N ALA B 69 -39.93 8.72 41.54
CA ALA B 69 -40.05 9.64 40.41
C ALA B 69 -40.80 9.04 39.22
N LYS B 70 -41.71 8.11 39.51
CA LYS B 70 -42.39 7.35 38.42
C LYS B 70 -43.90 7.19 38.67
N TYR B 71 -44.66 7.04 37.57
CA TYR B 71 -46.11 6.93 37.57
C TYR B 71 -46.52 5.79 36.67
N SER B 72 -47.66 5.18 36.98
CA SER B 72 -48.15 4.05 36.22
C SER B 72 -49.66 4.05 36.29
N TYR B 73 -50.27 2.93 35.95
CA TYR B 73 -51.72 2.79 35.86
C TYR B 73 -52.10 1.53 36.62
N ILE B 74 -52.27 1.66 37.93
CA ILE B 74 -52.47 0.51 38.80
C ILE B 74 -53.91 0.05 38.73
N ASN B 75 -54.12 -1.24 38.49
CA ASN B 75 -55.45 -1.85 38.51
C ASN B 75 -55.40 -3.10 39.38
N THR B 76 -55.91 -2.99 40.61
CA THR B 76 -56.07 -4.12 41.50
C THR B 76 -57.44 -4.02 42.16
N GLN B 77 -58.17 -5.12 42.18
CA GLN B 77 -59.51 -5.14 42.74
C GLN B 77 -59.42 -4.99 44.26
N ASN B 78 -59.77 -3.81 44.75
CA ASN B 78 -59.49 -3.40 46.13
C ASN B 78 -60.70 -2.67 46.70
N LEU B 79 -60.48 -1.94 47.79
CA LEU B 79 -61.56 -1.37 48.58
C LEU B 79 -62.23 -0.19 47.89
N ASN B 80 -63.51 -0.03 48.18
CA ASN B 80 -64.23 1.20 47.88
C ASN B 80 -65.03 1.73 49.07
N ILE B 81 -65.68 0.86 49.84
CA ILE B 81 -66.57 1.19 50.94
C ILE B 81 -66.48 0.07 51.98
N PRO B 82 -66.27 0.38 53.25
CA PRO B 82 -65.93 -0.67 54.23
C PRO B 82 -67.15 -1.46 54.69
N ASN B 83 -66.86 -2.49 55.48
CA ASN B 83 -67.87 -3.29 56.16
C ASN B 83 -67.31 -3.80 57.47
N VAL B 84 -68.11 -3.68 58.54
CA VAL B 84 -67.77 -4.22 59.86
C VAL B 84 -68.74 -5.35 60.14
N HIS B 85 -68.20 -6.53 60.42
CA HIS B 85 -69.05 -7.71 60.57
C HIS B 85 -68.63 -8.52 61.77
N GLY B 86 -69.59 -8.81 62.64
CA GLY B 86 -69.40 -9.68 63.78
C GLY B 86 -70.42 -10.81 63.78
N VAL B 87 -70.75 -11.30 62.59
CA VAL B 87 -71.73 -12.37 62.46
C VAL B 87 -71.10 -13.72 62.83
N TYR B 88 -69.78 -13.84 62.67
CA TYR B 88 -68.89 -14.97 62.94
C TYR B 88 -69.09 -16.16 61.99
N PHE B 89 -70.04 -16.09 61.06
CA PHE B 89 -70.10 -17.01 59.92
C PHE B 89 -70.39 -16.14 58.71
N ASP B 90 -69.34 -15.57 58.12
CA ASP B 90 -69.50 -14.63 57.02
C ASP B 90 -69.44 -15.39 55.70
N VAL B 91 -70.54 -16.08 55.41
CA VAL B 91 -70.66 -16.89 54.21
C VAL B 91 -71.08 -15.94 53.08
N ARG B 92 -70.13 -15.58 52.23
CA ARG B 92 -70.41 -14.67 51.14
C ARG B 92 -69.73 -15.19 49.88
N GLU B 93 -70.48 -15.20 48.78
CA GLU B 93 -70.01 -15.74 47.52
C GLU B 93 -69.95 -14.62 46.50
N HIS B 94 -68.76 -14.40 45.94
CA HIS B 94 -68.46 -13.27 45.04
C HIS B 94 -67.41 -13.76 44.04
N ASN B 95 -66.68 -12.85 43.42
CA ASN B 95 -65.80 -13.26 42.33
C ASN B 95 -64.33 -12.96 42.54
N SER B 96 -63.95 -12.27 43.61
CA SER B 96 -62.55 -12.14 43.99
C SER B 96 -62.50 -11.86 45.48
N ASP B 97 -61.28 -11.88 46.03
CA ASP B 97 -61.18 -11.63 47.46
C ASP B 97 -61.31 -10.16 47.77
N GLY B 98 -61.64 -9.87 49.02
CA GLY B 98 -61.47 -8.58 49.58
C GLY B 98 -60.31 -8.52 50.55
N VAL B 99 -60.28 -7.44 51.32
CA VAL B 99 -59.20 -7.13 52.24
C VAL B 99 -59.80 -6.94 53.61
N TRP B 100 -59.14 -7.45 54.64
CA TRP B 100 -59.56 -7.23 56.01
C TRP B 100 -58.61 -6.26 56.70
N ASP B 101 -59.00 -5.87 57.92
CA ASP B 101 -58.25 -4.88 58.69
C ASP B 101 -58.65 -4.98 60.15
N GLN B 102 -57.65 -5.14 61.04
CA GLN B 102 -57.91 -5.32 62.46
C GLN B 102 -56.64 -4.99 63.24
N ILE B 103 -56.80 -4.36 64.40
CA ILE B 103 -55.68 -4.05 65.27
C ILE B 103 -55.65 -4.95 66.51
N ASP B 104 -56.80 -5.39 67.01
CA ASP B 104 -56.87 -6.12 68.27
C ASP B 104 -56.38 -7.56 68.12
N ARG B 105 -56.24 -8.24 69.26
CA ARG B 105 -55.53 -9.52 69.36
C ARG B 105 -56.49 -10.70 69.36
N VAL B 106 -57.18 -10.90 68.23
CA VAL B 106 -58.16 -11.96 68.07
C VAL B 106 -57.79 -12.78 66.84
N GLY B 107 -57.88 -14.11 66.95
CA GLY B 107 -57.57 -14.96 65.82
C GLY B 107 -58.59 -14.84 64.69
N LEU B 108 -58.10 -15.08 63.47
CA LEU B 108 -58.92 -15.03 62.26
C LEU B 108 -58.74 -16.31 61.45
N LEU B 109 -59.63 -16.50 60.48
CA LEU B 109 -59.58 -17.68 59.60
C LEU B 109 -60.33 -17.37 58.32
N ILE B 110 -59.65 -17.56 57.18
CA ILE B 110 -60.24 -17.37 55.86
C ILE B 110 -60.09 -18.66 55.06
N ALA B 111 -61.14 -19.06 54.37
CA ALA B 111 -61.12 -20.21 53.47
C ALA B 111 -61.67 -19.80 52.12
N ILE B 112 -60.99 -20.22 51.06
CA ILE B 112 -61.32 -19.85 49.69
C ILE B 112 -61.55 -21.13 48.90
N HIS B 113 -62.69 -21.20 48.22
CA HIS B 113 -63.00 -22.35 47.38
C HIS B 113 -63.96 -21.92 46.29
N GLY B 114 -64.18 -22.83 45.34
CA GLY B 114 -65.31 -22.68 44.46
C GLY B 114 -66.45 -23.47 45.08
N THR B 115 -66.93 -24.48 44.38
CA THR B 115 -67.78 -25.47 45.01
C THR B 115 -66.88 -26.49 45.71
N SER B 116 -67.46 -27.47 46.39
CA SER B 116 -66.67 -28.53 46.99
C SER B 116 -66.25 -29.48 45.86
N HIS B 117 -65.05 -29.24 45.35
CA HIS B 117 -64.51 -30.05 44.27
C HIS B 117 -63.93 -31.35 44.82
N TYR B 118 -63.13 -32.02 43.98
CA TYR B 118 -62.60 -33.35 44.23
C TYR B 118 -61.09 -33.45 44.07
N SER B 119 -60.50 -32.66 43.18
CA SER B 119 -59.05 -32.46 43.19
C SER B 119 -58.64 -31.00 43.05
N LEU B 120 -59.57 -30.09 42.75
CA LEU B 120 -59.23 -28.68 42.68
C LEU B 120 -58.92 -28.18 44.07
N LEU B 121 -57.72 -27.70 44.28
CA LEU B 121 -57.28 -27.38 45.63
C LEU B 121 -57.89 -26.07 46.10
N MET B 122 -58.08 -25.98 47.42
CA MET B 122 -58.64 -24.81 48.05
C MET B 122 -57.54 -24.06 48.80
N VAL B 123 -57.91 -22.98 49.46
CA VAL B 123 -56.99 -22.18 50.25
C VAL B 123 -57.46 -22.20 51.71
N LEU B 124 -56.52 -22.51 52.60
CA LEU B 124 -56.75 -22.42 54.03
C LEU B 124 -55.73 -21.47 54.64
N GLN B 125 -56.19 -20.71 55.63
CA GLN B 125 -55.38 -19.65 56.21
C GLN B 125 -55.92 -19.26 57.57
N ASP B 126 -55.02 -19.06 58.52
CA ASP B 126 -55.36 -18.55 59.85
C ASP B 126 -54.49 -17.34 60.17
N GLY B 127 -55.11 -16.29 60.71
CA GLY B 127 -54.34 -15.23 61.31
C GLY B 127 -54.48 -15.24 62.82
N VAL B 128 -53.48 -15.76 63.53
CA VAL B 128 -53.58 -16.04 64.95
C VAL B 128 -52.61 -15.13 65.69
N GLU B 129 -53.04 -14.61 66.84
CA GLU B 129 -52.16 -13.84 67.72
C GLU B 129 -51.29 -14.78 68.54
N ALA B 130 -50.03 -14.41 68.70
CA ALA B 130 -49.07 -15.20 69.47
C ALA B 130 -48.06 -14.22 70.07
N SER B 131 -46.88 -14.74 70.45
CA SER B 131 -45.76 -13.88 70.82
C SER B 131 -45.38 -12.96 69.68
N GLN B 132 -45.35 -13.49 68.46
CA GLN B 132 -45.37 -12.72 67.24
C GLN B 132 -46.62 -13.13 66.47
N PRO B 133 -47.45 -12.20 66.03
CA PRO B 133 -48.68 -12.59 65.32
C PRO B 133 -48.37 -13.16 63.94
N HIS B 134 -48.50 -14.47 63.82
CA HIS B 134 -48.08 -15.18 62.62
C HIS B 134 -49.29 -15.61 61.81
N VAL B 135 -49.01 -16.06 60.60
CA VAL B 135 -50.04 -16.45 59.65
C VAL B 135 -49.48 -17.55 58.75
N ALA B 136 -50.21 -18.65 58.66
CA ALA B 136 -49.85 -19.75 57.77
C ALA B 136 -50.94 -19.91 56.72
N VAL B 137 -50.52 -20.10 55.48
CA VAL B 137 -51.43 -20.31 54.36
C VAL B 137 -51.14 -21.67 53.76
N LYS B 138 -52.19 -22.43 53.50
CA LYS B 138 -52.06 -23.77 52.97
C LYS B 138 -52.94 -23.93 51.75
N ILE B 139 -52.49 -24.75 50.80
CA ILE B 139 -53.21 -25.06 49.59
C ILE B 139 -53.46 -26.56 49.58
N CYS B 140 -54.61 -26.98 50.09
CA CYS B 140 -55.05 -28.36 50.06
C CYS B 140 -56.57 -28.45 50.06
N HIS B 141 -57.05 -29.66 50.30
CA HIS B 141 -58.37 -30.09 49.87
C HIS B 141 -59.06 -30.86 50.98
N TRP B 142 -60.38 -30.70 51.09
CA TRP B 142 -61.16 -31.43 52.07
C TRP B 142 -62.60 -31.54 51.59
N ASN B 143 -63.20 -32.72 51.75
CA ASN B 143 -64.65 -32.88 51.76
C ASN B 143 -65.36 -32.61 53.09
N PRO B 144 -64.94 -33.11 54.26
CA PRO B 144 -65.80 -32.96 55.44
C PRO B 144 -65.57 -31.64 56.17
N GLY B 145 -66.65 -31.12 56.72
CA GLY B 145 -66.55 -30.08 57.71
C GLY B 145 -67.09 -28.75 57.22
N ASN B 146 -67.12 -27.81 58.16
CA ASN B 146 -67.61 -26.47 57.95
C ASN B 146 -67.14 -25.64 59.13
N ILE B 147 -67.09 -24.32 58.93
CA ILE B 147 -66.55 -23.43 59.96
C ILE B 147 -67.74 -22.95 60.77
N SER B 148 -68.15 -23.79 61.73
CA SER B 148 -68.87 -23.36 62.93
C SER B 148 -68.10 -24.05 64.05
N THR B 149 -67.00 -23.44 64.45
CA THR B 149 -65.94 -24.22 65.09
C THR B 149 -65.64 -23.80 66.52
N TYR B 150 -65.19 -22.57 66.75
CA TYR B 150 -64.81 -22.02 68.06
C TYR B 150 -63.79 -22.89 68.80
N HIS B 151 -62.62 -23.05 68.16
CA HIS B 151 -61.52 -23.76 68.79
C HIS B 151 -60.28 -22.87 68.78
N GLN B 152 -59.13 -23.48 69.07
CA GLN B 152 -57.81 -22.89 68.87
C GLN B 152 -57.24 -23.40 67.56
N PHE B 153 -56.50 -22.55 66.86
CA PHE B 153 -56.33 -22.72 65.41
C PHE B 153 -54.89 -22.51 64.95
N ASP B 154 -53.94 -23.22 65.56
CA ASP B 154 -52.58 -23.20 65.03
C ASP B 154 -52.51 -23.80 63.62
N VAL B 155 -52.76 -25.09 63.47
CA VAL B 155 -53.05 -25.71 62.17
C VAL B 155 -54.29 -26.56 62.38
N ASN B 156 -55.48 -25.97 62.21
CA ASN B 156 -56.72 -26.73 62.41
C ASN B 156 -57.75 -26.42 61.33
N LEU B 157 -57.61 -27.07 60.16
CA LEU B 157 -58.76 -27.45 59.34
C LEU B 157 -58.29 -28.56 58.40
N GLY B 158 -58.54 -29.81 58.78
CA GLY B 158 -58.38 -30.92 57.87
C GLY B 158 -56.95 -31.37 57.63
N ASP B 159 -56.71 -32.68 57.67
CA ASP B 159 -55.47 -33.24 57.15
C ASP B 159 -55.74 -33.85 55.78
N GLY B 160 -55.86 -32.97 54.79
CA GLY B 160 -56.10 -33.42 53.43
C GLY B 160 -54.87 -34.08 52.84
N GLY B 161 -55.07 -35.24 52.22
CA GLY B 161 -53.97 -35.97 51.62
C GLY B 161 -53.46 -35.40 50.32
N GLN B 162 -54.14 -34.39 49.79
CA GLN B 162 -53.76 -33.72 48.56
C GLN B 162 -53.35 -32.30 48.92
N CYS B 163 -52.09 -32.11 49.32
CA CYS B 163 -51.63 -30.80 49.78
C CYS B 163 -50.20 -30.56 49.33
N VAL B 164 -50.00 -29.41 48.68
CA VAL B 164 -48.78 -29.12 47.94
C VAL B 164 -48.06 -27.87 48.45
N PHE B 165 -48.80 -26.82 48.79
CA PHE B 165 -48.18 -25.56 49.21
C PHE B 165 -48.55 -25.22 50.64
N ASN B 166 -47.53 -24.81 51.39
CA ASN B 166 -47.67 -24.42 52.78
C ASN B 166 -46.56 -23.42 53.08
N GLN B 167 -46.91 -22.35 53.77
CA GLN B 167 -45.91 -21.39 54.22
C GLN B 167 -46.43 -20.63 55.42
N ARG B 168 -45.58 -20.48 56.43
CA ARG B 168 -45.90 -19.74 57.65
C ARG B 168 -45.28 -18.35 57.51
N PHE B 169 -46.13 -17.35 57.30
CA PHE B 169 -45.66 -15.99 57.09
C PHE B 169 -45.66 -15.21 58.40
N SER B 170 -44.76 -14.24 58.50
CA SER B 170 -44.67 -13.36 59.65
C SER B 170 -45.34 -12.05 59.27
N LEU B 171 -46.44 -11.71 59.95
CA LEU B 171 -47.14 -10.48 59.66
C LEU B 171 -46.38 -9.30 60.26
N ASP B 172 -45.91 -8.40 59.40
CA ASP B 172 -45.19 -7.21 59.85
C ASP B 172 -46.21 -6.23 60.39
N THR B 173 -46.37 -6.20 61.71
CA THR B 173 -47.23 -5.22 62.39
C THR B 173 -46.35 -4.04 62.84
N VAL B 174 -45.60 -3.50 61.89
CA VAL B 174 -44.64 -2.44 62.17
C VAL B 174 -45.35 -1.13 62.52
N LEU B 175 -46.34 -0.73 61.74
CA LEU B 175 -47.08 0.48 62.01
C LEU B 175 -48.11 0.26 63.10
N THR B 176 -48.40 1.32 63.85
CA THR B 176 -49.43 1.29 64.89
C THR B 176 -50.81 1.62 64.36
N ALA B 177 -50.91 2.13 63.14
CA ALA B 177 -52.21 2.45 62.54
C ALA B 177 -52.77 1.19 61.87
N ASN B 178 -53.84 1.36 61.11
CA ASN B 178 -54.48 0.25 60.43
C ASN B 178 -53.79 -0.06 59.10
N ASP B 179 -53.41 -1.31 58.92
CA ASP B 179 -52.73 -1.76 57.71
C ASP B 179 -53.54 -2.87 57.07
N PHE B 180 -53.57 -2.88 55.75
CA PHE B 180 -54.47 -3.75 55.01
C PHE B 180 -53.77 -5.02 54.54
N TYR B 181 -54.49 -6.14 54.58
CA TYR B 181 -53.96 -7.43 54.17
C TYR B 181 -55.08 -8.22 53.51
N GLY B 182 -55.00 -8.41 52.19
CA GLY B 182 -56.02 -9.12 51.47
C GLY B 182 -55.40 -10.09 50.48
N PHE B 183 -56.17 -10.60 49.52
CA PHE B 183 -55.65 -11.52 48.53
C PHE B 183 -56.29 -11.23 47.18
N GLN B 184 -55.87 -12.00 46.18
CA GLN B 184 -56.43 -11.89 44.84
C GLN B 184 -56.15 -13.17 44.07
N TRP B 185 -57.11 -13.56 43.24
CA TRP B 185 -56.90 -14.64 42.29
C TRP B 185 -57.60 -14.27 41.01
N THR B 186 -57.07 -14.75 39.88
CA THR B 186 -57.74 -14.49 38.60
C THR B 186 -58.27 -15.76 37.97
N ASP B 187 -57.41 -16.61 37.44
CA ASP B 187 -57.82 -17.92 36.94
C ASP B 187 -56.80 -19.01 37.19
N THR B 188 -55.50 -18.68 37.29
CA THR B 188 -54.42 -19.63 37.49
C THR B 188 -53.36 -19.07 38.42
N TYR B 189 -53.71 -18.09 39.23
CA TYR B 189 -52.75 -17.04 39.57
C TYR B 189 -53.18 -16.44 40.91
N VAL B 190 -52.55 -16.87 41.99
CA VAL B 190 -53.01 -16.56 43.34
C VAL B 190 -52.04 -15.59 43.98
N ASP B 191 -52.58 -14.57 44.65
CA ASP B 191 -51.78 -13.48 45.19
C ASP B 191 -51.78 -13.53 46.71
N ILE B 192 -50.66 -13.11 47.30
CA ILE B 192 -50.50 -12.99 48.74
C ILE B 192 -50.08 -11.55 49.04
N TYR B 193 -50.71 -10.94 50.03
CA TYR B 193 -50.33 -9.57 50.40
C TYR B 193 -49.89 -9.49 51.85
N LEU B 194 -49.05 -10.41 52.29
CA LEU B 194 -48.77 -10.58 53.71
C LEU B 194 -47.49 -9.87 54.11
N GLY B 195 -47.66 -8.78 54.85
CA GLY B 195 -46.58 -8.16 55.57
C GLY B 195 -45.82 -7.11 54.81
N GLY B 196 -44.96 -7.53 53.89
CA GLY B 196 -44.08 -6.57 53.24
C GLY B 196 -43.84 -6.84 51.77
N THR B 197 -44.53 -7.83 51.23
CA THR B 197 -44.21 -8.27 49.87
C THR B 197 -45.46 -8.84 49.22
N ILE B 198 -45.30 -9.21 47.96
CA ILE B 198 -46.35 -9.86 47.18
C ILE B 198 -45.76 -11.17 46.68
N THR B 199 -46.46 -12.26 46.96
CA THR B 199 -46.01 -13.57 46.55
C THR B 199 -47.07 -14.19 45.66
N LYS B 200 -46.64 -14.97 44.68
CA LYS B 200 -47.55 -15.51 43.67
C LYS B 200 -47.51 -17.03 43.68
N VAL B 201 -48.68 -17.64 43.54
CA VAL B 201 -48.84 -19.08 43.45
C VAL B 201 -49.60 -19.40 42.17
N TRP B 202 -49.03 -20.28 41.36
CA TRP B 202 -49.67 -20.70 40.12
C TRP B 202 -50.27 -22.08 40.36
N VAL B 203 -51.59 -22.15 40.53
CA VAL B 203 -52.19 -23.49 40.47
C VAL B 203 -53.34 -23.61 39.46
N VAL B 204 -54.54 -23.16 39.83
CA VAL B 204 -55.73 -22.98 39.00
C VAL B 204 -56.71 -22.27 39.94
N ASN B 205 -57.56 -21.41 39.40
CA ASN B 205 -58.60 -20.78 40.21
C ASN B 205 -59.94 -21.04 39.54
N ASP B 206 -60.70 -21.97 40.08
CA ASP B 206 -62.13 -22.02 39.84
C ASP B 206 -62.77 -21.71 41.19
N TRP B 207 -62.84 -20.42 41.52
CA TRP B 207 -63.03 -19.98 42.88
C TRP B 207 -64.07 -18.87 42.93
N SER B 208 -65.17 -19.12 43.64
CA SER B 208 -66.19 -18.09 43.81
C SER B 208 -66.80 -18.03 45.20
N VAL B 209 -66.33 -18.82 46.16
CA VAL B 209 -66.90 -18.80 47.51
C VAL B 209 -65.77 -18.59 48.51
N VAL B 210 -65.77 -17.43 49.16
CA VAL B 210 -64.85 -17.16 50.24
C VAL B 210 -65.56 -17.41 51.56
N GLU B 211 -64.87 -18.06 52.49
CA GLU B 211 -65.43 -18.39 53.81
C GLU B 211 -64.60 -17.70 54.87
N ALA B 212 -65.19 -16.74 55.57
CA ALA B 212 -64.52 -16.01 56.63
C ALA B 212 -65.33 -16.11 57.90
N SER B 213 -64.63 -16.19 59.03
CA SER B 213 -65.26 -16.41 60.32
C SER B 213 -64.32 -16.01 61.43
N ILE B 214 -64.90 -15.63 62.56
CA ILE B 214 -64.16 -15.36 63.79
C ILE B 214 -64.62 -16.39 64.81
N SER B 215 -63.67 -17.15 65.34
CA SER B 215 -63.99 -18.31 66.18
C SER B 215 -63.65 -18.02 67.63
N SER B 216 -64.58 -17.32 68.29
CA SER B 216 -64.54 -17.05 69.72
C SER B 216 -65.90 -16.50 70.15
N HIS B 217 -66.38 -16.90 71.33
CA HIS B 217 -67.63 -16.34 71.85
C HIS B 217 -67.28 -15.34 72.95
N TRP B 218 -66.97 -14.11 72.54
CA TRP B 218 -66.86 -13.02 73.47
C TRP B 218 -68.26 -12.56 73.87
N ASN B 219 -68.40 -12.15 75.13
CA ASN B 219 -69.72 -11.79 75.65
C ASN B 219 -70.22 -10.49 75.04
N ALA B 220 -69.50 -9.39 75.29
CA ALA B 220 -69.85 -8.11 74.66
C ALA B 220 -68.56 -7.30 74.52
N LEU B 221 -67.94 -7.39 73.35
CA LEU B 221 -66.75 -6.59 73.07
C LEU B 221 -66.97 -5.81 71.78
N ASN B 222 -66.27 -4.68 71.70
CA ASN B 222 -66.21 -3.89 70.49
C ASN B 222 -64.94 -4.24 69.72
N TYR B 223 -65.03 -4.23 68.40
CA TYR B 223 -63.90 -4.53 67.53
C TYR B 223 -63.76 -3.40 66.51
N GLY B 224 -62.64 -2.69 66.58
CA GLY B 224 -62.29 -1.84 65.45
C GLY B 224 -61.77 -2.74 64.36
N TYR B 225 -62.62 -3.01 63.37
CA TYR B 225 -62.47 -4.22 62.57
C TYR B 225 -63.18 -4.03 61.24
N TYR B 226 -62.42 -3.92 60.17
CA TYR B 226 -62.96 -3.68 58.85
C TYR B 226 -62.59 -4.85 57.95
N ILE B 227 -63.54 -5.27 57.13
CA ILE B 227 -63.30 -6.34 56.15
C ILE B 227 -64.23 -6.11 54.98
N GLN B 228 -63.67 -6.15 53.77
CA GLN B 228 -64.43 -5.94 52.56
C GLN B 228 -64.34 -7.19 51.69
N PHE B 229 -65.14 -7.21 50.62
CA PHE B 229 -65.15 -8.32 49.67
C PHE B 229 -65.31 -7.73 48.29
N VAL B 230 -64.30 -7.88 47.45
CA VAL B 230 -64.23 -7.14 46.20
C VAL B 230 -64.69 -8.02 45.06
N ASN B 231 -65.65 -7.51 44.29
CA ASN B 231 -66.17 -8.15 43.05
C ASN B 231 -66.44 -6.95 42.13
N ARG B 232 -65.36 -6.50 41.50
CA ARG B 232 -65.27 -5.23 40.80
C ARG B 232 -64.06 -5.27 39.89
N THR B 233 -63.89 -4.22 39.11
CA THR B 233 -62.74 -4.07 38.22
C THR B 233 -62.26 -2.63 38.28
N THR B 234 -61.98 -2.13 39.49
CA THR B 234 -61.61 -0.74 39.65
C THR B 234 -60.23 -0.45 39.08
N TYR B 235 -59.99 0.81 38.76
CA TYR B 235 -58.73 1.29 38.24
C TYR B 235 -58.25 2.46 39.09
N TYR B 236 -56.96 2.77 39.00
CA TYR B 236 -56.40 3.90 39.71
C TYR B 236 -55.33 4.54 38.85
N ALA B 237 -54.75 5.63 39.34
CA ALA B 237 -53.72 6.33 38.59
C ALA B 237 -52.70 6.85 39.60
N TYR B 238 -51.53 6.19 39.68
CA TYR B 238 -50.44 6.63 40.59
C TYR B 238 -49.73 7.86 39.99
N ASN B 239 -49.01 8.64 40.82
CA ASN B 239 -48.27 9.81 40.28
C ASN B 239 -46.82 9.83 40.76
N SER B 240 -46.57 10.38 41.96
CA SER B 240 -45.18 10.50 42.50
C SER B 240 -44.20 11.12 41.49
N THR B 241 -44.55 12.30 40.97
CA THR B 241 -43.76 13.10 39.99
C THR B 241 -42.55 13.67 40.72
N GLY B 242 -42.81 14.53 41.71
CA GLY B 242 -41.78 15.11 42.55
C GLY B 242 -42.16 15.03 44.01
N GLY B 243 -43.39 14.61 44.28
CA GLY B 243 -43.88 14.54 45.63
C GLY B 243 -44.92 15.60 45.95
N SER B 244 -46.19 15.19 45.98
CA SER B 244 -47.27 16.12 46.28
C SER B 244 -47.49 16.30 47.78
N ASN B 245 -46.65 15.67 48.60
CA ASN B 245 -46.54 15.86 50.05
C ASN B 245 -47.81 15.49 50.81
N TYR B 246 -48.72 14.73 50.20
CA TYR B 246 -49.77 14.10 50.98
C TYR B 246 -49.16 13.04 51.89
N THR B 247 -48.51 12.05 51.28
CA THR B 247 -47.28 11.52 51.82
C THR B 247 -46.13 11.65 50.83
N HIS B 248 -46.30 11.15 49.60
CA HIS B 248 -45.31 11.39 48.55
C HIS B 248 -45.93 11.54 47.16
N LEU B 249 -47.26 11.58 47.01
CA LEU B 249 -47.82 11.26 45.71
C LEU B 249 -49.15 11.97 45.51
N GLN B 250 -49.74 11.72 44.36
CA GLN B 250 -51.03 12.29 43.97
C GLN B 250 -51.84 11.16 43.34
N LEU B 251 -52.71 10.56 44.13
CA LEU B 251 -53.57 9.51 43.61
C LEU B 251 -54.70 10.11 42.78
N THR B 252 -55.30 9.25 41.96
CA THR B 252 -56.47 9.61 41.18
C THR B 252 -57.21 8.32 40.85
N GLU B 253 -58.40 8.14 41.41
CA GLU B 253 -59.27 7.10 40.92
C GLU B 253 -59.89 7.54 39.61
N CYS B 254 -60.10 6.61 38.71
CA CYS B 254 -60.75 6.96 37.45
C CYS B 254 -62.11 6.29 37.35
N HIS B 255 -62.93 6.82 36.45
CA HIS B 255 -64.32 6.39 36.37
C HIS B 255 -64.45 5.09 35.57
N THR B 256 -64.10 5.12 34.28
CA THR B 256 -64.47 4.02 33.40
C THR B 256 -63.28 3.23 32.90
N ASP B 257 -62.34 3.83 32.17
CA ASP B 257 -61.44 3.04 31.33
C ASP B 257 -60.28 3.89 30.86
N TYR B 258 -59.05 3.40 31.08
CA TYR B 258 -57.83 3.79 30.36
C TYR B 258 -57.55 5.29 30.49
N CYS B 259 -57.26 5.66 31.72
CA CYS B 259 -57.35 7.05 32.16
C CYS B 259 -56.05 7.77 31.84
N ALA B 260 -55.84 8.93 32.47
CA ALA B 260 -54.61 9.72 32.31
C ALA B 260 -53.48 9.17 33.18
N GLY B 261 -53.14 7.92 32.93
CA GLY B 261 -52.00 7.30 33.59
C GLY B 261 -50.80 7.30 32.66
N TYR B 262 -51.04 6.88 31.42
CA TYR B 262 -50.10 7.00 30.30
C TYR B 262 -48.79 6.26 30.58
N ALA B 263 -48.91 4.95 30.65
CA ALA B 263 -47.74 4.10 30.74
C ALA B 263 -46.88 4.24 29.50
N LYS B 264 -45.61 4.56 29.70
CA LYS B 264 -44.71 4.82 28.58
C LYS B 264 -44.32 3.56 27.82
N ASN B 265 -44.60 2.37 28.36
CA ASN B 265 -44.30 1.16 27.63
C ASN B 265 -45.22 1.00 26.43
N VAL B 266 -46.50 1.29 26.60
CA VAL B 266 -47.43 1.22 25.48
C VAL B 266 -47.16 2.40 24.56
N PHE B 267 -47.07 2.14 23.27
CA PHE B 267 -46.96 3.18 22.27
C PHE B 267 -47.94 2.87 21.15
N VAL B 268 -47.91 3.71 20.12
CA VAL B 268 -48.69 3.47 18.91
C VAL B 268 -47.70 3.30 17.77
N PRO B 269 -47.61 2.14 17.17
CA PRO B 269 -46.69 1.96 16.04
C PRO B 269 -47.20 2.65 14.79
N ILE B 270 -46.89 3.94 14.68
CA ILE B 270 -47.51 4.79 13.68
C ILE B 270 -47.15 4.41 12.25
N ASP B 271 -45.93 3.91 12.03
CA ASP B 271 -45.50 3.52 10.70
C ASP B 271 -44.92 2.13 10.68
N GLY B 272 -44.96 1.41 11.78
CA GLY B 272 -44.05 0.31 11.97
C GLY B 272 -42.79 0.75 12.65
N LYS B 273 -42.85 1.81 13.45
CA LYS B 273 -41.67 2.50 13.92
C LYS B 273 -41.85 2.88 15.38
N ILE B 274 -40.84 2.58 16.19
CA ILE B 274 -40.85 2.97 17.59
C ILE B 274 -40.72 4.48 17.70
N PRO B 275 -41.52 5.15 18.54
CA PRO B 275 -41.46 6.61 18.60
C PRO B 275 -40.16 7.11 19.20
N GLU B 276 -39.66 8.21 18.65
CA GLU B 276 -38.45 8.84 19.14
C GLU B 276 -38.70 9.45 20.51
N GLY B 277 -37.63 9.56 21.29
CA GLY B 277 -37.76 10.06 22.65
C GLY B 277 -38.46 9.03 23.50
N PHE B 278 -37.81 7.88 23.67
CA PHE B 278 -38.44 6.76 24.33
C PHE B 278 -37.38 5.95 25.06
N SER B 279 -37.72 5.51 26.26
CA SER B 279 -36.77 4.79 27.10
C SER B 279 -36.58 3.38 26.55
N PHE B 280 -35.37 3.08 26.11
CA PHE B 280 -35.03 1.72 25.71
C PHE B 280 -34.45 0.94 26.86
N SER B 281 -35.13 0.96 28.00
CA SER B 281 -34.67 0.21 29.16
C SER B 281 -34.96 -1.26 29.05
N ASN B 282 -35.66 -1.66 28.00
CA ASN B 282 -36.10 -3.02 27.86
C ASN B 282 -35.96 -3.56 26.45
N TRP B 283 -35.41 -2.78 25.53
CA TRP B 283 -35.16 -3.24 24.18
C TRP B 283 -33.66 -3.35 23.99
N PHE B 284 -33.21 -4.40 23.34
CA PHE B 284 -31.79 -4.69 23.26
C PHE B 284 -31.33 -4.87 21.83
N LEU B 285 -30.03 -4.69 21.62
CA LEU B 285 -29.41 -5.17 20.40
C LEU B 285 -29.35 -6.68 20.43
N LEU B 286 -29.88 -7.32 19.40
CA LEU B 286 -29.92 -8.76 19.35
C LEU B 286 -28.75 -9.25 18.51
N THR B 287 -27.90 -10.07 19.12
CA THR B 287 -26.73 -10.59 18.44
C THR B 287 -26.38 -11.94 19.04
N ASP B 288 -25.34 -12.54 18.48
CA ASP B 288 -24.86 -13.81 18.97
C ASP B 288 -23.35 -13.87 19.10
N LYS B 289 -22.63 -12.86 18.63
CA LYS B 289 -21.17 -12.95 18.68
C LYS B 289 -20.63 -12.30 19.95
N SER B 290 -20.99 -11.05 20.22
CA SER B 290 -20.50 -10.26 21.35
C SER B 290 -21.24 -8.96 21.39
N THR B 291 -21.52 -8.48 22.59
CA THR B 291 -22.22 -7.22 22.69
C THR B 291 -21.25 -6.07 22.52
N LEU B 292 -21.81 -4.90 22.23
CA LEU B 292 -21.01 -3.68 22.21
C LEU B 292 -20.87 -3.12 23.61
N VAL B 293 -20.19 -1.99 23.70
CA VAL B 293 -20.18 -1.21 24.94
C VAL B 293 -20.57 0.21 24.59
N GLN B 294 -19.88 0.79 23.61
CA GLN B 294 -20.11 2.17 23.24
C GLN B 294 -20.10 2.31 21.72
N GLY B 295 -20.27 3.54 21.27
CA GLY B 295 -20.15 3.87 19.86
C GLY B 295 -21.46 3.73 19.11
N ARG B 296 -21.37 3.90 17.80
CA ARG B 296 -22.46 3.67 16.89
C ARG B 296 -22.15 2.47 16.00
N VAL B 297 -23.19 1.83 15.50
CA VAL B 297 -23.03 0.73 14.56
C VAL B 297 -24.29 0.63 13.72
N LEU B 298 -24.12 0.13 12.51
CA LEU B 298 -25.25 -0.26 11.68
C LEU B 298 -25.54 -1.73 11.91
N SER B 299 -26.82 -2.07 11.86
CA SER B 299 -27.22 -3.45 11.96
C SER B 299 -28.62 -3.59 11.37
N SER B 300 -28.97 -4.80 11.01
CA SER B 300 -30.33 -5.15 10.60
C SER B 300 -31.01 -5.72 11.83
N GLN B 301 -31.68 -4.87 12.56
CA GLN B 301 -32.30 -5.22 13.81
C GLN B 301 -33.79 -5.44 13.64
N PRO B 302 -34.42 -6.21 14.50
CA PRO B 302 -35.89 -6.30 14.45
C PRO B 302 -36.56 -5.18 15.21
N VAL B 303 -36.79 -4.03 14.56
CA VAL B 303 -37.47 -2.94 15.24
C VAL B 303 -38.64 -2.43 14.43
N PHE B 304 -39.07 -3.20 13.43
CA PHE B 304 -40.24 -2.81 12.64
C PHE B 304 -41.48 -3.35 13.33
N VAL B 305 -42.02 -2.57 14.25
CA VAL B 305 -43.12 -3.02 15.10
C VAL B 305 -44.39 -3.01 14.27
N GLN B 306 -44.81 -4.19 13.82
CA GLN B 306 -46.08 -4.29 13.12
C GLN B 306 -47.24 -4.00 14.05
N CYS B 307 -47.23 -4.59 15.24
CA CYS B 307 -48.48 -4.77 15.97
C CYS B 307 -48.14 -4.98 17.45
N LEU B 308 -48.48 -4.00 18.27
CA LEU B 308 -48.11 -4.01 19.68
C LEU B 308 -49.29 -4.49 20.51
N ARG B 309 -49.05 -5.49 21.36
CA ARG B 309 -50.11 -6.12 22.15
C ARG B 309 -49.81 -5.98 23.64
N PRO B 310 -50.32 -4.96 24.30
CA PRO B 310 -49.99 -4.72 25.70
C PRO B 310 -50.74 -5.67 26.62
N VAL B 311 -50.00 -6.57 27.26
CA VAL B 311 -50.58 -7.46 28.26
C VAL B 311 -50.67 -6.71 29.58
N PRO B 312 -51.84 -6.63 30.19
CA PRO B 312 -51.94 -6.02 31.51
C PRO B 312 -51.36 -6.92 32.57
N THR B 313 -50.82 -6.30 33.61
CA THR B 313 -50.12 -7.05 34.64
C THR B 313 -51.06 -7.89 35.47
N TRP B 314 -52.25 -7.37 35.74
CA TRP B 314 -53.11 -8.01 36.72
C TRP B 314 -53.91 -9.16 36.16
N SER B 315 -54.23 -9.13 34.87
CA SER B 315 -55.43 -9.85 34.43
C SER B 315 -55.22 -11.34 34.28
N ASN B 316 -54.44 -11.76 33.28
CA ASN B 316 -54.30 -13.20 33.02
C ASN B 316 -53.00 -13.35 32.24
N ASN B 317 -51.95 -13.74 32.93
CA ASN B 317 -50.64 -13.78 32.28
C ASN B 317 -50.45 -15.11 31.57
N THR B 318 -51.31 -15.35 30.59
CA THR B 318 -51.31 -16.58 29.81
C THR B 318 -52.09 -16.33 28.54
N ALA B 319 -51.46 -16.54 27.40
CA ALA B 319 -52.16 -16.46 26.12
C ALA B 319 -51.43 -17.36 25.13
N VAL B 320 -51.85 -17.31 23.88
CA VAL B 320 -51.09 -17.91 22.80
C VAL B 320 -50.74 -16.82 21.82
N VAL B 321 -49.60 -16.99 21.16
CA VAL B 321 -49.21 -16.11 20.08
C VAL B 321 -48.88 -16.98 18.88
N HIS B 322 -49.60 -16.78 17.79
CA HIS B 322 -49.24 -17.41 16.54
C HIS B 322 -48.33 -16.49 15.77
N PHE B 323 -47.31 -17.07 15.13
CA PHE B 323 -46.48 -16.27 14.25
C PHE B 323 -47.25 -15.84 13.02
N LYS B 324 -47.94 -16.77 12.40
CA LYS B 324 -48.65 -16.54 11.15
C LYS B 324 -50.12 -16.36 11.46
N ASN B 325 -50.61 -15.12 11.29
CA ASN B 325 -52.02 -14.77 11.26
C ASN B 325 -52.73 -15.15 12.56
N ASP B 326 -52.34 -14.46 13.62
CA ASP B 326 -52.98 -14.66 14.91
C ASP B 326 -54.34 -13.96 14.95
N VAL B 327 -54.99 -14.05 16.09
CA VAL B 327 -56.29 -13.41 16.26
C VAL B 327 -56.16 -11.96 16.74
N PHE B 328 -55.14 -11.65 17.51
CA PHE B 328 -54.98 -10.30 18.04
C PHE B 328 -54.41 -9.33 17.02
N CYS B 329 -54.05 -9.80 15.83
CA CYS B 329 -53.56 -8.90 14.82
C CYS B 329 -54.05 -9.48 13.50
N PRO B 330 -54.66 -8.67 12.62
CA PRO B 330 -55.59 -9.21 11.62
C PRO B 330 -55.02 -10.12 10.54
N ASN B 331 -54.00 -9.70 9.79
CA ASN B 331 -53.67 -10.49 8.61
C ASN B 331 -52.18 -10.82 8.59
N VAL B 332 -51.41 -10.07 9.37
CA VAL B 332 -49.99 -9.92 9.10
C VAL B 332 -49.21 -11.04 9.79
N THR B 333 -47.98 -11.27 9.33
CA THR B 333 -47.13 -12.35 9.80
C THR B 333 -45.73 -11.81 10.07
N ALA B 334 -45.21 -12.05 11.26
CA ALA B 334 -43.94 -11.45 11.67
C ALA B 334 -42.87 -12.52 11.86
N ASP B 335 -41.68 -12.05 12.21
CA ASP B 335 -40.50 -12.90 12.31
C ASP B 335 -40.08 -13.18 13.74
N VAL B 336 -40.10 -12.16 14.60
CA VAL B 336 -39.73 -12.35 15.99
C VAL B 336 -40.87 -11.85 16.88
N LEU B 337 -40.87 -12.34 18.11
CA LEU B 337 -41.80 -11.91 19.15
C LEU B 337 -40.94 -11.42 20.30
N ARG B 338 -40.90 -10.12 20.51
CA ARG B 338 -39.84 -9.58 21.36
C ARG B 338 -40.21 -9.52 22.82
N PHE B 339 -41.36 -10.10 23.21
CA PHE B 339 -41.76 -10.53 24.55
C PHE B 339 -41.26 -9.69 25.70
N ASN B 340 -41.42 -8.38 25.57
CA ASN B 340 -40.68 -7.46 26.42
C ASN B 340 -41.24 -7.45 27.83
N LEU B 341 -40.35 -7.34 28.78
CA LEU B 341 -40.67 -7.72 30.14
C LEU B 341 -39.71 -7.04 31.09
N ASN B 342 -40.06 -7.19 32.34
CA ASN B 342 -39.15 -6.89 33.44
C ASN B 342 -39.30 -8.23 34.15
N PHE B 343 -38.49 -9.24 33.77
CA PHE B 343 -38.54 -10.59 34.32
C PHE B 343 -37.73 -10.66 35.61
N SER B 344 -37.27 -11.87 35.95
CA SER B 344 -36.73 -12.29 37.25
C SER B 344 -37.83 -12.37 38.29
N ASP B 345 -39.06 -12.55 37.80
CA ASP B 345 -40.15 -12.92 38.68
C ASP B 345 -39.86 -14.30 39.24
N THR B 346 -39.59 -14.36 40.53
CA THR B 346 -39.28 -15.61 41.21
C THR B 346 -40.40 -15.88 42.19
N ASP B 347 -41.29 -16.79 41.82
CA ASP B 347 -42.44 -17.18 42.61
C ASP B 347 -42.40 -18.68 42.82
N VAL B 348 -43.47 -19.22 43.34
CA VAL B 348 -43.56 -20.66 43.52
C VAL B 348 -44.31 -21.26 42.35
N TYR B 349 -43.91 -22.48 41.98
CA TYR B 349 -44.57 -23.25 40.93
C TYR B 349 -45.03 -24.54 41.56
N THR B 350 -46.19 -24.50 42.20
CA THR B 350 -46.73 -25.69 42.84
C THR B 350 -47.74 -26.34 41.89
N ASP B 351 -47.20 -26.86 40.79
CA ASP B 351 -48.07 -27.41 39.76
C ASP B 351 -48.68 -28.74 40.16
N SER B 352 -47.81 -29.74 40.42
CA SER B 352 -48.15 -31.16 40.59
C SER B 352 -48.93 -31.74 39.40
N THR B 353 -48.86 -31.09 38.23
CA THR B 353 -49.47 -31.57 37.01
C THR B 353 -48.44 -31.75 35.91
N THR B 354 -47.16 -31.61 36.26
CA THR B 354 -46.04 -31.44 35.32
C THR B 354 -46.34 -30.32 34.32
N ASP B 355 -46.46 -29.10 34.87
CA ASP B 355 -46.80 -27.95 34.05
C ASP B 355 -45.58 -27.51 33.24
N ASP B 356 -45.82 -26.57 32.32
CA ASP B 356 -44.82 -26.18 31.34
C ASP B 356 -44.09 -24.89 31.74
N GLN B 357 -44.85 -23.80 31.92
CA GLN B 357 -44.46 -22.39 32.08
C GLN B 357 -43.93 -21.77 30.80
N LEU B 358 -43.71 -22.58 29.77
CA LEU B 358 -43.36 -22.16 28.42
C LEU B 358 -43.57 -23.35 27.49
N HIS B 359 -44.39 -23.19 26.47
CA HIS B 359 -44.78 -24.31 25.63
C HIS B 359 -44.70 -23.86 24.18
N PHE B 360 -44.05 -24.66 23.36
CA PHE B 360 -43.88 -24.33 21.96
C PHE B 360 -44.62 -25.34 21.09
N THR B 361 -44.94 -24.91 19.88
CA THR B 361 -45.44 -25.80 18.85
C THR B 361 -44.58 -25.58 17.62
N PHE B 362 -43.90 -26.63 17.19
CA PHE B 362 -43.01 -26.51 16.05
C PHE B 362 -43.82 -26.59 14.76
N GLU B 363 -43.13 -26.56 13.63
CA GLU B 363 -43.78 -26.89 12.39
C GLU B 363 -44.11 -28.38 12.37
N ASP B 364 -45.23 -28.71 11.72
CA ASP B 364 -45.68 -30.07 11.50
C ASP B 364 -45.89 -30.83 12.81
N ASN B 365 -46.48 -30.13 13.78
CA ASN B 365 -47.05 -30.70 15.00
C ASN B 365 -46.00 -31.43 15.85
N THR B 366 -45.07 -30.66 16.38
CA THR B 366 -44.09 -31.21 17.31
C THR B 366 -43.99 -30.27 18.51
N THR B 367 -43.99 -30.85 19.70
CA THR B 367 -44.15 -30.11 20.95
C THR B 367 -42.83 -30.06 21.69
N ALA B 368 -42.43 -28.86 22.08
CA ALA B 368 -41.38 -28.68 23.07
C ALA B 368 -41.90 -27.86 24.22
N SER B 369 -41.45 -28.17 25.42
CA SER B 369 -41.96 -27.55 26.64
C SER B 369 -40.79 -27.34 27.57
N ILE B 370 -40.43 -26.08 27.82
CA ILE B 370 -39.33 -25.78 28.72
C ILE B 370 -39.89 -25.11 29.96
N THR B 371 -39.26 -25.40 31.09
CA THR B 371 -39.60 -24.81 32.38
C THR B 371 -38.36 -24.17 32.96
N CYS B 372 -38.55 -23.47 34.08
CA CYS B 372 -37.42 -22.85 34.76
C CYS B 372 -37.65 -22.92 36.27
N TYR B 373 -36.57 -22.68 37.00
CA TYR B 373 -36.59 -22.58 38.46
C TYR B 373 -35.64 -21.46 38.84
N SER B 374 -35.30 -21.40 40.12
CA SER B 374 -34.27 -20.50 40.60
C SER B 374 -33.30 -21.28 41.50
N SER B 375 -32.39 -20.55 42.12
CA SER B 375 -31.41 -21.18 43.01
C SER B 375 -32.02 -21.50 44.36
N ASN B 396 -29.51 -14.54 41.51
CA ASN B 396 -30.12 -15.87 41.50
C ASN B 396 -30.09 -16.51 40.11
N SER B 397 -29.50 -17.69 40.05
CA SER B 397 -29.37 -18.44 38.81
C SER B 397 -30.72 -18.99 38.38
N TYR B 398 -30.78 -19.50 37.15
CA TYR B 398 -32.01 -20.00 36.57
C TYR B 398 -31.79 -21.38 35.95
N LEU B 399 -32.06 -22.42 36.74
CA LEU B 399 -32.07 -23.77 36.21
C LEU B 399 -33.27 -23.94 35.29
N CYS B 400 -33.02 -24.34 34.05
CA CYS B 400 -34.09 -24.46 33.07
C CYS B 400 -33.89 -25.72 32.25
N PHE B 401 -34.91 -26.57 32.21
CA PHE B 401 -34.86 -27.84 31.51
C PHE B 401 -35.86 -27.85 30.37
N ALA B 402 -35.92 -28.98 29.66
CA ALA B 402 -36.76 -29.09 28.47
C ALA B 402 -37.50 -30.41 28.46
N ASN B 403 -38.45 -30.49 27.55
CA ASN B 403 -39.09 -31.74 27.15
C ASN B 403 -39.33 -31.67 25.65
N PHE B 404 -39.01 -32.75 24.96
CA PHE B 404 -39.37 -32.86 23.54
C PHE B 404 -40.23 -34.11 23.43
N SER B 405 -41.50 -33.96 23.80
CA SER B 405 -42.41 -35.08 23.99
C SER B 405 -43.80 -34.50 24.23
N HIS B 406 -44.75 -35.39 24.56
CA HIS B 406 -46.07 -34.92 24.95
C HIS B 406 -46.14 -34.63 26.44
N SER B 407 -45.41 -35.41 27.25
CA SER B 407 -45.32 -35.18 28.68
C SER B 407 -43.84 -35.10 29.08
N SER B 408 -43.61 -34.81 30.36
CA SER B 408 -42.25 -34.71 30.90
C SER B 408 -41.68 -36.11 31.07
N VAL B 409 -41.21 -36.67 29.95
CA VAL B 409 -40.68 -38.02 29.99
C VAL B 409 -39.21 -38.02 30.41
N SER B 410 -38.52 -36.90 30.27
CA SER B 410 -37.12 -36.76 30.66
C SER B 410 -36.85 -35.28 30.92
N ARG B 411 -35.58 -34.91 31.00
CA ARG B 411 -35.18 -33.53 31.17
C ARG B 411 -33.83 -33.32 30.51
N GLN B 412 -33.71 -32.24 29.74
CA GLN B 412 -32.47 -31.86 29.08
C GLN B 412 -32.09 -30.48 29.58
N PHE B 413 -30.88 -30.34 30.09
CA PHE B 413 -30.45 -29.12 30.74
C PHE B 413 -30.11 -28.05 29.71
N LEU B 414 -30.84 -26.94 29.74
CA LEU B 414 -30.55 -25.85 28.83
C LEU B 414 -29.31 -25.09 29.26
N GLY B 415 -29.39 -24.48 30.43
CA GLY B 415 -28.31 -23.62 30.87
C GLY B 415 -28.72 -22.87 32.11
N ILE B 416 -28.12 -21.71 32.29
CA ILE B 416 -28.42 -20.85 33.42
C ILE B 416 -28.71 -19.47 32.87
N LEU B 417 -29.85 -18.98 33.14
CA LEU B 417 -30.02 -17.59 32.76
C LEU B 417 -29.49 -16.69 33.87
N PRO B 418 -28.92 -15.55 33.50
CA PRO B 418 -28.39 -14.61 34.48
C PRO B 418 -29.51 -14.03 35.33
N PRO B 419 -29.18 -13.45 36.50
CA PRO B 419 -30.25 -13.11 37.47
C PRO B 419 -31.21 -12.03 37.03
N THR B 420 -30.76 -11.03 36.27
CA THR B 420 -31.62 -9.91 35.89
C THR B 420 -32.00 -10.05 34.43
N VAL B 421 -33.02 -10.84 34.15
CA VAL B 421 -33.54 -11.00 32.81
C VAL B 421 -34.54 -9.89 32.56
N ARG B 422 -34.40 -9.19 31.45
CA ARG B 422 -35.42 -8.18 31.15
C ARG B 422 -35.78 -8.12 29.67
N GLU B 423 -35.50 -9.18 28.90
CA GLU B 423 -36.01 -9.30 27.54
C GLU B 423 -35.93 -10.74 27.10
N PHE B 424 -37.06 -11.32 26.73
CA PHE B 424 -37.10 -12.53 25.94
C PHE B 424 -37.28 -12.17 24.49
N ALA B 425 -36.85 -13.07 23.60
CA ALA B 425 -36.99 -12.81 22.17
C ALA B 425 -37.00 -14.14 21.45
N PHE B 426 -38.06 -14.41 20.70
CA PHE B 426 -38.23 -15.67 20.02
C PHE B 426 -38.23 -15.42 18.52
N GLY B 427 -37.15 -15.78 17.87
CA GLY B 427 -37.12 -15.73 16.43
C GLY B 427 -37.79 -16.92 15.81
N ARG B 428 -38.11 -16.81 14.52
CA ARG B 428 -38.92 -17.84 13.88
C ARG B 428 -38.14 -19.12 13.69
N ASP B 429 -36.88 -19.03 13.28
CA ASP B 429 -36.10 -20.22 12.94
C ASP B 429 -35.78 -21.06 14.17
N GLY B 430 -35.79 -20.46 15.36
CA GLY B 430 -35.54 -21.20 16.57
C GLY B 430 -34.59 -20.50 17.49
N SER B 431 -34.24 -19.27 17.16
CA SER B 431 -33.36 -18.50 18.01
C SER B 431 -34.12 -18.06 19.26
N ILE B 432 -33.50 -18.23 20.42
CA ILE B 432 -34.07 -17.82 21.68
C ILE B 432 -33.10 -16.82 22.29
N PHE B 433 -33.32 -15.54 22.02
CA PHE B 433 -32.43 -14.54 22.58
C PHE B 433 -32.87 -14.22 24.00
N VAL B 434 -31.90 -14.02 24.89
CA VAL B 434 -32.16 -13.57 26.24
C VAL B 434 -31.17 -12.46 26.52
N ASN B 435 -31.70 -11.28 26.88
CA ASN B 435 -30.93 -10.06 27.14
C ASN B 435 -30.08 -9.62 25.96
N GLY B 436 -30.38 -10.09 24.77
CA GLY B 436 -29.55 -9.79 23.63
C GLY B 436 -28.81 -11.00 23.09
N TYR B 437 -28.27 -11.83 23.97
CA TYR B 437 -27.41 -12.91 23.53
C TYR B 437 -28.24 -14.12 23.10
N LYS B 438 -27.74 -14.84 22.10
CA LYS B 438 -28.39 -16.05 21.61
C LYS B 438 -27.95 -17.22 22.47
N TYR B 439 -28.85 -17.69 23.33
CA TYR B 439 -28.42 -18.70 24.28
C TYR B 439 -28.47 -20.10 23.67
N PHE B 440 -29.52 -20.39 22.91
CA PHE B 440 -29.65 -21.70 22.30
C PHE B 440 -30.61 -21.63 21.13
N SER B 441 -30.30 -22.34 20.07
CA SER B 441 -31.20 -22.42 18.95
C SER B 441 -32.22 -23.52 19.17
N LEU B 442 -33.28 -23.49 18.36
CA LEU B 442 -34.36 -24.48 18.42
C LEU B 442 -34.91 -24.68 17.02
N GLN B 443 -36.12 -25.22 16.95
CA GLN B 443 -36.78 -25.54 15.71
C GLN B 443 -37.57 -24.35 15.17
N PRO B 444 -37.97 -24.40 13.89
CA PRO B 444 -38.92 -23.42 13.37
C PRO B 444 -40.22 -23.41 14.17
N ILE B 445 -40.53 -22.25 14.72
CA ILE B 445 -41.61 -22.10 15.68
C ILE B 445 -42.90 -21.76 14.94
N LYS B 446 -43.97 -22.46 15.26
CA LYS B 446 -45.29 -22.09 14.79
C LYS B 446 -46.05 -21.23 15.79
N SER B 447 -46.10 -21.64 17.04
CA SER B 447 -46.89 -20.89 18.01
C SER B 447 -46.31 -21.07 19.40
N VAL B 448 -46.60 -20.10 20.26
CA VAL B 448 -46.03 -20.01 21.60
C VAL B 448 -47.16 -20.03 22.61
N ASN B 449 -47.07 -20.92 23.58
CA ASN B 449 -48.05 -21.03 24.67
C ASN B 449 -47.30 -20.73 25.96
N PHE B 450 -47.56 -19.58 26.56
CA PHE B 450 -46.72 -19.06 27.63
C PHE B 450 -47.51 -18.74 28.88
N SER B 451 -46.78 -18.72 30.01
CA SER B 451 -47.34 -18.28 31.29
C SER B 451 -46.20 -17.77 32.15
N ILE B 452 -46.01 -16.46 32.17
CA ILE B 452 -44.94 -15.81 32.93
C ILE B 452 -45.45 -14.48 33.44
N SER B 453 -44.77 -13.94 34.43
CA SER B 453 -45.14 -12.62 34.94
C SER B 453 -43.90 -11.81 35.24
N SER B 454 -44.12 -10.62 35.79
CA SER B 454 -43.08 -9.65 36.01
C SER B 454 -43.19 -9.11 37.41
N VAL B 455 -42.07 -8.64 37.95
CA VAL B 455 -42.08 -8.07 39.29
C VAL B 455 -42.35 -6.57 39.24
N GLU B 456 -43.54 -6.20 38.85
CA GLU B 456 -43.83 -4.79 38.98
C GLU B 456 -45.21 -4.52 39.56
N ASN B 457 -46.20 -5.33 39.18
CA ASN B 457 -47.61 -5.18 39.56
C ASN B 457 -48.20 -3.81 39.24
N TYR B 458 -47.64 -3.12 38.24
CA TYR B 458 -48.00 -1.74 38.00
C TYR B 458 -48.69 -1.52 36.66
N GLY B 459 -48.02 -1.81 35.56
CA GLY B 459 -48.49 -1.33 34.29
C GLY B 459 -48.77 -2.45 33.31
N PHE B 460 -48.04 -2.46 32.21
CA PHE B 460 -48.24 -3.47 31.20
C PHE B 460 -46.89 -3.98 30.75
N TRP B 461 -46.90 -5.03 29.96
CA TRP B 461 -45.73 -5.38 29.19
C TRP B 461 -45.91 -4.85 27.78
N THR B 462 -45.04 -5.30 26.90
CA THR B 462 -45.24 -5.17 25.47
C THR B 462 -44.84 -6.49 24.84
N ILE B 463 -45.66 -7.00 23.94
CA ILE B 463 -45.33 -8.17 23.14
C ILE B 463 -45.40 -7.74 21.69
N ALA B 464 -44.26 -7.48 21.08
CA ALA B 464 -44.24 -6.95 19.73
C ALA B 464 -44.24 -8.06 18.69
N TYR B 465 -44.74 -7.74 17.52
CA TYR B 465 -44.63 -8.58 16.33
C TYR B 465 -43.80 -7.79 15.34
N THR B 466 -42.61 -8.30 15.00
CA THR B 466 -41.59 -7.44 14.48
C THR B 466 -40.87 -8.04 13.28
N ASN B 467 -40.54 -7.17 12.35
CA ASN B 467 -39.78 -7.51 11.12
C ASN B 467 -38.38 -6.92 11.24
N TYR B 468 -37.43 -7.50 10.53
CA TYR B 468 -36.08 -6.98 10.49
C TYR B 468 -36.01 -5.69 9.68
N THR B 469 -35.15 -4.78 10.10
CA THR B 469 -34.99 -3.50 9.41
C THR B 469 -33.64 -2.89 9.79
N ASP B 470 -32.89 -2.47 8.79
CA ASP B 470 -31.61 -1.82 9.03
C ASP B 470 -31.79 -0.47 9.73
N VAL B 471 -31.05 -0.27 10.82
CA VAL B 471 -31.12 0.95 11.61
C VAL B 471 -29.75 1.28 12.16
N MET B 472 -29.60 2.51 12.61
CA MET B 472 -28.48 2.88 13.45
C MET B 472 -28.89 2.74 14.90
N VAL B 473 -27.92 2.49 15.75
CA VAL B 473 -28.19 2.45 17.18
C VAL B 473 -27.15 3.29 17.90
N ASP B 474 -27.53 3.83 19.03
CA ASP B 474 -26.62 4.55 19.92
C ASP B 474 -26.48 3.74 21.19
N VAL B 475 -25.29 3.23 21.42
CA VAL B 475 -25.02 2.36 22.54
C VAL B 475 -24.10 3.08 23.51
N ASN B 476 -24.48 3.12 24.78
CA ASN B 476 -23.68 3.76 25.81
C ASN B 476 -23.88 2.98 27.10
N GLY B 477 -22.85 2.25 27.51
CA GLY B 477 -22.98 1.36 28.63
C GLY B 477 -23.93 0.25 28.26
N THR B 478 -23.70 -0.34 27.09
CA THR B 478 -24.37 -1.52 26.50
C THR B 478 -25.90 -1.45 26.47
N VAL B 479 -26.49 -0.27 26.61
CA VAL B 479 -27.92 -0.10 26.49
C VAL B 479 -28.18 0.89 25.36
N ILE B 480 -29.30 0.69 24.66
CA ILE B 480 -29.58 1.50 23.47
C ILE B 480 -30.00 2.89 23.92
N THR B 481 -29.31 3.91 23.43
CA THR B 481 -29.64 5.28 23.80
C THR B 481 -30.67 5.88 22.85
N ARG B 482 -30.35 5.92 21.57
CA ARG B 482 -31.21 6.60 20.61
C ARG B 482 -31.23 5.83 19.30
N LEU B 483 -32.43 5.57 18.80
CA LEU B 483 -32.64 4.79 17.60
C LEU B 483 -32.89 5.70 16.42
N PHE B 484 -32.51 5.26 15.23
CA PHE B 484 -32.71 6.03 14.02
C PHE B 484 -32.95 5.08 12.86
N TYR B 485 -33.98 5.35 12.06
CA TYR B 485 -34.41 4.43 11.03
C TYR B 485 -33.78 4.77 9.70
N CYS B 486 -33.81 3.81 8.77
CA CYS B 486 -33.30 3.98 7.41
C CYS B 486 -34.38 3.54 6.44
N ASP B 487 -35.28 4.44 6.11
CA ASP B 487 -36.34 4.14 5.17
C ASP B 487 -36.44 5.16 4.05
N SER B 488 -36.23 6.43 4.34
CA SER B 488 -36.28 7.45 3.31
C SER B 488 -34.97 7.44 2.53
N PRO B 489 -34.97 7.98 1.31
CA PRO B 489 -33.69 8.13 0.61
C PRO B 489 -32.76 9.12 1.28
N LEU B 490 -33.30 10.11 1.96
CA LEU B 490 -32.47 11.00 2.75
C LEU B 490 -31.88 10.26 3.94
N ASN B 491 -32.65 9.36 4.54
CA ASN B 491 -32.17 8.65 5.70
C ASN B 491 -31.08 7.66 5.33
N ARG B 492 -31.14 7.11 4.11
CA ARG B 492 -30.11 6.18 3.66
C ARG B 492 -28.76 6.86 3.55
N ILE B 493 -28.75 8.15 3.24
CA ILE B 493 -27.51 8.90 3.29
C ILE B 493 -27.04 9.04 4.73
N LYS B 494 -27.97 9.28 5.65
CA LYS B 494 -27.60 9.46 7.04
C LYS B 494 -27.10 8.17 7.64
N CYS B 495 -27.70 7.04 7.28
CA CYS B 495 -27.24 5.76 7.80
C CYS B 495 -25.91 5.37 7.18
N GLN B 496 -25.62 5.87 5.98
CA GLN B 496 -24.30 5.66 5.42
C GLN B 496 -23.28 6.64 5.95
N GLN B 497 -23.72 7.70 6.62
CA GLN B 497 -22.80 8.69 7.13
C GLN B 497 -22.57 8.59 8.63
N LEU B 498 -23.38 7.78 9.33
CA LEU B 498 -23.34 7.61 10.78
C LEU B 498 -23.55 8.92 11.52
N LYS B 499 -24.35 9.82 10.98
CA LYS B 499 -24.58 11.10 11.62
C LYS B 499 -26.04 11.47 11.52
N HIS B 500 -26.58 12.02 12.61
CA HIS B 500 -27.98 12.40 12.60
C HIS B 500 -28.20 13.71 11.86
N GLU B 501 -27.15 14.47 11.64
CA GLU B 501 -27.28 15.71 10.89
C GLU B 501 -26.14 15.83 9.91
N LEU B 502 -26.46 16.17 8.68
CA LEU B 502 -25.39 16.23 7.70
C LEU B 502 -24.96 17.66 7.45
N PRO B 503 -23.69 17.90 7.19
CA PRO B 503 -23.28 19.16 6.59
C PRO B 503 -23.78 19.23 5.16
N ASP B 504 -24.14 20.42 4.71
CA ASP B 504 -24.72 20.58 3.39
C ASP B 504 -23.65 20.43 2.31
N GLY B 505 -23.95 19.65 1.28
CA GLY B 505 -22.96 19.38 0.25
C GLY B 505 -23.44 18.31 -0.71
N PHE B 506 -22.48 17.58 -1.26
CA PHE B 506 -22.74 16.56 -2.26
C PHE B 506 -22.47 15.18 -1.67
N TYR B 507 -23.48 14.31 -1.71
CA TYR B 507 -23.35 12.98 -1.18
C TYR B 507 -23.76 11.95 -2.21
N SER B 508 -22.87 11.02 -2.49
CA SER B 508 -23.10 10.00 -3.49
C SER B 508 -24.17 9.04 -2.98
N ALA B 509 -25.35 9.10 -3.56
CA ALA B 509 -26.43 8.23 -3.17
C ALA B 509 -26.91 7.43 -4.37
N SER B 510 -27.56 6.31 -4.07
CA SER B 510 -28.18 5.49 -5.09
C SER B 510 -29.41 4.85 -4.48
N MET B 511 -29.95 3.84 -5.15
CA MET B 511 -31.15 3.18 -4.66
C MET B 511 -30.91 1.69 -4.58
N LEU B 512 -31.51 1.05 -3.57
CA LEU B 512 -31.65 -0.39 -3.59
C LEU B 512 -32.51 -0.74 -4.80
N VAL B 513 -32.08 -1.72 -5.58
CA VAL B 513 -32.52 -1.81 -6.96
C VAL B 513 -33.97 -2.29 -7.06
N LYS B 514 -34.25 -3.55 -6.76
CA LYS B 514 -35.55 -4.23 -6.85
C LYS B 514 -35.41 -5.54 -6.10
N LYS B 515 -36.46 -6.36 -6.14
CA LYS B 515 -36.41 -7.73 -5.66
C LYS B 515 -36.69 -8.75 -6.74
N ASP B 516 -37.81 -8.60 -7.45
CA ASP B 516 -38.19 -9.54 -8.49
C ASP B 516 -37.77 -8.97 -9.82
N LEU B 517 -36.96 -9.72 -10.57
CA LEU B 517 -36.54 -9.31 -11.89
C LEU B 517 -36.81 -10.43 -12.87
N PRO B 518 -37.32 -10.12 -14.06
CA PRO B 518 -37.51 -11.15 -15.09
C PRO B 518 -36.17 -11.63 -15.60
N LYS B 519 -36.02 -12.94 -15.69
CA LYS B 519 -34.72 -13.49 -16.06
C LYS B 519 -34.49 -13.38 -17.56
N THR B 520 -33.25 -13.65 -17.95
CA THR B 520 -32.83 -13.50 -19.34
C THR B 520 -31.60 -14.38 -19.53
N PHE B 521 -31.67 -15.30 -20.49
CA PHE B 521 -30.59 -16.26 -20.70
C PHE B 521 -30.32 -16.41 -22.18
N VAL B 522 -29.13 -16.02 -22.60
CA VAL B 522 -28.77 -16.07 -24.01
C VAL B 522 -27.49 -16.88 -24.14
N THR B 523 -27.50 -17.86 -25.02
CA THR B 523 -26.33 -18.66 -25.30
C THR B 523 -26.24 -18.90 -26.80
N MET B 524 -25.21 -19.62 -27.19
CA MET B 524 -25.07 -20.01 -28.58
C MET B 524 -26.15 -21.01 -28.93
N PRO B 525 -26.82 -20.86 -30.08
CA PRO B 525 -27.96 -21.72 -30.39
C PRO B 525 -27.50 -23.12 -30.71
N GLN B 526 -28.27 -24.08 -30.23
CA GLN B 526 -27.88 -25.47 -30.37
C GLN B 526 -29.14 -26.30 -30.43
N PHE B 527 -29.02 -27.47 -31.05
CA PHE B 527 -30.16 -28.37 -31.10
C PHE B 527 -30.32 -29.02 -29.74
N TYR B 528 -31.54 -28.96 -29.23
CA TYR B 528 -31.83 -29.31 -27.85
C TYR B 528 -31.58 -30.80 -27.60
N ASN B 529 -30.89 -31.08 -26.52
CA ASN B 529 -30.74 -32.46 -26.05
C ASN B 529 -30.68 -32.39 -24.54
N TRP B 530 -31.84 -32.53 -23.92
CA TRP B 530 -32.01 -32.25 -22.50
C TRP B 530 -32.24 -33.54 -21.74
N MET B 531 -31.50 -33.72 -20.66
CA MET B 531 -31.61 -34.92 -19.84
C MET B 531 -32.27 -34.58 -18.52
N ASN B 532 -32.72 -35.62 -17.83
CA ASN B 532 -33.42 -35.48 -16.56
C ASN B 532 -32.92 -36.59 -15.65
N VAL B 533 -31.88 -36.30 -14.87
CA VAL B 533 -31.37 -37.23 -13.88
C VAL B 533 -31.78 -36.74 -12.51
N THR B 534 -32.27 -37.66 -11.68
CA THR B 534 -32.73 -37.34 -10.35
C THR B 534 -31.96 -38.19 -9.35
N LEU B 535 -31.69 -37.63 -8.19
CA LEU B 535 -31.10 -38.39 -7.11
C LEU B 535 -32.23 -38.84 -6.19
N HIS B 536 -32.29 -40.13 -5.90
CA HIS B 536 -33.42 -40.70 -5.17
C HIS B 536 -32.91 -41.50 -3.98
N VAL B 537 -33.35 -41.14 -2.79
CA VAL B 537 -32.90 -41.78 -1.55
C VAL B 537 -34.09 -42.40 -0.87
N VAL B 538 -33.99 -43.71 -0.60
CA VAL B 538 -35.05 -44.44 0.09
C VAL B 538 -34.45 -45.01 1.38
N LEU B 539 -35.12 -44.76 2.49
CA LEU B 539 -34.65 -45.20 3.80
C LEU B 539 -35.57 -46.28 4.35
N ASN B 540 -34.99 -47.42 4.70
CA ASN B 540 -35.76 -48.53 5.24
C ASN B 540 -36.21 -48.19 6.65
N ASP B 541 -37.53 -48.12 6.84
CA ASP B 541 -38.11 -47.74 8.12
C ASP B 541 -39.00 -48.85 8.65
N ILE B 542 -38.82 -50.07 8.15
CA ILE B 542 -39.69 -51.18 8.45
C ILE B 542 -39.12 -52.08 9.53
N GLU B 543 -37.79 -52.08 9.69
CA GLU B 543 -37.19 -52.79 10.81
C GLU B 543 -37.03 -51.88 12.02
N LYS B 544 -37.00 -50.57 11.79
CA LYS B 544 -36.60 -49.61 12.81
C LYS B 544 -37.65 -48.51 12.91
N LYS B 545 -38.89 -48.94 13.14
CA LYS B 545 -40.02 -48.03 13.38
C LYS B 545 -39.74 -47.09 14.54
N ALA B 546 -39.67 -45.79 14.23
CA ALA B 546 -39.70 -44.66 15.16
C ALA B 546 -38.49 -44.56 16.08
N ASP B 547 -37.53 -45.48 15.98
CA ASP B 547 -36.26 -45.33 16.70
C ASP B 547 -35.11 -45.11 15.74
N ILE B 548 -35.42 -44.62 14.53
CA ILE B 548 -34.38 -44.29 13.56
C ILE B 548 -33.60 -43.07 13.99
N ILE B 549 -34.15 -42.27 14.90
CA ILE B 549 -33.45 -41.13 15.43
C ILE B 549 -32.37 -41.55 16.43
N LEU B 550 -32.41 -42.81 16.87
CA LEU B 550 -31.38 -43.39 17.72
C LEU B 550 -30.41 -44.24 16.94
N ALA B 551 -30.55 -44.31 15.62
CA ALA B 551 -29.68 -45.14 14.81
C ALA B 551 -28.31 -44.49 14.65
N GLY B 552 -27.27 -45.33 14.69
CA GLY B 552 -25.91 -44.87 14.51
C GLY B 552 -25.58 -44.61 13.05
N ALA B 553 -24.41 -44.00 12.83
CA ALA B 553 -24.07 -43.50 11.50
C ALA B 553 -23.90 -44.58 10.44
N PRO B 554 -23.12 -45.66 10.63
CA PRO B 554 -23.08 -46.68 9.58
C PRO B 554 -24.32 -47.55 9.53
N GLU B 555 -25.20 -47.44 10.52
CA GLU B 555 -26.41 -48.25 10.52
C GLU B 555 -27.39 -47.78 9.45
N LEU B 556 -27.40 -46.48 9.13
CA LEU B 556 -28.26 -46.04 8.05
C LEU B 556 -27.71 -46.42 6.69
N ALA B 557 -26.42 -46.73 6.60
CA ALA B 557 -25.84 -47.14 5.32
C ALA B 557 -26.40 -48.47 4.85
N SER B 558 -26.73 -49.36 5.78
CA SER B 558 -27.44 -50.58 5.41
C SER B 558 -28.86 -50.28 4.98
N LEU B 559 -29.46 -49.25 5.58
CA LEU B 559 -30.83 -48.86 5.25
C LEU B 559 -30.89 -47.82 4.15
N ALA B 560 -29.76 -47.53 3.53
CA ALA B 560 -29.71 -46.53 2.47
C ALA B 560 -30.04 -47.16 1.13
N ASP B 561 -30.48 -46.32 0.19
CA ASP B 561 -30.72 -46.74 -1.18
C ASP B 561 -30.47 -45.52 -2.07
N ILE B 562 -29.30 -45.47 -2.68
CA ILE B 562 -28.87 -44.32 -3.45
C ILE B 562 -28.73 -44.75 -4.90
N HIS B 563 -29.41 -44.04 -5.80
CA HIS B 563 -29.37 -44.39 -7.21
C HIS B 563 -29.74 -43.15 -8.01
N PHE B 564 -29.36 -43.16 -9.27
CA PHE B 564 -29.67 -42.05 -10.19
C PHE B 564 -30.75 -42.51 -11.14
N GLU B 565 -31.93 -41.91 -11.03
CA GLU B 565 -33.04 -42.26 -11.90
C GLU B 565 -32.95 -41.41 -13.15
N ILE B 566 -32.23 -41.90 -14.14
CA ILE B 566 -32.08 -41.21 -15.41
C ILE B 566 -33.31 -41.46 -16.28
N ALA B 567 -33.93 -40.38 -16.74
CA ALA B 567 -35.21 -40.50 -17.42
C ALA B 567 -34.98 -40.78 -18.89
N GLN B 568 -35.54 -41.89 -19.37
CA GLN B 568 -35.57 -42.12 -20.80
C GLN B 568 -36.68 -41.30 -21.43
N ALA B 569 -36.47 -40.89 -22.68
CA ALA B 569 -37.43 -40.04 -23.41
C ALA B 569 -38.54 -40.88 -24.04
N ASN B 570 -38.59 -42.18 -23.74
CA ASN B 570 -39.65 -43.04 -24.34
C ASN B 570 -40.88 -43.10 -23.41
N GLY B 571 -40.68 -43.40 -22.11
CA GLY B 571 -41.83 -43.46 -21.19
C GLY B 571 -41.44 -43.38 -19.72
N SER B 572 -40.86 -44.44 -19.17
CA SER B 572 -40.48 -44.47 -17.76
C SER B 572 -39.01 -44.13 -17.56
N VAL B 573 -38.52 -44.44 -16.36
CA VAL B 573 -37.20 -44.05 -15.88
C VAL B 573 -36.38 -45.31 -15.63
N VAL B 574 -35.05 -45.15 -15.69
CA VAL B 574 -34.11 -46.24 -15.43
C VAL B 574 -33.17 -45.79 -14.31
N ASN B 575 -32.80 -46.71 -13.43
CA ASN B 575 -31.89 -46.42 -12.34
C ASN B 575 -30.50 -46.93 -12.65
N VAL B 576 -29.48 -46.13 -12.32
CA VAL B 576 -28.08 -46.50 -12.45
C VAL B 576 -27.37 -46.14 -11.15
N THR B 577 -26.06 -46.39 -11.14
CA THR B 577 -25.21 -46.01 -10.01
C THR B 577 -24.40 -44.77 -10.26
N SER B 578 -23.78 -44.64 -11.43
CA SER B 578 -22.97 -43.45 -11.70
C SER B 578 -23.09 -43.13 -13.18
N VAL B 579 -24.04 -42.28 -13.52
CA VAL B 579 -24.11 -41.78 -14.88
C VAL B 579 -23.02 -40.73 -15.03
N CYS B 580 -22.57 -40.50 -16.26
CA CYS B 580 -21.67 -39.38 -16.48
C CYS B 580 -22.03 -38.87 -17.87
N VAL B 581 -22.37 -37.59 -17.95
CA VAL B 581 -23.24 -37.10 -19.01
C VAL B 581 -22.45 -36.83 -20.27
N GLN B 582 -23.05 -37.13 -21.42
CA GLN B 582 -22.50 -36.79 -22.72
C GLN B 582 -23.36 -35.79 -23.46
N ALA B 583 -24.53 -35.46 -22.91
CA ALA B 583 -25.52 -34.65 -23.61
C ALA B 583 -25.17 -33.17 -23.47
N ARG B 584 -26.10 -32.32 -23.85
CA ARG B 584 -25.86 -30.89 -23.93
C ARG B 584 -26.52 -30.10 -22.81
N GLN B 585 -27.72 -30.47 -22.40
CA GLN B 585 -28.39 -29.81 -21.29
C GLN B 585 -28.85 -30.86 -20.30
N LEU B 586 -28.76 -30.55 -19.02
CA LEU B 586 -29.19 -31.49 -18.01
C LEU B 586 -29.60 -30.74 -16.76
N ALA B 587 -30.20 -31.47 -15.84
CA ALA B 587 -30.63 -30.91 -14.57
C ALA B 587 -30.50 -31.97 -13.50
N LEU B 588 -30.14 -31.56 -12.29
CA LEU B 588 -30.10 -32.46 -11.15
C LEU B 588 -31.26 -32.13 -10.23
N PHE B 589 -32.15 -33.10 -10.05
CA PHE B 589 -33.25 -32.99 -9.12
C PHE B 589 -33.04 -33.93 -7.96
N TYR B 590 -33.68 -33.63 -6.86
CA TYR B 590 -33.49 -34.37 -5.63
C TYR B 590 -34.84 -34.65 -5.00
N LYS B 591 -35.03 -35.89 -4.57
CA LYS B 591 -36.32 -36.30 -4.03
C LYS B 591 -36.07 -37.43 -3.05
N TYR B 592 -36.20 -37.15 -1.77
CA TYR B 592 -36.01 -38.14 -0.73
C TYR B 592 -37.37 -38.61 -0.23
N THR B 593 -37.49 -39.91 -0.03
CA THR B 593 -38.72 -40.48 0.52
C THR B 593 -38.39 -41.43 1.68
N SER B 594 -38.99 -41.16 2.83
CA SER B 594 -39.07 -42.17 3.88
C SER B 594 -40.09 -43.22 3.47
N LEU B 595 -40.00 -44.39 4.09
CA LEU B 595 -40.95 -45.44 3.69
C LEU B 595 -42.31 -45.28 4.35
N GLN B 596 -42.38 -44.75 5.57
CA GLN B 596 -43.67 -44.63 6.24
C GLN B 596 -43.89 -43.22 6.78
N GLY B 597 -44.23 -42.29 5.90
CA GLY B 597 -44.63 -40.92 6.23
C GLY B 597 -43.82 -40.16 7.26
N LEU B 598 -42.52 -40.41 7.32
CA LEU B 598 -41.67 -39.90 8.40
C LEU B 598 -41.06 -38.54 8.07
N TYR B 599 -41.75 -37.73 7.27
CA TYR B 599 -41.22 -36.46 6.81
C TYR B 599 -41.40 -35.39 7.90
N THR B 600 -40.66 -35.57 8.97
CA THR B 600 -40.52 -34.54 9.99
C THR B 600 -39.07 -34.10 10.03
N TYR B 601 -38.80 -33.15 10.93
CA TYR B 601 -37.46 -32.59 11.03
C TYR B 601 -36.46 -33.60 11.56
N SER B 602 -36.90 -34.54 12.37
CA SER B 602 -35.91 -35.32 13.09
C SER B 602 -35.31 -36.44 12.25
N ASN B 603 -35.87 -36.75 11.09
CA ASN B 603 -35.23 -37.67 10.14
C ASN B 603 -35.51 -37.17 8.73
N LEU B 604 -34.59 -36.38 8.21
CA LEU B 604 -34.62 -36.00 6.82
C LEU B 604 -33.38 -36.54 6.14
N VAL B 605 -33.24 -36.23 4.86
CA VAL B 605 -31.95 -36.24 4.18
C VAL B 605 -31.94 -35.00 3.29
N GLN B 606 -30.84 -34.26 3.30
CA GLN B 606 -30.73 -33.20 2.32
C GLN B 606 -29.28 -33.07 1.90
N LEU B 607 -29.09 -32.47 0.74
CA LEU B 607 -27.78 -32.35 0.16
C LEU B 607 -26.96 -31.31 0.90
N GLN B 608 -25.66 -31.36 0.70
CA GLN B 608 -24.74 -30.45 1.34
C GLN B 608 -23.51 -30.28 0.47
N ASN B 609 -23.21 -29.05 0.10
CA ASN B 609 -21.95 -28.77 -0.55
C ASN B 609 -20.86 -28.87 0.49
N TYR B 610 -19.85 -29.70 0.22
CA TYR B 610 -18.74 -29.83 1.14
C TYR B 610 -17.45 -29.28 0.57
N ASP B 611 -17.08 -29.67 -0.65
CA ASP B 611 -15.89 -29.13 -1.28
C ASP B 611 -16.13 -28.44 -2.62
N CYS B 612 -17.24 -28.70 -3.29
CA CYS B 612 -17.40 -28.22 -4.64
C CYS B 612 -17.65 -26.72 -4.65
N PRO B 613 -17.24 -26.02 -5.69
CA PRO B 613 -17.55 -24.60 -5.77
C PRO B 613 -18.91 -24.34 -6.39
N PHE B 614 -19.91 -25.13 -6.00
CA PHE B 614 -21.30 -24.91 -6.36
C PHE B 614 -22.14 -25.78 -5.44
N SER B 615 -23.13 -25.18 -4.82
CA SER B 615 -24.01 -25.96 -3.96
C SER B 615 -25.01 -26.74 -4.79
N PRO B 616 -25.52 -27.87 -4.27
CA PRO B 616 -26.47 -28.66 -5.07
C PRO B 616 -27.81 -27.99 -5.24
N GLN B 617 -28.24 -27.16 -4.30
CA GLN B 617 -29.51 -26.47 -4.48
C GLN B 617 -29.37 -25.18 -5.28
N GLN B 618 -28.21 -24.92 -5.86
CA GLN B 618 -28.04 -23.88 -6.86
C GLN B 618 -27.68 -24.45 -8.21
N PHE B 619 -27.61 -25.78 -8.32
CA PHE B 619 -27.02 -26.43 -9.49
C PHE B 619 -27.88 -26.26 -10.72
N ASN B 620 -29.18 -26.07 -10.56
CA ASN B 620 -30.05 -25.98 -11.71
C ASN B 620 -30.09 -24.60 -12.32
N ASN B 621 -29.26 -23.68 -11.86
CA ASN B 621 -29.09 -22.44 -12.59
C ASN B 621 -28.18 -22.68 -13.79
N TYR B 622 -28.01 -21.66 -14.61
CA TYR B 622 -27.29 -21.80 -15.87
C TYR B 622 -25.80 -21.87 -15.59
N LEU B 623 -25.35 -23.04 -15.16
CA LEU B 623 -23.94 -23.30 -14.96
C LEU B 623 -23.36 -23.98 -16.18
N GLN B 624 -22.08 -23.74 -16.44
CA GLN B 624 -21.43 -24.19 -17.65
C GLN B 624 -20.21 -25.02 -17.32
N PHE B 625 -20.12 -26.20 -17.92
CA PHE B 625 -18.99 -27.09 -17.72
C PHE B 625 -18.51 -27.61 -19.07
N GLU B 626 -17.30 -28.19 -19.06
CA GLU B 626 -16.80 -28.96 -20.18
C GLU B 626 -17.13 -30.44 -20.01
N THR B 627 -16.63 -31.04 -18.94
CA THR B 627 -16.93 -32.41 -18.59
C THR B 627 -17.65 -32.41 -17.25
N LEU B 628 -18.46 -33.44 -17.03
CA LEU B 628 -19.22 -33.53 -15.80
C LEU B 628 -19.57 -35.00 -15.61
N CYS B 629 -19.04 -35.62 -14.57
CA CYS B 629 -19.41 -37.01 -14.32
C CYS B 629 -19.60 -37.24 -12.83
N PHE B 630 -20.72 -37.86 -12.49
CA PHE B 630 -21.12 -38.10 -11.11
C PHE B 630 -20.65 -39.46 -10.64
N ASP B 631 -20.67 -39.64 -9.33
CA ASP B 631 -20.38 -40.93 -8.72
C ASP B 631 -20.92 -40.94 -7.30
N VAL B 632 -21.24 -42.14 -6.81
CA VAL B 632 -21.72 -42.31 -5.44
C VAL B 632 -20.73 -43.08 -4.57
N SER B 633 -19.78 -43.79 -5.14
CA SER B 633 -18.83 -44.56 -4.38
C SER B 633 -17.62 -43.71 -4.04
N PRO B 634 -16.72 -44.20 -3.18
CA PRO B 634 -15.38 -43.57 -3.11
C PRO B 634 -14.51 -43.89 -4.32
N ALA B 635 -14.91 -43.37 -5.47
CA ALA B 635 -14.22 -43.53 -6.74
C ALA B 635 -13.20 -42.43 -6.91
N VAL B 636 -12.82 -42.15 -8.16
CA VAL B 636 -11.97 -41.03 -8.55
C VAL B 636 -12.47 -39.75 -7.89
N ALA B 637 -11.60 -39.11 -7.12
CA ALA B 637 -12.00 -37.97 -6.34
C ALA B 637 -12.02 -36.73 -7.22
N GLY B 638 -13.16 -36.09 -7.30
CA GLY B 638 -13.22 -34.71 -7.74
C GLY B 638 -13.41 -33.88 -6.49
N CYS B 639 -14.52 -33.18 -6.40
CA CYS B 639 -15.02 -32.69 -5.13
C CYS B 639 -16.26 -33.47 -4.78
N LYS B 640 -16.64 -33.48 -3.51
CA LYS B 640 -17.68 -34.36 -3.05
C LYS B 640 -18.74 -33.62 -2.26
N TRP B 641 -19.98 -34.04 -2.44
CA TRP B 641 -21.13 -33.49 -1.73
C TRP B 641 -21.46 -34.39 -0.56
N SER B 642 -21.89 -33.76 0.53
CA SER B 642 -22.22 -34.54 1.70
C SER B 642 -23.68 -34.99 1.63
N LEU B 643 -24.10 -35.76 2.63
CA LEU B 643 -25.43 -36.34 2.61
C LEU B 643 -25.81 -36.65 4.06
N VAL B 644 -26.61 -35.78 4.66
CA VAL B 644 -26.74 -35.74 6.11
C VAL B 644 -28.11 -36.25 6.54
N HIS B 645 -28.16 -36.80 7.75
CA HIS B 645 -29.41 -37.39 8.24
C HIS B 645 -30.21 -36.43 9.11
N ASP B 646 -29.72 -36.09 10.28
CA ASP B 646 -30.49 -35.22 11.14
C ASP B 646 -30.13 -33.80 10.75
N VAL B 647 -31.13 -33.00 10.45
CA VAL B 647 -30.88 -31.65 9.96
C VAL B 647 -30.61 -30.74 11.17
N LYS B 648 -30.72 -31.28 12.37
CA LYS B 648 -30.02 -30.73 13.52
C LYS B 648 -28.62 -31.31 13.69
N TRP B 649 -28.48 -32.64 13.68
CA TRP B 649 -27.22 -33.32 14.00
C TRP B 649 -26.71 -34.04 12.76
N ARG B 650 -25.95 -33.32 11.94
CA ARG B 650 -25.73 -33.71 10.55
C ARG B 650 -24.64 -34.76 10.45
N THR B 651 -25.01 -36.00 10.78
CA THR B 651 -24.15 -37.14 10.52
C THR B 651 -24.32 -37.61 9.08
N GLN B 652 -23.28 -38.20 8.53
CA GLN B 652 -23.17 -38.41 7.09
C GLN B 652 -23.18 -39.89 6.75
N PHE B 653 -23.75 -40.22 5.60
CA PHE B 653 -23.81 -41.61 5.15
C PHE B 653 -22.67 -41.92 4.19
N ALA B 654 -22.67 -41.22 3.06
CA ALA B 654 -21.84 -41.51 1.90
C ALA B 654 -21.89 -40.30 0.99
N THR B 655 -20.77 -40.03 0.34
CA THR B 655 -20.67 -38.82 -0.44
C THR B 655 -21.16 -39.05 -1.86
N ILE B 656 -21.44 -37.95 -2.54
CA ILE B 656 -21.70 -37.94 -3.97
C ILE B 656 -20.58 -37.10 -4.57
N THR B 657 -19.50 -37.76 -4.99
CA THR B 657 -18.42 -37.00 -5.59
C THR B 657 -18.75 -36.71 -7.05
N VAL B 658 -18.38 -35.52 -7.50
CA VAL B 658 -18.58 -35.12 -8.88
C VAL B 658 -17.21 -34.84 -9.47
N SER B 659 -17.07 -35.08 -10.76
CA SER B 659 -15.84 -34.81 -11.47
C SER B 659 -16.15 -33.88 -12.62
N TYR B 660 -15.32 -32.86 -12.79
CA TYR B 660 -15.69 -31.78 -13.69
C TYR B 660 -14.46 -30.99 -14.07
N LYS B 661 -14.59 -30.25 -15.16
CA LYS B 661 -13.69 -29.16 -15.46
C LYS B 661 -14.46 -28.11 -16.24
N ASP B 662 -13.96 -26.89 -16.22
CA ASP B 662 -14.71 -25.77 -16.75
C ASP B 662 -14.74 -25.80 -18.28
N GLY B 663 -15.86 -25.37 -18.83
CA GLY B 663 -16.00 -25.29 -20.27
C GLY B 663 -17.40 -24.87 -20.64
N ALA B 664 -17.67 -24.90 -21.94
CA ALA B 664 -18.90 -24.33 -22.46
C ALA B 664 -19.76 -25.33 -23.23
N MET B 665 -19.36 -26.59 -23.30
CA MET B 665 -20.16 -27.53 -24.06
C MET B 665 -21.37 -28.02 -23.29
N ILE B 666 -21.35 -27.98 -21.97
CA ILE B 666 -22.41 -28.49 -21.14
C ILE B 666 -23.00 -27.34 -20.34
N THR B 667 -24.32 -27.14 -20.47
CA THR B 667 -25.00 -26.04 -19.81
C THR B 667 -26.22 -26.60 -19.07
N THR B 668 -26.32 -26.30 -17.78
CA THR B 668 -27.46 -26.77 -17.00
C THR B 668 -28.68 -25.91 -17.29
N MET B 669 -29.84 -26.54 -17.34
CA MET B 669 -31.11 -25.86 -17.54
C MET B 669 -32.10 -26.30 -16.47
N PRO B 670 -32.91 -25.40 -15.94
CA PRO B 670 -33.78 -25.78 -14.84
C PRO B 670 -35.08 -26.44 -15.29
N LYS B 671 -35.60 -26.09 -16.46
CA LYS B 671 -36.99 -26.43 -16.75
C LYS B 671 -37.20 -26.91 -18.18
N ALA B 672 -36.20 -27.58 -18.74
CA ALA B 672 -36.33 -28.45 -19.91
C ALA B 672 -36.85 -27.70 -21.15
N GLN B 673 -36.02 -26.82 -21.68
CA GLN B 673 -36.40 -26.11 -22.90
C GLN B 673 -36.31 -27.08 -24.08
N LEU B 674 -37.43 -27.70 -24.40
CA LEU B 674 -37.52 -28.72 -25.44
C LEU B 674 -38.19 -28.12 -26.67
N GLY B 675 -38.03 -28.79 -27.80
CA GLY B 675 -38.66 -28.39 -29.04
C GLY B 675 -37.97 -27.28 -29.81
N PHE B 676 -37.59 -26.20 -29.12
CA PHE B 676 -36.96 -25.07 -29.77
C PHE B 676 -35.52 -25.39 -30.13
N GLN B 677 -35.12 -24.98 -31.34
CA GLN B 677 -33.73 -24.94 -31.70
C GLN B 677 -33.14 -23.55 -31.54
N ASP B 678 -33.65 -22.81 -30.54
CA ASP B 678 -33.19 -21.46 -30.24
C ASP B 678 -33.57 -21.15 -28.81
N ILE B 679 -32.64 -20.56 -28.06
CA ILE B 679 -32.87 -20.19 -26.68
C ILE B 679 -32.95 -18.68 -26.62
N SER B 680 -33.83 -18.17 -25.74
CA SER B 680 -34.46 -16.87 -25.96
C SER B 680 -34.57 -16.06 -24.68
N ASN B 681 -35.59 -15.19 -24.67
CA ASN B 681 -35.96 -14.30 -23.57
C ASN B 681 -34.97 -13.16 -23.41
N ILE B 682 -34.59 -12.56 -24.53
CA ILE B 682 -34.12 -11.18 -24.50
C ILE B 682 -35.27 -10.33 -23.99
N VAL B 683 -35.07 -9.66 -22.87
CA VAL B 683 -36.08 -8.82 -22.26
C VAL B 683 -35.55 -7.40 -22.28
N LYS B 684 -36.19 -6.54 -23.05
CA LYS B 684 -35.65 -5.22 -23.31
C LYS B 684 -36.34 -4.16 -22.46
N ASP B 685 -35.65 -3.05 -22.30
CA ASP B 685 -36.16 -1.79 -21.75
C ASP B 685 -36.63 -1.91 -20.30
N GLU B 686 -36.07 -2.84 -19.54
CA GLU B 686 -36.36 -2.91 -18.11
C GLU B 686 -35.18 -3.57 -17.42
N CYS B 687 -35.13 -3.42 -16.10
CA CYS B 687 -34.04 -3.99 -15.34
C CYS B 687 -34.24 -5.49 -15.23
N THR B 688 -33.40 -6.26 -15.89
CA THR B 688 -33.50 -7.70 -15.86
C THR B 688 -32.34 -8.30 -15.11
N ASP B 689 -32.28 -9.62 -15.10
CA ASP B 689 -31.11 -10.37 -14.64
C ASP B 689 -30.67 -11.18 -15.86
N TYR B 690 -29.45 -10.96 -16.31
CA TYR B 690 -29.03 -11.69 -17.48
C TYR B 690 -28.13 -12.85 -17.13
N ASN B 691 -28.00 -13.77 -18.07
CA ASN B 691 -26.98 -14.81 -18.04
C ASN B 691 -26.57 -14.98 -19.50
N ILE B 692 -25.55 -14.27 -19.92
CA ILE B 692 -25.18 -14.15 -21.31
C ILE B 692 -23.82 -14.79 -21.50
N TYR B 693 -23.80 -15.94 -22.17
CA TYR B 693 -22.60 -16.68 -22.55
C TYR B 693 -21.73 -17.02 -21.35
N GLY B 694 -22.32 -17.20 -20.19
CA GLY B 694 -21.58 -17.39 -18.98
C GLY B 694 -21.38 -16.14 -18.15
N PHE B 695 -21.46 -14.97 -18.75
CA PHE B 695 -21.40 -13.75 -17.96
C PHE B 695 -22.74 -13.52 -17.29
N GLN B 696 -22.71 -12.81 -16.17
CA GLN B 696 -23.85 -12.80 -15.28
C GLN B 696 -23.94 -11.47 -14.55
N GLY B 697 -25.16 -11.06 -14.27
CA GLY B 697 -25.38 -9.79 -13.61
C GLY B 697 -26.72 -9.24 -14.01
N THR B 698 -27.00 -8.03 -13.51
CA THR B 698 -28.26 -7.36 -13.72
C THR B 698 -28.03 -6.07 -14.49
N GLY B 699 -29.01 -5.68 -15.29
CA GLY B 699 -28.90 -4.46 -16.05
C GLY B 699 -30.07 -4.28 -17.00
N ILE B 700 -29.93 -3.31 -17.89
CA ILE B 700 -30.95 -2.96 -18.87
C ILE B 700 -30.37 -3.22 -20.25
N ILE B 701 -31.07 -4.02 -21.04
CA ILE B 701 -30.60 -4.43 -22.36
C ILE B 701 -31.44 -3.71 -23.40
N ARG B 702 -30.77 -3.09 -24.37
CA ARG B 702 -31.44 -2.40 -25.46
C ARG B 702 -30.98 -2.96 -26.78
N SER B 703 -31.54 -2.42 -27.86
CA SER B 703 -31.18 -2.80 -29.21
C SER B 703 -30.66 -1.57 -29.93
N THR B 704 -29.68 -1.76 -30.80
CA THR B 704 -29.07 -0.64 -31.49
C THR B 704 -28.91 -0.96 -32.96
N THR B 705 -28.59 0.08 -33.73
CA THR B 705 -28.28 -0.03 -35.15
C THR B 705 -26.83 0.40 -35.33
N SER B 706 -25.93 -0.53 -35.07
CA SER B 706 -24.51 -0.35 -35.34
C SER B 706 -23.94 -1.75 -35.50
N ARG B 707 -23.10 -1.93 -36.50
CA ARG B 707 -22.62 -3.26 -36.83
C ARG B 707 -21.11 -3.31 -36.69
N LEU B 708 -20.64 -4.29 -35.93
CA LEU B 708 -19.23 -4.54 -35.74
C LEU B 708 -18.92 -5.93 -36.24
N VAL B 709 -17.88 -6.05 -37.05
CA VAL B 709 -17.48 -7.33 -37.60
C VAL B 709 -16.45 -7.95 -36.65
N ALA B 710 -16.93 -8.68 -35.65
CA ALA B 710 -16.04 -9.23 -34.64
C ALA B 710 -16.71 -10.41 -33.98
N GLY B 711 -16.20 -10.80 -32.82
CA GLY B 711 -16.67 -11.96 -32.09
C GLY B 711 -18.00 -11.76 -31.43
N LEU B 712 -18.21 -12.48 -30.33
CA LEU B 712 -19.55 -12.57 -29.79
C LEU B 712 -19.89 -11.39 -28.91
N TYR B 713 -18.98 -10.99 -28.03
CA TYR B 713 -19.32 -9.99 -27.04
C TYR B 713 -18.13 -9.10 -26.77
N TYR B 714 -18.39 -8.07 -25.97
CA TYR B 714 -17.49 -6.94 -25.83
C TYR B 714 -17.40 -6.57 -24.36
N THR B 715 -16.26 -6.82 -23.75
CA THR B 715 -16.13 -6.54 -22.34
C THR B 715 -15.47 -5.20 -22.11
N SER B 716 -15.52 -4.76 -20.86
CA SER B 716 -14.86 -3.55 -20.42
C SER B 716 -13.44 -3.86 -20.02
N ALA B 717 -12.80 -2.92 -19.35
CA ALA B 717 -11.51 -3.18 -18.71
C ALA B 717 -11.67 -3.83 -17.35
N SER B 718 -12.89 -4.02 -16.88
CA SER B 718 -13.13 -4.61 -15.57
C SER B 718 -13.89 -5.91 -15.66
N GLY B 719 -13.97 -6.49 -16.85
CA GLY B 719 -14.63 -7.78 -16.99
C GLY B 719 -16.14 -7.74 -16.93
N ASP B 720 -16.75 -6.58 -17.13
CA ASP B 720 -18.19 -6.49 -17.19
C ASP B 720 -18.65 -6.48 -18.65
N LEU B 721 -19.87 -6.94 -18.86
CA LEU B 721 -20.43 -6.92 -20.20
C LEU B 721 -20.78 -5.52 -20.62
N LEU B 722 -20.43 -5.17 -21.84
CA LEU B 722 -20.89 -3.94 -22.45
C LEU B 722 -21.79 -4.17 -23.63
N GLY B 723 -21.62 -5.29 -24.33
CA GLY B 723 -22.44 -5.58 -25.48
C GLY B 723 -22.13 -6.95 -26.00
N PHE B 724 -23.05 -7.45 -26.82
CA PHE B 724 -22.94 -8.82 -27.29
C PHE B 724 -23.72 -8.94 -28.59
N LYS B 725 -23.37 -9.95 -29.36
CA LYS B 725 -23.90 -10.14 -30.70
C LYS B 725 -24.72 -11.41 -30.75
N ILE B 726 -25.95 -11.30 -31.24
CA ILE B 726 -26.75 -12.49 -31.50
C ILE B 726 -26.18 -13.18 -32.72
N SER B 727 -26.16 -14.51 -32.69
CA SER B 727 -25.57 -15.25 -33.79
C SER B 727 -26.55 -15.51 -34.93
N THR B 728 -27.83 -15.71 -34.61
CA THR B 728 -28.81 -16.03 -35.63
C THR B 728 -29.12 -14.86 -36.54
N THR B 729 -28.81 -13.65 -36.11
CA THR B 729 -28.96 -12.47 -36.94
C THR B 729 -27.71 -11.63 -36.76
N GLY B 730 -27.77 -10.39 -37.19
CA GLY B 730 -26.57 -9.58 -37.12
C GLY B 730 -26.59 -8.52 -36.05
N GLU B 731 -27.75 -8.33 -35.42
CA GLU B 731 -27.91 -7.18 -34.54
C GLU B 731 -27.17 -7.40 -33.24
N ILE B 732 -26.67 -6.31 -32.67
CA ILE B 732 -25.97 -6.37 -31.40
C ILE B 732 -26.78 -5.59 -30.38
N PHE B 733 -26.55 -5.92 -29.12
CA PHE B 733 -27.29 -5.32 -28.03
C PHE B 733 -26.32 -4.63 -27.08
N THR B 734 -26.87 -3.84 -26.17
CA THR B 734 -26.06 -3.03 -25.27
C THR B 734 -26.50 -3.26 -23.85
N VAL B 735 -25.55 -3.59 -22.99
CA VAL B 735 -25.82 -3.81 -21.58
C VAL B 735 -25.48 -2.54 -20.83
N VAL B 736 -26.46 -2.01 -20.09
CA VAL B 736 -26.27 -0.84 -19.24
C VAL B 736 -26.75 -1.24 -17.86
N PRO B 737 -25.97 -0.99 -16.80
CA PRO B 737 -26.41 -1.40 -15.46
C PRO B 737 -27.61 -0.59 -15.00
N CYS B 738 -28.41 -1.22 -14.14
CA CYS B 738 -29.79 -0.77 -13.92
C CYS B 738 -29.83 0.51 -13.11
N ASP B 739 -29.00 0.62 -12.09
CA ASP B 739 -29.02 1.76 -11.17
C ASP B 739 -27.68 2.46 -11.24
N LEU B 740 -27.58 3.51 -12.05
CA LEU B 740 -26.39 4.31 -12.05
C LEU B 740 -26.33 5.18 -10.81
N THR B 741 -25.14 5.70 -10.52
CA THR B 741 -24.98 6.50 -9.33
C THR B 741 -25.57 7.89 -9.53
N ALA B 742 -25.70 8.60 -8.42
CA ALA B 742 -26.18 9.97 -8.45
C ALA B 742 -25.42 10.75 -7.40
N GLN B 743 -25.59 12.06 -7.44
CA GLN B 743 -24.80 12.98 -6.64
C GLN B 743 -25.70 13.94 -5.91
N ALA B 744 -26.66 13.38 -5.16
CA ALA B 744 -27.72 14.16 -4.52
C ALA B 744 -27.18 15.22 -3.58
N ALA B 745 -27.82 16.38 -3.59
CA ALA B 745 -27.38 17.54 -2.85
C ALA B 745 -28.39 17.84 -1.75
N VAL B 746 -27.91 17.92 -0.52
CA VAL B 746 -28.76 18.14 0.64
C VAL B 746 -28.44 19.50 1.22
N ILE B 747 -29.47 20.28 1.48
CA ILE B 747 -29.35 21.54 2.18
C ILE B 747 -30.34 21.49 3.33
N ASN B 748 -29.82 21.35 4.55
CA ASN B 748 -30.57 21.47 5.79
C ASN B 748 -31.70 20.44 5.87
N ASP B 749 -31.28 19.17 5.93
CA ASP B 749 -32.17 18.02 6.20
C ASP B 749 -33.20 17.86 5.08
N GLU B 750 -32.78 18.10 3.84
CA GLU B 750 -33.69 17.93 2.70
C GLU B 750 -32.86 17.71 1.45
N ILE B 751 -33.14 16.64 0.73
CA ILE B 751 -32.46 16.40 -0.54
C ILE B 751 -33.00 17.40 -1.55
N VAL B 752 -32.15 18.33 -1.95
CA VAL B 752 -32.61 19.38 -2.86
C VAL B 752 -32.73 18.85 -4.26
N GLY B 753 -31.65 18.31 -4.80
CA GLY B 753 -31.68 17.77 -6.14
C GLY B 753 -30.54 16.82 -6.35
N ALA B 754 -30.53 16.19 -7.51
CA ALA B 754 -29.55 15.16 -7.82
C ALA B 754 -28.84 15.50 -9.12
N ILE B 755 -27.51 15.57 -9.06
CA ILE B 755 -26.72 15.62 -10.28
C ILE B 755 -26.68 14.20 -10.79
N THR B 756 -27.59 13.87 -11.67
CA THR B 756 -27.73 12.50 -12.11
C THR B 756 -27.23 12.36 -13.53
N ALA B 757 -27.35 11.17 -14.06
CA ALA B 757 -26.98 10.92 -15.42
C ALA B 757 -28.13 10.46 -16.29
N THR B 758 -29.06 9.72 -15.74
CA THR B 758 -30.10 9.27 -16.67
C THR B 758 -31.22 10.28 -16.73
N ASN B 759 -32.21 10.01 -15.92
CA ASN B 759 -33.49 10.68 -16.05
C ASN B 759 -34.41 9.92 -15.13
N GLN B 760 -35.35 10.64 -14.60
CA GLN B 760 -36.31 10.08 -13.64
C GLN B 760 -35.70 9.10 -12.65
N THR B 761 -34.42 9.20 -12.25
CA THR B 761 -34.22 8.46 -11.01
C THR B 761 -34.97 9.12 -9.85
N ASP B 762 -35.49 8.30 -8.95
CA ASP B 762 -36.59 8.72 -8.10
C ASP B 762 -36.21 9.78 -7.08
N LEU B 763 -35.56 9.36 -5.99
CA LEU B 763 -35.05 10.22 -4.91
C LEU B 763 -36.02 11.25 -4.32
N PHE B 764 -37.30 11.16 -4.64
CA PHE B 764 -38.25 12.16 -4.18
C PHE B 764 -39.63 11.60 -3.86
N GLU B 765 -39.88 10.32 -4.11
CA GLU B 765 -41.26 9.95 -4.43
C GLU B 765 -42.13 9.77 -3.20
N PHE B 766 -41.86 8.73 -2.41
CA PHE B 766 -42.91 8.29 -1.48
C PHE B 766 -42.33 7.39 -0.41
N VAL B 767 -43.09 7.26 0.67
CA VAL B 767 -42.99 6.17 1.62
C VAL B 767 -44.32 5.43 1.74
N ASN B 768 -45.40 6.16 1.96
CA ASN B 768 -46.75 5.64 1.85
C ASN B 768 -47.21 5.78 0.40
N HIS B 769 -48.49 5.47 0.14
CA HIS B 769 -49.18 5.72 -1.14
C HIS B 769 -48.55 5.04 -2.35
N SER B 781 -44.61 13.67 -7.55
CA SER B 781 -45.18 15.02 -7.60
C SER B 781 -44.71 15.77 -8.83
N THR B 782 -44.75 17.10 -8.76
CA THR B 782 -44.24 17.92 -9.85
C THR B 782 -42.71 17.92 -9.85
N VAL B 783 -42.13 16.89 -10.44
CA VAL B 783 -40.70 16.65 -10.39
C VAL B 783 -40.11 17.04 -11.73
N ASN B 784 -39.49 18.21 -11.78
CA ASN B 784 -38.94 18.72 -13.02
C ASN B 784 -37.63 18.03 -13.37
N THR B 785 -37.19 18.23 -14.60
CA THR B 785 -35.96 17.61 -15.10
C THR B 785 -35.30 18.57 -16.07
N TYR B 786 -34.12 19.05 -15.72
CA TYR B 786 -33.42 20.01 -16.55
C TYR B 786 -32.26 19.36 -17.29
N THR B 787 -31.65 20.13 -18.18
CA THR B 787 -30.60 19.62 -19.06
C THR B 787 -29.43 20.59 -19.06
N MET B 788 -28.37 20.21 -18.39
CA MET B 788 -27.10 20.92 -18.45
C MET B 788 -26.31 20.42 -19.64
N PRO B 789 -25.18 21.05 -19.97
CA PRO B 789 -24.32 20.50 -21.03
C PRO B 789 -23.81 19.09 -20.78
N GLN B 790 -23.54 18.72 -19.53
CA GLN B 790 -22.90 17.45 -19.28
C GLN B 790 -23.75 16.46 -18.51
N PHE B 791 -24.87 16.88 -17.93
CA PHE B 791 -25.66 15.95 -17.16
C PHE B 791 -27.09 16.46 -17.10
N TYR B 792 -27.99 15.57 -16.73
CA TYR B 792 -29.34 15.98 -16.40
C TYR B 792 -29.37 16.52 -14.97
N TYR B 793 -30.52 17.03 -14.58
CA TYR B 793 -30.67 17.61 -13.24
C TYR B 793 -32.13 17.59 -12.86
N ILE B 794 -32.43 17.13 -11.65
CA ILE B 794 -33.78 16.79 -11.23
C ILE B 794 -34.08 17.51 -9.93
N THR B 795 -35.03 18.46 -9.96
CA THR B 795 -35.45 19.17 -8.77
C THR B 795 -36.85 19.72 -8.98
N LYS B 796 -37.70 19.55 -7.97
CA LYS B 796 -39.03 20.14 -7.94
C LYS B 796 -38.99 21.65 -7.66
N TRP B 797 -38.46 22.40 -8.60
CA TRP B 797 -38.71 23.83 -8.64
C TRP B 797 -38.97 24.23 -10.08
N ASN B 798 -39.97 25.07 -10.27
CA ASN B 798 -40.39 25.45 -11.61
C ASN B 798 -39.57 26.65 -12.07
N ASN B 799 -39.10 26.58 -13.31
CA ASN B 799 -38.29 27.66 -13.88
C ASN B 799 -39.15 28.88 -14.17
N GLY B 800 -39.62 29.54 -13.11
CA GLY B 800 -40.47 30.70 -13.21
C GLY B 800 -39.88 31.89 -12.48
N THR B 801 -40.43 32.17 -11.31
CA THR B 801 -40.15 33.40 -10.57
C THR B 801 -39.66 33.17 -9.16
N SER B 802 -38.70 32.26 -8.98
CA SER B 802 -38.08 32.06 -7.67
C SER B 802 -37.37 33.31 -7.20
N SER B 803 -36.30 33.70 -7.90
CA SER B 803 -35.55 34.95 -7.76
C SER B 803 -34.99 35.25 -6.37
N ASN B 804 -35.06 34.31 -5.44
CA ASN B 804 -34.45 34.46 -4.13
C ASN B 804 -34.06 33.10 -3.61
N CYS B 805 -32.80 32.95 -3.24
CA CYS B 805 -32.34 31.83 -2.45
C CYS B 805 -31.09 32.27 -1.71
N THR B 806 -30.94 31.79 -0.49
CA THR B 806 -29.98 32.32 0.46
C THR B 806 -28.64 31.62 0.47
N SER B 807 -28.62 30.29 0.51
CA SER B 807 -27.37 29.57 0.69
C SER B 807 -27.13 28.72 -0.53
N VAL B 808 -25.85 28.56 -0.89
CA VAL B 808 -25.46 27.83 -2.08
C VAL B 808 -24.50 26.72 -1.70
N ILE B 809 -24.49 25.67 -2.51
CA ILE B 809 -23.47 24.64 -2.46
C ILE B 809 -22.75 24.69 -3.80
N THR B 810 -21.44 24.89 -3.77
CA THR B 810 -20.71 25.29 -4.95
C THR B 810 -20.08 24.10 -5.65
N TYR B 811 -19.93 24.23 -6.96
CA TYR B 811 -19.00 23.43 -7.74
C TYR B 811 -18.63 24.24 -8.99
N SER B 812 -17.60 23.76 -9.69
CA SER B 812 -16.72 24.43 -10.65
C SER B 812 -17.35 25.51 -11.51
N SER B 813 -18.44 25.18 -12.16
CA SER B 813 -19.18 26.21 -12.87
C SER B 813 -20.66 26.14 -12.52
N PHE B 814 -21.05 25.27 -11.59
CA PHE B 814 -22.45 25.07 -11.25
C PHE B 814 -22.59 25.06 -9.74
N ALA B 815 -23.28 26.05 -9.21
CA ALA B 815 -23.62 26.10 -7.80
C ALA B 815 -25.12 25.97 -7.66
N ILE B 816 -25.55 25.17 -6.69
CA ILE B 816 -26.96 24.90 -6.45
C ILE B 816 -27.38 25.68 -5.23
N CYS B 817 -28.39 26.53 -5.39
CA CYS B 817 -28.85 27.38 -4.32
C CYS B 817 -30.02 26.71 -3.61
N ASN B 818 -30.69 27.45 -2.74
CA ASN B 818 -31.55 26.83 -1.73
C ASN B 818 -32.84 26.29 -2.33
N THR B 819 -33.37 26.94 -3.35
CA THR B 819 -34.63 26.49 -3.94
C THR B 819 -34.36 25.68 -5.21
N GLY B 820 -33.30 24.90 -5.21
CA GLY B 820 -33.02 24.00 -6.30
C GLY B 820 -32.44 24.64 -7.54
N GLU B 821 -32.34 25.96 -7.58
CA GLU B 821 -31.92 26.65 -8.79
C GLU B 821 -30.41 26.57 -8.94
N ILE B 822 -29.96 25.99 -10.05
CA ILE B 822 -28.55 25.95 -10.39
C ILE B 822 -28.20 27.24 -11.10
N LYS B 823 -27.23 27.97 -10.56
CA LYS B 823 -26.69 29.12 -11.24
C LYS B 823 -25.39 28.71 -11.93
N TYR B 824 -25.14 29.30 -13.08
CA TYR B 824 -23.88 29.05 -13.77
C TYR B 824 -22.80 29.93 -13.19
N VAL B 825 -21.80 29.32 -12.57
CA VAL B 825 -20.73 30.08 -11.93
C VAL B 825 -19.77 30.55 -13.01
N ASN B 826 -19.83 31.82 -13.35
CA ASN B 826 -18.83 32.39 -14.25
C ASN B 826 -17.61 32.79 -13.43
N VAL B 827 -16.63 33.33 -14.11
CA VAL B 827 -15.43 33.81 -13.45
C VAL B 827 -15.72 35.18 -12.83
N THR B 828 -15.18 35.43 -11.65
CA THR B 828 -15.46 36.65 -10.92
C THR B 828 -14.83 37.84 -11.62
N HIS B 829 -15.64 38.78 -12.08
CA HIS B 829 -15.13 39.95 -12.75
C HIS B 829 -14.67 40.99 -11.75
N VAL B 830 -13.51 41.57 -12.00
CA VAL B 830 -12.99 42.63 -11.17
C VAL B 830 -12.78 43.86 -12.04
N GLU B 831 -12.55 44.99 -11.37
CA GLU B 831 -12.31 46.22 -12.11
C GLU B 831 -10.94 46.21 -12.76
N ILE B 832 -9.88 46.19 -11.96
CA ILE B 832 -8.52 46.00 -12.45
C ILE B 832 -7.87 44.92 -11.61
N VAL B 833 -7.04 44.10 -12.25
CA VAL B 833 -6.49 42.91 -11.58
C VAL B 833 -5.27 43.38 -10.82
N ASP B 834 -5.54 44.07 -9.71
CA ASP B 834 -4.54 44.81 -8.97
C ASP B 834 -5.23 45.38 -7.73
N ASP B 835 -4.46 45.77 -6.74
CA ASP B 835 -4.99 46.49 -5.60
C ASP B 835 -4.08 47.71 -5.47
N SER B 836 -4.49 48.81 -6.10
CA SER B 836 -3.55 49.84 -6.52
C SER B 836 -2.96 50.65 -5.39
N VAL B 837 -2.21 49.99 -4.51
CA VAL B 837 -1.39 50.61 -3.47
C VAL B 837 -0.40 49.54 -3.03
N GLY B 838 0.85 49.94 -2.79
CA GLY B 838 1.88 48.99 -2.40
C GLY B 838 2.57 48.29 -3.54
N VAL B 839 1.89 48.11 -4.67
CA VAL B 839 2.44 47.52 -5.89
C VAL B 839 3.30 48.55 -6.61
N ILE B 840 4.02 48.08 -7.63
CA ILE B 840 4.73 48.99 -8.50
C ILE B 840 3.74 49.85 -9.28
N LYS B 841 4.11 51.10 -9.48
CA LYS B 841 3.26 52.08 -10.16
C LYS B 841 4.00 52.58 -11.38
N PRO B 842 4.10 51.76 -12.41
CA PRO B 842 5.06 52.06 -13.47
C PRO B 842 4.49 52.97 -14.55
N VAL B 843 3.75 54.01 -14.16
CA VAL B 843 3.17 54.93 -15.10
C VAL B 843 3.48 56.32 -14.60
N SER B 844 4.08 57.15 -15.46
CA SER B 844 4.24 58.55 -15.15
C SER B 844 3.80 59.37 -16.35
N THR B 845 3.73 60.69 -16.12
CA THR B 845 3.53 61.72 -17.14
C THR B 845 2.30 61.47 -18.00
N GLY B 846 1.25 60.98 -17.37
CA GLY B 846 0.01 60.78 -18.07
C GLY B 846 -1.13 61.22 -17.23
N ASN B 847 -2.31 60.75 -17.58
CA ASN B 847 -3.51 60.98 -16.78
C ASN B 847 -3.67 59.80 -15.84
N ILE B 848 -2.90 59.82 -14.76
CA ILE B 848 -2.84 58.69 -13.84
C ILE B 848 -4.02 58.74 -12.89
N THR B 849 -4.22 57.64 -12.16
CA THR B 849 -5.33 57.51 -11.23
C THR B 849 -4.77 57.12 -9.87
N ILE B 850 -4.90 58.01 -8.90
CA ILE B 850 -4.33 57.82 -7.56
C ILE B 850 -5.48 57.64 -6.58
N PRO B 851 -5.45 56.62 -5.72
CA PRO B 851 -6.57 56.41 -4.79
C PRO B 851 -6.61 57.42 -3.67
N LYS B 852 -7.82 57.84 -3.29
CA LYS B 852 -8.04 58.80 -2.22
C LYS B 852 -8.48 58.15 -0.91
N ASN B 853 -9.62 57.49 -0.92
CA ASN B 853 -10.19 56.95 0.30
C ASN B 853 -9.83 55.50 0.46
N PHE B 854 -10.01 54.98 1.66
CA PHE B 854 -9.59 53.64 1.94
C PHE B 854 -10.57 52.97 2.89
N THR B 855 -10.58 51.65 2.84
CA THR B 855 -11.29 50.86 3.81
C THR B 855 -10.52 49.58 4.00
N VAL B 856 -10.84 48.88 5.07
CA VAL B 856 -10.15 47.64 5.40
C VAL B 856 -11.07 46.47 5.06
N ALA B 857 -10.50 45.29 5.05
CA ALA B 857 -11.26 44.06 4.85
C ALA B 857 -10.50 42.94 5.49
N VAL B 858 -11.15 42.19 6.35
CA VAL B 858 -10.51 41.12 7.08
C VAL B 858 -10.76 39.83 6.34
N GLN B 859 -9.69 39.07 6.13
CA GLN B 859 -9.78 37.77 5.48
C GLN B 859 -9.01 36.77 6.32
N ALA B 860 -9.67 35.72 6.75
CA ALA B 860 -9.07 34.77 7.67
C ALA B 860 -8.51 33.57 6.93
N GLU B 861 -7.40 33.04 7.43
CA GLU B 861 -6.82 31.82 6.92
C GLU B 861 -6.50 30.89 8.07
N TYR B 862 -6.35 29.62 7.76
CA TYR B 862 -5.97 28.62 8.74
C TYR B 862 -4.68 27.97 8.31
N VAL B 863 -3.82 27.66 9.28
CA VAL B 863 -2.57 26.97 9.02
C VAL B 863 -2.40 25.91 10.09
N GLN B 864 -2.21 24.67 9.69
CA GLN B 864 -2.06 23.56 10.62
C GLN B 864 -0.59 23.33 10.91
N ILE B 865 -0.21 23.36 12.18
CA ILE B 865 1.20 23.35 12.56
C ILE B 865 1.62 22.11 13.32
N GLN B 866 0.70 21.28 13.79
CA GLN B 866 1.14 20.11 14.51
C GLN B 866 0.20 18.95 14.26
N VAL B 867 0.70 17.75 14.50
CA VAL B 867 -0.09 16.55 14.45
C VAL B 867 0.18 15.78 15.73
N LYS B 868 -0.85 15.11 16.23
CA LYS B 868 -0.66 14.36 17.47
C LYS B 868 0.18 13.13 17.22
N PRO B 869 1.35 13.03 17.82
CA PRO B 869 2.27 11.94 17.49
C PRO B 869 1.81 10.65 18.11
N VAL B 870 2.14 9.56 17.44
CA VAL B 870 1.76 8.23 17.87
C VAL B 870 3.02 7.40 17.98
N ALA B 871 3.22 6.77 19.13
CA ALA B 871 4.33 5.85 19.33
C ALA B 871 3.76 4.44 19.24
N VAL B 872 4.19 3.70 18.22
CA VAL B 872 3.68 2.37 17.97
C VAL B 872 4.76 1.38 18.34
N ASP B 873 4.41 0.42 19.18
CA ASP B 873 5.31 -0.70 19.42
C ASP B 873 5.19 -1.68 18.27
N CYS B 874 6.32 -2.00 17.67
CA CYS B 874 6.33 -2.93 16.55
C CYS B 874 6.07 -4.36 17.00
N ALA B 875 6.69 -4.78 18.10
CA ALA B 875 6.63 -6.18 18.50
C ALA B 875 5.28 -6.54 19.11
N LYS B 876 4.65 -5.61 19.82
CA LYS B 876 3.36 -5.91 20.44
C LYS B 876 2.28 -6.09 19.41
N TYR B 877 2.35 -5.35 18.31
CA TYR B 877 1.25 -5.31 17.39
C TYR B 877 1.19 -6.57 16.55
N VAL B 878 2.33 -7.07 16.09
CA VAL B 878 2.29 -8.22 15.22
C VAL B 878 2.03 -9.48 16.02
N CYS B 879 2.35 -9.49 17.31
CA CYS B 879 1.92 -10.56 18.20
C CYS B 879 1.85 -10.01 19.60
N ASN B 880 0.68 -10.14 20.22
CA ASN B 880 0.42 -9.59 21.54
C ASN B 880 1.10 -10.45 22.59
N GLY B 881 2.42 -10.29 22.66
CA GLY B 881 3.19 -10.90 23.72
C GLY B 881 3.31 -12.39 23.69
N ASN B 882 3.01 -13.03 22.58
CA ASN B 882 3.12 -14.48 22.52
C ASN B 882 4.58 -14.89 22.43
N ARG B 883 4.94 -15.93 23.17
CA ARG B 883 6.34 -16.31 23.29
C ARG B 883 6.84 -16.99 22.04
N HIS B 884 6.00 -17.80 21.40
CA HIS B 884 6.43 -18.49 20.20
C HIS B 884 6.51 -17.58 18.99
N CYS B 885 5.80 -16.45 19.00
CA CYS B 885 5.89 -15.52 17.90
C CYS B 885 7.26 -14.87 17.84
N LEU B 886 7.76 -14.43 18.98
CA LEU B 886 8.98 -13.64 19.02
C LEU B 886 10.22 -14.41 18.60
N ASN B 887 10.16 -15.74 18.59
CA ASN B 887 11.22 -16.52 17.97
C ASN B 887 11.08 -16.57 16.46
N LEU B 888 10.03 -15.98 15.89
CA LEU B 888 9.91 -15.88 14.45
C LEU B 888 10.03 -14.46 13.95
N LEU B 889 10.04 -13.47 14.84
CA LEU B 889 10.35 -12.12 14.42
C LEU B 889 11.83 -11.90 14.21
N THR B 890 12.67 -12.83 14.65
CA THR B 890 14.10 -12.70 14.49
C THR B 890 14.51 -12.76 13.03
N GLN B 891 13.70 -13.41 12.19
CA GLN B 891 13.94 -13.34 10.76
C GLN B 891 13.66 -11.95 10.22
N TYR B 892 12.73 -11.22 10.83
CA TYR B 892 12.27 -9.95 10.29
C TYR B 892 12.62 -8.79 11.19
N THR B 893 13.72 -8.88 11.93
CA THR B 893 14.10 -7.76 12.78
C THR B 893 14.62 -6.57 12.00
N SER B 894 14.95 -6.75 10.72
CA SER B 894 15.28 -5.61 9.89
C SER B 894 14.04 -4.78 9.60
N ALA B 895 12.93 -5.43 9.27
CA ALA B 895 11.72 -4.71 8.91
C ALA B 895 11.08 -4.06 10.13
N CYS B 896 11.18 -4.71 11.28
CA CYS B 896 10.59 -4.16 12.48
C CYS B 896 11.36 -2.95 12.98
N GLN B 897 12.66 -2.89 12.66
CA GLN B 897 13.50 -1.81 13.17
C GLN B 897 13.18 -0.49 12.48
N THR B 898 13.00 -0.52 11.16
CA THR B 898 12.74 0.70 10.41
C THR B 898 11.41 1.32 10.75
N ILE B 899 10.43 0.51 11.15
CA ILE B 899 9.10 1.02 11.40
C ILE B 899 9.09 1.88 12.66
N GLU B 900 9.83 1.47 13.68
CA GLU B 900 9.95 2.30 14.87
C GLU B 900 10.75 3.56 14.59
N ASN B 901 11.84 3.44 13.84
CA ASN B 901 12.67 4.59 13.56
C ASN B 901 12.05 5.53 12.54
N SER B 902 11.08 5.07 11.76
CA SER B 902 10.39 6.00 10.89
C SER B 902 9.45 6.88 11.67
N LEU B 903 8.95 6.39 12.80
CA LEU B 903 7.97 7.16 13.54
C LEU B 903 8.60 8.07 14.57
N ASN B 904 9.62 7.60 15.27
CA ASN B 904 10.26 8.41 16.30
C ASN B 904 11.00 9.57 15.68
N LEU B 905 11.80 9.29 14.66
CA LEU B 905 12.61 10.34 14.06
C LEU B 905 11.80 11.28 13.18
N GLY B 906 10.53 10.97 12.93
CA GLY B 906 9.63 11.97 12.44
C GLY B 906 9.00 12.77 13.56
N ALA B 907 8.73 12.12 14.69
CA ALA B 907 8.09 12.82 15.80
C ALA B 907 9.06 13.69 16.56
N ARG B 908 10.31 13.26 16.67
CA ARG B 908 11.28 14.04 17.44
C ARG B 908 11.64 15.33 16.74
N LEU B 909 11.54 15.37 15.41
CA LEU B 909 11.77 16.60 14.69
C LEU B 909 10.68 17.62 14.95
N GLU B 910 9.49 17.19 15.36
CA GLU B 910 8.45 18.14 15.69
C GLU B 910 8.76 18.84 17.00
N SER B 911 9.03 18.07 18.04
CA SER B 911 9.20 18.64 19.37
C SER B 911 10.45 19.47 19.48
N LEU B 912 11.47 19.16 18.68
CA LEU B 912 12.63 20.03 18.65
C LEU B 912 12.31 21.33 17.94
N MET B 913 11.46 21.27 16.93
CA MET B 913 11.13 22.48 16.20
C MET B 913 10.09 23.30 16.96
N LEU B 914 9.09 22.62 17.52
CA LEU B 914 7.99 23.34 18.15
C LEU B 914 8.40 23.98 19.47
N ASN B 915 9.28 23.34 20.21
CA ASN B 915 9.72 23.95 21.46
C ASN B 915 10.69 25.09 21.26
N ASP B 916 11.16 25.33 20.04
CA ASP B 916 12.04 26.44 19.79
C ASP B 916 11.37 27.56 19.02
N MET B 917 10.06 27.48 18.80
CA MET B 917 9.33 28.56 18.17
C MET B 917 8.34 29.20 19.11
N ILE B 918 7.68 28.39 19.93
CA ILE B 918 6.63 28.89 20.80
C ILE B 918 7.25 29.50 22.04
N THR B 919 7.15 30.82 22.17
CA THR B 919 7.68 31.56 23.28
C THR B 919 6.60 32.47 23.82
N VAL B 920 6.50 32.55 25.15
CA VAL B 920 5.50 33.38 25.80
C VAL B 920 6.21 34.39 26.66
N SER B 921 5.95 35.67 26.40
CA SER B 921 6.48 36.73 27.22
C SER B 921 5.43 37.10 28.26
N ASP B 922 5.75 36.88 29.53
CA ASP B 922 4.80 37.08 30.60
C ASP B 922 4.48 38.55 30.83
N ARG B 923 5.33 39.45 30.36
CA ARG B 923 5.02 40.87 30.44
C ARG B 923 3.85 41.21 29.53
N SER B 924 3.91 40.77 28.28
CA SER B 924 2.85 41.07 27.34
C SER B 924 1.65 40.17 27.51
N LEU B 925 1.77 39.06 28.25
CA LEU B 925 0.62 38.21 28.46
C LEU B 925 -0.41 38.87 29.35
N GLU B 926 0.02 39.77 30.22
CA GLU B 926 -0.89 40.52 31.08
C GLU B 926 -1.53 41.70 30.40
N PHE B 927 -1.35 41.86 29.10
CA PHE B 927 -2.06 42.87 28.34
C PHE B 927 -3.09 42.28 27.40
N ALA B 928 -3.19 40.95 27.33
CA ALA B 928 -4.12 40.33 26.41
C ALA B 928 -5.54 40.31 26.94
N THR B 929 -5.77 40.71 28.17
CA THR B 929 -7.12 40.69 28.72
C THR B 929 -7.96 41.79 28.11
N VAL B 930 -9.25 41.50 27.91
CA VAL B 930 -10.14 42.50 27.36
C VAL B 930 -10.43 43.58 28.40
N ASP B 931 -10.23 43.30 29.68
CA ASP B 931 -10.43 44.31 30.70
C ASP B 931 -9.33 45.34 30.67
N LYS B 932 -8.13 44.95 30.24
CA LYS B 932 -7.08 45.94 30.03
C LYS B 932 -7.44 46.88 28.89
N PHE B 933 -8.11 46.38 27.86
CA PHE B 933 -8.48 47.18 26.70
C PHE B 933 -9.71 48.04 26.94
N ASN B 934 -10.14 48.20 28.19
CA ASN B 934 -11.34 48.96 28.47
C ASN B 934 -11.07 49.91 29.64
N THR B 935 -10.06 49.58 30.44
CA THR B 935 -9.86 50.26 31.71
C THR B 935 -9.07 51.55 31.60
N THR B 936 -8.78 52.01 30.39
CA THR B 936 -7.86 53.12 30.24
C THR B 936 -8.62 54.26 29.57
N ALA B 937 -9.75 54.62 30.18
CA ALA B 937 -10.59 55.68 29.66
C ALA B 937 -10.07 57.09 29.97
N LEU B 938 -8.79 57.24 30.32
CA LEU B 938 -8.18 58.55 30.46
C LEU B 938 -8.16 59.25 29.10
N GLY B 939 -8.84 60.38 29.00
CA GLY B 939 -9.07 60.98 27.71
C GLY B 939 -10.08 60.15 26.94
N GLY B 940 -9.61 59.42 25.93
CA GLY B 940 -10.43 58.42 25.29
C GLY B 940 -10.23 57.07 25.92
N GLU B 941 -11.05 56.10 25.49
CA GLU B 941 -10.87 54.72 25.91
C GLU B 941 -9.61 54.21 25.22
N LYS B 942 -8.47 54.36 25.89
CA LYS B 942 -7.18 54.35 25.20
C LYS B 942 -6.82 52.95 24.71
N LEU B 943 -6.74 51.99 25.62
CA LEU B 943 -6.19 50.69 25.25
C LEU B 943 -7.15 49.88 24.40
N GLY B 944 -8.39 50.31 24.28
CA GLY B 944 -9.23 49.84 23.21
C GLY B 944 -9.26 50.87 22.10
N GLY B 945 -10.30 51.69 22.09
CA GLY B 945 -10.45 52.69 21.06
C GLY B 945 -11.70 52.42 20.27
N LEU B 946 -11.76 52.92 19.04
CA LEU B 946 -12.91 52.64 18.20
C LEU B 946 -12.93 51.21 17.69
N TYR B 947 -11.81 50.52 17.76
CA TYR B 947 -11.73 49.13 17.35
C TYR B 947 -12.09 48.17 18.47
N PHE B 948 -12.69 48.67 19.55
CA PHE B 948 -12.88 47.83 20.73
C PHE B 948 -13.92 46.74 20.51
N ASP B 949 -14.91 47.00 19.66
CA ASP B 949 -16.00 46.05 19.51
C ASP B 949 -15.55 44.82 18.73
N GLY B 950 -14.67 44.99 17.75
CA GLY B 950 -14.14 43.85 17.05
C GLY B 950 -13.13 43.09 17.87
N LEU B 951 -12.28 43.81 18.62
CA LEU B 951 -11.26 43.15 19.41
C LEU B 951 -11.83 42.46 20.62
N SER B 952 -13.05 42.80 21.02
CA SER B 952 -13.70 42.12 22.14
C SER B 952 -13.97 40.66 21.82
N SER B 953 -14.07 40.29 20.55
CA SER B 953 -14.26 38.90 20.20
C SER B 953 -12.96 38.13 20.21
N LEU B 954 -11.81 38.79 20.02
CA LEU B 954 -10.54 38.10 19.91
C LEU B 954 -9.77 38.01 21.22
N LEU B 955 -10.03 38.90 22.16
CA LEU B 955 -9.17 38.83 23.32
C LEU B 955 -9.85 38.13 24.48
N PRO B 956 -9.11 37.40 25.30
CA PRO B 956 -9.74 36.69 26.41
C PRO B 956 -10.15 37.65 27.50
N PRO B 957 -11.19 37.32 28.26
CA PRO B 957 -11.61 38.23 29.35
C PRO B 957 -10.65 38.27 30.52
N ARG B 958 -10.26 37.11 31.03
CA ARG B 958 -9.29 37.03 32.10
C ARG B 958 -7.99 36.48 31.55
N VAL B 959 -6.94 36.58 32.35
CA VAL B 959 -5.62 36.12 31.92
C VAL B 959 -5.62 34.59 31.95
N GLY B 960 -5.81 34.03 30.78
CA GLY B 960 -5.75 32.60 30.57
C GLY B 960 -7.12 31.97 30.56
N MET B 961 -7.71 31.89 29.38
CA MET B 961 -8.94 31.21 28.98
C MET B 961 -9.10 31.54 27.51
N ARG B 962 -9.95 30.80 26.82
CA ARG B 962 -10.13 31.05 25.41
C ARG B 962 -11.09 32.21 25.19
N SER B 963 -10.92 32.92 24.09
CA SER B 963 -11.71 34.10 23.80
C SER B 963 -13.04 33.69 23.18
N ALA B 964 -13.77 34.67 22.64
CA ALA B 964 -15.09 34.41 22.12
C ALA B 964 -15.05 33.58 20.86
N VAL B 965 -14.04 33.79 20.02
CA VAL B 965 -14.02 33.15 18.71
C VAL B 965 -13.68 31.67 18.84
N GLU B 966 -12.69 31.34 19.67
CA GLU B 966 -12.35 29.94 19.88
C GLU B 966 -13.48 29.20 20.59
N ASP B 967 -14.23 29.90 21.43
CA ASP B 967 -15.38 29.27 22.08
C ASP B 967 -16.45 28.93 21.06
N LEU B 968 -16.57 29.72 20.00
CA LEU B 968 -17.43 29.28 18.90
C LEU B 968 -16.78 28.16 18.13
N LEU B 969 -15.45 28.17 18.03
CA LEU B 969 -14.75 27.14 17.27
C LEU B 969 -14.80 25.80 17.97
N PHE B 970 -14.52 25.77 19.26
CA PHE B 970 -14.50 24.51 19.99
C PHE B 970 -15.88 24.00 20.32
N ASN B 971 -16.93 24.72 19.97
CA ASN B 971 -18.27 24.16 19.92
C ASN B 971 -18.61 23.63 18.54
N LYS B 972 -17.61 23.50 17.66
CA LYS B 972 -17.80 22.88 16.36
C LYS B 972 -16.80 21.76 16.13
N VAL B 973 -16.19 21.23 17.20
CA VAL B 973 -15.41 20.01 17.15
C VAL B 973 -16.02 18.91 18.01
N VAL B 974 -16.65 19.25 19.13
CA VAL B 974 -17.37 18.26 19.91
C VAL B 974 -18.71 17.98 19.27
N THR B 975 -19.38 19.03 18.79
CA THR B 975 -20.58 18.88 17.97
C THR B 975 -20.26 18.40 16.56
N SER B 976 -18.97 18.35 16.18
CA SER B 976 -18.58 17.56 15.01
C SER B 976 -18.72 16.07 15.26
N GLY B 977 -18.72 15.66 16.54
CA GLY B 977 -19.00 14.28 16.89
C GLY B 977 -17.83 13.58 17.55
N LEU B 978 -16.92 14.35 18.12
CA LEU B 978 -15.68 13.79 18.68
C LEU B 978 -15.37 14.37 20.05
N GLY B 979 -14.14 14.14 20.52
CA GLY B 979 -13.57 14.88 21.61
C GLY B 979 -13.30 14.14 22.91
N THR B 980 -12.05 13.75 23.09
CA THR B 980 -11.46 13.46 24.40
C THR B 980 -9.95 13.64 24.27
N VAL B 981 -9.33 14.32 25.24
CA VAL B 981 -7.90 14.61 25.16
C VAL B 981 -7.13 14.22 26.41
N ASP B 982 -7.77 14.10 27.57
CA ASP B 982 -7.08 13.86 28.83
C ASP B 982 -7.00 12.36 29.05
N ASP B 983 -6.20 11.70 28.22
CA ASP B 983 -6.07 10.26 28.23
C ASP B 983 -5.09 9.85 29.32
N ASP B 984 -5.62 9.43 30.47
CA ASP B 984 -4.78 8.84 31.49
C ASP B 984 -4.54 7.39 31.17
N TYR B 985 -3.30 6.96 31.31
CA TYR B 985 -2.99 5.57 31.11
C TYR B 985 -2.90 4.80 32.43
N LYS B 986 -2.93 5.49 33.56
CA LYS B 986 -2.97 4.77 34.83
C LYS B 986 -4.29 4.06 35.01
N LYS B 987 -5.38 4.62 34.47
CA LYS B 987 -6.66 3.93 34.51
C LYS B 987 -6.68 2.71 33.61
N CYS B 988 -5.81 2.66 32.61
CA CYS B 988 -5.84 1.55 31.66
C CYS B 988 -5.35 0.27 32.32
N SER B 989 -4.35 0.37 33.18
CA SER B 989 -3.83 -0.82 33.87
C SER B 989 -4.45 -0.97 35.24
N ALA B 990 -5.75 -0.93 35.34
CA ALA B 990 -6.33 -1.11 36.66
C ALA B 990 -7.37 -2.21 36.70
N GLY B 991 -8.20 -2.33 35.67
CA GLY B 991 -9.23 -3.35 35.68
C GLY B 991 -10.43 -3.00 36.53
N THR B 992 -10.71 -1.71 36.72
CA THR B 992 -11.88 -1.31 37.47
C THR B 992 -13.15 -1.49 36.66
N ASP B 993 -13.10 -1.19 35.36
CA ASP B 993 -14.25 -1.32 34.49
C ASP B 993 -13.85 -2.10 33.25
N VAL B 994 -14.84 -2.39 32.41
CA VAL B 994 -14.57 -2.88 31.08
C VAL B 994 -13.88 -1.77 30.30
N ALA B 995 -12.98 -2.14 29.40
CA ALA B 995 -12.01 -1.21 28.86
C ALA B 995 -12.62 -0.17 27.95
N ASP B 996 -12.10 1.04 28.06
CA ASP B 996 -12.41 2.15 27.17
C ASP B 996 -11.84 1.85 25.78
N LEU B 997 -12.40 2.53 24.77
CA LEU B 997 -11.84 2.51 23.42
C LEU B 997 -10.38 2.93 23.40
N VAL B 998 -10.01 3.94 24.20
CA VAL B 998 -8.62 4.39 24.21
C VAL B 998 -7.72 3.35 24.86
N CYS B 999 -8.17 2.76 25.96
CA CYS B 999 -7.36 1.75 26.64
C CYS B 999 -7.25 0.48 25.81
N ALA B 1000 -8.22 0.21 24.94
CA ALA B 1000 -8.13 -0.96 24.08
C ALA B 1000 -7.05 -0.78 23.02
N GLN B 1001 -6.79 0.45 22.60
CA GLN B 1001 -5.72 0.67 21.67
C GLN B 1001 -4.36 0.52 22.33
N TYR B 1002 -4.29 0.79 23.63
CA TYR B 1002 -3.03 0.64 24.32
C TYR B 1002 -2.66 -0.82 24.47
N TYR B 1003 -3.65 -1.70 24.55
CA TYR B 1003 -3.37 -3.10 24.74
C TYR B 1003 -2.72 -3.73 23.53
N ASN B 1004 -2.94 -3.16 22.36
CA ASN B 1004 -2.30 -3.64 21.14
C ASN B 1004 -1.07 -2.82 20.78
N GLY B 1005 -0.42 -2.23 21.76
CA GLY B 1005 0.87 -1.59 21.53
C GLY B 1005 0.81 -0.31 20.74
N ILE B 1006 -0.31 0.40 20.78
CA ILE B 1006 -0.45 1.66 20.09
C ILE B 1006 -0.71 2.74 21.13
N MET B 1007 0.28 3.59 21.34
CA MET B 1007 0.19 4.67 22.32
C MET B 1007 -0.18 5.94 21.60
N VAL B 1008 -1.34 6.50 21.93
CA VAL B 1008 -1.67 7.84 21.47
C VAL B 1008 -1.02 8.80 22.46
N LEU B 1009 0.08 9.40 22.04
CA LEU B 1009 0.83 10.29 22.90
C LEU B 1009 0.04 11.58 23.12
N PRO B 1010 0.34 12.34 24.17
CA PRO B 1010 -0.28 13.66 24.30
C PRO B 1010 0.24 14.59 23.23
N GLY B 1011 -0.58 15.60 22.92
CA GLY B 1011 -0.17 16.59 21.95
C GLY B 1011 1.07 17.33 22.43
N VAL B 1012 1.98 17.59 21.49
CA VAL B 1012 3.26 18.19 21.85
C VAL B 1012 3.07 19.62 22.33
N VAL B 1013 2.03 20.29 21.85
CA VAL B 1013 1.58 21.54 22.42
C VAL B 1013 0.11 21.38 22.75
N ASP B 1014 -0.26 21.62 23.99
CA ASP B 1014 -1.64 21.44 24.38
C ASP B 1014 -2.49 22.62 23.97
N TYR B 1015 -3.76 22.60 24.39
CA TYR B 1015 -4.62 23.74 24.12
C TYR B 1015 -4.25 24.93 24.99
N ASN B 1016 -3.62 24.69 26.13
CA ASN B 1016 -3.35 25.79 27.03
C ASN B 1016 -2.15 26.61 26.60
N LYS B 1017 -1.11 25.95 26.08
CA LYS B 1017 0.05 26.70 25.61
C LYS B 1017 -0.26 27.46 24.33
N MET B 1018 -1.11 26.89 23.47
CA MET B 1018 -1.56 27.61 22.29
C MET B 1018 -2.37 28.82 22.68
N ALA B 1019 -3.17 28.71 23.74
CA ALA B 1019 -3.87 29.87 24.24
C ALA B 1019 -2.92 30.88 24.83
N MET B 1020 -1.83 30.43 25.43
CA MET B 1020 -0.85 31.36 25.94
C MET B 1020 -0.01 31.97 24.83
N TYR B 1021 0.28 31.18 23.79
CA TYR B 1021 1.18 31.65 22.75
C TYR B 1021 0.54 32.73 21.91
N THR B 1022 -0.70 32.51 21.48
CA THR B 1022 -1.37 33.49 20.65
C THR B 1022 -1.71 34.74 21.44
N ALA B 1023 -2.05 34.59 22.72
CA ALA B 1023 -2.33 35.75 23.53
C ALA B 1023 -1.08 36.56 23.81
N SER B 1024 0.09 35.92 23.78
CA SER B 1024 1.31 36.69 23.91
C SER B 1024 1.60 37.48 22.65
N LEU B 1025 1.14 37.00 21.51
CA LEU B 1025 1.44 37.68 20.25
C LEU B 1025 0.64 38.96 20.11
N ILE B 1026 -0.62 38.94 20.53
CA ILE B 1026 -1.44 40.14 20.43
C ILE B 1026 -0.99 41.18 21.43
N GLY B 1027 -0.42 40.76 22.55
CA GLY B 1027 0.12 41.69 23.51
C GLY B 1027 1.32 42.46 23.03
N GLY B 1028 2.00 41.96 21.99
CA GLY B 1028 3.11 42.70 21.43
C GLY B 1028 2.70 43.96 20.70
N MET B 1029 1.42 44.07 20.35
CA MET B 1029 0.95 45.30 19.72
C MET B 1029 0.58 46.35 20.74
N ALA B 1030 0.09 45.94 21.90
CA ALA B 1030 -0.22 46.91 22.94
C ALA B 1030 1.01 47.33 23.72
N LEU B 1031 2.08 46.56 23.65
CA LEU B 1031 3.28 46.80 24.43
C LEU B 1031 4.41 47.25 23.51
N GLY B 1032 4.99 48.39 23.81
CA GLY B 1032 6.15 48.82 23.06
C GLY B 1032 7.36 49.11 23.93
N SER B 1033 7.11 49.49 25.17
CA SER B 1033 8.16 49.90 26.09
C SER B 1033 8.30 48.83 27.16
N ILE B 1034 9.52 48.31 27.32
CA ILE B 1034 9.73 47.21 28.25
C ILE B 1034 9.63 47.69 29.69
N THR B 1035 10.38 48.73 30.04
CA THR B 1035 10.54 49.15 31.42
C THR B 1035 9.56 50.25 31.82
N SER B 1036 8.40 50.32 31.17
CA SER B 1036 7.31 51.16 31.62
C SER B 1036 6.01 50.45 31.31
N ALA B 1037 5.20 50.20 32.33
CA ALA B 1037 3.98 49.43 32.19
C ALA B 1037 2.84 50.23 31.58
N VAL B 1038 3.06 51.49 31.20
CA VAL B 1038 2.08 52.20 30.40
C VAL B 1038 2.04 51.57 29.01
N ALA B 1039 0.87 51.62 28.38
CA ALA B 1039 0.68 50.96 27.10
C ALA B 1039 0.19 51.94 26.05
N VAL B 1040 0.42 51.58 24.79
CA VAL B 1040 0.10 52.45 23.67
C VAL B 1040 -1.34 52.21 23.27
N PRO B 1041 -2.11 53.26 22.97
CA PRO B 1041 -3.44 53.06 22.44
C PRO B 1041 -3.39 52.42 21.07
N PHE B 1042 -4.41 51.61 20.79
CA PHE B 1042 -4.42 50.84 19.56
C PHE B 1042 -4.67 51.71 18.34
N SER B 1043 -5.27 52.88 18.51
CA SER B 1043 -5.44 53.78 17.39
C SER B 1043 -4.11 54.37 16.97
N MET B 1044 -3.15 54.47 17.88
CA MET B 1044 -1.81 54.87 17.50
C MET B 1044 -1.11 53.75 16.74
N GLN B 1045 -1.48 52.50 17.02
CA GLN B 1045 -0.85 51.37 16.36
C GLN B 1045 -1.20 51.31 14.89
N VAL B 1046 -2.46 51.58 14.55
CA VAL B 1046 -2.87 51.54 13.16
C VAL B 1046 -2.35 52.75 12.41
N GLN B 1047 -2.41 53.91 13.05
CA GLN B 1047 -1.93 55.15 12.45
C GLN B 1047 -0.43 55.09 12.16
N ALA B 1048 0.31 54.36 12.97
CA ALA B 1048 1.71 54.12 12.65
C ALA B 1048 1.86 53.19 11.46
N ARG B 1049 1.05 52.14 11.41
CA ARG B 1049 1.18 51.15 10.34
C ARG B 1049 0.69 51.65 9.00
N LEU B 1050 -0.01 52.78 8.96
CA LEU B 1050 -0.30 53.40 7.67
C LEU B 1050 0.91 54.10 7.10
N ASN B 1051 1.82 54.54 7.94
CA ASN B 1051 2.92 55.35 7.47
C ASN B 1051 3.96 54.55 6.72
N TYR B 1052 4.05 53.26 6.98
CA TYR B 1052 5.03 52.46 6.27
C TYR B 1052 4.62 52.19 4.84
N VAL B 1053 3.33 52.27 4.53
CA VAL B 1053 2.92 52.21 3.15
C VAL B 1053 3.21 53.52 2.44
N ALA B 1054 2.79 54.62 3.04
CA ALA B 1054 3.09 55.94 2.52
C ALA B 1054 3.04 56.92 3.67
N LEU B 1055 3.91 57.92 3.62
CA LEU B 1055 4.05 58.88 4.71
C LEU B 1055 2.81 59.76 4.79
N GLN B 1056 1.99 59.54 5.81
CA GLN B 1056 0.77 60.31 5.95
C GLN B 1056 1.08 61.74 6.33
N THR B 1057 0.56 62.69 5.56
CA THR B 1057 0.84 64.10 5.82
C THR B 1057 -0.22 64.73 6.71
N ASP B 1058 -1.47 64.75 6.25
CA ASP B 1058 -2.58 65.25 7.04
C ASP B 1058 -3.47 64.08 7.43
N VAL B 1059 -3.79 63.99 8.71
CA VAL B 1059 -4.65 62.95 9.23
C VAL B 1059 -5.89 63.62 9.81
N LEU B 1060 -7.05 62.97 9.61
CA LEU B 1060 -8.32 63.49 10.07
C LEU B 1060 -9.01 62.47 10.95
N GLN B 1061 -9.94 62.97 11.77
CA GLN B 1061 -10.73 62.10 12.63
C GLN B 1061 -11.74 61.28 11.85
N GLU B 1062 -12.16 61.77 10.68
CA GLU B 1062 -13.11 61.02 9.86
C GLU B 1062 -12.50 59.75 9.30
N ASN B 1063 -11.19 59.77 9.02
CA ASN B 1063 -10.51 58.59 8.50
C ASN B 1063 -10.46 57.48 9.54
N GLN B 1064 -10.44 57.84 10.82
CA GLN B 1064 -10.44 56.83 11.86
C GLN B 1064 -11.78 56.11 11.93
N LYS B 1065 -12.86 56.81 11.61
CA LYS B 1065 -14.19 56.22 11.76
C LYS B 1065 -14.45 55.16 10.70
N ILE B 1066 -14.13 55.47 9.45
CA ILE B 1066 -14.50 54.57 8.35
C ILE B 1066 -13.64 53.33 8.37
N LEU B 1067 -12.41 53.43 8.89
CA LEU B 1067 -11.61 52.23 9.09
C LEU B 1067 -12.21 51.36 10.18
N ALA B 1068 -12.65 51.99 11.27
CA ALA B 1068 -13.07 51.24 12.43
C ALA B 1068 -14.42 50.56 12.22
N ASN B 1069 -15.36 51.26 11.60
CA ASN B 1069 -16.69 50.70 11.41
C ASN B 1069 -16.64 49.55 10.41
N ALA B 1070 -15.81 49.68 9.37
CA ALA B 1070 -15.64 48.57 8.45
C ALA B 1070 -14.88 47.44 9.11
N PHE B 1071 -14.04 47.75 10.09
CA PHE B 1071 -13.36 46.69 10.82
C PHE B 1071 -14.34 45.94 11.71
N ASN B 1072 -15.16 46.67 12.46
CA ASN B 1072 -16.07 46.03 13.40
C ASN B 1072 -17.17 45.26 12.69
N ASN B 1073 -17.62 45.75 11.54
CA ASN B 1073 -18.60 44.99 10.78
C ASN B 1073 -17.97 43.79 10.11
N ALA B 1074 -16.65 43.78 9.94
CA ALA B 1074 -16.00 42.61 9.39
C ALA B 1074 -15.97 41.48 10.39
N ILE B 1075 -15.75 41.80 11.66
CA ILE B 1075 -15.65 40.75 12.68
C ILE B 1075 -17.02 40.18 12.98
N GLY B 1076 -18.07 41.01 12.90
CA GLY B 1076 -19.40 40.53 13.17
C GLY B 1076 -19.89 39.56 12.10
N ASN B 1077 -19.56 39.83 10.84
CA ASN B 1077 -19.88 38.89 9.79
C ASN B 1077 -19.03 37.64 9.88
N ILE B 1078 -17.85 37.76 10.48
CA ILE B 1078 -17.06 36.58 10.77
C ILE B 1078 -17.70 35.79 11.89
N THR B 1079 -18.14 36.47 12.93
CA THR B 1079 -18.73 35.82 14.09
C THR B 1079 -20.06 35.15 13.74
N LEU B 1080 -20.83 35.77 12.84
CA LEU B 1080 -22.11 35.19 12.44
C LEU B 1080 -21.92 33.93 11.62
N ALA B 1081 -20.82 33.83 10.86
CA ALA B 1081 -20.58 32.63 10.10
C ALA B 1081 -20.16 31.47 10.98
N LEU B 1082 -19.61 31.74 12.16
CA LEU B 1082 -19.00 30.67 12.93
C LEU B 1082 -20.03 29.85 13.70
N GLY B 1083 -20.70 30.46 14.66
CA GLY B 1083 -21.55 29.71 15.55
C GLY B 1083 -22.99 30.18 15.52
N LYS B 1084 -23.33 30.91 14.45
CA LYS B 1084 -24.67 31.40 14.15
C LYS B 1084 -25.24 32.30 15.26
N VAL B 1085 -24.40 33.05 15.95
CA VAL B 1085 -24.86 34.04 16.93
C VAL B 1085 -24.09 35.34 16.71
N SER B 1086 -24.85 36.40 16.40
CA SER B 1086 -24.38 37.79 16.38
C SER B 1086 -25.61 38.69 16.47
N ASN B 1087 -25.40 39.98 16.26
CA ASN B 1087 -26.48 40.97 16.27
C ASN B 1087 -26.52 41.66 14.91
N ALA B 1088 -27.23 41.04 13.97
CA ALA B 1088 -27.45 41.62 12.65
C ALA B 1088 -28.80 41.14 12.14
N ILE B 1089 -29.09 41.42 10.87
CA ILE B 1089 -30.36 41.05 10.26
C ILE B 1089 -30.21 39.91 9.24
N THR B 1090 -29.50 40.17 8.13
CA THR B 1090 -29.15 39.19 7.10
C THR B 1090 -28.07 39.80 6.22
N THR B 1091 -26.92 39.14 6.08
CA THR B 1091 -25.86 39.71 5.25
C THR B 1091 -25.12 38.60 4.54
N VAL B 1092 -25.05 38.69 3.22
CA VAL B 1092 -24.33 37.73 2.38
C VAL B 1092 -23.12 38.47 1.80
N SER B 1093 -22.00 38.37 2.49
CA SER B 1093 -20.74 38.95 2.05
C SER B 1093 -19.84 37.85 1.47
N ASP B 1094 -18.60 38.22 1.18
CA ASP B 1094 -17.60 37.26 0.73
C ASP B 1094 -16.62 36.86 1.82
N GLY B 1095 -16.75 37.44 3.02
CA GLY B 1095 -15.97 36.97 4.16
C GLY B 1095 -16.33 35.58 4.59
N PHE B 1096 -17.54 35.12 4.25
CA PHE B 1096 -17.89 33.72 4.38
C PHE B 1096 -16.97 32.85 3.52
N ASN B 1097 -16.63 33.32 2.32
CA ASN B 1097 -15.82 32.52 1.41
C ASN B 1097 -14.38 32.40 1.88
N SER B 1098 -13.88 33.39 2.62
CA SER B 1098 -12.66 33.17 3.38
C SER B 1098 -12.90 32.21 4.52
N MET B 1099 -14.05 32.33 5.18
CA MET B 1099 -14.32 31.52 6.37
C MET B 1099 -14.64 30.08 5.99
N ALA B 1100 -15.30 29.87 4.86
CA ALA B 1100 -15.65 28.51 4.46
C ALA B 1100 -14.42 27.73 4.05
N SER B 1101 -13.36 28.41 3.63
CA SER B 1101 -12.11 27.73 3.39
C SER B 1101 -11.52 27.20 4.68
N ALA B 1102 -11.71 27.93 5.77
CA ALA B 1102 -11.16 27.49 7.05
C ALA B 1102 -11.98 26.36 7.64
N LEU B 1103 -13.29 26.55 7.72
CA LEU B 1103 -14.14 25.62 8.46
C LEU B 1103 -14.23 24.26 7.79
N THR B 1104 -14.00 24.20 6.48
CA THR B 1104 -13.82 22.91 5.84
C THR B 1104 -12.50 22.28 6.27
N LYS B 1105 -11.46 23.10 6.37
CA LYS B 1105 -10.13 22.56 6.61
C LYS B 1105 -9.99 22.09 8.05
N ILE B 1106 -10.54 22.84 9.00
CA ILE B 1106 -10.49 22.42 10.39
C ILE B 1106 -11.34 21.18 10.62
N GLN B 1107 -12.42 21.05 9.85
CA GLN B 1107 -13.26 19.87 9.97
C GLN B 1107 -12.53 18.61 9.51
N SER B 1108 -11.63 18.74 8.54
CA SER B 1108 -10.88 17.58 8.12
C SER B 1108 -9.78 17.21 9.10
N VAL B 1109 -9.18 18.21 9.75
CA VAL B 1109 -7.98 17.99 10.56
C VAL B 1109 -8.30 17.15 11.79
N VAL B 1110 -9.47 17.38 12.39
CA VAL B 1110 -9.88 16.53 13.50
C VAL B 1110 -10.30 15.15 13.02
N ASN B 1111 -10.51 14.97 11.72
CA ASN B 1111 -11.05 13.72 11.19
C ASN B 1111 -10.00 12.88 10.48
N GLN B 1112 -8.76 12.86 10.97
CA GLN B 1112 -7.74 11.96 10.47
C GLN B 1112 -7.28 10.97 11.54
N GLN B 1113 -6.84 11.52 12.65
CA GLN B 1113 -6.24 10.83 13.79
C GLN B 1113 -7.12 9.75 14.39
N GLY B 1114 -8.45 9.91 14.35
CA GLY B 1114 -9.28 8.86 14.87
C GLY B 1114 -9.64 7.82 13.86
N GLU B 1115 -9.11 7.94 12.65
CA GLU B 1115 -9.55 7.13 11.54
C GLU B 1115 -8.45 6.30 10.92
N ALA B 1116 -7.21 6.77 10.96
CA ALA B 1116 -6.11 5.92 10.51
C ALA B 1116 -5.85 4.81 11.50
N LEU B 1117 -6.00 5.10 12.79
CA LEU B 1117 -5.75 4.10 13.81
C LEU B 1117 -6.85 3.05 13.84
N SER B 1118 -8.11 3.50 13.79
CA SER B 1118 -9.21 2.57 13.85
C SER B 1118 -9.30 1.70 12.60
N HIS B 1119 -8.71 2.16 11.49
CA HIS B 1119 -8.54 1.25 10.38
C HIS B 1119 -7.41 0.27 10.65
N LEU B 1120 -6.35 0.73 11.32
CA LEU B 1120 -5.20 -0.13 11.56
C LEU B 1120 -5.52 -1.18 12.62
N ILE B 1121 -6.30 -0.80 13.62
CA ILE B 1121 -6.71 -1.73 14.66
C ILE B 1121 -7.59 -2.81 14.08
N SER B 1122 -8.52 -2.43 13.21
CA SER B 1122 -9.46 -3.37 12.65
C SER B 1122 -8.84 -4.32 11.63
N GLN B 1123 -7.56 -4.22 11.34
CA GLN B 1123 -6.86 -5.22 10.55
C GLN B 1123 -6.25 -6.31 11.41
N LEU B 1124 -6.68 -6.44 12.66
CA LEU B 1124 -6.31 -7.56 13.49
C LEU B 1124 -7.40 -8.61 13.53
N GLN B 1125 -8.30 -8.58 12.56
CA GLN B 1125 -9.32 -9.61 12.45
C GLN B 1125 -9.31 -10.25 11.08
N LYS B 1126 -8.40 -9.86 10.21
CA LYS B 1126 -8.28 -10.45 8.87
C LYS B 1126 -7.25 -11.56 8.96
N ASN B 1127 -7.73 -12.78 9.09
CA ASN B 1127 -6.86 -13.95 8.98
C ASN B 1127 -6.35 -14.06 7.54
N PHE B 1128 -5.11 -13.65 7.31
CA PHE B 1128 -4.60 -13.59 5.95
C PHE B 1128 -4.30 -15.01 5.48
N GLN B 1129 -5.37 -15.65 4.99
CA GLN B 1129 -5.35 -17.04 4.50
C GLN B 1129 -4.82 -18.00 5.55
N ALA B 1130 -5.41 -17.92 6.74
CA ALA B 1130 -4.99 -18.81 7.81
C ALA B 1130 -6.20 -19.33 8.55
N ILE B 1131 -5.97 -19.97 9.70
CA ILE B 1131 -7.05 -20.62 10.43
C ILE B 1131 -7.91 -19.60 11.15
N SER B 1132 -7.30 -18.83 12.04
CA SER B 1132 -8.03 -17.86 12.84
C SER B 1132 -7.20 -16.60 13.01
N SER B 1133 -7.87 -15.52 13.36
CA SER B 1133 -7.25 -14.21 13.44
C SER B 1133 -6.57 -13.95 14.77
N SER B 1134 -6.43 -14.96 15.62
CA SER B 1134 -5.72 -14.80 16.87
C SER B 1134 -4.64 -15.86 16.96
N ILE B 1135 -3.49 -15.47 17.50
CA ILE B 1135 -2.31 -16.31 17.41
C ILE B 1135 -2.36 -17.45 18.40
N ALA B 1136 -2.81 -17.18 19.62
CA ALA B 1136 -2.86 -18.23 20.63
C ALA B 1136 -3.90 -19.30 20.31
N GLU B 1137 -4.84 -19.03 19.41
CA GLU B 1137 -5.69 -20.10 18.91
C GLU B 1137 -4.91 -21.04 18.02
N ILE B 1138 -3.93 -20.52 17.28
CA ILE B 1138 -3.22 -21.34 16.32
C ILE B 1138 -2.28 -22.30 17.02
N TYR B 1139 -1.60 -21.84 18.06
CA TYR B 1139 -0.68 -22.71 18.76
C TYR B 1139 -1.37 -23.72 19.66
N ASN B 1140 -2.68 -23.63 19.83
CA ASN B 1140 -3.42 -24.64 20.56
C ASN B 1140 -4.25 -25.50 19.64
N ARG B 1141 -3.88 -25.60 18.41
CA ARG B 1141 -4.41 -26.66 17.58
C ARG B 1141 -3.30 -27.45 16.91
N LEU B 1142 -2.22 -26.79 16.53
CA LEU B 1142 -1.17 -27.40 15.73
C LEU B 1142 0.12 -27.52 16.52
N GLU B 1143 1.03 -28.35 16.02
CA GLU B 1143 2.33 -28.46 16.64
C GLU B 1143 3.30 -27.46 16.00
N LYS B 1144 4.39 -27.22 16.72
CA LYS B 1144 5.29 -26.12 16.42
C LYS B 1144 5.98 -26.29 15.07
N VAL B 1145 6.14 -27.53 14.61
CA VAL B 1145 6.76 -27.78 13.32
C VAL B 1145 5.84 -27.39 12.17
N GLU B 1146 4.54 -27.34 12.39
CA GLU B 1146 3.61 -26.96 11.35
C GLU B 1146 2.77 -25.73 11.68
N ALA B 1147 2.76 -25.27 12.93
CA ALA B 1147 1.99 -24.07 13.23
C ALA B 1147 2.74 -22.82 12.80
N ASP B 1148 4.06 -22.92 12.63
CA ASP B 1148 4.86 -21.77 12.22
C ASP B 1148 4.51 -21.32 10.82
N ALA B 1149 4.17 -22.26 9.93
CA ALA B 1149 3.78 -21.90 8.58
C ALA B 1149 2.46 -21.14 8.58
N GLN B 1150 1.54 -21.51 9.46
CA GLN B 1150 0.27 -20.80 9.53
C GLN B 1150 0.46 -19.41 10.13
N VAL B 1151 1.27 -19.29 11.16
CA VAL B 1151 1.45 -17.99 11.79
C VAL B 1151 2.38 -17.10 10.98
N ASP B 1152 3.07 -17.67 9.98
CA ASP B 1152 3.90 -16.84 9.12
C ASP B 1152 3.06 -15.91 8.27
N ARG B 1153 1.90 -16.36 7.82
CA ARG B 1153 1.01 -15.49 7.05
C ARG B 1153 0.39 -14.42 7.92
N LEU B 1154 0.31 -14.65 9.24
CA LEU B 1154 -0.12 -13.57 10.12
C LEU B 1154 0.94 -12.50 10.22
N ILE B 1155 2.20 -12.91 10.28
CA ILE B 1155 3.28 -11.95 10.49
C ILE B 1155 3.48 -11.08 9.27
N THR B 1156 3.67 -11.71 8.11
CA THR B 1156 3.90 -10.94 6.89
C THR B 1156 2.65 -10.19 6.46
N GLY B 1157 1.48 -10.68 6.82
CA GLY B 1157 0.28 -9.90 6.57
C GLY B 1157 0.19 -8.68 7.47
N ARG B 1158 0.53 -8.83 8.74
CA ARG B 1158 0.42 -7.69 9.64
C ARG B 1158 1.56 -6.72 9.48
N LEU B 1159 2.73 -7.20 9.06
CA LEU B 1159 3.84 -6.28 8.84
C LEU B 1159 3.59 -5.37 7.64
N ALA B 1160 2.84 -5.86 6.66
CA ALA B 1160 2.43 -4.98 5.58
C ALA B 1160 1.38 -4.00 6.04
N ALA B 1161 0.61 -4.36 7.06
CA ALA B 1161 -0.40 -3.44 7.57
C ALA B 1161 0.22 -2.28 8.33
N LEU B 1162 1.44 -2.46 8.85
CA LEU B 1162 2.13 -1.33 9.44
C LEU B 1162 2.67 -0.39 8.39
N ASN B 1163 3.24 -0.93 7.31
CA ASN B 1163 3.82 -0.07 6.29
C ASN B 1163 2.76 0.70 5.53
N ALA B 1164 1.55 0.16 5.47
CA ALA B 1164 0.43 0.95 4.97
C ALA B 1164 0.12 2.09 5.93
N TYR B 1165 0.32 1.89 7.22
CA TYR B 1165 0.07 2.96 8.16
C TYR B 1165 1.23 3.94 8.22
N VAL B 1166 2.45 3.43 8.14
CA VAL B 1166 3.62 4.29 8.31
C VAL B 1166 3.76 5.26 7.15
N ALA B 1167 3.57 4.79 5.93
CA ALA B 1167 3.70 5.65 4.77
C ALA B 1167 2.60 6.69 4.72
N GLN B 1168 1.43 6.38 5.26
CA GLN B 1168 0.40 7.40 5.37
C GLN B 1168 0.78 8.45 6.40
N THR B 1169 1.49 8.06 7.44
CA THR B 1169 1.87 9.02 8.46
C THR B 1169 2.98 9.93 7.98
N LEU B 1170 4.02 9.37 7.38
CA LEU B 1170 5.12 10.18 6.87
C LEU B 1170 4.72 11.08 5.72
N THR B 1171 3.61 10.77 5.06
CA THR B 1171 2.98 11.76 4.20
C THR B 1171 2.60 13.00 4.98
N GLN B 1172 1.97 12.81 6.14
CA GLN B 1172 1.46 13.95 6.88
C GLN B 1172 2.56 14.71 7.60
N TYR B 1173 3.60 14.03 8.07
CA TYR B 1173 4.69 14.72 8.74
C TYR B 1173 5.42 15.65 7.79
N ALA B 1174 5.61 15.20 6.56
CA ALA B 1174 6.28 16.04 5.58
C ALA B 1174 5.36 17.12 5.05
N GLU B 1175 4.06 16.87 5.05
CA GLU B 1175 3.12 17.87 4.59
C GLU B 1175 2.96 18.97 5.62
N VAL B 1176 2.92 18.61 6.90
CA VAL B 1176 2.83 19.60 7.95
C VAL B 1176 4.09 20.43 8.00
N LYS B 1177 5.24 19.82 7.72
CA LYS B 1177 6.52 20.51 7.74
C LYS B 1177 6.61 21.60 6.68
N ALA B 1178 5.79 21.52 5.64
CA ALA B 1178 5.66 22.65 4.74
C ALA B 1178 4.77 23.72 5.35
N SER B 1179 3.67 23.32 5.97
CA SER B 1179 2.75 24.29 6.54
C SER B 1179 3.33 24.96 7.76
N ARG B 1180 4.08 24.21 8.57
CA ARG B 1180 4.74 24.80 9.71
C ARG B 1180 5.85 25.75 9.27
N GLN B 1181 6.48 25.43 8.15
CA GLN B 1181 7.42 26.37 7.54
C GLN B 1181 6.69 27.62 7.07
N LEU B 1182 5.46 27.46 6.61
CA LEU B 1182 4.68 28.62 6.20
C LEU B 1182 4.27 29.44 7.41
N ALA B 1183 4.04 28.80 8.55
CA ALA B 1183 3.57 29.54 9.71
C ALA B 1183 4.67 30.40 10.31
N MET B 1184 5.93 29.99 10.18
CA MET B 1184 7.00 30.84 10.68
C MET B 1184 7.14 32.09 9.83
N GLU B 1185 6.85 32.02 8.55
CA GLU B 1185 6.94 33.23 7.74
C GLU B 1185 5.79 34.16 8.03
N LYS B 1186 4.60 33.62 8.25
CA LYS B 1186 3.46 34.47 8.48
C LYS B 1186 3.49 35.08 9.86
N VAL B 1187 4.02 34.36 10.84
CA VAL B 1187 4.10 34.92 12.19
C VAL B 1187 5.16 36.00 12.24
N ASN B 1188 6.30 35.76 11.62
CA ASN B 1188 7.38 36.71 11.72
C ASN B 1188 7.18 37.91 10.82
N GLU B 1189 6.82 37.71 9.57
CA GLU B 1189 6.73 38.86 8.67
C GLU B 1189 5.44 39.64 8.83
N CYS B 1190 4.36 39.00 9.28
CA CYS B 1190 3.07 39.67 9.24
C CYS B 1190 2.47 39.94 10.61
N VAL B 1191 2.55 38.99 11.53
CA VAL B 1191 2.00 39.24 12.86
C VAL B 1191 2.88 40.21 13.61
N LYS B 1192 4.18 40.14 13.39
CA LYS B 1192 5.09 41.01 14.10
C LYS B 1192 5.58 42.18 13.29
N SER B 1193 5.42 42.18 11.97
CA SER B 1193 6.31 43.08 11.24
C SER B 1193 5.70 43.90 10.12
N GLN B 1194 4.45 43.68 9.71
CA GLN B 1194 3.81 44.37 8.57
C GLN B 1194 4.65 44.23 7.30
N SER B 1195 4.66 43.00 6.79
CA SER B 1195 5.42 42.68 5.59
C SER B 1195 4.90 43.46 4.37
N ASP B 1196 5.78 43.66 3.41
CA ASP B 1196 5.46 44.44 2.23
C ASP B 1196 5.46 43.61 0.95
N ARG B 1197 5.57 42.30 1.06
CA ARG B 1197 5.35 41.45 -0.11
C ARG B 1197 3.87 41.50 -0.44
N TYR B 1198 3.55 42.03 -1.61
CA TYR B 1198 2.16 42.18 -2.01
C TYR B 1198 1.53 40.81 -2.19
N GLY B 1199 0.28 40.68 -1.74
CA GLY B 1199 -0.44 39.44 -1.89
C GLY B 1199 -0.19 38.43 -0.81
N PHE B 1200 1.03 38.38 -0.30
CA PHE B 1200 1.30 37.55 0.86
C PHE B 1200 0.62 38.14 2.08
N CYS B 1201 0.15 37.25 2.96
CA CYS B 1201 -0.59 37.60 4.17
C CYS B 1201 -1.84 38.41 3.84
N GLY B 1202 -2.76 37.74 3.14
CA GLY B 1202 -4.06 38.28 2.83
C GLY B 1202 -4.25 38.45 1.34
N ASN B 1203 -4.77 39.62 0.95
CA ASN B 1203 -5.06 39.92 -0.44
C ASN B 1203 -4.97 41.43 -0.55
N GLY B 1204 -3.84 41.91 -0.99
CA GLY B 1204 -3.60 43.32 -1.04
C GLY B 1204 -2.58 43.75 -0.01
N THR B 1205 -2.53 45.05 0.23
CA THR B 1205 -1.50 45.61 1.10
C THR B 1205 -1.82 45.32 2.55
N HIS B 1206 -0.86 44.78 3.26
CA HIS B 1206 -1.07 44.26 4.61
C HIS B 1206 -0.93 45.38 5.63
N LEU B 1207 -1.93 45.52 6.51
CA LEU B 1207 -1.85 46.48 7.60
C LEU B 1207 -1.36 45.84 8.89
N PHE B 1208 -2.08 44.86 9.40
CA PHE B 1208 -1.66 44.08 10.55
C PHE B 1208 -2.36 42.75 10.47
N SER B 1209 -2.18 41.94 11.51
CA SER B 1209 -2.77 40.62 11.52
C SER B 1209 -2.84 40.12 12.94
N LEU B 1210 -3.98 39.57 13.31
CA LEU B 1210 -4.20 39.02 14.63
C LEU B 1210 -4.43 37.53 14.52
N VAL B 1211 -4.01 36.80 15.55
CA VAL B 1211 -4.06 35.36 15.53
C VAL B 1211 -4.95 34.86 16.65
N ASN B 1212 -5.42 33.63 16.53
CA ASN B 1212 -6.10 32.94 17.60
C ASN B 1212 -5.76 31.47 17.50
N SER B 1213 -5.99 30.77 18.60
CA SER B 1213 -5.76 29.34 18.58
C SER B 1213 -6.85 28.65 17.77
N ALA B 1214 -6.58 27.41 17.43
CA ALA B 1214 -7.48 26.58 16.64
C ALA B 1214 -7.10 25.14 16.92
N PRO B 1215 -7.93 24.17 16.50
CA PRO B 1215 -7.49 22.78 16.64
C PRO B 1215 -6.28 22.48 15.80
N ASP B 1216 -5.13 22.31 16.47
CA ASP B 1216 -3.85 21.98 15.88
C ASP B 1216 -3.41 23.01 14.83
N GLY B 1217 -3.20 24.22 15.29
CA GLY B 1217 -2.67 25.24 14.42
C GLY B 1217 -3.28 26.60 14.73
N LEU B 1218 -2.86 27.58 13.97
CA LEU B 1218 -3.25 28.95 14.21
C LEU B 1218 -4.38 29.34 13.27
N LEU B 1219 -5.03 30.45 13.60
CA LEU B 1219 -6.09 31.02 12.79
C LEU B 1219 -5.78 32.49 12.63
N PHE B 1220 -5.44 32.90 11.42
CA PHE B 1220 -4.99 34.26 11.20
C PHE B 1220 -6.15 35.17 10.84
N PHE B 1221 -5.94 36.46 11.04
CA PHE B 1221 -6.92 37.48 10.64
C PHE B 1221 -6.14 38.59 9.97
N HIS B 1222 -5.92 38.46 8.68
CA HIS B 1222 -5.20 39.49 7.95
C HIS B 1222 -6.12 40.67 7.68
N THR B 1223 -5.63 41.87 7.88
CA THR B 1223 -6.39 43.08 7.63
C THR B 1223 -5.70 43.81 6.51
N VAL B 1224 -6.33 43.84 5.34
CA VAL B 1224 -5.72 44.43 4.17
C VAL B 1224 -6.36 45.78 3.89
N LEU B 1225 -5.67 46.58 3.09
CA LEU B 1225 -6.23 47.84 2.64
C LEU B 1225 -7.06 47.64 1.40
N LEU B 1226 -8.00 48.54 1.18
CA LEU B 1226 -8.83 48.48 0.02
C LEU B 1226 -9.13 49.92 -0.35
N PRO B 1227 -8.89 50.32 -1.58
CA PRO B 1227 -9.27 51.66 -2.01
C PRO B 1227 -10.67 51.68 -2.56
N THR B 1228 -11.29 52.86 -2.48
CA THR B 1228 -12.64 53.05 -2.98
C THR B 1228 -12.72 54.12 -4.04
N GLU B 1229 -12.07 55.25 -3.85
CA GLU B 1229 -12.14 56.34 -4.80
C GLU B 1229 -10.81 56.51 -5.49
N TRP B 1230 -10.77 57.40 -6.46
CA TRP B 1230 -9.55 57.64 -7.21
C TRP B 1230 -9.46 59.11 -7.57
N GLU B 1231 -8.38 59.46 -8.24
CA GLU B 1231 -8.15 60.84 -8.66
C GLU B 1231 -7.58 60.85 -10.07
N GLU B 1232 -8.40 61.28 -11.03
CA GLU B 1232 -7.90 61.51 -12.37
C GLU B 1232 -7.05 62.77 -12.33
N VAL B 1233 -5.75 62.60 -12.55
CA VAL B 1233 -4.78 63.67 -12.35
C VAL B 1233 -3.72 63.57 -13.43
N THR B 1234 -3.46 64.67 -14.12
CA THR B 1234 -2.35 64.73 -15.05
C THR B 1234 -1.03 64.88 -14.31
N ALA B 1235 0.02 64.26 -14.84
CA ALA B 1235 1.26 64.13 -14.09
C ALA B 1235 2.45 64.56 -14.95
N TRP B 1236 3.57 64.77 -14.26
CA TRP B 1236 4.88 64.86 -14.88
C TRP B 1236 5.86 64.16 -13.95
N SER B 1237 7.11 64.06 -14.39
CA SER B 1237 8.10 63.38 -13.58
C SER B 1237 9.40 64.17 -13.58
N GLY B 1238 9.30 65.48 -13.43
CA GLY B 1238 10.48 66.32 -13.32
C GLY B 1238 10.35 67.61 -14.09
N ILE B 1239 11.29 68.50 -13.83
CA ILE B 1239 11.26 69.87 -14.29
C ILE B 1239 12.50 70.12 -15.14
N CYS B 1240 12.30 70.73 -16.30
CA CYS B 1240 13.38 71.36 -17.05
C CYS B 1240 13.11 72.85 -17.11
N VAL B 1241 14.05 73.64 -16.61
CA VAL B 1241 13.87 75.09 -16.52
C VAL B 1241 14.70 75.77 -17.61
N ASN B 1242 14.01 76.53 -18.46
CA ASN B 1242 14.59 77.37 -19.51
C ASN B 1242 15.46 76.59 -20.49
N ASP B 1243 15.18 75.29 -20.63
CA ASP B 1243 15.93 74.33 -21.45
C ASP B 1243 17.40 74.27 -21.11
N THR B 1244 17.78 74.58 -19.86
CA THR B 1244 19.17 74.46 -19.44
C THR B 1244 19.35 73.38 -18.38
N TYR B 1245 18.64 73.47 -17.28
CA TYR B 1245 18.83 72.59 -16.15
C TYR B 1245 17.74 71.53 -16.13
N ALA B 1246 18.12 70.29 -15.90
CA ALA B 1246 17.17 69.21 -15.71
C ALA B 1246 17.03 68.93 -14.23
N TYR B 1247 15.85 68.50 -13.82
CA TYR B 1247 15.62 68.08 -12.45
C TYR B 1247 14.75 66.85 -12.47
N LEU B 1248 15.19 65.82 -11.76
CA LEU B 1248 14.45 64.57 -11.70
C LEU B 1248 14.15 64.29 -10.24
N LEU B 1249 13.00 63.68 -9.99
CA LEU B 1249 12.60 63.33 -8.64
C LEU B 1249 13.49 62.23 -8.09
N LYS B 1250 13.93 62.40 -6.85
CA LYS B 1250 14.87 61.46 -6.24
C LYS B 1250 14.22 60.11 -6.03
N ASP B 1251 13.13 60.08 -5.29
CA ASP B 1251 12.27 58.91 -5.29
C ASP B 1251 11.65 58.78 -6.67
N PHE B 1252 11.62 57.56 -7.19
CA PHE B 1252 10.92 57.34 -8.43
C PHE B 1252 9.43 57.17 -8.22
N ASP B 1253 9.01 56.74 -7.03
CA ASP B 1253 7.60 56.56 -6.76
C ASP B 1253 6.85 57.89 -6.68
N HIS B 1254 7.56 58.97 -6.38
CA HIS B 1254 6.90 60.25 -6.34
C HIS B 1254 6.58 60.73 -7.74
N SER B 1255 5.69 61.71 -7.80
CA SER B 1255 5.29 62.29 -9.07
C SER B 1255 4.78 63.69 -8.80
N ILE B 1256 4.96 64.57 -9.75
CA ILE B 1256 4.63 65.99 -9.60
C ILE B 1256 3.41 66.29 -10.45
N PHE B 1257 2.56 67.19 -9.96
CA PHE B 1257 1.29 67.48 -10.59
C PHE B 1257 0.74 68.77 -10.05
N SER B 1258 -0.02 69.47 -10.89
CA SER B 1258 -0.72 70.66 -10.46
C SER B 1258 -2.05 70.29 -9.84
N TYR B 1259 -2.49 71.11 -8.90
CA TYR B 1259 -3.63 70.76 -8.06
C TYR B 1259 -4.34 72.06 -7.71
N ASN B 1260 -5.36 72.40 -8.51
CA ASN B 1260 -6.06 73.68 -8.46
C ASN B 1260 -5.07 74.85 -8.57
N GLY B 1261 -4.29 74.83 -9.64
CA GLY B 1261 -3.31 75.86 -9.90
C GLY B 1261 -2.08 75.82 -9.02
N THR B 1262 -1.95 74.80 -8.17
CA THR B 1262 -0.81 74.69 -7.26
C THR B 1262 -0.15 73.36 -7.49
N TYR B 1263 1.17 73.37 -7.66
CA TYR B 1263 1.91 72.16 -7.98
C TYR B 1263 2.28 71.44 -6.70
N MET B 1264 1.89 70.18 -6.60
CA MET B 1264 2.23 69.34 -5.46
C MET B 1264 2.92 68.08 -5.93
N VAL B 1265 3.40 67.32 -4.96
CA VAL B 1265 4.11 66.07 -5.19
C VAL B 1265 3.55 65.03 -4.24
N THR B 1266 3.32 63.82 -4.75
CA THR B 1266 2.73 62.77 -3.95
C THR B 1266 3.34 61.45 -4.38
N PRO B 1267 3.33 60.45 -3.52
CA PRO B 1267 3.55 59.09 -4.00
C PRO B 1267 2.38 58.66 -4.86
N ARG B 1268 2.65 57.68 -5.71
CA ARG B 1268 1.58 57.10 -6.51
C ARG B 1268 0.87 55.98 -5.77
N ASN B 1269 1.18 55.76 -4.50
CA ASN B 1269 0.42 54.80 -3.72
C ASN B 1269 -0.84 55.42 -3.16
N MET B 1270 -0.70 56.45 -2.35
CA MET B 1270 -1.82 57.15 -1.75
C MET B 1270 -1.86 58.58 -2.26
N PHE B 1271 -3.02 59.21 -2.10
CA PHE B 1271 -3.14 60.63 -2.43
C PHE B 1271 -2.78 61.43 -1.18
N GLN B 1272 -1.47 61.58 -0.98
CA GLN B 1272 -0.93 62.35 0.13
C GLN B 1272 -0.11 63.49 -0.46
N PRO B 1273 -0.75 64.59 -0.84
CA PRO B 1273 0.00 65.67 -1.47
C PRO B 1273 0.74 66.51 -0.45
N ARG B 1274 1.81 67.15 -0.93
CA ARG B 1274 2.55 68.12 -0.15
C ARG B 1274 3.33 68.99 -1.11
N LYS B 1275 3.77 70.12 -0.62
CA LYS B 1275 4.59 70.99 -1.41
C LYS B 1275 5.99 70.40 -1.55
N PRO B 1276 6.67 70.65 -2.66
CA PRO B 1276 8.01 70.09 -2.83
C PRO B 1276 9.07 70.96 -2.18
N GLN B 1277 10.17 70.32 -1.85
CA GLN B 1277 11.38 71.00 -1.43
C GLN B 1277 12.50 70.66 -2.39
N MET B 1278 13.60 71.40 -2.28
CA MET B 1278 14.71 71.22 -3.19
C MET B 1278 15.47 69.91 -2.98
N SER B 1279 15.25 69.24 -1.87
CA SER B 1279 15.93 68.00 -1.56
C SER B 1279 15.30 66.80 -2.24
N ASP B 1280 14.26 67.01 -3.03
CA ASP B 1280 13.60 65.92 -3.75
C ASP B 1280 13.95 65.93 -5.22
N PHE B 1281 14.82 66.83 -5.65
CA PHE B 1281 15.12 67.03 -7.05
C PHE B 1281 16.61 66.75 -7.27
N VAL B 1282 16.90 65.78 -8.08
CA VAL B 1282 18.27 65.49 -8.46
C VAL B 1282 18.53 66.11 -9.81
N GLN B 1283 19.70 66.72 -9.96
CA GLN B 1283 20.01 67.51 -11.14
C GLN B 1283 20.76 66.66 -12.16
N ILE B 1284 20.24 66.59 -13.37
CA ILE B 1284 20.91 65.94 -14.49
C ILE B 1284 20.95 66.94 -15.64
N THR B 1285 21.33 66.48 -16.83
CA THR B 1285 21.65 67.39 -17.92
C THR B 1285 20.77 67.30 -19.16
N SER B 1286 19.77 66.43 -19.20
CA SER B 1286 19.09 66.17 -20.46
C SER B 1286 17.75 66.89 -20.61
N CYS B 1287 16.81 66.61 -19.70
CA CYS B 1287 15.43 67.13 -19.69
C CYS B 1287 14.71 66.93 -21.02
N GLU B 1288 14.41 65.65 -21.29
CA GLU B 1288 13.67 65.26 -22.47
C GLU B 1288 12.21 65.70 -22.42
N VAL B 1289 11.42 65.30 -23.41
CA VAL B 1289 10.06 65.80 -23.61
C VAL B 1289 9.09 65.27 -22.56
N THR B 1290 9.53 64.28 -21.78
CA THR B 1290 8.71 63.66 -20.75
C THR B 1290 8.50 64.60 -19.56
N PHE B 1291 9.25 65.68 -19.48
CA PHE B 1291 9.32 66.53 -18.31
C PHE B 1291 8.24 67.58 -18.36
N LEU B 1292 8.35 68.59 -17.50
CA LEU B 1292 7.42 69.70 -17.47
C LEU B 1292 8.15 70.99 -17.79
N ASN B 1293 7.66 71.70 -18.80
CA ASN B 1293 8.33 72.91 -19.26
C ASN B 1293 8.06 74.05 -18.31
N THR B 1294 9.13 74.73 -17.90
CA THR B 1294 9.10 75.70 -16.81
C THR B 1294 10.14 76.77 -17.09
N THR B 1295 9.86 78.00 -16.65
CA THR B 1295 10.86 79.05 -16.68
C THR B 1295 11.29 79.39 -15.26
N HIS B 1296 12.25 80.34 -15.16
CA HIS B 1296 12.93 80.60 -13.90
C HIS B 1296 12.00 81.15 -12.84
N THR B 1297 11.15 82.11 -13.22
CA THR B 1297 10.30 82.77 -12.23
C THR B 1297 9.22 81.83 -11.70
N THR B 1298 8.67 80.98 -12.56
CA THR B 1298 7.65 80.09 -12.06
C THR B 1298 8.23 78.84 -11.41
N PHE B 1299 9.55 78.68 -11.41
CA PHE B 1299 10.14 77.63 -10.62
C PHE B 1299 10.06 77.95 -9.14
N GLN B 1300 10.23 79.24 -8.79
CA GLN B 1300 10.32 79.62 -7.38
C GLN B 1300 8.99 79.55 -6.66
N GLU B 1301 7.87 79.66 -7.37
CA GLU B 1301 6.60 79.50 -6.67
C GLU B 1301 6.17 78.04 -6.60
N ILE B 1302 6.73 77.19 -7.46
CA ILE B 1302 6.41 75.77 -7.39
C ILE B 1302 7.05 75.15 -6.15
N VAL B 1303 8.33 75.33 -6.00
CA VAL B 1303 9.05 74.70 -4.92
C VAL B 1303 9.29 75.72 -3.82
N ILE B 1304 9.22 75.27 -2.58
CA ILE B 1304 9.32 76.18 -1.45
C ILE B 1304 10.77 76.30 -1.03
N ASP B 1305 11.15 77.52 -0.62
CA ASP B 1305 12.45 77.87 -0.05
C ASP B 1305 13.61 77.64 -1.01
N TYR B 1306 13.36 77.54 -2.31
CA TYR B 1306 14.47 77.65 -3.24
C TYR B 1306 14.85 79.12 -3.33
N ILE B 1307 16.01 79.46 -2.81
CA ILE B 1307 16.43 80.84 -2.70
C ILE B 1307 17.69 81.04 -3.51
N ASP B 1308 17.55 81.69 -4.66
CA ASP B 1308 18.71 82.29 -5.31
C ASP B 1308 19.09 83.52 -4.50
N ILE B 1309 20.32 83.53 -4.00
CA ILE B 1309 20.73 84.57 -3.07
C ILE B 1309 20.91 85.90 -3.77
N ASN B 1310 21.25 85.87 -5.07
CA ASN B 1310 21.62 87.07 -5.81
C ASN B 1310 20.46 88.04 -5.96
N LYS B 1311 19.23 87.55 -6.11
CA LYS B 1311 18.10 88.47 -6.15
C LYS B 1311 17.73 88.97 -4.77
N THR B 1312 18.09 88.23 -3.72
CA THR B 1312 17.68 88.60 -2.38
C THR B 1312 18.54 89.71 -1.82
N ILE B 1313 19.85 89.64 -2.06
CA ILE B 1313 20.80 90.56 -1.43
C ILE B 1313 20.60 91.98 -1.96
N ALA B 1314 20.12 92.12 -3.20
CA ALA B 1314 19.80 93.44 -3.73
C ALA B 1314 18.62 94.09 -3.03
N ASP B 1315 17.74 93.30 -2.41
CA ASP B 1315 16.61 93.87 -1.69
C ASP B 1315 17.05 94.48 -0.36
N MET B 1316 17.84 93.75 0.42
CA MET B 1316 18.33 94.32 1.67
C MET B 1316 19.46 95.31 1.47
N LEU B 1317 19.97 95.46 0.24
CA LEU B 1317 20.97 96.49 -0.01
C LEU B 1317 20.33 97.86 -0.20
N GLU B 1318 19.22 97.92 -0.95
CA GLU B 1318 18.52 99.18 -1.11
C GLU B 1318 17.70 99.55 0.12
N GLN B 1319 17.28 98.55 0.90
CA GLN B 1319 16.60 98.81 2.15
C GLN B 1319 17.56 99.33 3.22
N TYR B 1320 18.86 99.05 3.09
CA TYR B 1320 19.84 99.51 4.05
C TYR B 1320 20.13 101.00 3.87
N HIS B 1321 20.30 101.43 2.62
CA HIS B 1321 20.64 102.82 2.30
C HIS B 1321 19.40 103.65 1.96
N SER B 1322 18.25 103.34 2.55
CA SER B 1322 17.05 104.13 2.35
C SER B 1322 16.62 104.82 3.64
N TYR C 47 71.03 -23.68 33.52
CA TYR C 47 72.22 -23.61 32.69
C TYR C 47 73.15 -24.79 32.93
N CYS C 48 73.74 -25.30 31.85
CA CYS C 48 74.72 -26.38 31.91
C CYS C 48 75.56 -26.30 30.64
N ASP C 49 76.31 -27.37 30.35
CA ASP C 49 77.12 -27.39 29.15
C ASP C 49 76.33 -27.79 27.91
N HIS C 50 75.13 -28.34 28.07
CA HIS C 50 74.30 -28.75 26.93
C HIS C 50 73.38 -27.65 26.44
N GLU C 51 73.76 -26.37 26.64
CA GLU C 51 72.95 -25.27 26.17
C GLU C 51 72.89 -25.24 24.65
N ASP C 52 74.05 -25.39 23.99
CA ASP C 52 74.09 -25.45 22.54
C ASP C 52 73.38 -26.69 22.01
N ASN C 53 73.46 -27.79 22.76
CA ASN C 53 72.81 -29.02 22.32
C ASN C 53 71.31 -28.92 22.49
N CYS C 54 70.86 -28.28 23.57
CA CYS C 54 69.47 -27.88 23.63
C CYS C 54 69.20 -26.75 22.64
N GLY C 55 70.20 -25.91 22.37
CA GLY C 55 70.05 -24.89 21.35
C GLY C 55 70.00 -25.47 19.95
N TRP C 56 70.60 -26.65 19.75
CA TRP C 56 70.37 -27.35 18.50
C TRP C 56 69.01 -28.03 18.51
N TYR C 57 68.59 -28.52 19.68
CA TYR C 57 67.24 -29.06 19.85
C TYR C 57 66.18 -28.01 19.64
N ASN C 58 66.50 -26.75 19.99
CA ASN C 58 65.63 -25.62 19.70
C ASN C 58 65.38 -25.50 18.21
N PHE C 59 66.43 -25.66 17.42
CA PHE C 59 66.31 -25.35 16.00
C PHE C 59 65.56 -26.45 15.25
N VAL C 60 66.13 -27.65 15.23
CA VAL C 60 65.64 -28.66 14.30
C VAL C 60 64.34 -29.29 14.78
N TYR C 61 64.22 -29.55 16.08
CA TYR C 61 63.10 -30.35 16.53
C TYR C 61 61.81 -29.56 16.55
N ASN C 62 61.87 -28.29 16.89
CA ASN C 62 60.69 -27.46 16.93
C ASN C 62 60.43 -26.77 15.59
N ASN C 63 61.20 -27.09 14.57
CA ASN C 63 60.87 -26.70 13.21
C ASN C 63 60.05 -27.75 12.50
N LYS C 64 59.28 -28.54 13.26
CA LYS C 64 58.39 -29.51 12.65
C LYS C 64 57.22 -28.82 11.97
N VAL C 65 56.49 -27.96 12.70
CA VAL C 65 55.19 -27.47 12.27
C VAL C 65 55.14 -25.96 12.18
N GLY C 66 55.86 -25.28 13.07
CA GLY C 66 55.56 -23.94 13.55
C GLY C 66 55.20 -22.82 12.59
N PRO C 67 53.94 -22.37 12.66
CA PRO C 67 53.55 -21.13 11.97
C PRO C 67 54.04 -19.87 12.67
N ASN C 68 53.59 -18.71 12.20
CA ASN C 68 54.17 -17.43 12.62
C ASN C 68 53.39 -16.80 13.76
N ALA C 69 54.11 -15.99 14.55
CA ALA C 69 53.54 -14.98 15.45
C ALA C 69 52.63 -15.58 16.51
N LYS C 70 52.90 -16.83 16.90
CA LYS C 70 51.98 -17.55 17.82
C LYS C 70 52.73 -18.33 18.91
N TYR C 71 52.06 -18.55 20.05
CA TYR C 71 52.61 -19.21 21.23
C TYR C 71 51.59 -20.21 21.74
N SER C 72 52.09 -21.26 22.37
CA SER C 72 51.24 -22.32 22.88
C SER C 72 51.89 -22.91 24.11
N TYR C 73 51.45 -24.10 24.50
CA TYR C 73 51.90 -24.77 25.72
C TYR C 73 52.24 -26.20 25.34
N ILE C 74 53.46 -26.41 24.86
CA ILE C 74 53.86 -27.70 24.30
C ILE C 74 54.21 -28.65 25.43
N ASN C 75 53.62 -29.85 25.40
CA ASN C 75 53.96 -30.92 26.34
C ASN C 75 54.22 -32.20 25.55
N THR C 76 55.49 -32.54 25.39
CA THR C 76 55.90 -33.80 24.80
C THR C 76 57.04 -34.37 25.64
N GLN C 77 56.95 -35.65 25.97
CA GLN C 77 57.96 -36.30 26.79
C GLN C 77 59.25 -36.44 25.99
N ASN C 78 60.23 -35.61 26.33
CA ASN C 78 61.43 -35.41 25.51
C ASN C 78 62.66 -35.34 26.41
N LEU C 79 63.75 -34.81 25.86
CA LEU C 79 65.06 -34.88 26.51
C LEU C 79 65.17 -33.94 27.69
N ASN C 80 65.99 -34.35 28.65
CA ASN C 80 66.47 -33.46 29.71
C ASN C 80 67.97 -33.53 29.91
N ILE C 81 68.57 -34.73 29.85
CA ILE C 81 69.98 -35.00 30.11
C ILE C 81 70.40 -36.17 29.26
N PRO C 82 71.51 -36.07 28.51
CA PRO C 82 71.81 -37.08 27.49
C PRO C 82 72.40 -38.35 28.08
N ASN C 83 72.59 -39.33 27.18
CA ASN C 83 73.28 -40.58 27.49
C ASN C 83 73.98 -41.09 26.23
N VAL C 84 75.23 -41.50 26.39
CA VAL C 84 76.02 -42.11 25.32
C VAL C 84 76.23 -43.56 25.70
N HIS C 85 75.84 -44.48 24.83
CA HIS C 85 75.86 -45.89 25.17
C HIS C 85 76.42 -46.70 24.02
N GLY C 86 77.44 -47.51 24.32
CA GLY C 86 78.00 -48.45 23.37
C GLY C 86 78.01 -49.86 23.93
N VAL C 87 76.96 -50.19 24.69
CA VAL C 87 76.86 -51.51 25.30
C VAL C 87 76.43 -52.55 24.26
N TYR C 88 75.71 -52.11 23.22
CA TYR C 88 75.19 -52.84 22.06
C TYR C 88 74.04 -53.79 22.41
N PHE C 89 73.65 -53.92 23.68
CA PHE C 89 72.39 -54.54 24.07
C PHE C 89 71.80 -53.62 25.13
N ASP C 90 71.09 -52.59 24.69
CA ASP C 90 70.56 -51.58 25.61
C ASP C 90 69.15 -51.98 26.03
N VAL C 91 69.10 -52.97 26.92
CA VAL C 91 67.84 -53.50 27.42
C VAL C 91 67.40 -52.59 28.56
N ARG C 92 66.44 -51.72 28.29
CA ARG C 92 65.95 -50.79 29.29
C ARG C 92 64.44 -50.75 29.23
N GLU C 93 63.81 -50.83 30.39
CA GLU C 93 62.36 -50.87 30.51
C GLU C 93 61.88 -49.63 31.23
N HIS C 94 61.01 -48.86 30.58
CA HIS C 94 60.54 -47.55 31.06
C HIS C 94 59.11 -47.39 30.57
N ASN C 95 58.61 -46.16 30.51
CA ASN C 95 57.20 -45.97 30.22
C ASN C 95 56.90 -45.16 28.96
N SER C 96 57.90 -44.61 28.28
CA SER C 96 57.70 -44.03 26.97
C SER C 96 59.04 -44.06 26.24
N ASP C 97 59.01 -43.72 24.96
CA ASP C 97 60.26 -43.74 24.21
C ASP C 97 61.10 -42.52 24.54
N GLY C 98 62.40 -42.64 24.26
CA GLY C 98 63.27 -41.53 24.16
C GLY C 98 63.64 -41.22 22.72
N VAL C 99 64.66 -40.40 22.57
CA VAL C 99 65.12 -39.88 21.29
C VAL C 99 66.60 -40.22 21.15
N TRP C 100 67.00 -40.63 19.96
CA TRP C 100 68.40 -40.86 19.69
C TRP C 100 68.96 -39.77 18.79
N ASP C 101 70.28 -39.81 18.60
CA ASP C 101 70.98 -38.78 17.84
C ASP C 101 72.33 -39.32 17.42
N GLN C 102 72.63 -39.25 16.12
CA GLN C 102 73.86 -39.80 15.56
C GLN C 102 74.13 -39.17 14.20
N ILE C 103 75.40 -38.89 13.92
CA ILE C 103 75.81 -38.36 12.63
C ILE C 103 76.52 -39.40 11.76
N ASP C 104 77.24 -40.35 12.35
CA ASP C 104 78.07 -41.29 11.60
C ASP C 104 77.22 -42.36 10.92
N ARG C 105 77.88 -43.15 10.07
CA ARG C 105 77.21 -44.04 9.11
C ARG C 105 77.17 -45.48 9.62
N VAL C 106 76.43 -45.70 10.70
CA VAL C 106 76.30 -47.00 11.33
C VAL C 106 74.83 -47.34 11.43
N GLY C 107 74.47 -48.60 11.12
CA GLY C 107 73.09 -49.02 11.23
C GLY C 107 72.59 -49.07 12.66
N LEU C 108 71.28 -48.86 12.81
CA LEU C 108 70.61 -48.89 14.10
C LEU C 108 69.39 -49.80 14.04
N LEU C 109 68.86 -50.13 15.21
CA LEU C 109 67.68 -50.99 15.33
C LEU C 109 67.01 -50.75 16.67
N ILE C 110 65.71 -50.42 16.63
CA ILE C 110 64.90 -50.22 17.82
C ILE C 110 63.70 -51.16 17.77
N ALA C 111 63.39 -51.79 18.91
CA ALA C 111 62.21 -52.64 19.05
C ALA C 111 61.44 -52.21 20.28
N ILE C 112 60.12 -52.11 20.13
CA ILE C 112 59.24 -51.64 21.18
C ILE C 112 58.20 -52.71 21.46
N HIS C 113 58.05 -53.08 22.73
CA HIS C 113 57.05 -54.07 23.12
C HIS C 113 56.68 -53.83 24.57
N GLY C 114 55.64 -54.55 25.00
CA GLY C 114 55.40 -54.68 26.42
C GLY C 114 56.09 -55.95 26.86
N THR C 115 55.33 -56.90 27.36
CA THR C 115 55.85 -58.26 27.50
C THR C 115 55.71 -58.96 26.15
N SER C 116 56.15 -60.21 26.07
CA SER C 116 55.96 -60.98 24.84
C SER C 116 54.51 -61.44 24.82
N HIS C 117 53.68 -60.65 24.13
CA HIS C 117 52.26 -60.96 24.02
C HIS C 117 52.03 -62.01 22.95
N TYR C 118 50.76 -62.14 22.55
CA TYR C 118 50.28 -63.18 21.65
C TYR C 118 49.51 -62.64 20.45
N SER C 119 48.80 -61.53 20.59
CA SER C 119 48.31 -60.79 19.45
C SER C 119 48.54 -59.29 19.53
N LEU C 120 49.00 -58.78 20.67
CA LEU C 120 49.30 -57.36 20.78
C LEU C 120 50.54 -57.07 19.96
N LEU C 121 50.40 -56.20 18.96
CA LEU C 121 51.47 -56.02 18.00
C LEU C 121 52.60 -55.18 18.59
N MET C 122 53.81 -55.43 18.12
CA MET C 122 54.99 -54.72 18.56
C MET C 122 55.45 -53.77 17.46
N VAL C 123 56.55 -53.08 17.71
CA VAL C 123 57.14 -52.16 16.74
C VAL C 123 58.53 -52.65 16.39
N LEU C 124 58.81 -52.75 15.09
CA LEU C 124 60.14 -53.04 14.59
C LEU C 124 60.59 -51.92 13.68
N GLN C 125 61.88 -51.61 13.74
CA GLN C 125 62.42 -50.45 13.05
C GLN C 125 63.92 -50.59 12.91
N ASP C 126 64.44 -50.24 11.74
CA ASP C 126 65.87 -50.19 11.49
C ASP C 126 66.23 -48.82 10.90
N GLY C 127 67.32 -48.23 11.39
CA GLY C 127 67.91 -47.09 10.72
C GLY C 127 69.23 -47.47 10.09
N VAL C 128 69.23 -47.69 8.77
CA VAL C 128 70.37 -48.26 8.06
C VAL C 128 70.94 -47.21 7.12
N GLU C 129 72.26 -47.14 7.03
CA GLU C 129 72.93 -46.29 6.06
C GLU C 129 72.94 -46.96 4.70
N ALA C 130 72.70 -46.17 3.66
CA ALA C 130 72.67 -46.66 2.29
C ALA C 130 73.13 -45.51 1.38
N SER C 131 72.80 -45.60 0.09
CA SER C 131 72.98 -44.46 -0.81
C SER C 131 72.18 -43.25 -0.33
N GLN C 132 70.96 -43.48 0.12
CA GLN C 132 70.22 -42.55 0.94
C GLN C 132 69.92 -43.25 2.26
N PRO C 133 70.21 -42.64 3.40
CA PRO C 133 69.97 -43.33 4.68
C PRO C 133 68.49 -43.45 4.97
N HIS C 134 67.96 -44.65 4.81
CA HIS C 134 66.52 -44.89 4.89
C HIS C 134 66.16 -45.58 6.19
N VAL C 135 64.87 -45.63 6.46
CA VAL C 135 64.33 -46.19 7.68
C VAL C 135 62.96 -46.78 7.39
N ALA C 136 62.77 -48.03 7.79
CA ALA C 136 61.50 -48.71 7.65
C ALA C 136 60.98 -49.07 9.04
N VAL C 137 59.70 -48.82 9.27
CA VAL C 137 59.05 -49.14 10.53
C VAL C 137 57.93 -50.13 10.25
N LYS C 138 57.86 -51.17 11.06
CA LYS C 138 56.87 -52.22 10.90
C LYS C 138 56.14 -52.46 12.20
N ILE C 139 54.87 -52.83 12.08
CA ILE C 139 54.03 -53.15 13.23
C ILE C 139 53.58 -54.60 13.06
N CYS C 140 54.32 -55.52 13.66
CA CYS C 140 53.97 -56.92 13.69
C CYS C 140 54.54 -57.60 14.93
N HIS C 141 54.50 -58.92 14.92
CA HIS C 141 54.52 -59.73 16.13
C HIS C 141 55.44 -60.92 15.95
N TRP C 142 56.12 -61.30 17.03
CA TRP C 142 57.00 -62.46 17.02
C TRP C 142 57.13 -63.03 18.43
N ASN C 143 57.08 -64.35 18.55
CA ASN C 143 57.61 -65.06 19.70
C ASN C 143 59.12 -65.36 19.69
N PRO C 144 59.75 -65.88 18.63
CA PRO C 144 61.15 -66.31 18.81
C PRO C 144 62.14 -65.19 18.57
N GLY C 145 63.23 -65.25 19.32
CA GLY C 145 64.40 -64.47 19.00
C GLY C 145 64.68 -63.38 20.01
N ASN C 146 65.82 -62.74 19.80
CA ASN C 146 66.32 -61.68 20.65
C ASN C 146 67.42 -60.99 19.88
N ILE C 147 67.71 -59.75 20.26
CA ILE C 147 68.69 -58.94 19.52
C ILE C 147 70.02 -59.13 20.22
N SER C 148 70.68 -60.24 19.88
CA SER C 148 72.14 -60.38 19.98
C SER C 148 72.53 -60.93 18.61
N THR C 149 72.65 -60.03 17.64
CA THR C 149 72.48 -60.45 16.25
C THR C 149 73.72 -60.24 15.39
N TYR C 150 74.18 -59.00 15.21
CA TYR C 150 75.33 -58.62 14.37
C TYR C 150 75.22 -59.16 12.95
N HIS C 151 74.17 -58.72 12.25
CA HIS C 151 74.00 -59.06 10.85
C HIS C 151 73.82 -57.78 10.04
N GLN C 152 73.38 -57.94 8.79
CA GLN C 152 72.90 -56.85 7.95
C GLN C 152 71.38 -56.83 8.00
N PHE C 153 70.80 -55.64 7.95
CA PHE C 153 69.46 -55.43 8.48
C PHE C 153 68.57 -54.59 7.57
N ASP C 154 68.44 -54.98 6.30
CA ASP C 154 67.46 -54.33 5.44
C ASP C 154 66.02 -54.56 5.94
N VAL C 155 65.53 -55.79 5.90
CA VAL C 155 64.33 -56.19 6.64
C VAL C 155 64.70 -57.49 7.36
N ASN C 156 65.24 -57.38 8.57
CA ASN C 156 65.64 -58.59 9.31
C ASN C 156 65.24 -58.49 10.79
N LEU C 157 63.97 -58.78 11.10
CA LEU C 157 63.60 -59.41 12.37
C LEU C 157 62.21 -60.04 12.17
N GLY C 158 62.19 -61.33 11.88
CA GLY C 158 60.96 -62.09 11.92
C GLY C 158 60.02 -61.89 10.74
N ASP C 159 59.49 -62.98 10.21
CA ASP C 159 58.35 -62.90 9.30
C ASP C 159 57.08 -63.28 10.06
N GLY C 160 56.61 -62.34 10.87
CA GLY C 160 55.40 -62.57 11.64
C GLY C 160 54.17 -62.55 10.75
N GLY C 161 53.32 -63.56 10.93
CA GLY C 161 52.11 -63.67 10.14
C GLY C 161 51.02 -62.69 10.51
N GLN C 162 51.20 -61.94 11.58
CA GLN C 162 50.25 -60.94 12.05
C GLN C 162 50.91 -59.58 11.88
N CYS C 163 50.81 -59.00 10.68
CA CYS C 163 51.49 -57.74 10.39
C CYS C 163 50.62 -56.87 9.49
N VAL C 164 50.41 -55.63 9.93
CA VAL C 164 49.40 -54.75 9.36
C VAL C 164 50.00 -53.45 8.82
N PHE C 165 50.96 -52.86 9.52
CA PHE C 165 51.51 -51.57 9.11
C PHE C 165 52.98 -51.69 8.78
N ASN C 166 53.36 -51.08 7.67
CA ASN C 166 54.73 -51.06 7.18
C ASN C 166 54.90 -49.80 6.36
N GLN C 167 56.01 -49.10 6.56
CA GLN C 167 56.33 -47.94 5.74
C GLN C 167 57.83 -47.70 5.77
N ARG C 168 58.39 -47.44 4.60
CA ARG C 168 59.81 -47.14 4.45
C ARG C 168 59.95 -45.63 4.34
N PHE C 169 60.47 -45.01 5.38
CA PHE C 169 60.60 -43.56 5.44
C PHE C 169 61.99 -43.13 4.98
N SER C 170 62.05 -41.92 4.42
CA SER C 170 63.31 -41.33 4.00
C SER C 170 63.73 -40.34 5.06
N LEU C 171 64.86 -40.60 5.71
CA LEU C 171 65.35 -39.70 6.75
C LEU C 171 65.97 -38.47 6.11
N ASP C 172 65.37 -37.30 6.37
CA ASP C 172 65.91 -36.04 5.83
C ASP C 172 67.12 -35.66 6.66
N THR C 173 68.30 -35.96 6.14
CA THR C 173 69.57 -35.55 6.75
C THR C 173 70.03 -34.24 6.10
N VAL C 174 69.12 -33.27 6.08
CA VAL C 174 69.36 -32.00 5.40
C VAL C 174 70.41 -31.17 6.13
N LEU C 175 70.29 -31.04 7.45
CA LEU C 175 71.25 -30.29 8.23
C LEU C 175 72.51 -31.11 8.49
N THR C 176 73.64 -30.41 8.60
CA THR C 176 74.91 -31.05 8.94
C THR C 176 75.13 -31.19 10.44
N ALA C 177 74.33 -30.52 11.25
CA ALA C 177 74.46 -30.62 12.70
C ALA C 177 73.66 -31.83 13.19
N ASN C 178 73.52 -31.94 14.51
CA ASN C 178 72.79 -33.05 15.10
C ASN C 178 71.28 -32.79 15.13
N ASP C 179 70.53 -33.74 14.59
CA ASP C 179 69.08 -33.64 14.51
C ASP C 179 68.46 -34.82 15.24
N PHE C 180 67.35 -34.58 15.91
CA PHE C 180 66.77 -35.56 16.83
C PHE C 180 65.65 -36.33 16.16
N TYR C 181 65.57 -37.63 16.46
CA TYR C 181 64.54 -38.50 15.91
C TYR C 181 64.15 -39.51 16.97
N GLY C 182 62.94 -39.39 17.51
CA GLY C 182 62.48 -40.28 18.55
C GLY C 182 61.06 -40.72 18.29
N PHE C 183 60.37 -41.27 19.28
CA PHE C 183 58.99 -41.70 19.11
C PHE C 183 58.21 -41.42 20.39
N GLN C 184 56.92 -41.75 20.35
CA GLN C 184 56.06 -41.60 21.52
C GLN C 184 54.84 -42.49 21.35
N TRP C 185 54.39 -43.05 22.46
CA TRP C 185 53.11 -43.74 22.50
C TRP C 185 52.44 -43.42 23.82
N THR C 186 51.10 -43.43 23.83
CA THR C 186 50.39 -43.19 25.08
C THR C 186 49.61 -44.41 25.53
N ASP C 187 48.52 -44.74 24.86
CA ASP C 187 47.79 -45.98 25.12
C ASP C 187 47.20 -46.62 23.89
N THR C 188 46.89 -45.83 22.84
CA THR C 188 46.27 -46.31 21.61
C THR C 188 46.83 -45.58 20.40
N TYR C 189 48.01 -45.00 20.53
CA TYR C 189 48.29 -43.75 19.83
C TYR C 189 49.80 -43.64 19.67
N VAL C 190 50.32 -44.01 18.50
CA VAL C 190 51.74 -44.17 18.27
C VAL C 190 52.24 -43.05 17.39
N ASP C 191 53.40 -42.48 17.74
CA ASP C 191 53.93 -41.30 17.09
C ASP C 191 55.18 -41.64 16.32
N ILE C 192 55.38 -40.95 15.20
CA ILE C 192 56.58 -41.07 14.37
C ILE C 192 57.18 -39.67 14.22
N TYR C 193 58.49 -39.56 14.41
CA TYR C 193 59.14 -38.26 14.25
C TYR C 193 60.22 -38.31 13.18
N LEU C 194 59.92 -38.90 12.03
CA LEU C 194 60.95 -39.24 11.05
C LEU C 194 61.03 -38.17 9.96
N GLY C 195 62.12 -37.41 10.00
CA GLY C 195 62.52 -36.57 8.90
C GLY C 195 61.95 -35.18 8.90
N GLY C 196 60.67 -35.04 8.54
CA GLY C 196 60.12 -33.71 8.37
C GLY C 196 58.70 -33.56 8.85
N THR C 197 58.14 -34.61 9.45
CA THR C 197 56.73 -34.61 9.76
C THR C 197 56.47 -35.48 10.97
N ILE C 198 55.21 -35.50 11.39
CA ILE C 198 54.73 -36.33 12.47
C ILE C 198 53.61 -37.18 11.92
N THR C 199 53.73 -38.49 12.09
CA THR C 199 52.72 -39.41 11.60
C THR C 199 52.19 -40.20 12.77
N LYS C 200 50.91 -40.54 12.71
CA LYS C 200 50.23 -41.17 13.83
C LYS C 200 49.66 -42.53 13.42
N VAL C 201 49.80 -43.50 14.32
CA VAL C 201 49.26 -44.84 14.13
C VAL C 201 48.37 -45.16 15.31
N TRP C 202 47.14 -45.58 15.05
CA TRP C 202 46.20 -45.95 16.09
C TRP C 202 46.14 -47.47 16.12
N VAL C 203 46.79 -48.08 17.11
CA VAL C 203 46.49 -49.51 17.32
C VAL C 203 46.06 -49.86 18.75
N VAL C 204 47.01 -50.00 19.67
CA VAL C 204 46.86 -50.13 21.11
C VAL C 204 48.29 -50.06 21.63
N ASN C 205 48.49 -49.51 22.83
CA ASN C 205 49.82 -49.51 23.44
C ASN C 205 49.71 -50.13 24.81
N ASP C 206 50.13 -51.37 24.95
CA ASP C 206 50.47 -51.92 26.25
C ASP C 206 51.98 -52.16 26.17
N TRP C 207 52.74 -51.09 26.39
CA TRP C 207 54.15 -51.05 25.98
C TRP C 207 54.99 -50.46 27.10
N SER C 208 55.94 -51.25 27.58
CA SER C 208 56.85 -50.76 28.61
C SER C 208 58.29 -51.22 28.43
N VAL C 209 58.63 -51.94 27.37
CA VAL C 209 60.00 -52.42 27.17
C VAL C 209 60.47 -51.99 25.79
N VAL C 210 61.44 -51.08 25.75
CA VAL C 210 62.08 -50.69 24.51
C VAL C 210 63.39 -51.46 24.38
N GLU C 211 63.66 -51.96 23.18
CA GLU C 211 64.87 -52.74 22.91
C GLU C 211 65.69 -52.01 21.84
N ALA C 212 66.86 -51.52 22.24
CA ALA C 212 67.75 -50.81 21.33
C ALA C 212 69.12 -51.48 21.33
N SER C 213 69.75 -51.50 20.16
CA SER C 213 71.01 -52.20 20.01
C SER C 213 71.71 -51.70 18.75
N ILE C 214 73.03 -51.81 18.77
CA ILE C 214 73.86 -51.53 17.61
C ILE C 214 74.54 -52.84 17.23
N SER C 215 74.34 -53.26 15.98
CA SER C 215 74.74 -54.59 15.55
C SER C 215 75.94 -54.49 14.62
N SER C 216 77.13 -54.36 15.23
CA SER C 216 78.42 -54.38 14.54
C SER C 216 79.51 -54.50 15.59
N HIS C 217 80.55 -55.28 15.31
CA HIS C 217 81.70 -55.37 16.21
C HIS C 217 82.84 -54.56 15.63
N TRP C 218 82.81 -53.25 15.88
CA TRP C 218 83.95 -52.41 15.60
C TRP C 218 85.01 -52.62 16.67
N ASN C 219 86.28 -52.56 16.26
CA ASN C 219 87.37 -52.85 17.18
C ASN C 219 87.52 -51.75 18.22
N ALA C 220 87.85 -50.54 17.78
CA ALA C 220 87.92 -49.39 18.69
C ALA C 220 87.58 -48.14 17.90
N LEU C 221 86.31 -47.74 17.94
CA LEU C 221 85.88 -46.50 17.30
C LEU C 221 85.17 -45.63 18.31
N ASN C 222 85.24 -44.33 18.06
CA ASN C 222 84.46 -43.34 18.80
C ASN C 222 83.19 -43.02 18.04
N TYR C 223 82.12 -42.78 18.79
CA TYR C 223 80.83 -42.43 18.20
C TYR C 223 80.31 -41.16 18.87
N GLY C 224 80.18 -40.09 18.08
CA GLY C 224 79.41 -38.97 18.57
C GLY C 224 77.95 -39.36 18.46
N TYR C 225 77.35 -39.74 19.59
CA TYR C 225 76.19 -40.60 19.56
C TYR C 225 75.42 -40.44 20.87
N TYR C 226 74.24 -39.84 20.80
CA TYR C 226 73.44 -39.57 21.97
C TYR C 226 72.11 -40.29 21.82
N ILE C 227 71.64 -40.87 22.92
CA ILE C 227 70.34 -41.54 22.94
C ILE C 227 69.80 -41.46 24.36
N GLN C 228 68.55 -41.04 24.48
CA GLN C 228 67.91 -40.90 25.78
C GLN C 228 66.69 -41.82 25.83
N PHE C 229 66.10 -41.93 27.01
CA PHE C 229 64.91 -42.74 27.23
C PHE C 229 64.02 -41.99 28.19
N VAL C 230 62.85 -41.57 27.74
CA VAL C 230 62.04 -40.63 28.48
C VAL C 230 60.94 -41.37 29.22
N ASN C 231 60.86 -41.12 30.52
CA ASN C 231 59.80 -41.65 31.43
C ASN C 231 59.56 -40.50 32.40
N ARG C 232 58.76 -39.55 31.93
CA ARG C 232 58.59 -38.23 32.53
C ARG C 232 57.33 -37.62 31.96
N THR C 233 56.99 -36.45 32.47
CA THR C 233 55.83 -35.69 32.00
C THR C 233 56.21 -34.22 31.92
N THR C 234 57.29 -33.91 31.21
CA THR C 234 57.77 -32.54 31.16
C THR C 234 56.85 -31.63 30.37
N TYR C 235 56.94 -30.34 30.65
CA TYR C 235 56.17 -29.31 29.97
C TYR C 235 57.13 -28.24 29.45
N TYR C 236 56.63 -27.44 28.51
CA TYR C 236 57.42 -26.35 27.95
C TYR C 236 56.49 -25.19 27.66
N ALA C 237 57.07 -24.08 27.19
CA ALA C 237 56.28 -22.90 26.89
C ALA C 237 56.90 -22.24 25.66
N TYR C 238 56.28 -22.41 24.50
CA TYR C 238 56.76 -21.76 23.24
C TYR C 238 56.43 -20.26 23.25
N ASN C 239 57.10 -19.45 22.43
CA ASN C 239 56.78 -17.99 22.38
C ASN C 239 56.62 -17.51 20.93
N SER C 240 57.72 -17.16 20.26
CA SER C 240 57.66 -16.63 18.86
C SER C 240 56.64 -15.48 18.72
N THR C 241 56.77 -14.45 19.56
CA THR C 241 55.92 -13.23 19.59
C THR C 241 56.26 -12.39 18.36
N GLY C 242 57.50 -11.92 18.29
CA GLY C 242 58.00 -11.16 17.17
C GLY C 242 59.36 -11.68 16.73
N GLY C 243 59.93 -12.58 17.52
CA GLY C 243 61.24 -13.12 17.23
C GLY C 243 62.31 -12.63 18.19
N SER C 244 62.69 -13.49 19.13
CA SER C 244 63.71 -13.14 20.10
C SER C 244 65.12 -13.36 19.57
N ASN C 245 65.26 -13.76 18.31
CA ASN C 245 66.51 -13.85 17.55
C ASN C 245 67.52 -14.82 18.14
N TYR C 246 67.10 -15.74 19.02
CA TYR C 246 67.95 -16.87 19.34
C TYR C 246 68.09 -17.77 18.12
N THR C 247 66.96 -18.29 17.64
CA THR C 247 66.72 -18.39 16.20
C THR C 247 65.48 -17.63 15.78
N HIS C 248 64.33 -17.90 16.42
CA HIS C 248 63.14 -17.09 16.18
C HIS C 248 62.27 -16.92 17.42
N LEU C 249 62.68 -17.37 18.60
CA LEU C 249 61.70 -17.61 19.65
C LEU C 249 62.33 -17.45 21.02
N GLN C 250 61.49 -17.67 22.04
CA GLN C 250 61.88 -17.57 23.43
C GLN C 250 61.27 -18.78 24.15
N LEU C 251 62.07 -19.82 24.33
CA LEU C 251 61.60 -20.99 25.05
C LEU C 251 61.57 -20.73 26.54
N THR C 252 60.81 -21.57 27.24
CA THR C 252 60.75 -21.54 28.69
C THR C 252 60.30 -22.93 29.15
N GLU C 253 61.18 -23.66 29.82
CA GLU C 253 60.74 -24.84 30.52
C GLU C 253 60.05 -24.42 31.80
N CYS C 254 59.03 -25.15 32.20
CA CYS C 254 58.36 -24.84 33.44
C CYS C 254 58.57 -25.95 34.47
N HIS C 255 58.33 -25.61 35.73
CA HIS C 255 58.66 -26.52 36.81
C HIS C 255 57.58 -27.58 37.00
N THR C 256 56.37 -27.16 37.36
CA THR C 256 55.37 -28.11 37.84
C THR C 256 54.19 -28.26 36.90
N ASP C 257 53.41 -27.21 36.65
CA ASP C 257 52.07 -27.41 36.12
C ASP C 257 51.50 -26.10 35.60
N TYR C 258 51.02 -26.10 34.35
CA TYR C 258 50.07 -25.13 33.78
C TYR C 258 50.61 -23.71 33.85
N CYS C 259 51.67 -23.50 33.09
CA CYS C 259 52.57 -22.38 33.29
C CYS C 259 52.04 -21.16 32.54
N ALA C 260 52.91 -20.17 32.34
CA ALA C 260 52.57 -18.94 31.61
C ALA C 260 52.66 -19.17 30.10
N GLY C 261 51.85 -20.12 29.62
CA GLY C 261 51.73 -20.36 28.20
C GLY C 261 50.47 -19.72 27.66
N TYR C 262 49.36 -19.93 28.38
CA TYR C 262 48.09 -19.23 28.19
C TYR C 262 47.54 -19.45 26.78
N ALA C 263 47.17 -20.69 26.52
CA ALA C 263 46.47 -21.02 25.28
C ALA C 263 45.13 -20.31 25.24
N LYS C 264 44.90 -19.57 24.15
CA LYS C 264 43.70 -18.75 24.03
C LYS C 264 42.45 -19.59 23.78
N ASN C 265 42.59 -20.87 23.46
CA ASN C 265 41.41 -21.70 23.27
C ASN C 265 40.70 -21.96 24.59
N VAL C 266 41.47 -22.23 25.64
CA VAL C 266 40.87 -22.43 26.95
C VAL C 266 40.42 -21.08 27.48
N PHE C 267 39.20 -21.02 27.99
CA PHE C 267 38.69 -19.84 28.65
C PHE C 267 38.02 -20.27 29.94
N VAL C 268 37.45 -19.30 30.65
CA VAL C 268 36.66 -19.58 31.84
C VAL C 268 35.23 -19.11 31.54
N PRO C 269 34.28 -20.00 31.48
CA PRO C 269 32.90 -19.59 31.24
C PRO C 269 32.30 -18.91 32.46
N ILE C 270 32.53 -17.61 32.57
CA ILE C 270 32.24 -16.88 33.80
C ILE C 270 30.76 -16.80 34.11
N ASP C 271 29.92 -16.73 33.10
CA ASP C 271 28.49 -16.65 33.31
C ASP C 271 27.73 -17.67 32.49
N GLY C 272 28.41 -18.55 31.79
CA GLY C 272 27.82 -19.22 30.68
C GLY C 272 28.03 -18.47 29.39
N LYS C 273 29.12 -17.71 29.31
CA LYS C 273 29.29 -16.72 28.26
C LYS C 273 30.73 -16.75 27.77
N ILE C 274 30.89 -16.78 26.46
CA ILE C 274 32.23 -16.72 25.86
C ILE C 274 32.81 -15.33 26.09
N PRO C 275 34.08 -15.21 26.48
CA PRO C 275 34.63 -13.88 26.75
C PRO C 275 34.80 -13.04 25.50
N GLU C 276 34.54 -11.75 25.65
CA GLU C 276 34.70 -10.82 24.54
C GLU C 276 36.17 -10.65 24.22
N GLY C 277 36.45 -10.28 22.97
CA GLY C 277 37.81 -10.16 22.51
C GLY C 277 38.44 -11.52 22.42
N PHE C 278 37.91 -12.34 21.52
CA PHE C 278 38.31 -13.73 21.43
C PHE C 278 38.21 -14.19 19.98
N SER C 279 39.20 -14.96 19.55
CA SER C 279 39.27 -15.40 18.17
C SER C 279 38.22 -16.48 17.94
N PHE C 280 37.25 -16.20 17.09
CA PHE C 280 36.29 -17.21 16.67
C PHE C 280 36.74 -17.92 15.42
N SER C 281 37.99 -18.39 15.41
CA SER C 281 38.51 -19.12 14.27
C SER C 281 37.99 -20.53 14.21
N ASN C 282 37.25 -20.95 15.21
CA ASN C 282 36.83 -22.32 15.30
C ASN C 282 35.38 -22.47 15.77
N TRP C 283 34.67 -21.37 15.96
CA TRP C 283 33.26 -21.41 16.31
C TRP C 283 32.47 -20.89 15.14
N PHE C 284 31.36 -21.53 14.82
CA PHE C 284 30.62 -21.22 13.61
C PHE C 284 29.16 -20.92 13.91
N LEU C 285 28.53 -20.22 12.98
CA LEU C 285 27.08 -20.16 12.95
C LEU C 285 26.53 -21.50 12.51
N LEU C 286 25.66 -22.08 13.31
CA LEU C 286 25.10 -23.38 13.02
C LEU C 286 23.76 -23.20 12.34
N THR C 287 23.64 -23.72 11.13
CA THR C 287 22.41 -23.60 10.36
C THR C 287 22.28 -24.80 9.45
N ASP C 288 21.18 -24.83 8.71
CA ASP C 288 20.95 -25.88 7.74
C ASP C 288 20.43 -25.38 6.42
N LYS C 289 20.11 -24.09 6.31
CA LYS C 289 19.54 -23.62 5.05
C LYS C 289 20.62 -23.07 4.13
N SER C 290 21.44 -22.14 4.60
CA SER C 290 22.48 -21.47 3.82
C SER C 290 23.28 -20.59 4.74
N THR C 291 24.58 -20.51 4.49
CA THR C 291 25.41 -19.67 5.33
C THR C 291 25.28 -18.22 4.90
N LEU C 292 25.69 -17.33 5.79
CA LEU C 292 25.79 -15.92 5.44
C LEU C 292 27.11 -15.64 4.76
N VAL C 293 27.33 -14.38 4.43
CA VAL C 293 28.64 -13.93 4.00
C VAL C 293 29.02 -12.73 4.84
N GLN C 294 28.13 -11.75 4.90
CA GLN C 294 28.40 -10.52 5.62
C GLN C 294 27.17 -10.09 6.41
N GLY C 295 27.30 -8.95 7.08
CA GLY C 295 26.20 -8.33 7.76
C GLY C 295 26.03 -8.81 9.20
N ARG C 296 24.95 -8.36 9.80
CA ARG C 296 24.54 -8.81 11.12
C ARG C 296 23.23 -9.59 11.00
N VAL C 297 23.00 -10.47 11.96
CA VAL C 297 21.75 -11.20 12.02
C VAL C 297 21.50 -11.62 13.47
N LEU C 298 20.23 -11.76 13.82
CA LEU C 298 19.84 -12.38 15.07
C LEU C 298 19.63 -13.86 14.84
N SER C 299 19.98 -14.65 15.84
CA SER C 299 19.72 -16.08 15.78
C SER C 299 19.73 -16.62 17.19
N SER C 300 19.13 -17.78 17.37
CA SER C 300 19.20 -18.53 18.62
C SER C 300 20.31 -19.56 18.42
N GLN C 301 21.49 -19.20 18.83
CA GLN C 301 22.67 -20.01 18.63
C GLN C 301 23.04 -20.75 19.91
N PRO C 302 23.75 -21.86 19.81
CA PRO C 302 24.25 -22.50 21.02
C PRO C 302 25.56 -21.91 21.48
N VAL C 303 25.53 -20.83 22.27
CA VAL C 303 26.77 -20.25 22.77
C VAL C 303 26.73 -20.08 24.28
N PHE C 304 25.79 -20.74 24.94
CA PHE C 304 25.73 -20.68 26.40
C PHE C 304 26.61 -21.79 26.96
N VAL C 305 27.89 -21.48 27.14
CA VAL C 305 28.88 -22.49 27.52
C VAL C 305 28.68 -22.80 28.98
N GLN C 306 28.05 -23.94 29.27
CA GLN C 306 27.94 -24.38 30.65
C GLN C 306 29.29 -24.76 31.22
N CYS C 307 30.08 -25.52 30.47
CA CYS C 307 31.12 -26.31 31.09
C CYS C 307 32.15 -26.67 30.03
N LEU C 308 33.34 -26.08 30.13
CA LEU C 308 34.38 -26.23 29.12
C LEU C 308 35.38 -27.29 29.56
N ARG C 309 35.63 -28.27 28.70
CA ARG C 309 36.49 -29.41 29.02
C ARG C 309 37.67 -29.46 28.07
N PRO C 310 38.80 -28.87 28.43
CA PRO C 310 39.94 -28.81 27.50
C PRO C 310 40.68 -30.14 27.43
N VAL C 311 40.59 -30.79 26.28
CA VAL C 311 41.34 -32.01 26.03
C VAL C 311 42.76 -31.64 25.64
N PRO C 312 43.78 -32.15 26.34
CA PRO C 312 45.15 -31.90 25.91
C PRO C 312 45.48 -32.70 24.67
N THR C 313 46.37 -32.14 23.85
CA THR C 313 46.68 -32.75 22.56
C THR C 313 47.47 -34.04 22.73
N TRP C 314 48.35 -34.08 23.71
CA TRP C 314 49.30 -35.19 23.77
C TRP C 314 48.71 -36.42 24.43
N SER C 315 47.76 -36.26 25.35
CA SER C 315 47.61 -37.28 26.39
C SER C 315 46.87 -38.52 25.92
N ASN C 316 45.58 -38.40 25.68
CA ASN C 316 44.78 -39.57 25.32
C ASN C 316 43.55 -39.06 24.61
N ASN C 317 43.57 -39.13 23.28
CA ASN C 317 42.48 -38.53 22.51
C ASN C 317 41.32 -39.51 22.38
N THR C 318 40.76 -39.87 23.53
CA THR C 318 39.66 -40.82 23.62
C THR C 318 38.99 -40.64 24.96
N ALA C 319 37.69 -40.35 24.96
CA ALA C 319 36.92 -40.29 26.19
C ALA C 319 35.48 -40.63 25.86
N VAL C 320 34.62 -40.49 26.85
CA VAL C 320 33.18 -40.52 26.60
C VAL C 320 32.61 -39.20 27.07
N VAL C 321 31.54 -38.78 26.42
CA VAL C 321 30.79 -37.63 26.86
C VAL C 321 29.34 -38.04 26.95
N HIS C 322 28.77 -37.92 28.15
CA HIS C 322 27.35 -38.10 28.32
C HIS C 322 26.67 -36.75 28.17
N PHE C 323 25.52 -36.76 27.51
CA PHE C 323 24.73 -35.54 27.45
C PHE C 323 24.16 -35.20 28.81
N LYS C 324 23.57 -36.18 29.47
CA LYS C 324 22.89 -36.00 30.74
C LYS C 324 23.79 -36.47 31.86
N ASN C 325 24.30 -35.51 32.64
CA ASN C 325 24.96 -35.74 33.92
C ASN C 325 26.21 -36.62 33.76
N ASP C 326 27.19 -36.05 33.09
CA ASP C 326 28.46 -36.74 32.92
C ASP C 326 29.29 -36.65 34.20
N VAL C 327 30.49 -37.21 34.16
CA VAL C 327 31.38 -37.18 35.31
C VAL C 327 32.24 -35.92 35.32
N PHE C 328 32.60 -35.40 34.16
CA PHE C 328 33.47 -34.23 34.10
C PHE C 328 32.74 -32.93 34.37
N CYS C 329 31.41 -32.97 34.55
CA CYS C 329 30.69 -31.77 34.87
C CYS C 329 29.56 -32.22 35.79
N PRO C 330 29.37 -31.55 36.94
CA PRO C 330 28.69 -32.19 38.08
C PRO C 330 27.23 -32.57 37.92
N ASN C 331 26.34 -31.65 37.55
CA ASN C 331 24.94 -32.00 37.67
C ASN C 331 24.21 -31.72 36.36
N VAL C 332 24.81 -30.89 35.52
CA VAL C 332 24.08 -30.15 34.51
C VAL C 332 23.95 -31.00 33.24
N THR C 333 22.99 -30.63 32.40
CA THR C 333 22.64 -31.37 31.18
C THR C 333 22.51 -30.39 30.02
N ALA C 334 23.22 -30.65 28.93
CA ALA C 334 23.27 -29.70 27.83
C ALA C 334 22.63 -30.28 26.58
N ASP C 335 22.61 -29.46 25.53
CA ASP C 335 21.91 -29.79 24.29
C ASP C 335 22.85 -30.17 23.16
N VAL C 336 23.94 -29.44 23.00
CA VAL C 336 24.91 -29.74 21.96
C VAL C 336 26.28 -29.91 22.58
N LEU C 337 27.15 -30.60 21.84
CA LEU C 337 28.55 -30.78 22.20
C LEU C 337 29.35 -30.24 21.03
N ARG C 338 29.99 -29.10 21.20
CA ARG C 338 30.47 -28.37 20.06
C ARG C 338 31.88 -28.75 19.64
N PHE C 339 32.46 -29.80 20.26
CA PHE C 339 33.58 -30.61 19.80
C PHE C 339 34.66 -29.89 19.03
N ASN C 340 35.09 -28.75 19.55
CA ASN C 340 35.84 -27.81 18.74
C ASN C 340 37.25 -28.30 18.51
N LEU C 341 37.73 -28.04 17.30
CA LEU C 341 38.87 -28.78 16.80
C LEU C 341 39.53 -27.99 15.70
N ASN C 342 40.68 -28.51 15.34
CA ASN C 342 41.35 -28.11 14.10
C ASN C 342 41.52 -29.51 13.54
N PHE C 343 40.51 -30.03 12.80
CA PHE C 343 40.51 -31.37 12.24
C PHE C 343 41.25 -31.38 10.91
N SER C 344 40.92 -32.36 10.05
CA SER C 344 41.64 -32.79 8.86
C SER C 344 42.92 -33.49 9.23
N ASP C 345 42.95 -34.04 10.45
CA ASP C 345 43.99 -34.97 10.82
C ASP C 345 43.85 -36.21 9.96
N THR C 346 44.81 -36.42 9.07
CA THR C 346 44.81 -37.56 8.17
C THR C 346 45.98 -38.44 8.55
N ASP C 347 45.69 -39.52 9.25
CA ASP C 347 46.68 -40.48 9.70
C ASP C 347 46.30 -41.86 9.19
N VAL C 348 46.97 -42.86 9.70
CA VAL C 348 46.65 -44.23 9.31
C VAL C 348 45.74 -44.82 10.39
N TYR C 349 44.83 -45.69 9.94
CA TYR C 349 43.93 -46.43 10.83
C TYR C 349 44.17 -47.90 10.57
N THR C 350 45.19 -48.44 11.22
CA THR C 350 45.52 -49.85 11.06
C THR C 350 44.89 -50.63 12.20
N ASP C 351 43.56 -50.67 12.18
CA ASP C 351 42.83 -51.29 13.28
C ASP C 351 42.94 -52.81 13.25
N SER C 352 42.45 -53.43 12.17
CA SER C 352 42.23 -54.86 12.01
C SER C 352 41.33 -55.45 13.10
N THR C 353 40.54 -54.61 13.79
CA THR C 353 39.58 -55.03 14.80
C THR C 353 38.19 -54.57 14.44
N THR C 354 38.01 -54.01 13.24
CA THR C 354 36.83 -53.24 12.82
C THR C 354 36.52 -52.15 13.84
N ASP C 355 37.47 -51.21 13.98
CA ASP C 355 37.31 -50.14 14.94
C ASP C 355 36.31 -49.11 14.45
N ASP C 356 35.97 -48.17 15.33
CA ASP C 356 34.89 -47.24 15.08
C ASP C 356 35.40 -45.88 14.61
N GLN C 357 36.25 -45.23 15.41
CA GLN C 357 36.74 -43.83 15.36
C GLN C 357 35.66 -42.82 15.72
N LEU C 358 34.41 -43.25 15.85
CA LEU C 358 33.28 -42.47 16.33
C LEU C 358 32.17 -43.44 16.67
N HIS C 359 31.69 -43.41 17.91
CA HIS C 359 30.73 -44.39 18.37
C HIS C 359 29.65 -43.67 19.14
N PHE C 360 28.40 -43.97 18.82
CA PHE C 360 27.28 -43.33 19.47
C PHE C 360 26.49 -44.35 20.26
N THR C 361 25.73 -43.84 21.23
CA THR C 361 24.75 -44.63 21.94
C THR C 361 23.45 -43.85 21.90
N PHE C 362 22.44 -44.44 21.29
CA PHE C 362 21.16 -43.76 21.16
C PHE C 362 20.37 -43.89 22.44
N GLU C 363 19.15 -43.37 22.44
CA GLU C 363 18.24 -43.67 23.52
C GLU C 363 17.83 -45.13 23.44
N ASP C 364 17.61 -45.73 24.61
CA ASP C 364 17.10 -47.09 24.77
C ASP C 364 18.03 -48.11 24.10
N ASN C 365 19.33 -47.91 24.28
CA ASN C 365 20.38 -48.89 23.99
C ASN C 365 20.41 -49.31 22.53
N THR C 366 20.77 -48.36 21.67
CA THR C 366 20.96 -48.66 20.26
C THR C 366 22.27 -48.02 19.81
N THR C 367 23.06 -48.78 19.07
CA THR C 367 24.45 -48.43 18.76
C THR C 367 24.57 -48.02 17.30
N ALA C 368 25.16 -46.86 17.07
CA ALA C 368 25.64 -46.49 15.75
C ALA C 368 27.12 -46.18 15.82
N SER C 369 27.84 -46.54 14.76
CA SER C 369 29.29 -46.42 14.73
C SER C 369 29.69 -45.96 13.35
N ILE C 370 30.20 -44.74 13.23
CA ILE C 370 30.63 -44.22 11.95
C ILE C 370 32.14 -44.09 11.96
N THR C 371 32.74 -44.32 10.80
CA THR C 371 34.18 -44.19 10.58
C THR C 371 34.41 -43.25 9.42
N CYS C 372 35.66 -42.92 9.19
CA CYS C 372 36.01 -42.06 8.06
C CYS C 372 37.35 -42.51 7.48
N TYR C 373 37.62 -42.03 6.27
CA TYR C 373 38.90 -42.23 5.60
C TYR C 373 39.24 -40.93 4.89
N SER C 374 40.21 -41.00 3.98
CA SER C 374 40.52 -39.89 3.10
C SER C 374 40.61 -40.40 1.67
N SER C 375 41.04 -39.51 0.77
CA SER C 375 41.16 -39.87 -0.64
C SER C 375 42.44 -40.67 -0.89
N ASN C 396 41.54 -32.87 0.16
CA ASN C 396 41.29 -34.30 0.36
C ASN C 396 39.88 -34.58 0.87
N SER C 397 39.16 -35.40 0.11
CA SER C 397 37.80 -35.77 0.45
C SER C 397 37.78 -36.71 1.64
N TYR C 398 36.58 -36.95 2.18
CA TYR C 398 36.41 -37.76 3.37
C TYR C 398 35.30 -38.79 3.15
N LEU C 399 35.70 -39.98 2.73
CA LEU C 399 34.77 -41.10 2.66
C LEU C 399 34.41 -41.53 4.07
N CYS C 400 33.12 -41.55 4.39
CA CYS C 400 32.68 -41.87 5.75
C CYS C 400 31.45 -42.77 5.68
N PHE C 401 31.53 -43.92 6.33
CA PHE C 401 30.45 -44.90 6.33
C PHE C 401 29.89 -45.06 7.73
N ALA C 402 28.91 -45.96 7.85
CA ALA C 402 28.21 -46.15 9.11
C ALA C 402 28.01 -47.62 9.40
N ASN C 403 27.59 -47.88 10.64
CA ASN C 403 27.06 -49.18 11.06
C ASN C 403 25.93 -48.91 12.02
N PHE C 404 24.82 -49.61 11.84
CA PHE C 404 23.73 -49.57 12.81
C PHE C 404 23.54 -51.00 13.27
N SER C 405 24.39 -51.43 14.18
CA SER C 405 24.52 -52.83 14.57
C SER C 405 25.49 -52.90 15.74
N HIS C 406 25.83 -54.13 16.15
CA HIS C 406 26.85 -54.30 17.16
C HIS C 406 28.24 -54.36 16.55
N SER C 407 28.36 -54.95 15.36
CA SER C 407 29.60 -54.99 14.61
C SER C 407 29.38 -54.43 13.21
N SER C 408 30.46 -54.33 12.44
CA SER C 408 30.41 -53.82 11.08
C SER C 408 29.82 -54.89 10.17
N VAL C 409 28.50 -54.99 10.20
CA VAL C 409 27.83 -56.01 9.41
C VAL C 409 27.60 -55.52 7.98
N SER C 410 27.60 -54.22 7.76
CA SER C 410 27.42 -53.63 6.43
C SER C 410 28.06 -52.25 6.44
N ARG C 411 27.76 -51.43 5.44
CA ARG C 411 28.24 -50.07 5.35
C ARG C 411 27.22 -49.23 4.63
N GLN C 412 26.92 -48.06 5.17
CA GLN C 412 26.01 -47.10 4.56
C GLN C 412 26.78 -45.81 4.34
N PHE C 413 26.76 -45.31 3.11
CA PHE C 413 27.58 -44.18 2.73
C PHE C 413 26.96 -42.88 3.23
N LEU C 414 27.67 -42.17 4.10
CA LEU C 414 27.18 -40.89 4.58
C LEU C 414 27.33 -39.82 3.52
N GLY C 415 28.56 -39.53 3.15
CA GLY C 415 28.82 -38.43 2.24
C GLY C 415 30.29 -38.16 2.17
N ILE C 416 30.63 -36.92 1.85
CA ILE C 416 32.00 -36.49 1.75
C ILE C 416 32.16 -35.25 2.61
N LEU C 417 33.01 -35.31 3.53
CA LEU C 417 33.27 -34.06 4.22
C LEU C 417 34.32 -33.26 3.45
N PRO C 418 34.18 -31.94 3.44
CA PRO C 418 35.14 -31.08 2.74
C PRO C 418 36.51 -31.16 3.38
N PRO C 419 37.58 -30.75 2.68
CA PRO C 419 38.94 -31.05 3.16
C PRO C 419 39.34 -30.36 4.45
N THR C 420 38.89 -29.14 4.69
CA THR C 420 39.32 -28.39 5.88
C THR C 420 38.18 -28.37 6.88
N VAL C 421 38.08 -29.43 7.67
CA VAL C 421 37.09 -29.50 8.74
C VAL C 421 37.68 -28.84 9.97
N ARG C 422 36.94 -27.94 10.58
CA ARG C 422 37.46 -27.36 11.83
C ARG C 422 36.38 -27.15 12.87
N GLU C 423 35.24 -27.84 12.77
CA GLU C 423 34.26 -27.87 13.85
C GLU C 423 33.33 -29.05 13.65
N PHE C 424 33.27 -29.93 14.63
CA PHE C 424 32.17 -30.88 14.75
C PHE C 424 31.15 -30.33 15.71
N ALA C 425 29.92 -30.80 15.59
CA ALA C 425 28.86 -30.33 16.47
C ALA C 425 27.77 -31.39 16.51
N PHE C 426 27.47 -31.89 17.70
CA PHE C 426 26.51 -32.96 17.88
C PHE C 426 25.34 -32.43 18.68
N GLY C 427 24.22 -32.20 18.03
CA GLY C 427 23.01 -31.85 18.74
C GLY C 427 22.33 -33.07 19.30
N ARG C 428 21.41 -32.83 20.24
CA ARG C 428 20.82 -33.94 20.98
C ARG C 428 19.89 -34.76 20.11
N ASP C 429 19.07 -34.10 19.30
CA ASP C 429 18.05 -34.80 18.52
C ASP C 429 18.66 -35.68 17.43
N GLY C 430 19.87 -35.38 17.00
CA GLY C 430 20.52 -36.19 16.00
C GLY C 430 21.18 -35.38 14.92
N SER C 431 21.20 -34.07 15.11
CA SER C 431 21.85 -33.20 14.13
C SER C 431 23.36 -33.35 14.24
N ILE C 432 24.02 -33.50 13.11
CA ILE C 432 25.47 -33.61 13.06
C ILE C 432 25.95 -32.45 12.20
N PHE C 433 26.28 -31.33 12.82
CA PHE C 433 26.75 -30.20 12.06
C PHE C 433 28.24 -30.37 11.79
N VAL C 434 28.67 -29.99 10.59
CA VAL C 434 30.08 -29.96 10.24
C VAL C 434 30.33 -28.64 9.56
N ASN C 435 31.25 -27.85 10.10
CA ASN C 435 31.61 -26.51 9.64
C ASN C 435 30.44 -25.54 9.63
N GLY C 436 29.38 -25.84 10.36
CA GLY C 436 28.19 -25.02 10.32
C GLY C 436 27.02 -25.71 9.66
N TYR C 437 27.24 -26.43 8.57
CA TYR C 437 26.12 -26.98 7.83
C TYR C 437 25.67 -28.30 8.41
N LYS C 438 24.37 -28.55 8.33
CA LYS C 438 23.78 -29.79 8.82
C LYS C 438 23.90 -30.85 7.73
N TYR C 439 24.82 -31.79 7.93
CA TYR C 439 25.08 -32.73 6.86
C TYR C 439 24.08 -33.88 6.85
N PHE C 440 23.76 -34.40 8.03
CA PHE C 440 22.82 -35.51 8.11
C PHE C 440 22.25 -35.58 9.52
N SER C 441 20.97 -35.89 9.61
CA SER C 441 20.36 -36.09 10.91
C SER C 441 20.55 -37.51 11.36
N LEU C 442 20.31 -37.74 12.65
CA LEU C 442 20.43 -39.05 13.28
C LEU C 442 19.41 -39.17 14.38
N GLN C 443 19.63 -40.10 15.29
CA GLN C 443 18.73 -40.40 16.39
C GLN C 443 19.02 -39.53 17.61
N PRO C 444 18.08 -39.47 18.56
CA PRO C 444 18.39 -38.86 19.86
C PRO C 444 19.57 -39.51 20.55
N ILE C 445 20.58 -38.70 20.81
CA ILE C 445 21.88 -39.18 21.26
C ILE C 445 21.90 -39.22 22.77
N LYS C 446 22.35 -40.33 23.33
CA LYS C 446 22.61 -40.41 24.77
C LYS C 446 24.06 -40.14 25.11
N SER C 447 25.00 -40.78 24.43
CA SER C 447 26.39 -40.61 24.77
C SER C 447 27.26 -40.82 23.56
N VAL C 448 28.46 -40.23 23.61
CA VAL C 448 29.38 -40.20 22.49
C VAL C 448 30.69 -40.86 22.92
N ASN C 449 31.15 -41.82 22.14
CA ASN C 449 32.41 -42.52 22.37
C ASN C 449 33.32 -42.22 21.19
N PHE C 450 34.34 -41.41 21.39
CA PHE C 450 35.09 -40.82 20.29
C PHE C 450 36.58 -41.10 20.39
N SER C 451 37.24 -41.02 19.24
CA SER C 451 38.70 -41.10 19.17
C SER C 451 39.16 -40.37 17.91
N ILE C 452 39.57 -39.12 18.06
CA ILE C 452 40.02 -38.28 16.95
C ILE C 452 41.13 -37.38 17.45
N SER C 453 41.89 -36.82 16.52
CA SER C 453 42.94 -35.89 16.91
C SER C 453 42.99 -34.74 15.94
N SER C 454 43.97 -33.86 16.13
CA SER C 454 44.08 -32.63 15.39
C SER C 454 45.52 -32.47 14.92
N VAL C 455 45.69 -31.72 13.84
CA VAL C 455 47.03 -31.48 13.32
C VAL C 455 47.64 -30.22 13.93
N GLU C 456 47.90 -30.27 15.21
CA GLU C 456 48.65 -29.15 15.74
C GLU C 456 49.78 -29.56 16.66
N ASN C 457 49.57 -30.59 17.48
CA ASN C 457 50.51 -31.09 18.49
C ASN C 457 50.96 -30.01 19.47
N TYR C 458 50.14 -28.98 19.68
CA TYR C 458 50.58 -27.83 20.45
C TYR C 458 49.81 -27.63 21.74
N GLY C 459 48.51 -27.41 21.66
CA GLY C 459 47.80 -26.90 22.81
C GLY C 459 46.69 -27.83 23.24
N PHE C 460 45.47 -27.33 23.19
CA PHE C 460 44.33 -28.11 23.60
C PHE C 460 43.23 -27.95 22.58
N TRP C 461 42.18 -28.74 22.73
CA TRP C 461 40.93 -28.45 22.06
C TRP C 461 40.02 -27.77 23.04
N THR C 462 38.77 -27.65 22.65
CA THR C 462 37.69 -27.33 23.56
C THR C 462 36.51 -28.23 23.21
N ILE C 463 35.90 -28.83 24.22
CA ILE C 463 34.67 -29.59 24.06
C ILE C 463 33.64 -28.94 24.95
N ALA C 464 32.76 -28.14 24.37
CA ALA C 464 31.81 -27.39 25.16
C ALA C 464 30.53 -28.18 25.40
N TYR C 465 29.86 -27.85 26.49
CA TYR C 465 28.52 -28.32 26.78
C TYR C 465 27.63 -27.09 26.78
N THR C 466 26.69 -27.02 25.84
CA THR C 466 26.15 -25.74 25.46
C THR C 466 24.64 -25.77 25.32
N ASN C 467 24.03 -24.66 25.72
CA ASN C 467 22.57 -24.43 25.62
C ASN C 467 22.33 -23.38 24.54
N TYR C 468 21.13 -23.39 23.97
CA TYR C 468 20.75 -22.39 22.99
C TYR C 468 20.50 -21.04 23.67
N THR C 469 20.83 -19.97 22.96
CA THR C 469 20.66 -18.62 23.49
C THR C 469 20.66 -17.62 22.33
N ASP C 470 19.66 -16.75 22.31
CA ASP C 470 19.59 -15.72 21.28
C ASP C 470 20.74 -14.71 21.41
N VAL C 471 21.43 -14.46 20.31
CA VAL C 471 22.57 -13.56 20.27
C VAL C 471 22.60 -12.84 18.94
N MET C 472 23.37 -11.76 18.89
CA MET C 472 23.76 -11.16 17.64
C MET C 472 25.10 -11.74 17.22
N VAL C 473 25.33 -11.76 15.93
CA VAL C 473 26.63 -12.18 15.42
C VAL C 473 27.11 -11.17 14.41
N ASP C 474 28.43 -11.06 14.29
CA ASP C 474 29.06 -10.24 13.29
C ASP C 474 29.79 -11.17 12.33
N VAL C 475 29.33 -11.21 11.09
CA VAL C 475 29.86 -12.12 10.10
C VAL C 475 30.56 -11.31 9.02
N ASN C 476 31.80 -11.67 8.72
CA ASN C 476 32.58 -10.99 7.69
C ASN C 476 33.46 -12.03 7.02
N GLY C 477 33.13 -12.36 5.79
CA GLY C 477 33.80 -13.44 5.11
C GLY C 477 33.48 -14.74 5.81
N THR C 478 32.18 -14.94 6.06
CA THR C 478 31.53 -16.14 6.61
C THR C 478 32.14 -16.67 7.92
N VAL C 479 32.91 -15.86 8.63
CA VAL C 479 33.45 -16.25 9.92
C VAL C 479 32.96 -15.23 10.95
N ILE C 480 32.74 -15.70 12.17
CA ILE C 480 32.16 -14.85 13.20
C ILE C 480 33.19 -13.85 13.68
N THR C 481 32.88 -12.56 13.59
CA THR C 481 33.82 -11.54 14.02
C THR C 481 33.64 -11.20 15.49
N ARG C 482 32.45 -10.79 15.89
CA ARG C 482 32.23 -10.32 17.25
C ARG C 482 30.86 -10.75 17.73
N LEU C 483 30.82 -11.35 18.91
CA LEU C 483 29.61 -11.90 19.49
C LEU C 483 29.04 -10.93 20.52
N PHE C 484 27.72 -10.95 20.68
CA PHE C 484 27.07 -10.09 21.65
C PHE C 484 25.83 -10.80 22.20
N TYR C 485 25.67 -10.80 23.50
CA TYR C 485 24.65 -11.59 24.16
C TYR C 485 23.40 -10.77 24.39
N CYS C 486 22.28 -11.46 24.63
CA CYS C 486 21.00 -10.83 24.93
C CYS C 486 20.45 -11.45 26.20
N ASP C 487 20.86 -10.93 27.34
CA ASP C 487 20.38 -11.42 28.61
C ASP C 487 19.84 -10.32 29.51
N SER C 488 20.46 -9.15 29.51
CA SER C 488 19.97 -8.05 30.31
C SER C 488 18.80 -7.39 29.60
N PRO C 489 17.95 -6.66 30.34
CA PRO C 489 16.91 -5.88 29.68
C PRO C 489 17.46 -4.77 28.81
N LEU C 490 18.61 -4.23 29.17
CA LEU C 490 19.27 -3.26 28.29
C LEU C 490 19.77 -3.93 27.03
N ASN C 491 20.26 -5.17 27.16
CA ASN C 491 20.79 -5.86 26.00
C ASN C 491 19.68 -6.25 25.03
N ARG C 492 18.48 -6.52 25.55
CA ARG C 492 17.35 -6.86 24.70
C ARG C 492 16.97 -5.71 23.80
N ILE C 493 17.17 -4.48 24.26
CA ILE C 493 16.98 -3.34 23.40
C ILE C 493 18.05 -3.31 22.32
N LYS C 494 19.29 -3.64 22.69
CA LYS C 494 20.38 -3.62 21.74
C LYS C 494 20.22 -4.70 20.69
N CYS C 495 19.75 -5.88 21.11
CA CYS C 495 19.55 -6.96 20.15
C CYS C 495 18.35 -6.67 19.25
N GLN C 496 17.40 -5.87 19.73
CA GLN C 496 16.32 -5.43 18.87
C GLN C 496 16.71 -4.26 18.00
N GLN C 497 17.83 -3.61 18.28
CA GLN C 497 18.25 -2.46 17.51
C GLN C 497 19.40 -2.77 16.55
N LEU C 498 20.01 -3.95 16.67
CA LEU C 498 21.17 -4.38 15.88
C LEU C 498 22.35 -3.44 16.00
N LYS C 499 22.54 -2.82 17.16
CA LYS C 499 23.63 -1.89 17.34
C LYS C 499 24.26 -2.11 18.70
N HIS C 500 25.58 -2.04 18.73
CA HIS C 500 26.29 -2.24 20.00
C HIS C 500 26.20 -1.00 20.88
N GLU C 501 25.89 0.14 20.30
CA GLU C 501 25.75 1.36 21.09
C GLU C 501 24.50 2.10 20.66
N LEU C 502 23.72 2.53 21.63
CA LEU C 502 22.50 3.20 21.24
C LEU C 502 22.62 4.70 21.37
N PRO C 503 21.98 5.46 20.49
CA PRO C 503 21.77 6.88 20.78
C PRO C 503 20.78 7.03 21.91
N ASP C 504 20.99 8.05 22.74
CA ASP C 504 20.15 8.23 23.91
C ASP C 504 18.77 8.73 23.52
N GLY C 505 17.74 8.12 24.09
CA GLY C 505 16.38 8.47 23.72
C GLY C 505 15.37 7.52 24.33
N PHE C 506 14.27 7.34 23.64
CA PHE C 506 13.16 6.52 24.10
C PHE C 506 13.05 5.27 23.24
N TYR C 507 13.10 4.10 23.88
CA TYR C 507 13.03 2.84 23.18
C TYR C 507 11.95 1.97 23.79
N SER C 508 11.02 1.54 22.95
CA SER C 508 9.90 0.72 23.40
C SER C 508 10.41 -0.65 23.78
N ALA C 509 10.42 -0.94 25.08
CA ALA C 509 10.86 -2.22 25.56
C ALA C 509 9.76 -2.89 26.36
N SER C 510 9.87 -4.21 26.48
CA SER C 510 8.96 -4.98 27.30
C SER C 510 9.74 -6.16 27.86
N MET C 511 9.03 -7.14 28.38
CA MET C 511 9.67 -8.29 28.98
C MET C 511 9.11 -9.56 28.37
N LEU C 512 9.97 -10.57 28.21
CA LEU C 512 9.49 -11.92 27.99
C LEU C 512 8.69 -12.32 29.21
N VAL C 513 7.50 -12.88 29.00
CA VAL C 513 6.49 -12.85 30.04
C VAL C 513 6.80 -13.83 31.17
N LYS C 514 6.71 -15.13 30.95
CA LYS C 514 6.91 -16.23 31.90
C LYS C 514 7.02 -17.51 31.08
N LYS C 515 7.10 -18.64 31.78
CA LYS C 515 7.01 -19.95 31.15
C LYS C 515 5.83 -20.76 31.68
N ASP C 516 5.74 -20.92 32.99
CA ASP C 516 4.68 -21.71 33.60
C ASP C 516 3.59 -20.76 34.06
N LEU C 517 2.37 -20.97 33.57
CA LEU C 517 1.24 -20.17 33.98
C LEU C 517 0.11 -21.09 34.42
N PRO C 518 -0.57 -20.77 35.51
CA PRO C 518 -1.74 -21.56 35.92
C PRO C 518 -2.88 -21.37 34.95
N LYS C 519 -3.49 -22.47 34.55
CA LYS C 519 -4.51 -22.39 33.53
C LYS C 519 -5.83 -21.90 34.11
N THR C 520 -6.75 -21.58 33.21
CA THR C 520 -8.04 -21.00 33.58
C THR C 520 -9.01 -21.28 32.45
N PHE C 521 -10.12 -21.94 32.76
CA PHE C 521 -11.07 -22.35 31.73
C PHE C 521 -12.48 -22.08 32.21
N VAL C 522 -13.18 -21.18 31.53
CA VAL C 522 -14.53 -20.80 31.92
C VAL C 522 -15.43 -21.01 30.72
N THR C 523 -16.53 -21.72 30.93
CA THR C 523 -17.52 -21.93 29.89
C THR C 523 -18.90 -21.81 30.51
N MET C 524 -19.91 -21.98 29.67
CA MET C 524 -21.28 -21.99 30.15
C MET C 524 -21.50 -23.24 30.98
N PRO C 525 -22.15 -23.14 32.14
CA PRO C 525 -22.27 -24.29 33.03
C PRO C 525 -23.22 -25.31 32.47
N GLN C 526 -22.86 -26.57 32.63
CA GLN C 526 -23.63 -27.64 32.04
C GLN C 526 -23.48 -28.86 32.91
N PHE C 527 -24.47 -29.75 32.82
CA PHE C 527 -24.38 -30.98 33.57
C PHE C 527 -23.41 -31.90 32.87
N TYR C 528 -22.46 -32.43 33.64
CA TYR C 528 -21.30 -33.13 33.11
C TYR C 528 -21.74 -34.42 32.41
N ASN C 529 -21.20 -34.63 31.22
CA ASN C 529 -21.37 -35.90 30.53
C ASN C 529 -20.08 -36.12 29.74
N TRP C 530 -19.15 -36.82 30.36
CA TRP C 530 -17.79 -36.92 29.85
C TRP C 530 -17.53 -38.32 29.35
N MET C 531 -16.98 -38.41 28.15
CA MET C 531 -16.67 -39.69 27.53
C MET C 531 -15.17 -39.91 27.52
N ASN C 532 -14.79 -41.17 27.28
CA ASN C 532 -13.38 -41.56 27.26
C ASN C 532 -13.22 -42.55 26.12
N VAL C 533 -12.88 -42.04 24.94
CA VAL C 533 -12.58 -42.88 23.79
C VAL C 533 -11.08 -42.88 23.57
N THR C 534 -10.52 -44.05 23.34
CA THR C 534 -9.09 -44.22 23.12
C THR C 534 -8.88 -44.88 21.78
N LEU C 535 -7.80 -44.51 21.11
CA LEU C 535 -7.40 -45.18 19.90
C LEU C 535 -6.33 -46.20 20.26
N HIS C 536 -6.52 -47.45 19.84
CA HIS C 536 -5.67 -48.54 20.28
C HIS C 536 -5.17 -49.30 19.06
N VAL C 537 -3.85 -49.39 18.93
CA VAL C 537 -3.22 -50.04 17.78
C VAL C 537 -2.39 -51.20 18.27
N VAL C 538 -2.67 -52.39 17.74
CA VAL C 538 -1.93 -53.60 18.08
C VAL C 538 -1.29 -54.14 16.81
N LEU C 539 0.01 -54.40 16.86
CA LEU C 539 0.76 -54.87 15.71
C LEU C 539 1.20 -56.30 15.93
N ASN C 540 0.85 -57.18 14.99
CA ASN C 540 1.22 -58.58 15.09
C ASN C 540 2.71 -58.74 14.85
N ASP C 541 3.42 -59.23 15.86
CA ASP C 541 4.86 -59.36 15.80
C ASP C 541 5.27 -60.82 16.01
N ILE C 542 4.33 -61.74 15.80
CA ILE C 542 4.54 -63.14 16.10
C ILE C 542 4.89 -63.94 14.86
N GLU C 543 4.50 -63.45 13.68
CA GLU C 543 4.94 -64.09 12.45
C GLU C 543 6.22 -63.45 11.93
N LYS C 544 6.50 -62.22 12.35
CA LYS C 544 7.53 -61.40 11.74
C LYS C 544 8.44 -60.84 12.84
N LYS C 545 8.97 -61.75 13.65
CA LYS C 545 9.96 -61.42 14.69
C LYS C 545 11.16 -60.70 14.11
N ALA C 546 11.35 -59.44 14.53
CA ALA C 546 12.54 -58.63 14.37
C ALA C 546 12.87 -58.25 12.92
N ASP C 547 12.07 -58.68 11.95
CA ASP C 547 12.23 -58.20 10.57
C ASP C 547 11.04 -57.36 10.15
N ILE C 548 10.32 -56.80 11.13
CA ILE C 548 9.21 -55.91 10.84
C ILE C 548 9.69 -54.59 10.28
N ILE C 549 10.98 -54.27 10.48
CA ILE C 549 11.55 -53.07 9.91
C ILE C 549 11.81 -53.24 8.41
N LEU C 550 11.74 -54.48 7.91
CA LEU C 550 11.83 -54.77 6.49
C LEU C 550 10.47 -54.99 5.86
N ALA C 551 9.40 -54.84 6.62
CA ALA C 551 8.06 -55.09 6.10
C ALA C 551 7.62 -53.94 5.20
N GLY C 552 6.94 -54.31 4.12
CA GLY C 552 6.41 -53.33 3.19
C GLY C 552 5.14 -52.67 3.70
N ALA C 553 4.71 -51.62 2.99
CA ALA C 553 3.63 -50.78 3.50
C ALA C 553 2.28 -51.47 3.62
N PRO C 554 1.74 -52.18 2.60
CA PRO C 554 0.47 -52.87 2.85
C PRO C 554 0.61 -54.12 3.70
N GLU C 555 1.83 -54.57 3.95
CA GLU C 555 2.03 -55.76 4.77
C GLU C 555 1.69 -55.51 6.22
N LEU C 556 1.89 -54.28 6.71
CA LEU C 556 1.49 -53.99 8.08
C LEU C 556 -0.02 -53.85 8.20
N ALA C 557 -0.72 -53.61 7.10
CA ALA C 557 -2.18 -53.50 7.15
C ALA C 557 -2.84 -54.82 7.52
N SER C 558 -2.23 -55.93 7.12
CA SER C 558 -2.71 -57.23 7.59
C SER C 558 -2.39 -57.43 9.06
N LEU C 559 -1.28 -56.86 9.52
CA LEU C 559 -0.87 -56.97 10.91
C LEU C 559 -1.40 -55.84 11.76
N ALA C 560 -2.27 -55.01 11.22
CA ALA C 560 -2.82 -53.88 11.96
C ALA C 560 -4.05 -54.31 12.74
N ASP C 561 -4.36 -53.53 13.77
CA ASP C 561 -5.56 -53.73 14.57
C ASP C 561 -5.97 -52.36 15.10
N ILE C 562 -6.94 -51.73 14.44
CA ILE C 562 -7.36 -50.37 14.75
C ILE C 562 -8.78 -50.42 15.26
N HIS C 563 -9.01 -49.87 16.43
CA HIS C 563 -10.33 -49.88 17.03
C HIS C 563 -10.41 -48.75 18.04
N PHE C 564 -11.64 -48.35 18.36
CA PHE C 564 -11.89 -47.30 19.34
C PHE C 564 -12.42 -47.93 20.61
N GLU C 565 -11.64 -47.88 21.67
CA GLU C 565 -12.05 -48.45 22.95
C GLU C 565 -12.84 -47.40 23.71
N ILE C 566 -14.14 -47.37 23.48
CA ILE C 566 -15.02 -46.43 24.16
C ILE C 566 -15.34 -46.96 25.56
N ALA C 567 -15.09 -46.14 26.57
CA ALA C 567 -15.21 -46.59 27.94
C ALA C 567 -16.64 -46.47 28.42
N GLN C 568 -17.22 -47.58 28.84
CA GLN C 568 -18.50 -47.52 29.53
C GLN C 568 -18.28 -47.09 30.97
N ALA C 569 -19.28 -46.38 31.51
CA ALA C 569 -19.20 -45.85 32.89
C ALA C 569 -19.59 -46.91 33.92
N ASN C 570 -19.78 -48.15 33.49
CA ASN C 570 -20.17 -49.23 34.46
C ASN C 570 -18.92 -49.94 34.99
N GLY C 571 -18.01 -50.39 34.11
CA GLY C 571 -16.81 -51.08 34.59
C GLY C 571 -15.69 -51.14 33.56
N SER C 572 -15.84 -51.99 32.53
CA SER C 572 -14.82 -52.15 31.51
C SER C 572 -15.12 -51.32 30.27
N VAL C 573 -14.41 -51.64 29.19
CA VAL C 573 -14.39 -50.87 27.95
C VAL C 573 -14.96 -51.74 26.83
N VAL C 574 -15.49 -51.07 25.80
CA VAL C 574 -16.04 -51.73 24.61
C VAL C 574 -15.31 -51.19 23.39
N ASN C 575 -15.04 -52.06 22.42
CA ASN C 575 -14.39 -51.65 21.19
C ASN C 575 -15.39 -51.51 20.05
N VAL C 576 -15.22 -50.46 19.25
CA VAL C 576 -16.03 -50.23 18.06
C VAL C 576 -15.10 -49.89 16.90
N THR C 577 -15.70 -49.61 15.74
CA THR C 577 -14.94 -49.17 14.58
C THR C 577 -15.04 -47.68 14.33
N SER C 578 -16.21 -47.09 14.43
CA SER C 578 -16.34 -45.65 14.19
C SER C 578 -17.43 -45.12 15.11
N VAL C 579 -17.03 -44.65 16.28
CA VAL C 579 -17.96 -43.95 17.14
C VAL C 579 -18.15 -42.55 16.56
N CYS C 580 -19.28 -41.93 16.86
CA CYS C 580 -19.43 -40.52 16.51
C CYS C 580 -20.26 -39.93 17.62
N VAL C 581 -19.75 -38.88 18.26
CA VAL C 581 -20.09 -38.58 19.64
C VAL C 581 -21.39 -37.77 19.68
N GLN C 582 -22.22 -38.04 20.67
CA GLN C 582 -23.42 -37.26 20.95
C GLN C 582 -23.33 -36.55 22.28
N ALA C 583 -22.29 -36.81 23.05
CA ALA C 583 -22.19 -36.33 24.42
C ALA C 583 -21.68 -34.90 24.44
N ARG C 584 -21.31 -34.42 25.61
CA ARG C 584 -20.96 -33.02 25.80
C ARG C 584 -19.48 -32.79 25.99
N GLN C 585 -18.78 -33.67 26.68
CA GLN C 585 -17.34 -33.56 26.86
C GLN C 585 -16.70 -34.89 26.49
N LEU C 586 -15.54 -34.82 25.85
CA LEU C 586 -14.86 -36.05 25.45
C LEU C 586 -13.38 -35.78 25.36
N ALA C 587 -12.62 -36.85 25.22
CA ALA C 587 -11.17 -36.77 25.08
C ALA C 587 -10.71 -37.89 24.17
N LEU C 588 -9.69 -37.62 23.38
CA LEU C 588 -9.07 -38.64 22.56
C LEU C 588 -7.71 -38.99 23.13
N PHE C 589 -7.56 -40.23 23.54
CA PHE C 589 -6.28 -40.75 24.02
C PHE C 589 -5.74 -41.75 23.03
N TYR C 590 -4.43 -41.94 23.08
CA TYR C 590 -3.74 -42.79 22.13
C TYR C 590 -2.78 -43.69 22.87
N LYS C 591 -2.78 -44.96 22.50
CA LYS C 591 -1.96 -45.94 23.21
C LYS C 591 -1.65 -47.05 22.24
N TYR C 592 -0.41 -47.11 21.76
CA TYR C 592 0.03 -48.14 20.85
C TYR C 592 0.82 -49.18 21.61
N THR C 593 0.58 -50.45 21.29
CA THR C 593 1.32 -51.55 21.89
C THR C 593 1.83 -52.50 20.81
N SER C 594 3.13 -52.73 20.80
CA SER C 594 3.68 -53.88 20.10
C SER C 594 3.37 -55.13 20.89
N LEU C 595 3.43 -56.28 20.22
CA LEU C 595 3.09 -57.50 20.95
C LEU C 595 4.25 -58.02 21.78
N GLN C 596 5.50 -57.82 21.36
CA GLN C 596 6.61 -58.34 22.13
C GLN C 596 7.68 -57.27 22.37
N GLY C 597 7.41 -56.39 23.35
CA GLY C 597 8.34 -55.38 23.84
C GLY C 597 9.16 -54.59 22.84
N LEU C 598 8.60 -54.32 21.67
CA LEU C 598 9.35 -53.75 20.55
C LEU C 598 9.32 -52.23 20.55
N TYR C 599 9.22 -51.61 21.72
CA TYR C 599 9.07 -50.16 21.82
C TYR C 599 10.44 -49.49 21.69
N THR C 600 10.99 -49.58 20.50
CA THR C 600 12.17 -48.80 20.13
C THR C 600 11.78 -47.85 19.01
N TYR C 601 12.77 -47.07 18.57
CA TYR C 601 12.52 -46.06 17.56
C TYR C 601 12.20 -46.69 16.21
N SER C 602 12.73 -47.88 15.93
CA SER C 602 12.65 -48.34 14.56
C SER C 602 11.30 -48.94 14.19
N ASN C 603 10.43 -49.21 15.17
CA ASN C 603 9.05 -49.60 14.88
C ASN C 603 8.15 -48.97 15.95
N LEU C 604 7.64 -47.80 15.63
CA LEU C 604 6.60 -47.19 16.45
C LEU C 604 5.34 -47.05 15.62
N VAL C 605 4.32 -46.47 16.22
CA VAL C 605 3.22 -45.83 15.49
C VAL C 605 2.92 -44.54 16.23
N GLN C 606 2.77 -43.45 15.50
CA GLN C 606 2.27 -42.26 16.16
C GLN C 606 1.39 -41.50 15.19
N LEU C 607 0.55 -40.65 15.77
CA LEU C 607 -0.43 -39.91 14.99
C LEU C 607 0.25 -38.80 14.21
N GLN C 608 -0.46 -38.31 13.21
CA GLN C 608 0.05 -37.26 12.36
C GLN C 608 -1.11 -36.46 11.81
N ASN C 609 -1.11 -35.17 12.05
CA ASN C 609 -2.06 -34.29 11.40
C ASN C 609 -1.66 -34.16 9.95
N TYR C 610 -2.59 -34.46 9.05
CA TYR C 610 -2.31 -34.34 7.63
C TYR C 610 -3.10 -33.22 6.97
N ASP C 611 -4.41 -33.19 7.18
CA ASP C 611 -5.23 -32.11 6.64
C ASP C 611 -6.01 -31.32 7.68
N CYS C 612 -6.23 -31.85 8.86
CA CYS C 612 -7.13 -31.21 9.80
C CYS C 612 -6.49 -29.95 10.38
N PRO C 613 -7.28 -28.96 10.73
CA PRO C 613 -6.71 -27.78 11.39
C PRO C 613 -6.61 -27.95 12.89
N PHE C 614 -6.16 -29.12 13.32
CA PHE C 614 -5.82 -29.40 14.71
C PHE C 614 -5.03 -30.69 14.73
N SER C 615 -3.90 -30.66 15.39
CA SER C 615 -3.09 -31.88 15.51
C SER C 615 -3.68 -32.80 16.56
N PRO C 616 -3.45 -34.11 16.44
CA PRO C 616 -4.03 -35.03 17.43
C PRO C 616 -3.39 -34.92 18.79
N GLN C 617 -2.13 -34.53 18.90
CA GLN C 617 -1.52 -34.36 20.20
C GLN C 617 -1.78 -32.99 20.81
N GLN C 618 -2.65 -32.19 20.19
CA GLN C 618 -3.18 -30.99 20.81
C GLN C 618 -4.66 -31.09 21.06
N PHE C 619 -5.27 -32.24 20.71
CA PHE C 619 -6.71 -32.36 20.65
C PHE C 619 -7.35 -32.29 22.02
N ASN C 620 -6.62 -32.66 23.06
CA ASN C 620 -7.22 -32.69 24.39
C ASN C 620 -7.23 -31.33 25.07
N ASN C 621 -6.83 -30.28 24.38
CA ASN C 621 -7.07 -28.95 24.91
C ASN C 621 -8.53 -28.57 24.68
N TYR C 622 -8.92 -27.42 25.21
CA TYR C 622 -10.33 -27.01 25.20
C TYR C 622 -10.71 -26.56 23.80
N LEU C 623 -10.95 -27.52 22.94
CA LEU C 623 -11.43 -27.25 21.59
C LEU C 623 -12.94 -27.39 21.56
N GLN C 624 -13.58 -26.63 20.69
CA GLN C 624 -15.03 -26.53 20.64
C GLN C 624 -15.53 -26.87 19.25
N PHE C 625 -16.50 -27.78 19.18
CA PHE C 625 -17.12 -28.18 17.93
C PHE C 625 -18.62 -28.20 18.08
N GLU C 626 -19.30 -28.25 16.93
CA GLU C 626 -20.73 -28.53 16.88
C GLU C 626 -20.99 -30.01 16.71
N THR C 627 -20.50 -30.57 15.61
CA THR C 627 -20.58 -32.00 15.34
C THR C 627 -19.16 -32.54 15.27
N LEU C 628 -19.03 -33.82 15.58
CA LEU C 628 -17.72 -34.45 15.57
C LEU C 628 -17.94 -35.94 15.41
N CYS C 629 -17.51 -36.51 14.29
CA CYS C 629 -17.65 -37.95 14.13
C CYS C 629 -16.41 -38.53 13.49
N PHE C 630 -15.89 -39.59 14.10
CA PHE C 630 -14.66 -40.23 13.68
C PHE C 630 -14.94 -41.37 12.72
N ASP C 631 -13.89 -41.81 12.04
CA ASP C 631 -13.96 -42.98 11.17
C ASP C 631 -12.56 -43.48 10.91
N VAL C 632 -12.44 -44.78 10.63
CA VAL C 632 -11.17 -45.40 10.31
C VAL C 632 -11.10 -45.88 8.87
N SER C 633 -12.21 -46.03 8.19
CA SER C 633 -12.23 -46.51 6.81
C SER C 633 -12.12 -45.35 5.85
N PRO C 634 -11.93 -45.60 4.56
CA PRO C 634 -12.18 -44.54 3.58
C PRO C 634 -13.66 -44.24 3.37
N ALA C 635 -14.28 -43.70 4.41
CA ALA C 635 -15.69 -43.32 4.42
C ALA C 635 -15.83 -41.90 3.93
N VAL C 636 -16.95 -41.26 4.31
CA VAL C 636 -17.20 -39.84 4.08
C VAL C 636 -16.00 -39.01 4.48
N ALA C 637 -15.47 -38.25 3.53
CA ALA C 637 -14.23 -37.54 3.76
C ALA C 637 -14.52 -36.26 4.52
N GLY C 638 -13.90 -36.11 5.67
CA GLY C 638 -13.75 -34.80 6.27
C GLY C 638 -12.32 -34.37 6.01
N CYS C 639 -11.54 -34.20 7.07
CA CYS C 639 -10.11 -34.21 6.96
C CYS C 639 -9.60 -35.46 7.64
N LYS C 640 -8.38 -35.87 7.30
CA LYS C 640 -7.89 -37.16 7.72
C LYS C 640 -6.53 -37.06 8.39
N TRP C 641 -6.34 -37.88 9.41
CA TRP C 641 -5.09 -37.98 10.14
C TRP C 641 -4.29 -39.15 9.62
N SER C 642 -2.97 -38.97 9.58
CA SER C 642 -2.14 -40.04 9.07
C SER C 642 -1.78 -40.99 10.21
N LEU C 643 -1.05 -42.05 9.87
CA LEU C 643 -0.73 -43.08 10.84
C LEU C 643 0.52 -43.79 10.35
N VAL C 644 1.66 -43.45 10.93
CA VAL C 644 2.96 -43.75 10.33
C VAL C 644 3.68 -44.83 11.13
N HIS C 645 4.52 -45.59 10.43
CA HIS C 645 5.21 -46.70 11.07
C HIS C 645 6.62 -46.32 11.54
N ASP C 646 7.53 -46.07 10.63
CA ASP C 646 8.88 -45.75 11.06
C ASP C 646 8.92 -44.25 11.30
N VAL C 647 9.36 -43.86 12.49
CA VAL C 647 9.33 -42.45 12.86
C VAL C 647 10.56 -41.77 12.25
N LYS C 648 11.43 -42.55 11.60
CA LYS C 648 12.31 -42.00 10.58
C LYS C 648 11.69 -42.02 9.19
N TRP C 649 11.14 -43.16 8.75
CA TRP C 649 10.67 -43.35 7.38
C TRP C 649 9.15 -43.55 7.41
N ARG C 650 8.43 -42.44 7.36
CA ARG C 650 7.03 -42.43 7.78
C ARG C 650 6.12 -42.93 6.66
N THR C 651 6.10 -44.25 6.49
CA THR C 651 5.12 -44.89 5.63
C THR C 651 3.81 -45.09 6.38
N GLN C 652 2.71 -45.11 5.64
CA GLN C 652 1.39 -44.97 6.22
C GLN C 652 0.56 -46.23 6.02
N PHE C 653 -0.29 -46.52 7.00
CA PHE C 653 -1.16 -47.70 6.93
C PHE C 653 -2.51 -47.35 6.38
N ALA C 654 -3.22 -46.49 7.12
CA ALA C 654 -4.63 -46.20 6.93
C ALA C 654 -4.94 -44.95 7.73
N THR C 655 -5.85 -44.14 7.20
CA THR C 655 -6.11 -42.86 7.81
C THR C 655 -7.19 -42.97 8.86
N ILE C 656 -7.25 -41.95 9.70
CA ILE C 656 -8.36 -41.75 10.63
C ILE C 656 -9.00 -40.45 10.21
N THR C 657 -10.02 -40.53 9.37
CA THR C 657 -10.69 -39.31 8.95
C THR C 657 -11.68 -38.89 10.02
N VAL C 658 -11.78 -37.58 10.24
CA VAL C 658 -12.73 -37.02 11.20
C VAL C 658 -13.66 -36.12 10.42
N SER C 659 -14.89 -36.02 10.89
CA SER C 659 -15.89 -35.16 10.29
C SER C 659 -16.39 -34.21 11.35
N TYR C 660 -16.50 -32.93 11.00
CA TYR C 660 -16.72 -31.93 12.02
C TYR C 660 -17.24 -30.66 11.39
N LYS C 661 -17.85 -29.83 12.23
CA LYS C 661 -18.07 -28.44 11.89
C LYS C 661 -18.05 -27.64 13.18
N ASP C 662 -17.78 -26.35 13.06
CA ASP C 662 -17.53 -25.53 14.22
C ASP C 662 -18.81 -25.26 14.99
N GLY C 663 -18.67 -25.20 16.31
CA GLY C 663 -19.80 -24.89 17.17
C GLY C 663 -19.40 -24.98 18.62
N ALA C 664 -20.40 -24.86 19.49
CA ALA C 664 -20.15 -24.71 20.92
C ALA C 664 -20.82 -25.79 21.76
N MET C 665 -21.48 -26.76 21.15
CA MET C 665 -22.14 -27.75 21.97
C MET C 665 -21.18 -28.83 22.47
N ILE C 666 -20.07 -29.04 21.79
CA ILE C 666 -19.12 -30.09 22.14
C ILE C 666 -17.80 -29.44 22.52
N THR C 667 -17.32 -29.74 23.72
CA THR C 667 -16.08 -29.16 24.23
C THR C 667 -15.18 -30.27 24.73
N THR C 668 -13.95 -30.31 24.25
CA THR C 668 -13.00 -31.32 24.68
C THR C 668 -12.45 -30.96 26.05
N MET C 669 -12.24 -31.98 26.89
CA MET C 669 -11.67 -31.82 28.22
C MET C 669 -10.53 -32.81 28.38
N PRO C 670 -9.44 -32.42 29.02
CA PRO C 670 -8.30 -33.33 29.11
C PRO C 670 -8.39 -34.33 30.24
N LYS C 671 -9.04 -33.98 31.35
CA LYS C 671 -8.86 -34.77 32.56
C LYS C 671 -10.15 -34.99 33.33
N ALA C 672 -11.27 -35.10 32.62
CA ALA C 672 -12.52 -35.70 33.10
C ALA C 672 -13.08 -34.98 34.32
N GLN C 673 -13.54 -33.76 34.12
CA GLN C 673 -14.15 -33.02 35.22
C GLN C 673 -15.53 -33.62 35.49
N LEU C 674 -15.59 -34.55 36.43
CA LEU C 674 -16.79 -35.29 36.77
C LEU C 674 -17.34 -34.76 38.09
N GLY C 675 -18.61 -35.08 38.35
CA GLY C 675 -19.25 -34.72 39.60
C GLY C 675 -19.77 -33.30 39.68
N PHE C 676 -18.95 -32.32 39.30
CA PHE C 676 -19.35 -30.92 39.38
C PHE C 676 -20.34 -30.58 38.29
N GLN C 677 -21.36 -29.81 38.65
CA GLN C 677 -22.22 -29.16 37.68
C GLN C 677 -21.82 -27.72 37.47
N ASP C 678 -20.52 -27.44 37.57
CA ASP C 678 -19.95 -26.12 37.37
C ASP C 678 -18.48 -26.27 37.05
N ILE C 679 -18.01 -25.53 36.05
CA ILE C 679 -16.62 -25.57 35.64
C ILE C 679 -15.99 -24.25 36.05
N SER C 680 -14.72 -24.31 36.46
CA SER C 680 -14.18 -23.34 37.41
C SER C 680 -12.77 -22.91 37.08
N ASN C 681 -12.04 -22.52 38.13
CA ASN C 681 -10.64 -22.09 38.11
C ASN C 681 -10.50 -20.71 37.49
N ILE C 682 -11.38 -19.80 37.88
CA ILE C 682 -11.03 -18.39 37.81
C ILE C 682 -9.84 -18.16 38.73
N VAL C 683 -8.73 -17.72 38.15
CA VAL C 683 -7.51 -17.48 38.91
C VAL C 683 -7.22 -15.99 38.83
N LYS C 684 -7.31 -15.31 39.96
CA LYS C 684 -7.27 -13.86 39.96
C LYS C 684 -5.90 -13.34 40.37
N ASP C 685 -5.63 -12.10 39.98
CA ASP C 685 -4.51 -11.28 40.44
C ASP C 685 -3.15 -11.86 40.09
N GLU C 686 -3.07 -12.64 39.01
CA GLU C 686 -1.78 -13.09 38.52
C GLU C 686 -1.90 -13.38 37.04
N CYS C 687 -0.76 -13.48 36.38
CA CYS C 687 -0.76 -13.72 34.94
C CYS C 687 -1.12 -15.17 34.68
N THR C 688 -2.30 -15.41 34.12
CA THR C 688 -2.75 -16.75 33.84
C THR C 688 -2.80 -16.98 32.35
N ASP C 689 -3.30 -18.15 31.97
CA ASP C 689 -3.64 -18.47 30.60
C ASP C 689 -5.13 -18.78 30.63
N TYR C 690 -5.92 -18.02 29.89
CA TYR C 690 -7.34 -18.27 29.96
C TYR C 690 -7.82 -19.04 28.74
N ASN C 691 -8.99 -19.63 28.88
CA ASN C 691 -9.76 -20.17 27.76
C ASN C 691 -11.21 -19.88 28.11
N ILE C 692 -11.71 -18.75 27.64
CA ILE C 692 -12.99 -18.22 28.07
C ILE C 692 -13.92 -18.23 26.88
N TYR C 693 -14.91 -19.13 26.91
CA TYR C 693 -15.98 -19.25 25.91
C TYR C 693 -15.44 -19.45 24.50
N GLY C 694 -14.29 -20.08 24.37
CA GLY C 694 -13.64 -20.21 23.11
C GLY C 694 -12.57 -19.17 22.83
N PHE C 695 -12.61 -18.03 23.50
CA PHE C 695 -11.54 -17.07 23.35
C PHE C 695 -10.35 -17.52 24.18
N GLN C 696 -9.17 -17.09 23.77
CA GLN C 696 -7.96 -17.70 24.27
C GLN C 696 -6.83 -16.69 24.31
N GLY C 697 -5.95 -16.85 25.29
CA GLY C 697 -4.85 -15.93 25.46
C GLY C 697 -4.45 -15.87 26.91
N THR C 698 -3.48 -15.00 27.17
CA THR C 698 -2.92 -14.84 28.51
C THR C 698 -3.20 -13.43 29.01
N GLY C 699 -3.34 -13.30 30.33
CA GLY C 699 -3.57 -12.01 30.92
C GLY C 699 -3.84 -12.12 32.41
N ILE C 700 -4.30 -11.01 32.97
CA ILE C 700 -4.60 -10.89 34.38
C ILE C 700 -6.08 -10.62 34.54
N ILE C 701 -6.76 -11.46 35.32
CA ILE C 701 -8.21 -11.37 35.50
C ILE C 701 -8.49 -10.84 36.88
N ARG C 702 -9.35 -9.84 36.97
CA ARG C 702 -9.74 -9.26 38.23
C ARG C 702 -11.25 -9.31 38.38
N SER C 703 -11.74 -8.83 39.50
CA SER C 703 -13.16 -8.76 39.79
C SER C 703 -13.53 -7.31 40.03
N THR C 704 -14.72 -6.92 39.59
CA THR C 704 -15.14 -5.54 39.71
C THR C 704 -16.56 -5.47 40.24
N THR C 705 -16.97 -4.26 40.61
CA THR C 705 -18.33 -3.95 41.03
C THR C 705 -18.89 -2.97 40.03
N SER C 706 -19.38 -3.50 38.92
CA SER C 706 -20.11 -2.73 37.93
C SER C 706 -20.97 -3.74 37.18
N ARG C 707 -22.22 -3.38 36.95
CA ARG C 707 -23.17 -4.32 36.38
C ARG C 707 -23.67 -3.81 35.04
N LEU C 708 -23.56 -4.66 34.03
CA LEU C 708 -24.06 -4.37 32.70
C LEU C 708 -25.11 -5.40 32.34
N VAL C 709 -26.26 -4.94 31.87
CA VAL C 709 -27.34 -5.84 31.49
C VAL C 709 -27.17 -6.18 30.01
N ALA C 710 -26.41 -7.23 29.73
CA ALA C 710 -26.11 -7.57 28.35
C ALA C 710 -25.70 -9.04 28.28
N GLY C 711 -25.07 -9.42 27.18
CA GLY C 711 -24.69 -10.79 26.92
C GLY C 711 -23.52 -11.26 27.75
N LEU C 712 -22.79 -12.20 27.20
CA LEU C 712 -21.82 -12.92 28.02
C LEU C 712 -20.52 -12.16 28.14
N TYR C 713 -20.00 -11.63 27.05
CA TYR C 713 -18.66 -11.06 27.09
C TYR C 713 -18.58 -9.85 26.18
N TYR C 714 -17.44 -9.18 26.25
CA TYR C 714 -17.27 -7.84 25.71
C TYR C 714 -15.94 -7.77 25.00
N THR C 715 -15.97 -7.68 23.69
CA THR C 715 -14.73 -7.66 22.94
C THR C 715 -14.32 -6.24 22.61
N SER C 716 -13.09 -6.12 22.13
CA SER C 716 -12.55 -4.86 21.67
C SER C 716 -12.88 -4.67 20.20
N ALA C 717 -12.24 -3.71 19.57
CA ALA C 717 -12.31 -3.57 18.13
C ALA C 717 -11.34 -4.49 17.41
N SER C 718 -10.52 -5.23 18.15
CA SER C 718 -9.53 -6.12 17.54
C SER C 718 -9.78 -7.57 17.89
N GLY C 719 -10.95 -7.88 18.42
CA GLY C 719 -11.27 -9.26 18.71
C GLY C 719 -10.61 -9.83 19.95
N ASP C 720 -10.12 -8.98 20.84
CA ASP C 720 -9.56 -9.44 22.09
C ASP C 720 -10.59 -9.33 23.20
N LEU C 721 -10.44 -10.17 24.21
CA LEU C 721 -11.34 -10.11 25.35
C LEU C 721 -11.05 -8.90 26.19
N LEU C 722 -12.10 -8.20 26.60
CA LEU C 722 -11.99 -7.15 27.59
C LEU C 722 -12.71 -7.47 28.87
N GLY C 723 -13.76 -8.26 28.80
CA GLY C 723 -14.51 -8.61 29.99
C GLY C 723 -15.57 -9.63 29.65
N PHE C 724 -16.07 -10.27 30.70
CA PHE C 724 -17.00 -11.36 30.50
C PHE C 724 -17.83 -11.51 31.77
N LYS C 725 -19.00 -12.13 31.61
CA LYS C 725 -19.97 -12.24 32.68
C LYS C 725 -20.15 -13.69 33.07
N ILE C 726 -20.01 -13.97 34.36
CA ILE C 726 -20.36 -15.30 34.87
C ILE C 726 -21.86 -15.45 34.82
N SER C 727 -22.32 -16.65 34.47
CA SER C 727 -23.76 -16.86 34.35
C SER C 727 -24.41 -17.25 35.66
N THR C 728 -23.70 -17.99 36.51
CA THR C 728 -24.29 -18.45 37.76
C THR C 728 -24.51 -17.34 38.76
N THR C 729 -23.83 -16.21 38.60
CA THR C 729 -24.04 -15.05 39.43
C THR C 729 -24.10 -13.84 38.51
N GLY C 730 -23.98 -12.66 39.07
CA GLY C 730 -24.12 -11.48 38.24
C GLY C 730 -22.81 -10.76 37.99
N GLU C 731 -21.76 -11.15 38.68
CA GLU C 731 -20.53 -10.36 38.66
C GLU C 731 -19.81 -10.53 37.33
N ILE C 732 -19.15 -9.47 36.91
CA ILE C 732 -18.37 -9.51 35.68
C ILE C 732 -16.91 -9.32 36.04
N PHE C 733 -16.06 -9.78 35.14
CA PHE C 733 -14.63 -9.76 35.35
C PHE C 733 -13.97 -8.94 34.25
N THR C 734 -12.69 -8.63 34.44
CA THR C 734 -11.97 -7.77 33.52
C THR C 734 -10.68 -8.44 33.11
N VAL C 735 -10.45 -8.54 31.81
CA VAL C 735 -9.24 -9.12 31.28
C VAL C 735 -8.28 -8.00 30.94
N VAL C 736 -7.08 -8.05 31.51
CA VAL C 736 -6.01 -7.10 31.21
C VAL C 736 -4.79 -7.91 30.83
N PRO C 737 -4.13 -7.61 29.71
CA PRO C 737 -2.97 -8.41 29.31
C PRO C 737 -1.81 -8.24 30.28
N CYS C 738 -1.00 -9.29 30.36
CA CYS C 738 -0.09 -9.46 31.50
C CYS C 738 1.07 -8.49 31.44
N ASP C 739 1.63 -8.28 30.26
CA ASP C 739 2.82 -7.44 30.12
C ASP C 739 2.48 -6.28 29.20
N LEU C 740 2.14 -5.13 29.80
CA LEU C 740 1.94 -3.95 29.00
C LEU C 740 3.29 -3.39 28.55
N THR C 741 3.24 -2.52 27.54
CA THR C 741 4.47 -1.98 27.02
C THR C 741 5.03 -0.92 27.94
N ALA C 742 6.27 -0.55 27.68
CA ALA C 742 6.94 0.50 28.42
C ALA C 742 7.80 1.29 27.45
N GLN C 743 8.31 2.41 27.94
CA GLN C 743 9.00 3.38 27.11
C GLN C 743 10.33 3.74 27.73
N ALA C 744 11.14 2.72 28.02
CA ALA C 744 12.37 2.88 28.77
C ALA C 744 13.35 3.85 28.11
N ALA C 745 14.01 4.65 28.94
CA ALA C 745 14.88 5.72 28.49
C ALA C 745 16.31 5.38 28.85
N VAL C 746 17.19 5.39 27.85
CA VAL C 746 18.57 5.03 28.04
C VAL C 746 19.43 6.26 27.81
N ILE C 747 20.34 6.51 28.74
CA ILE C 747 21.35 7.54 28.60
C ILE C 747 22.69 6.88 28.84
N ASN C 748 23.45 6.72 27.76
CA ASN C 748 24.85 6.28 27.80
C ASN C 748 24.99 4.91 28.44
N ASP C 749 24.42 3.91 27.75
CA ASP C 749 24.58 2.48 28.06
C ASP C 749 24.00 2.15 29.44
N GLU C 750 22.87 2.78 29.77
CA GLU C 750 22.22 2.51 31.05
C GLU C 750 20.75 2.88 30.93
N ILE C 751 19.86 1.96 31.26
CA ILE C 751 18.44 2.25 31.27
C ILE C 751 18.17 3.15 32.47
N VAL C 752 17.82 4.40 32.20
CA VAL C 752 17.63 5.35 33.29
C VAL C 752 16.29 5.10 33.97
N GLY C 753 15.21 5.15 33.20
CA GLY C 753 13.90 4.92 33.76
C GLY C 753 12.92 4.54 32.68
N ALA C 754 11.71 4.22 33.10
CA ALA C 754 10.69 3.73 32.18
C ALA C 754 9.44 4.57 32.33
N ILE C 755 8.98 5.15 31.22
CA ILE C 755 7.66 5.74 31.18
C ILE C 755 6.70 4.58 31.05
N THR C 756 6.20 4.11 32.17
CA THR C 756 5.39 2.90 32.16
C THR C 756 3.94 3.27 32.42
N ALA C 757 3.12 2.25 32.49
CA ALA C 757 1.73 2.44 32.80
C ALA C 757 1.29 1.76 34.08
N THR C 758 1.86 0.62 34.38
CA THR C 758 1.33 0.00 35.61
C THR C 758 2.09 0.49 36.82
N ASN C 759 3.07 -0.31 37.17
CA ASN C 759 3.72 -0.17 38.46
C ASN C 759 4.58 -1.40 38.58
N GLN C 760 5.68 -1.22 39.27
CA GLN C 760 6.66 -2.29 39.46
C GLN C 760 6.89 -3.14 38.21
N THR C 761 6.76 -2.62 36.97
CA THR C 761 7.45 -3.47 36.00
C THR C 761 8.97 -3.39 36.20
N ASP C 762 9.63 -4.52 35.99
CA ASP C 762 10.95 -4.73 36.58
C ASP C 762 12.04 -3.84 36.02
N LEU C 763 12.55 -4.18 34.83
CA LEU C 763 13.56 -3.42 34.08
C LEU C 763 14.81 -3.00 34.84
N PHE C 764 15.03 -3.51 36.05
CA PHE C 764 16.15 -3.08 36.86
C PHE C 764 16.77 -4.18 37.69
N GLU C 765 16.20 -5.37 37.72
CA GLU C 765 16.34 -6.17 38.93
C GLU C 765 17.67 -6.92 38.99
N PHE C 766 17.86 -7.91 38.12
CA PHE C 766 18.90 -8.90 38.40
C PHE C 766 19.24 -9.71 37.17
N VAL C 767 20.41 -10.33 37.24
CA VAL C 767 20.78 -11.46 36.40
C VAL C 767 21.14 -12.67 37.27
N ASN C 768 22.02 -12.48 38.24
CA ASN C 768 22.29 -13.45 39.29
C ASN C 768 21.29 -13.21 40.43
N HIS C 769 21.48 -13.93 41.55
CA HIS C 769 20.77 -13.72 42.81
C HIS C 769 19.25 -13.85 42.72
N SER C 781 16.40 -3.50 44.20
CA SER C 781 17.07 -2.51 45.02
C SER C 781 16.11 -1.40 45.43
N THR C 782 16.67 -0.23 45.76
CA THR C 782 15.85 0.92 46.08
C THR C 782 15.24 1.51 44.81
N VAL C 783 14.14 0.93 44.38
CA VAL C 783 13.53 1.26 43.09
C VAL C 783 12.30 2.11 43.38
N ASN C 784 12.43 3.42 43.17
CA ASN C 784 11.34 4.33 43.46
C ASN C 784 10.29 4.29 42.37
N THR C 785 9.14 4.90 42.67
CA THR C 785 8.01 4.91 41.76
C THR C 785 7.27 6.23 41.93
N TYR C 786 7.26 7.04 40.88
CA TYR C 786 6.64 8.35 40.96
C TYR C 786 5.32 8.36 40.20
N THR C 787 4.60 9.47 40.33
CA THR C 787 3.25 9.59 39.77
C THR C 787 3.13 10.92 39.04
N MET C 788 3.14 10.86 37.73
CA MET C 788 2.83 12.00 36.89
C MET C 788 1.33 12.09 36.70
N PRO C 789 0.82 13.17 36.08
CA PRO C 789 -0.60 13.22 35.76
C PRO C 789 -1.11 12.10 34.86
N GLN C 790 -0.30 11.62 33.93
CA GLN C 790 -0.80 10.68 32.96
C GLN C 790 -0.17 9.30 33.03
N PHE C 791 0.91 9.13 33.77
CA PHE C 791 1.56 7.83 33.83
C PHE C 791 2.37 7.72 35.10
N TYR C 792 2.71 6.50 35.44
CA TYR C 792 3.68 6.27 36.50
C TYR C 792 5.08 6.46 35.94
N TYR C 793 6.06 6.39 36.83
CA TYR C 793 7.45 6.59 36.42
C TYR C 793 8.35 5.93 37.45
N ILE C 794 9.32 5.16 36.97
CA ILE C 794 10.09 4.24 37.80
C ILE C 794 11.57 4.51 37.58
N THR C 795 12.27 5.01 38.61
CA THR C 795 13.70 5.24 38.55
C THR C 795 14.27 5.23 39.96
N LYS C 796 15.40 4.55 40.11
CA LYS C 796 16.18 4.56 41.35
C LYS C 796 16.95 5.87 41.55
N TRP C 797 16.20 6.94 41.77
CA TRP C 797 16.79 8.14 42.34
C TRP C 797 15.83 8.68 43.37
N ASN C 798 16.37 9.09 44.51
CA ASN C 798 15.54 9.54 45.61
C ASN C 798 15.26 11.03 45.47
N ASN C 799 14.00 11.40 45.68
CA ASN C 799 13.59 12.80 45.56
C ASN C 799 14.12 13.62 46.72
N GLY C 800 15.44 13.82 46.75
CA GLY C 800 16.12 14.56 47.77
C GLY C 800 16.92 15.71 47.22
N THR C 801 18.24 15.51 47.16
CA THR C 801 19.18 16.58 46.86
C THR C 801 20.10 16.27 45.69
N SER C 802 19.53 15.80 44.58
CA SER C 802 20.31 15.59 43.37
C SER C 802 20.89 16.90 42.85
N SER C 803 20.01 17.80 42.41
CA SER C 803 20.27 19.20 42.02
C SER C 803 21.33 19.40 40.94
N ASN C 804 21.80 18.34 40.29
CA ASN C 804 22.72 18.45 39.17
C ASN C 804 22.52 17.27 38.26
N CYS C 805 22.27 17.55 36.98
CA CYS C 805 22.35 16.57 35.93
C CYS C 805 22.63 17.30 34.63
N THR C 806 23.42 16.68 33.78
CA THR C 806 24.04 17.34 32.65
C THR C 806 23.26 17.23 31.35
N SER C 807 22.80 16.03 30.99
CA SER C 807 22.19 15.83 29.69
C SER C 807 20.74 15.41 29.88
N VAL C 808 19.89 15.83 28.96
CA VAL C 808 18.46 15.57 29.05
C VAL C 808 17.99 14.86 27.78
N ILE C 809 16.93 14.09 27.93
CA ILE C 809 16.19 13.55 26.80
C ILE C 809 14.80 14.14 26.89
N THR C 810 14.38 14.82 25.83
CA THR C 810 13.23 15.70 25.92
C THR C 810 11.96 15.02 25.44
N TYR C 811 10.84 15.45 26.01
CA TYR C 811 9.52 15.26 25.43
C TYR C 811 8.62 16.38 25.95
N SER C 812 7.44 16.49 25.32
CA SER C 812 6.52 17.62 25.23
C SER C 812 6.44 18.52 26.45
N SER C 813 6.20 17.93 27.60
CA SER C 813 6.28 18.71 28.83
C SER C 813 7.14 18.00 29.87
N PHE C 814 7.76 16.88 29.51
CA PHE C 814 8.53 16.09 30.45
C PHE C 814 9.86 15.72 29.81
N ALA C 815 10.94 16.24 30.37
CA ALA C 815 12.28 15.87 29.95
C ALA C 815 12.95 15.14 31.09
N ILE C 816 13.65 14.06 30.77
CA ILE C 816 14.32 13.22 31.75
C ILE C 816 15.81 13.52 31.69
N CYS C 817 16.37 13.92 32.82
CA CYS C 817 17.77 14.29 32.88
C CYS C 817 18.59 13.09 33.33
N ASN C 818 19.87 13.32 33.63
CA ASN C 818 20.83 12.24 33.68
C ASN C 818 20.65 11.36 34.91
N THR C 819 20.23 11.95 36.03
CA THR C 819 20.08 11.18 37.26
C THR C 819 18.61 10.80 37.48
N GLY C 820 17.90 10.51 36.40
CA GLY C 820 16.54 10.04 36.49
C GLY C 820 15.50 11.08 36.79
N GLU C 821 15.90 12.32 37.05
CA GLU C 821 14.97 13.34 37.47
C GLU C 821 14.20 13.88 36.27
N ILE C 822 12.88 13.76 36.32
CA ILE C 822 12.01 14.34 35.30
C ILE C 822 11.74 15.78 35.69
N LYS C 823 12.07 16.70 34.79
CA LYS C 823 11.69 18.09 34.97
C LYS C 823 10.46 18.36 34.13
N TYR C 824 9.59 19.22 34.64
CA TYR C 824 8.41 19.62 33.89
C TYR C 824 8.80 20.72 32.92
N VAL C 825 8.70 20.44 31.62
CA VAL C 825 9.09 21.40 30.60
C VAL C 825 7.96 22.41 30.45
N ASN C 826 8.15 23.60 30.99
CA ASN C 826 7.20 24.68 30.75
C ASN C 826 7.55 25.35 29.43
N VAL C 827 6.77 26.36 29.09
CA VAL C 827 7.03 27.12 27.88
C VAL C 827 8.16 28.11 28.16
N THR C 828 9.02 28.31 27.17
CA THR C 828 10.20 29.15 27.35
C THR C 828 9.78 30.61 27.45
N HIS C 829 10.06 31.23 28.59
CA HIS C 829 9.70 32.63 28.81
C HIS C 829 10.75 33.53 28.17
N VAL C 830 10.28 34.55 27.48
CA VAL C 830 11.15 35.54 26.88
C VAL C 830 10.79 36.90 27.45
N GLU C 831 11.66 37.88 27.20
CA GLU C 831 11.39 39.22 27.68
C GLU C 831 10.28 39.88 26.87
N ILE C 832 10.53 40.11 25.58
CA ILE C 832 9.51 40.56 24.65
C ILE C 832 9.55 39.68 23.42
N VAL C 833 8.38 39.39 22.86
CA VAL C 833 8.30 38.40 21.77
C VAL C 833 8.63 39.15 20.48
N ASP C 834 9.92 39.44 20.33
CA ASP C 834 10.42 40.34 19.31
C ASP C 834 11.93 40.34 19.41
N ASP C 835 12.61 40.79 18.37
CA ASP C 835 14.04 41.01 18.42
C ASP C 835 14.22 42.43 17.90
N SER C 836 14.25 43.39 18.82
CA SER C 836 13.89 44.76 18.51
C SER C 836 14.90 45.49 17.65
N VAL C 837 15.12 45.01 16.43
CA VAL C 837 15.88 45.68 15.38
C VAL C 837 15.47 45.01 14.08
N GLY C 838 15.30 45.81 13.01
CA GLY C 838 14.90 45.28 11.74
C GLY C 838 13.39 45.14 11.55
N VAL C 839 12.66 44.94 12.64
CA VAL C 839 11.21 44.87 12.64
C VAL C 839 10.62 46.27 12.56
N ILE C 840 9.31 46.34 12.35
CA ILE C 840 8.61 47.61 12.41
C ILE C 840 8.67 48.15 13.83
N LYS C 841 8.79 49.46 13.95
CA LYS C 841 8.91 50.14 15.23
C LYS C 841 7.76 51.13 15.35
N PRO C 842 6.57 50.64 15.56
CA PRO C 842 5.40 51.50 15.40
C PRO C 842 5.05 52.30 16.63
N VAL C 843 6.04 52.88 17.29
CA VAL C 843 5.82 53.67 18.48
C VAL C 843 6.62 54.94 18.32
N SER C 844 5.96 56.09 18.44
CA SER C 844 6.66 57.35 18.51
C SER C 844 6.12 58.16 19.67
N THR C 845 6.82 59.27 19.94
CA THR C 845 6.40 60.33 20.87
C THR C 845 6.07 59.79 22.26
N GLY C 846 6.84 58.83 22.70
CA GLY C 846 6.68 58.30 24.02
C GLY C 846 8.02 58.09 24.66
N ASN C 847 8.02 57.27 25.70
CA ASN C 847 9.25 56.86 26.35
C ASN C 847 9.68 55.54 25.73
N ILE C 848 10.28 55.65 24.55
CA ILE C 848 10.64 54.47 23.76
C ILE C 848 11.92 53.86 24.28
N THR C 849 12.23 52.65 23.81
CA THR C 849 13.42 51.91 24.24
C THR C 849 14.19 51.50 22.99
N ILE C 850 15.38 52.06 22.83
CA ILE C 850 16.21 51.84 21.65
C ILE C 850 17.43 51.04 22.07
N PRO C 851 17.78 49.96 21.37
CA PRO C 851 18.93 49.15 21.77
C PRO C 851 20.26 49.82 21.50
N LYS C 852 21.21 49.64 22.43
CA LYS C 852 22.54 50.21 22.30
C LYS C 852 23.59 49.19 21.86
N ASN C 853 23.80 48.16 22.64
CA ASN C 853 24.86 47.21 22.37
C ASN C 853 24.32 46.01 21.64
N PHE C 854 25.23 45.24 21.06
CA PHE C 854 24.81 44.13 20.24
C PHE C 854 25.76 42.96 20.41
N THR C 855 25.25 41.78 20.11
CA THR C 855 26.06 40.60 20.03
C THR C 855 25.46 39.70 18.97
N VAL C 856 26.24 38.73 18.53
CA VAL C 856 25.79 37.83 17.49
C VAL C 856 25.45 36.49 18.14
N ALA C 857 24.78 35.65 17.38
CA ALA C 857 24.47 34.29 17.81
C ALA C 857 24.30 33.45 16.58
N VAL C 858 25.03 32.34 16.51
CA VAL C 858 25.00 31.48 15.35
C VAL C 858 24.00 30.37 15.60
N GLN C 859 23.13 30.15 14.63
CA GLN C 859 22.14 29.07 14.71
C GLN C 859 22.18 28.31 13.40
N ALA C 860 22.44 27.02 13.48
CA ALA C 860 22.63 26.21 12.29
C ALA C 860 21.34 25.51 11.89
N GLU C 861 21.14 25.35 10.59
CA GLU C 861 20.03 24.58 10.06
C GLU C 861 20.54 23.64 8.99
N TYR C 862 19.77 22.61 8.71
CA TYR C 862 20.08 21.67 7.65
C TYR C 862 18.96 21.67 6.64
N VAL C 863 19.31 21.54 5.37
CA VAL C 863 18.34 21.45 4.28
C VAL C 863 18.81 20.35 3.34
N GLN C 864 17.94 19.39 3.08
CA GLN C 864 18.26 18.26 2.22
C GLN C 864 17.84 18.57 0.79
N ILE C 865 18.78 18.48 -0.15
CA ILE C 865 18.52 18.94 -1.50
C ILE C 865 18.55 17.84 -2.54
N GLN C 866 19.02 16.65 -2.22
CA GLN C 866 19.03 15.62 -3.24
C GLN C 866 18.77 14.26 -2.61
N VAL C 867 18.34 13.33 -3.45
CA VAL C 867 18.18 11.95 -3.06
C VAL C 867 18.88 11.10 -4.10
N LYS C 868 19.46 10.00 -3.68
CA LYS C 868 20.16 9.16 -4.62
C LYS C 868 19.16 8.42 -5.51
N PRO C 869 19.17 8.67 -6.81
CA PRO C 869 18.14 8.11 -7.67
C PRO C 869 18.37 6.65 -7.92
N VAL C 870 17.28 5.94 -8.13
CA VAL C 870 17.32 4.50 -8.35
C VAL C 870 16.61 4.22 -9.67
N ALA C 871 17.28 3.50 -10.56
CA ALA C 871 16.67 3.06 -11.81
C ALA C 871 16.31 1.60 -11.64
N VAL C 872 15.02 1.30 -11.67
CA VAL C 872 14.52 -0.04 -11.45
C VAL C 872 14.05 -0.59 -12.77
N ASP C 873 14.55 -1.76 -13.14
CA ASP C 873 13.99 -2.46 -14.28
C ASP C 873 12.71 -3.16 -13.85
N CYS C 874 11.63 -2.89 -14.57
CA CYS C 874 10.36 -3.50 -14.24
C CYS C 874 10.32 -4.97 -14.61
N ALA C 875 10.86 -5.34 -15.77
CA ALA C 875 10.70 -6.70 -16.26
C ALA C 875 11.63 -7.67 -15.56
N LYS C 876 12.81 -7.22 -15.15
CA LYS C 876 13.75 -8.11 -14.47
C LYS C 876 13.25 -8.48 -13.09
N TYR C 877 12.55 -7.57 -12.43
CA TYR C 877 12.23 -7.78 -11.04
C TYR C 877 11.10 -8.76 -10.88
N VAL C 878 10.08 -8.68 -11.72
CA VAL C 878 8.94 -9.56 -11.53
C VAL C 878 9.26 -10.96 -12.02
N CYS C 879 10.23 -11.09 -12.94
CA CYS C 879 10.76 -12.40 -13.29
C CYS C 879 12.17 -12.22 -13.80
N ASN C 880 13.11 -12.92 -13.17
CA ASN C 880 14.53 -12.79 -13.48
C ASN C 880 14.83 -13.51 -14.79
N GLY C 881 14.42 -12.86 -15.88
CA GLY C 881 14.78 -13.32 -17.20
C GLY C 881 14.18 -14.62 -17.65
N ASN C 882 13.12 -15.08 -16.99
CA ASN C 882 12.50 -16.33 -17.42
C ASN C 882 11.70 -16.12 -18.68
N ARG C 883 11.81 -17.06 -19.61
CA ARG C 883 11.22 -16.88 -20.92
C ARG C 883 9.71 -17.05 -20.88
N HIS C 884 9.22 -17.98 -20.07
CA HIS C 884 7.79 -18.18 -20.00
C HIS C 884 7.06 -17.10 -19.23
N CYS C 885 7.76 -16.36 -18.38
CA CYS C 885 7.14 -15.26 -17.66
C CYS C 885 6.77 -14.14 -18.60
N LEU C 886 7.68 -13.77 -19.50
CA LEU C 886 7.52 -12.60 -20.33
C LEU C 886 6.39 -12.72 -21.34
N ASN C 887 5.93 -13.94 -21.61
CA ASN C 887 4.69 -14.11 -22.37
C ASN C 887 3.46 -13.90 -21.51
N LEU C 888 3.62 -13.67 -20.21
CA LEU C 888 2.49 -13.34 -19.36
C LEU C 888 2.53 -11.91 -18.87
N LEU C 889 3.63 -11.20 -19.07
CA LEU C 889 3.64 -9.78 -18.79
C LEU C 889 2.95 -8.96 -19.86
N THR C 890 2.65 -9.57 -21.01
CA THR C 890 1.99 -8.85 -22.09
C THR C 890 0.57 -8.46 -21.71
N GLN C 891 -0.05 -9.19 -20.79
CA GLN C 891 -1.32 -8.74 -20.25
C GLN C 891 -1.16 -7.50 -19.39
N TYR C 892 -0.01 -7.33 -18.75
CA TYR C 892 0.17 -6.25 -17.79
C TYR C 892 1.21 -5.25 -18.24
N THR C 893 1.36 -5.05 -19.55
CA THR C 893 2.34 -4.07 -20.01
C THR C 893 1.90 -2.65 -19.75
N SER C 894 0.62 -2.42 -19.44
CA SER C 894 0.20 -1.10 -19.01
C SER C 894 0.76 -0.77 -17.64
N ALA C 895 0.67 -1.73 -16.71
CA ALA C 895 1.12 -1.48 -15.35
C ALA C 895 2.63 -1.38 -15.26
N CYS C 896 3.34 -2.16 -16.08
CA CYS C 896 4.78 -2.13 -16.05
C CYS C 896 5.33 -0.85 -16.65
N GLN C 897 4.57 -0.23 -17.56
CA GLN C 897 5.05 0.97 -18.23
C GLN C 897 5.07 2.17 -17.29
N THR C 898 4.02 2.34 -16.49
CA THR C 898 3.93 3.49 -15.61
C THR C 898 4.97 3.46 -14.51
N ILE C 899 5.41 2.27 -14.10
CA ILE C 899 6.35 2.16 -13.00
C ILE C 899 7.71 2.68 -13.41
N GLU C 900 8.13 2.39 -14.64
CA GLU C 900 9.39 2.95 -15.12
C GLU C 900 9.28 4.45 -15.33
N ASN C 901 8.17 4.91 -15.89
CA ASN C 901 8.01 6.32 -16.16
C ASN C 901 7.75 7.14 -14.91
N SER C 902 7.30 6.50 -13.83
CA SER C 902 7.18 7.24 -12.58
C SER C 902 8.54 7.51 -11.98
N LEU C 903 9.52 6.65 -12.25
CA LEU C 903 10.80 6.82 -11.62
C LEU C 903 11.75 7.67 -12.43
N ASN C 904 11.75 7.51 -13.74
CA ASN C 904 12.67 8.27 -14.58
C ASN C 904 12.27 9.74 -14.61
N LEU C 905 10.98 10.00 -14.83
CA LEU C 905 10.53 11.38 -14.94
C LEU C 905 10.45 12.08 -13.60
N GLY C 906 10.64 11.36 -12.50
CA GLY C 906 10.95 12.01 -11.26
C GLY C 906 12.44 12.26 -11.09
N ALA C 907 13.26 11.34 -11.59
CA ALA C 907 14.70 11.49 -11.44
C ALA C 907 15.27 12.51 -12.42
N ARG C 908 14.71 12.59 -13.62
CA ARG C 908 15.25 13.50 -14.62
C ARG C 908 14.98 14.95 -14.25
N LEU C 909 13.92 15.21 -13.49
CA LEU C 909 13.66 16.55 -13.02
C LEU C 909 14.68 17.00 -11.98
N GLU C 910 15.35 16.06 -11.32
CA GLU C 910 16.39 16.44 -10.37
C GLU C 910 17.61 16.93 -11.11
N SER C 911 18.11 16.14 -12.05
CA SER C 911 19.37 16.45 -12.71
C SER C 911 19.26 17.66 -13.60
N LEU C 912 18.07 17.94 -14.12
CA LEU C 912 17.89 19.18 -14.86
C LEU C 912 17.89 20.36 -13.92
N MET C 913 17.35 20.19 -12.72
CA MET C 913 17.31 21.29 -11.78
C MET C 913 18.65 21.47 -11.10
N LEU C 914 19.29 20.36 -10.71
CA LEU C 914 20.52 20.45 -9.93
C LEU C 914 21.69 20.92 -10.78
N ASN C 915 21.74 20.55 -12.05
CA ASN C 915 22.84 21.01 -12.88
C ASN C 915 22.69 22.45 -13.30
N ASP C 916 21.56 23.09 -13.03
CA ASP C 916 21.39 24.49 -13.36
C ASP C 916 21.43 25.38 -12.14
N MET C 917 21.72 24.85 -10.97
CA MET C 917 21.88 25.67 -9.77
C MET C 917 23.30 25.66 -9.26
N ILE C 918 23.96 24.52 -9.33
CA ILE C 918 25.30 24.38 -8.76
C ILE C 918 26.31 24.93 -9.75
N THR C 919 26.93 26.05 -9.39
CA THR C 919 27.93 26.70 -10.22
C THR C 919 29.15 26.99 -9.36
N VAL C 920 30.32 26.75 -9.92
CA VAL C 920 31.57 26.98 -9.22
C VAL C 920 32.38 28.00 -9.98
N SER C 921 32.72 29.09 -9.32
CA SER C 921 33.60 30.09 -9.91
C SER C 921 35.02 29.81 -9.47
N ASP C 922 35.88 29.48 -10.43
CA ASP C 922 37.24 29.07 -10.11
C ASP C 922 38.09 30.22 -9.60
N ARG C 923 37.68 31.46 -9.86
CA ARG C 923 38.38 32.60 -9.28
C ARG C 923 38.21 32.63 -7.78
N SER C 924 36.97 32.51 -7.32
CA SER C 924 36.70 32.56 -5.88
C SER C 924 37.01 31.24 -5.20
N LEU C 925 37.19 30.15 -5.94
CA LEU C 925 37.51 28.90 -5.30
C LEU C 925 38.91 28.92 -4.72
N GLU C 926 39.80 29.71 -5.29
CA GLU C 926 41.16 29.86 -4.80
C GLU C 926 41.27 30.81 -3.62
N PHE C 927 40.15 31.29 -3.08
CA PHE C 927 40.16 32.08 -1.86
C PHE C 927 39.56 31.34 -0.69
N ALA C 928 39.07 30.11 -0.90
CA ALA C 928 38.44 29.37 0.18
C ALA C 928 39.45 28.70 1.10
N THR C 929 40.73 28.72 0.76
CA THR C 929 41.72 28.07 1.60
C THR C 929 41.95 28.86 2.89
N VAL C 930 42.19 28.13 3.98
CA VAL C 930 42.44 28.80 5.24
C VAL C 930 43.82 29.45 5.24
N ASP C 931 44.72 29.01 4.36
CA ASP C 931 46.02 29.64 4.26
C ASP C 931 45.93 31.00 3.61
N LYS C 932 44.94 31.21 2.74
CA LYS C 932 44.69 32.54 2.22
C LYS C 932 44.23 33.48 3.33
N PHE C 933 43.44 32.98 4.26
CA PHE C 933 42.91 33.79 5.34
C PHE C 933 43.91 34.03 6.46
N ASN C 934 45.18 33.77 6.24
CA ASN C 934 46.18 33.93 7.28
C ASN C 934 47.39 34.65 6.70
N THR C 935 47.56 34.58 5.38
CA THR C 935 48.79 35.02 4.75
C THR C 935 48.84 36.50 4.47
N THR C 936 47.87 37.27 4.95
CA THR C 936 47.77 38.66 4.53
C THR C 936 47.93 39.52 5.78
N ALA C 937 49.02 39.29 6.50
CA ALA C 937 49.30 40.02 7.73
C ALA C 937 49.87 41.43 7.48
N LEU C 938 49.71 41.99 6.28
CA LEU C 938 50.05 43.38 6.03
C LEU C 938 49.15 44.28 6.87
N GLY C 939 49.74 45.06 7.75
CA GLY C 939 48.96 45.77 8.75
C GLY C 939 48.42 44.78 9.76
N GLY C 940 47.12 44.52 9.69
CA GLY C 940 46.56 43.42 10.45
C GLY C 940 46.51 42.16 9.63
N GLU C 941 46.13 41.06 10.29
CA GLU C 941 45.91 39.80 9.59
C GLU C 941 44.65 39.97 8.77
N LYS C 942 44.81 40.41 7.52
CA LYS C 942 43.70 41.04 6.79
C LYS C 942 42.64 40.02 6.39
N LEU C 943 43.03 39.00 5.63
CA LEU C 943 42.04 38.13 5.03
C LEU C 943 41.40 37.19 6.06
N GLY C 944 41.95 37.12 7.26
CA GLY C 944 41.22 36.59 8.38
C GLY C 944 40.68 37.73 9.20
N GLY C 945 41.37 38.06 10.28
CA GLY C 945 40.92 39.11 11.17
C GLY C 945 40.65 38.54 12.53
N LEU C 946 39.82 39.21 13.32
CA LEU C 946 39.48 38.68 14.62
C LEU C 946 38.55 37.50 14.53
N TYR C 947 37.90 37.29 13.40
CA TYR C 947 37.03 36.15 13.20
C TYR C 947 37.77 34.93 12.70
N PHE C 948 39.10 34.92 12.78
CA PHE C 948 39.87 33.86 12.14
C PHE C 948 39.70 32.52 12.85
N ASP C 949 39.48 32.54 14.16
CA ASP C 949 39.44 31.30 14.91
C ASP C 949 38.16 30.52 14.62
N GLY C 950 37.05 31.21 14.42
CA GLY C 950 35.83 30.53 14.05
C GLY C 950 35.85 30.07 12.61
N LEU C 951 36.39 30.90 11.72
CA LEU C 951 36.41 30.55 10.31
C LEU C 951 37.43 29.46 9.99
N SER C 952 38.36 29.21 10.90
CA SER C 952 39.31 28.13 10.72
C SER C 952 38.64 26.77 10.74
N SER C 953 37.47 26.65 11.36
CA SER C 953 36.75 25.40 11.35
C SER C 953 35.95 25.21 10.07
N LEU C 954 35.59 26.28 9.38
CA LEU C 954 34.74 26.17 8.21
C LEU C 954 35.49 26.14 6.90
N LEU C 955 36.71 26.65 6.87
CA LEU C 955 37.33 26.69 5.54
C LEU C 955 38.32 25.55 5.37
N PRO C 956 38.44 25.02 4.15
CA PRO C 956 39.38 23.92 3.96
C PRO C 956 40.81 24.40 3.99
N PRO C 957 41.75 23.56 4.38
CA PRO C 957 43.15 23.99 4.41
C PRO C 957 43.78 24.16 3.04
N ARG C 958 43.63 23.17 2.18
CA ARG C 958 44.12 23.26 0.82
C ARG C 958 42.93 23.37 -0.13
N VAL C 959 43.22 23.72 -1.37
CA VAL C 959 42.17 23.91 -2.37
C VAL C 959 41.65 22.52 -2.76
N GLY C 960 40.53 22.18 -2.16
CA GLY C 960 39.81 20.96 -2.45
C GLY C 960 40.14 19.86 -1.47
N MET C 961 39.33 19.80 -0.40
CA MET C 961 39.24 18.79 0.65
C MET C 961 38.19 19.32 1.60
N ARG C 962 37.68 18.46 2.46
CA ARG C 962 36.65 18.90 3.38
C ARG C 962 37.28 19.61 4.57
N SER C 963 36.53 20.54 5.16
CA SER C 963 37.04 21.35 6.25
C SER C 963 36.90 20.59 7.56
N ALA C 964 37.08 21.30 8.67
CA ALA C 964 37.09 20.65 9.98
C ALA C 964 35.70 20.18 10.37
N VAL C 965 34.67 20.92 10.00
CA VAL C 965 33.33 20.62 10.47
C VAL C 965 32.77 19.40 9.76
N GLU C 966 32.95 19.32 8.45
CA GLU C 966 32.49 18.14 7.72
C GLU C 966 33.27 16.90 8.11
N ASP C 967 34.53 17.07 8.49
CA ASP C 967 35.30 15.93 8.96
C ASP C 967 34.76 15.41 10.28
N LEU C 968 34.19 16.28 11.10
CA LEU C 968 33.46 15.78 12.26
C LEU C 968 32.14 15.17 11.83
N LEU C 969 31.53 15.72 10.78
CA LEU C 969 30.24 15.22 10.32
C LEU C 969 30.37 13.85 9.69
N PHE C 970 31.34 13.68 8.80
CA PHE C 970 31.47 12.41 8.10
C PHE C 970 32.13 11.34 8.96
N ASN C 971 32.52 11.65 10.19
CA ASN C 971 32.79 10.64 11.18
C ASN C 971 31.58 10.31 12.02
N LYS C 972 30.40 10.76 11.60
CA LYS C 972 29.16 10.38 12.25
C LYS C 972 28.15 9.81 11.26
N VAL C 973 28.63 9.36 10.10
CA VAL C 973 27.82 8.58 9.17
C VAL C 973 28.40 7.17 8.97
N VAL C 974 29.72 7.02 9.02
CA VAL C 974 30.30 5.69 8.98
C VAL C 974 30.20 5.04 10.35
N THR C 975 30.44 5.82 11.40
CA THR C 975 30.18 5.39 12.77
C THR C 975 28.69 5.36 13.09
N SER C 976 27.83 5.89 12.21
CA SER C 976 26.42 5.57 12.27
C SER C 976 26.15 4.12 11.89
N GLY C 977 27.06 3.50 11.14
CA GLY C 977 26.97 2.08 10.86
C GLY C 977 26.82 1.77 9.39
N LEU C 978 27.21 2.71 8.54
CA LEU C 978 26.99 2.57 7.10
C LEU C 978 28.22 2.94 6.29
N GLY C 979 28.04 3.11 4.99
CA GLY C 979 29.01 3.78 4.14
C GLY C 979 29.73 2.96 3.09
N THR C 980 29.23 3.06 1.86
CA THR C 980 30.00 2.76 0.65
C THR C 980 29.34 3.54 -0.49
N VAL C 981 30.16 4.19 -1.33
CA VAL C 981 29.62 5.02 -2.41
C VAL C 981 30.24 4.72 -3.76
N ASP C 982 31.42 4.13 -3.84
CA ASP C 982 32.13 3.93 -5.11
C ASP C 982 31.74 2.57 -5.65
N ASP C 983 30.47 2.46 -6.06
CA ASP C 983 29.91 1.21 -6.54
C ASP C 983 30.30 1.00 -8.00
N ASP C 984 31.32 0.18 -8.22
CA ASP C 984 31.64 -0.22 -9.58
C ASP C 984 30.74 -1.37 -9.98
N TYR C 985 30.21 -1.30 -11.19
CA TYR C 985 29.42 -2.40 -11.69
C TYR C 985 30.21 -3.32 -12.61
N LYS C 986 31.43 -2.94 -12.98
CA LYS C 986 32.26 -3.85 -13.76
C LYS C 986 32.69 -5.04 -12.93
N LYS C 987 32.86 -4.85 -11.62
CA LYS C 987 33.16 -5.97 -10.75
C LYS C 987 31.97 -6.90 -10.57
N CYS C 988 30.75 -6.40 -10.82
CA CYS C 988 29.58 -7.23 -10.59
C CYS C 988 29.46 -8.32 -11.64
N SER C 989 29.83 -8.02 -12.88
CA SER C 989 29.78 -9.02 -13.93
C SER C 989 31.13 -9.68 -14.15
N ALA C 990 31.74 -10.16 -13.11
CA ALA C 990 33.02 -10.81 -13.33
C ALA C 990 33.07 -12.21 -12.76
N GLY C 991 32.50 -12.44 -11.59
CA GLY C 991 32.55 -13.76 -10.99
C GLY C 991 33.87 -14.08 -10.32
N THR C 992 34.60 -13.06 -9.88
CA THR C 992 35.85 -13.31 -9.18
C THR C 992 35.61 -13.80 -7.76
N ASP C 993 34.60 -13.25 -7.09
CA ASP C 993 34.29 -13.64 -5.73
C ASP C 993 32.80 -13.94 -5.63
N VAL C 994 32.39 -14.42 -4.46
CA VAL C 994 30.97 -14.48 -4.15
C VAL C 994 30.45 -13.06 -4.04
N ALA C 995 29.20 -12.86 -4.44
CA ALA C 995 28.69 -11.54 -4.75
C ALA C 995 28.54 -10.66 -3.52
N ASP C 996 28.86 -9.39 -3.71
CA ASP C 996 28.63 -8.34 -2.73
C ASP C 996 27.12 -8.10 -2.59
N LEU C 997 26.74 -7.51 -1.45
CA LEU C 997 25.38 -7.04 -1.25
C LEU C 997 24.92 -6.09 -2.35
N VAL C 998 25.81 -5.20 -2.81
CA VAL C 998 25.44 -4.26 -3.85
C VAL C 998 25.25 -4.97 -5.18
N CYS C 999 26.15 -5.90 -5.51
CA CYS C 999 26.01 -6.63 -6.77
C CYS C 999 24.82 -7.56 -6.76
N ALA C 1000 24.38 -8.00 -5.58
CA ALA C 1000 23.20 -8.85 -5.52
C ALA C 1000 21.94 -8.06 -5.84
N GLN C 1001 21.93 -6.77 -5.54
CA GLN C 1001 20.78 -5.96 -5.91
C GLN C 1001 20.75 -5.71 -7.40
N TYR C 1002 21.91 -5.70 -8.04
CA TYR C 1002 21.93 -5.48 -9.48
C TYR C 1002 21.39 -6.68 -10.22
N TYR C 1003 21.54 -7.87 -9.65
CA TYR C 1003 21.08 -9.06 -10.33
C TYR C 1003 19.57 -9.13 -10.41
N ASN C 1004 18.87 -8.46 -9.52
CA ASN C 1004 17.42 -8.41 -9.56
C ASN C 1004 16.92 -7.12 -10.19
N GLY C 1005 17.71 -6.53 -11.07
CA GLY C 1005 17.23 -5.42 -11.87
C GLY C 1005 17.05 -4.13 -11.11
N ILE C 1006 17.79 -3.93 -10.03
CA ILE C 1006 17.71 -2.71 -9.24
C ILE C 1006 19.08 -2.05 -9.29
N MET C 1007 19.17 -0.95 -10.01
CA MET C 1007 20.41 -0.21 -10.16
C MET C 1007 20.42 0.94 -9.17
N VAL C 1008 21.37 0.92 -8.24
CA VAL C 1008 21.59 2.09 -7.41
C VAL C 1008 22.50 3.01 -8.20
N LEU C 1009 21.93 4.06 -8.76
CA LEU C 1009 22.68 4.98 -9.58
C LEU C 1009 23.64 5.79 -8.71
N PRO C 1010 24.68 6.38 -9.30
CA PRO C 1010 25.52 7.30 -8.54
C PRO C 1010 24.74 8.55 -8.19
N GLY C 1011 25.17 9.20 -7.12
CA GLY C 1011 24.55 10.45 -6.73
C GLY C 1011 24.72 11.50 -7.82
N VAL C 1012 23.66 12.28 -8.04
CA VAL C 1012 23.67 13.24 -9.14
C VAL C 1012 24.66 14.36 -8.86
N VAL C 1013 24.91 14.65 -7.59
CA VAL C 1013 26.03 15.49 -7.19
C VAL C 1013 26.83 14.71 -6.18
N ASP C 1014 28.12 14.53 -6.44
CA ASP C 1014 28.94 13.75 -5.53
C ASP C 1014 29.35 14.57 -4.32
N TYR C 1015 30.20 13.98 -3.49
CA TYR C 1015 30.74 14.72 -2.36
C TYR C 1015 31.75 15.76 -2.79
N ASN C 1016 32.37 15.56 -3.95
CA ASN C 1016 33.42 16.47 -4.36
C ASN C 1016 32.86 17.76 -4.94
N LYS C 1017 31.78 17.67 -5.71
CA LYS C 1017 31.20 18.89 -6.24
C LYS C 1017 30.51 19.71 -5.16
N MET C 1018 29.92 19.04 -4.17
CA MET C 1018 29.37 19.75 -3.02
C MET C 1018 30.46 20.45 -2.25
N ALA C 1019 31.62 19.83 -2.15
CA ALA C 1019 32.74 20.50 -1.51
C ALA C 1019 33.23 21.66 -2.36
N MET C 1020 33.12 21.55 -3.67
CA MET C 1020 33.51 22.67 -4.52
C MET C 1020 32.46 23.76 -4.51
N TYR C 1021 31.18 23.38 -4.41
CA TYR C 1021 30.11 24.36 -4.53
C TYR C 1021 30.04 25.25 -3.31
N THR C 1022 30.10 24.66 -2.13
CA THR C 1022 30.03 25.44 -0.90
C THR C 1022 31.28 26.28 -0.73
N ALA C 1023 32.43 25.76 -1.11
CA ALA C 1023 33.66 26.53 -1.00
C ALA C 1023 33.68 27.68 -1.98
N SER C 1024 32.96 27.57 -3.09
CA SER C 1024 32.85 28.71 -3.98
C SER C 1024 31.96 29.79 -3.39
N LEU C 1025 31.01 29.41 -2.55
CA LEU C 1025 30.07 30.39 -2.01
C LEU C 1025 30.74 31.26 -0.96
N ILE C 1026 31.60 30.66 -0.13
CA ILE C 1026 32.26 31.44 0.90
C ILE C 1026 33.30 32.35 0.28
N GLY C 1027 33.86 31.97 -0.86
CA GLY C 1027 34.80 32.83 -1.56
C GLY C 1027 34.19 34.08 -2.12
N GLY C 1028 32.86 34.11 -2.30
CA GLY C 1028 32.21 35.32 -2.75
C GLY C 1028 32.22 36.43 -1.73
N MET C 1029 32.47 36.11 -0.47
CA MET C 1029 32.57 37.15 0.54
C MET C 1029 33.96 37.75 0.60
N ALA C 1030 34.99 36.96 0.33
CA ALA C 1030 36.34 37.50 0.30
C ALA C 1030 36.65 38.21 -1.01
N LEU C 1031 35.88 37.94 -2.05
CA LEU C 1031 36.16 38.46 -3.38
C LEU C 1031 35.10 39.49 -3.74
N GLY C 1032 35.52 40.68 -4.09
CA GLY C 1032 34.58 41.67 -4.57
C GLY C 1032 34.93 42.23 -5.93
N SER C 1033 36.22 42.22 -6.26
CA SER C 1033 36.71 42.81 -7.49
C SER C 1033 37.17 41.69 -8.40
N ILE C 1034 36.64 41.67 -9.63
CA ILE C 1034 36.93 40.58 -10.54
C ILE C 1034 38.37 40.68 -11.05
N THR C 1035 38.74 41.83 -11.60
CA THR C 1035 39.99 41.99 -12.32
C THR C 1035 41.11 42.52 -11.43
N SER C 1036 41.05 42.26 -10.13
CA SER C 1036 42.17 42.51 -9.25
C SER C 1036 42.17 41.43 -8.18
N ALA C 1037 43.27 40.68 -8.09
CA ALA C 1037 43.36 39.55 -7.18
C ALA C 1037 43.58 39.94 -5.73
N VAL C 1038 43.63 41.24 -5.42
CA VAL C 1038 43.60 41.66 -4.03
C VAL C 1038 42.22 41.35 -3.45
N ALA C 1039 42.18 41.08 -2.16
CA ALA C 1039 40.94 40.66 -1.52
C ALA C 1039 40.60 41.56 -0.35
N VAL C 1040 39.33 41.57 0.00
CA VAL C 1040 38.82 42.47 1.03
C VAL C 1040 38.97 41.78 2.38
N PRO C 1041 39.41 42.48 3.42
CA PRO C 1041 39.42 41.89 4.75
C PRO C 1041 38.01 41.60 5.23
N PHE C 1042 37.90 40.53 6.01
CA PHE C 1042 36.58 40.09 6.46
C PHE C 1042 35.97 41.01 7.48
N SER C 1043 36.78 41.80 8.19
CA SER C 1043 36.22 42.77 9.11
C SER C 1043 35.54 43.91 8.36
N MET C 1044 35.97 44.18 7.12
CA MET C 1044 35.25 45.14 6.30
C MET C 1044 33.93 44.56 5.83
N GLN C 1045 33.86 43.23 5.69
CA GLN C 1045 32.65 42.59 5.21
C GLN C 1045 31.53 42.70 6.23
N VAL C 1046 31.85 42.52 7.51
CA VAL C 1046 30.82 42.60 8.53
C VAL C 1046 30.42 44.04 8.77
N GLN C 1047 31.39 44.94 8.79
CA GLN C 1047 31.14 46.36 9.00
C GLN C 1047 30.28 46.94 7.88
N ALA C 1048 30.41 46.41 6.68
CA ALA C 1048 29.50 46.80 5.62
C ALA C 1048 28.10 46.26 5.86
N ARG C 1049 28.00 45.01 6.31
CA ARG C 1049 26.69 44.39 6.48
C ARG C 1049 25.93 44.92 7.68
N LEU C 1050 26.59 45.67 8.56
CA LEU C 1050 25.84 46.37 9.60
C LEU C 1050 25.13 47.58 9.06
N ASN C 1051 25.64 48.17 7.98
CA ASN C 1051 25.08 49.42 7.51
C ASN C 1051 23.75 49.25 6.82
N TYR C 1052 23.46 48.08 6.29
CA TYR C 1052 22.18 47.88 5.63
C TYR C 1052 21.05 47.76 6.63
N VAL C 1053 21.34 47.40 7.87
CA VAL C 1053 20.32 47.46 8.90
C VAL C 1053 20.07 48.89 9.32
N ALA C 1054 21.15 49.60 9.66
CA ALA C 1054 21.06 51.01 9.99
C ALA C 1054 22.40 51.64 9.70
N LEU C 1055 22.37 52.88 9.24
CA LEU C 1055 23.58 53.58 8.82
C LEU C 1055 24.46 53.89 10.03
N GLN C 1056 25.56 53.17 10.14
CA GLN C 1056 26.46 53.35 11.27
C GLN C 1056 27.17 54.69 11.18
N THR C 1057 27.08 55.49 12.23
CA THR C 1057 27.69 56.81 12.22
C THR C 1057 29.09 56.79 12.81
N ASP C 1058 29.20 56.41 14.07
CA ASP C 1058 30.49 56.27 14.73
C ASP C 1058 30.76 54.80 14.99
N VAL C 1059 31.94 54.34 14.59
CA VAL C 1059 32.34 52.96 14.79
C VAL C 1059 33.57 52.96 15.70
N LEU C 1060 33.63 51.98 16.60
CA LEU C 1060 34.71 51.86 17.56
C LEU C 1060 35.37 50.49 17.43
N GLN C 1061 36.60 50.41 17.91
CA GLN C 1061 37.33 49.15 17.93
C GLN C 1061 36.78 48.19 18.96
N GLU C 1062 36.13 48.69 20.01
CA GLU C 1062 35.56 47.82 21.03
C GLU C 1062 34.38 47.02 20.48
N ASN C 1063 33.63 47.60 19.54
CA ASN C 1063 32.49 46.91 18.94
C ASN C 1063 32.94 45.73 18.11
N GLN C 1064 34.15 45.80 17.54
CA GLN C 1064 34.66 44.68 16.78
C GLN C 1064 35.00 43.50 17.67
N LYS C 1065 35.41 43.77 18.90
CA LYS C 1065 35.85 42.70 19.78
C LYS C 1065 34.69 41.86 20.27
N ILE C 1066 33.61 42.51 20.71
CA ILE C 1066 32.52 41.78 21.33
C ILE C 1066 31.74 40.99 20.31
N LEU C 1067 31.71 41.45 19.06
CA LEU C 1067 31.13 40.64 18.01
C LEU C 1067 31.99 39.42 17.73
N ALA C 1068 33.30 39.59 17.72
CA ALA C 1068 34.17 38.52 17.30
C ALA C 1068 34.29 37.43 18.34
N ASN C 1069 34.41 37.82 19.61
CA ASN C 1069 34.56 36.84 20.67
C ASN C 1069 33.29 36.02 20.85
N ALA C 1070 32.14 36.67 20.71
CA ALA C 1070 30.89 35.92 20.75
C ALA C 1070 30.73 35.06 19.51
N PHE C 1071 31.34 35.47 18.40
CA PHE C 1071 31.30 34.64 17.22
C PHE C 1071 32.17 33.41 17.39
N ASN C 1072 33.40 33.59 17.89
CA ASN C 1072 34.32 32.47 18.01
C ASN C 1072 33.88 31.50 19.09
N ASN C 1073 33.27 31.99 20.16
CA ASN C 1073 32.74 31.08 21.16
C ASN C 1073 31.49 30.38 20.68
N ALA C 1074 30.82 30.92 19.67
CA ALA C 1074 29.67 30.23 19.12
C ALA C 1074 30.10 29.02 18.31
N ILE C 1075 31.19 29.14 17.56
CA ILE C 1075 31.64 28.03 16.72
C ILE C 1075 32.23 26.93 17.57
N GLY C 1076 32.88 27.29 18.68
CA GLY C 1076 33.46 26.28 19.54
C GLY C 1076 32.42 25.43 20.24
N ASN C 1077 31.32 26.05 20.66
CA ASN C 1077 30.22 25.29 21.23
C ASN C 1077 29.51 24.49 20.16
N ILE C 1078 29.58 24.93 18.91
CA ILE C 1078 29.09 24.12 17.80
C ILE C 1078 29.99 22.93 17.60
N THR C 1079 31.31 23.17 17.60
CA THR C 1079 32.28 22.12 17.35
C THR C 1079 32.28 21.07 18.47
N LEU C 1080 32.05 21.51 19.71
CA LEU C 1080 32.01 20.58 20.83
C LEU C 1080 30.79 19.67 20.77
N ALA C 1081 29.68 20.16 20.21
CA ALA C 1081 28.50 19.33 20.08
C ALA C 1081 28.65 18.28 19.02
N LEU C 1082 29.53 18.49 18.05
CA LEU C 1082 29.55 17.61 16.88
C LEU C 1082 30.32 16.32 17.16
N GLY C 1083 31.61 16.42 17.39
CA GLY C 1083 32.44 15.24 17.46
C GLY C 1083 33.15 15.11 18.78
N LYS C 1084 32.65 15.85 19.78
CA LYS C 1084 33.12 15.82 21.17
C LYS C 1084 34.59 16.19 21.31
N VAL C 1085 35.12 17.05 20.45
CA VAL C 1085 36.48 17.56 20.59
C VAL C 1085 36.46 19.08 20.38
N SER C 1086 36.89 19.80 21.42
CA SER C 1086 37.17 21.24 21.40
C SER C 1086 38.06 21.55 22.59
N ASN C 1087 38.27 22.83 22.84
CA ASN C 1087 39.07 23.31 23.97
C ASN C 1087 38.19 24.18 24.86
N ALA C 1088 37.46 23.54 25.78
CA ALA C 1088 36.64 24.24 26.75
C ALA C 1088 36.59 23.39 28.01
N ILE C 1089 35.73 23.78 28.94
CA ILE C 1089 35.59 23.08 30.22
C ILE C 1089 34.25 22.32 30.32
N THR C 1090 33.13 23.05 30.35
CA THR C 1090 31.77 22.51 30.33
C THR C 1090 30.81 23.66 30.02
N THR C 1091 30.00 23.54 28.98
CA THR C 1091 29.09 24.63 28.65
C THR C 1091 27.79 24.05 28.11
N VAL C 1092 26.67 24.43 28.74
CA VAL C 1092 25.34 24.02 28.33
C VAL C 1092 24.64 25.26 27.80
N SER C 1093 24.73 25.48 26.49
CA SER C 1093 24.06 26.58 25.82
C SER C 1093 22.83 26.05 25.09
N ASP C 1094 22.22 26.92 24.29
CA ASP C 1094 21.09 26.53 23.45
C ASP C 1094 21.47 26.34 21.99
N GLY C 1095 22.74 26.56 21.64
CA GLY C 1095 23.22 26.22 20.31
C GLY C 1095 23.23 24.74 20.05
N PHE C 1096 23.26 23.93 21.11
CA PHE C 1096 23.00 22.51 20.98
C PHE C 1096 21.61 22.25 20.44
N ASN C 1097 20.62 23.05 20.87
CA ASN C 1097 19.24 22.83 20.46
C ASN C 1097 19.03 23.18 19.00
N SER C 1098 19.80 24.12 18.46
CA SER C 1098 19.86 24.24 17.02
C SER C 1098 20.58 23.06 16.40
N MET C 1099 21.64 22.58 17.06
CA MET C 1099 22.46 21.52 16.49
C MET C 1099 21.75 20.17 16.58
N ALA C 1100 20.99 19.96 17.66
CA ALA C 1100 20.29 18.68 17.81
C ALA C 1100 19.17 18.53 16.80
N SER C 1101 18.65 19.64 16.30
CA SER C 1101 17.69 19.56 15.21
C SER C 1101 18.36 19.05 13.94
N ALA C 1102 19.61 19.41 13.73
CA ALA C 1102 20.31 18.98 12.53
C ALA C 1102 20.74 17.53 12.63
N LEU C 1103 21.39 17.17 13.74
CA LEU C 1103 22.02 15.86 13.84
C LEU C 1103 20.99 14.74 13.90
N THR C 1104 19.79 15.03 14.37
CA THR C 1104 18.71 14.07 14.21
C THR C 1104 18.31 13.93 12.75
N LYS C 1105 18.27 15.05 12.04
CA LYS C 1105 17.76 15.03 10.67
C LYS C 1105 18.74 14.37 9.72
N ILE C 1106 20.04 14.64 9.89
CA ILE C 1106 21.04 14.01 9.06
C ILE C 1106 21.12 12.52 9.34
N GLN C 1107 20.86 12.13 10.59
CA GLN C 1107 20.86 10.72 10.94
C GLN C 1107 19.74 9.97 10.24
N SER C 1108 18.61 10.62 10.02
CA SER C 1108 17.52 9.96 9.31
C SER C 1108 17.78 9.86 7.82
N VAL C 1109 18.45 10.86 7.24
CA VAL C 1109 18.58 10.96 5.79
C VAL C 1109 19.44 9.84 5.24
N VAL C 1110 20.50 9.47 5.96
CA VAL C 1110 21.29 8.32 5.55
C VAL C 1110 20.56 7.01 5.79
N ASN C 1111 19.48 7.03 6.57
CA ASN C 1111 18.79 5.81 6.97
C ASN C 1111 17.48 5.59 6.24
N GLN C 1112 17.39 5.96 4.96
CA GLN C 1112 16.23 5.65 4.14
C GLN C 1112 16.59 4.73 3.00
N GLN C 1113 17.55 5.17 2.20
CA GLN C 1113 18.02 4.55 0.96
C GLN C 1113 18.49 3.12 1.14
N GLY C 1114 19.05 2.76 2.28
CA GLY C 1114 19.44 1.38 2.47
C GLY C 1114 18.35 0.51 3.01
N GLU C 1115 17.17 1.07 3.21
CA GLU C 1115 16.11 0.39 3.92
C GLU C 1115 14.85 0.20 3.12
N ALA C 1116 14.55 1.09 2.18
CA ALA C 1116 13.43 0.85 1.29
C ALA C 1116 13.77 -0.25 0.29
N LEU C 1117 15.02 -0.31 -0.15
CA LEU C 1117 15.41 -1.32 -1.11
C LEU C 1117 15.50 -2.69 -0.47
N SER C 1118 16.11 -2.76 0.72
CA SER C 1118 16.28 -4.05 1.37
C SER C 1118 14.95 -4.61 1.85
N HIS C 1119 13.95 -3.74 2.03
CA HIS C 1119 12.61 -4.27 2.21
C HIS C 1119 12.03 -4.77 0.90
N LEU C 1120 12.33 -4.08 -0.19
CA LEU C 1120 11.78 -4.46 -1.48
C LEU C 1120 12.42 -5.73 -2.01
N ILE C 1121 13.72 -5.90 -1.77
CA ILE C 1121 14.41 -7.10 -2.17
C ILE C 1121 13.88 -8.30 -1.43
N SER C 1122 13.66 -8.15 -0.12
CA SER C 1122 13.22 -9.24 0.71
C SER C 1122 11.78 -9.65 0.47
N GLN C 1123 11.05 -9.01 -0.43
CA GLN C 1123 9.76 -9.48 -0.87
C GLN C 1123 9.83 -10.39 -2.07
N LEU C 1124 11.02 -10.92 -2.37
CA LEU C 1124 11.16 -11.96 -3.37
C LEU C 1124 11.26 -13.33 -2.74
N GLN C 1125 10.82 -13.46 -1.50
CA GLN C 1125 10.74 -14.76 -0.86
C GLN C 1125 9.36 -15.06 -0.34
N LYS C 1126 8.40 -14.18 -0.56
CA LYS C 1126 7.03 -14.39 -0.14
C LYS C 1126 6.28 -15.01 -1.31
N ASN C 1127 6.13 -16.32 -1.28
CA ASN C 1127 5.27 -17.01 -2.24
C ASN C 1127 3.83 -16.62 -1.97
N PHE C 1128 3.28 -15.73 -2.78
CA PHE C 1128 1.96 -15.20 -2.51
C PHE C 1128 0.92 -16.27 -2.87
N GLN C 1129 0.70 -17.17 -1.90
CA GLN C 1129 -0.22 -18.31 -2.00
C GLN C 1129 0.11 -19.17 -3.22
N ALA C 1130 1.37 -19.57 -3.30
CA ALA C 1130 1.80 -20.42 -4.40
C ALA C 1130 2.72 -21.51 -3.90
N ILE C 1131 3.36 -22.23 -4.82
CA ILE C 1131 4.17 -23.37 -4.45
C ILE C 1131 5.49 -22.94 -3.85
N SER C 1132 6.28 -22.18 -4.60
CA SER C 1132 7.60 -21.76 -4.15
C SER C 1132 7.85 -20.34 -4.62
N SER C 1133 8.81 -19.69 -3.97
CA SER C 1133 9.10 -18.30 -4.20
C SER C 1133 10.04 -18.07 -5.36
N SER C 1134 10.33 -19.08 -6.15
CA SER C 1134 11.17 -18.92 -7.34
C SER C 1134 10.44 -19.47 -8.54
N ILE C 1135 10.57 -18.79 -9.67
CA ILE C 1135 9.71 -19.06 -10.81
C ILE C 1135 10.15 -20.30 -11.54
N ALA C 1136 11.46 -20.48 -11.71
CA ALA C 1136 11.95 -21.65 -12.42
C ALA C 1136 11.71 -22.95 -11.67
N GLU C 1137 11.43 -22.89 -10.38
CA GLU C 1137 10.97 -24.08 -9.69
C GLU C 1137 9.56 -24.44 -10.12
N ILE C 1138 8.74 -23.45 -10.43
CA ILE C 1138 7.34 -23.71 -10.75
C ILE C 1138 7.21 -24.36 -12.11
N TYR C 1139 7.99 -23.89 -13.08
CA TYR C 1139 7.90 -24.45 -14.41
C TYR C 1139 8.56 -25.81 -14.54
N ASN C 1140 9.26 -26.27 -13.51
CA ASN C 1140 9.81 -27.62 -13.51
C ASN C 1140 9.06 -28.53 -12.57
N ARG C 1141 7.84 -28.23 -12.30
CA ARG C 1141 6.96 -29.22 -11.71
C ARG C 1141 5.67 -29.37 -12.49
N LEU C 1142 5.15 -28.28 -13.03
CA LEU C 1142 3.84 -28.26 -13.65
C LEU C 1142 3.95 -28.03 -15.15
N GLU C 1143 2.87 -28.32 -15.85
CA GLU C 1143 2.83 -28.03 -17.28
C GLU C 1143 2.27 -26.64 -17.51
N LYS C 1144 2.53 -26.14 -18.72
CA LYS C 1144 2.29 -24.73 -19.05
C LYS C 1144 0.83 -24.35 -18.98
N VAL C 1145 -0.07 -25.31 -19.19
CA VAL C 1145 -1.50 -25.03 -19.13
C VAL C 1145 -1.95 -24.81 -17.69
N GLU C 1146 -1.23 -25.32 -16.71
CA GLU C 1146 -1.60 -25.13 -15.31
C GLU C 1146 -0.55 -24.41 -14.49
N ALA C 1147 0.68 -24.25 -14.98
CA ALA C 1147 1.67 -23.53 -14.20
C ALA C 1147 1.46 -22.03 -14.29
N ASP C 1148 0.76 -21.58 -15.34
CA ASP C 1148 0.51 -20.15 -15.52
C ASP C 1148 -0.38 -19.60 -14.41
N ALA C 1149 -1.33 -20.40 -13.92
CA ALA C 1149 -2.17 -19.95 -12.83
C ALA C 1149 -1.38 -19.78 -11.54
N GLN C 1150 -0.40 -20.65 -11.31
CA GLN C 1150 0.43 -20.52 -10.12
C GLN C 1150 1.35 -19.31 -10.22
N VAL C 1151 1.94 -19.09 -11.39
CA VAL C 1151 2.87 -17.98 -11.53
C VAL C 1151 2.14 -16.66 -11.68
N ASP C 1152 0.82 -16.70 -11.90
CA ASP C 1152 0.05 -15.46 -11.95
C ASP C 1152 0.01 -14.78 -10.60
N ARG C 1153 -0.08 -15.55 -9.52
CA ARG C 1153 -0.05 -14.96 -8.20
C ARG C 1153 1.32 -14.41 -7.85
N LEU C 1154 2.38 -14.91 -8.48
CA LEU C 1154 3.68 -14.29 -8.30
C LEU C 1154 3.73 -12.93 -8.98
N ILE C 1155 3.12 -12.82 -10.16
CA ILE C 1155 3.22 -11.58 -10.93
C ILE C 1155 2.42 -10.48 -10.25
N THR C 1156 1.14 -10.73 -9.98
CA THR C 1156 0.30 -9.71 -9.38
C THR C 1156 0.71 -9.43 -7.94
N GLY C 1157 1.31 -10.40 -7.27
CA GLY C 1157 1.86 -10.12 -5.96
C GLY C 1157 3.09 -9.23 -6.03
N ARG C 1158 3.97 -9.49 -6.99
CA ARG C 1158 5.18 -8.69 -7.06
C ARG C 1158 4.93 -7.34 -7.69
N LEU C 1159 3.94 -7.23 -8.57
CA LEU C 1159 3.65 -5.93 -9.15
C LEU C 1159 3.07 -4.97 -8.12
N ALA C 1160 2.36 -5.50 -7.12
CA ALA C 1160 1.94 -4.65 -6.03
C ALA C 1160 3.10 -4.27 -5.15
N ALA C 1161 4.14 -5.10 -5.11
CA ALA C 1161 5.30 -4.76 -4.30
C ALA C 1161 6.11 -3.63 -4.91
N LEU C 1162 6.01 -3.43 -6.22
CA LEU C 1162 6.63 -2.26 -6.81
C LEU C 1162 5.87 -1.00 -6.50
N ASN C 1163 4.53 -1.04 -6.58
CA ASN C 1163 3.74 0.16 -6.33
C ASN C 1163 3.81 0.59 -4.89
N ALA C 1164 4.04 -0.35 -3.98
CA ALA C 1164 4.36 0.03 -2.61
C ALA C 1164 5.70 0.73 -2.54
N TYR C 1165 6.63 0.37 -3.41
CA TYR C 1165 7.92 1.05 -3.40
C TYR C 1165 7.85 2.37 -4.15
N VAL C 1166 7.11 2.41 -5.25
CA VAL C 1166 7.10 3.59 -6.11
C VAL C 1166 6.43 4.76 -5.41
N ALA C 1167 5.30 4.50 -4.75
CA ALA C 1167 4.57 5.56 -4.06
C ALA C 1167 5.35 6.08 -2.86
N GLN C 1168 6.16 5.24 -2.24
CA GLN C 1168 7.04 5.74 -1.18
C GLN C 1168 8.13 6.62 -1.75
N THR C 1169 8.58 6.34 -2.97
CA THR C 1169 9.64 7.14 -3.56
C THR C 1169 9.12 8.49 -4.01
N LEU C 1170 7.99 8.51 -4.71
CA LEU C 1170 7.41 9.77 -5.17
C LEU C 1170 6.93 10.65 -4.05
N THR C 1171 6.71 10.07 -2.87
CA THR C 1171 6.59 10.90 -1.67
C THR C 1171 7.85 11.70 -1.43
N GLN C 1172 9.00 11.06 -1.54
CA GLN C 1172 10.25 11.73 -1.20
C GLN C 1172 10.69 12.70 -2.28
N TYR C 1173 10.41 12.40 -3.55
CA TYR C 1173 10.81 13.30 -4.62
C TYR C 1173 10.04 14.62 -4.53
N ALA C 1174 8.76 14.54 -4.19
CA ALA C 1174 7.98 15.75 -4.04
C ALA C 1174 8.29 16.46 -2.75
N GLU C 1175 8.72 15.73 -1.73
CA GLU C 1175 9.06 16.36 -0.47
C GLU C 1175 10.39 17.09 -0.57
N VAL C 1176 11.35 16.49 -1.27
CA VAL C 1176 12.64 17.13 -1.48
C VAL C 1176 12.48 18.36 -2.35
N LYS C 1177 11.57 18.31 -3.32
CA LYS C 1177 11.31 19.43 -4.21
C LYS C 1177 10.78 20.65 -3.49
N ALA C 1178 10.19 20.47 -2.31
CA ALA C 1178 9.90 21.62 -1.48
C ALA C 1178 11.15 22.12 -0.78
N SER C 1179 11.98 21.20 -0.28
CA SER C 1179 13.16 21.61 0.44
C SER C 1179 14.21 22.18 -0.49
N ARG C 1180 14.32 21.65 -1.70
CA ARG C 1180 15.24 22.20 -2.67
C ARG C 1180 14.76 23.57 -3.13
N GLN C 1181 13.45 23.76 -3.18
CA GLN C 1181 12.90 25.09 -3.41
C GLN C 1181 13.24 26.02 -2.28
N LEU C 1182 13.29 25.49 -1.06
CA LEU C 1182 13.68 26.31 0.08
C LEU C 1182 15.15 26.65 0.03
N ALA C 1183 15.97 25.76 -0.51
CA ALA C 1183 17.40 26.01 -0.52
C ALA C 1183 17.79 27.08 -1.52
N MET C 1184 17.03 27.23 -2.60
CA MET C 1184 17.31 28.32 -3.53
C MET C 1184 17.00 29.67 -2.92
N GLU C 1185 16.00 29.74 -2.04
CA GLU C 1185 15.72 31.03 -1.42
C GLU C 1185 16.76 31.36 -0.38
N LYS C 1186 17.23 30.37 0.36
CA LYS C 1186 18.19 30.64 1.40
C LYS C 1186 19.57 30.92 0.85
N VAL C 1187 19.93 30.29 -0.27
CA VAL C 1187 21.22 30.55 -0.87
C VAL C 1187 21.23 31.93 -1.51
N ASN C 1188 20.16 32.28 -2.21
CA ASN C 1188 20.17 33.53 -2.93
C ASN C 1188 19.92 34.72 -2.01
N GLU C 1189 18.93 34.65 -1.13
CA GLU C 1189 18.63 35.82 -0.33
C GLU C 1189 19.56 35.99 0.86
N CYS C 1190 20.13 34.92 1.37
CA CYS C 1190 20.87 35.02 2.62
C CYS C 1190 22.35 34.76 2.50
N VAL C 1191 22.76 33.74 1.74
CA VAL C 1191 24.18 33.49 1.61
C VAL C 1191 24.82 34.55 0.74
N LYS C 1192 24.09 35.03 -0.25
CA LYS C 1192 24.64 36.03 -1.14
C LYS C 1192 24.18 37.44 -0.86
N SER C 1193 23.13 37.64 -0.07
CA SER C 1193 22.48 38.94 -0.22
C SER C 1193 22.08 39.67 1.05
N GLN C 1194 22.15 39.07 2.24
CA GLN C 1194 21.71 39.67 3.51
C GLN C 1194 20.24 40.12 3.41
N SER C 1195 19.36 39.13 3.35
CA SER C 1195 17.93 39.38 3.25
C SER C 1195 17.40 40.11 4.47
N ASP C 1196 16.30 40.83 4.28
CA ASP C 1196 15.72 41.64 5.33
C ASP C 1196 14.35 41.15 5.75
N ARG C 1197 13.92 39.99 5.29
CA ARG C 1197 12.72 39.38 5.85
C ARG C 1197 13.05 38.92 7.26
N TYR C 1198 12.38 39.51 8.24
CA TYR C 1198 12.65 39.18 9.63
C TYR C 1198 12.27 37.74 9.91
N GLY C 1199 13.09 37.05 10.68
CA GLY C 1199 12.81 35.68 11.05
C GLY C 1199 13.26 34.65 10.05
N PHE C 1200 13.17 34.98 8.77
CA PHE C 1200 13.74 34.11 7.75
C PHE C 1200 15.26 34.13 7.86
N CYS C 1201 15.86 32.97 7.60
CA CYS C 1201 17.31 32.75 7.69
C CYS C 1201 17.82 33.07 9.09
N GLY C 1202 17.36 32.24 10.04
CA GLY C 1202 17.81 32.29 11.41
C GLY C 1202 16.69 32.66 12.36
N ASN C 1203 17.00 33.59 13.26
CA ASN C 1203 16.05 34.02 14.28
C ASN C 1203 16.46 35.44 14.63
N GLY C 1204 15.81 36.40 14.03
CA GLY C 1204 16.19 37.78 14.21
C GLY C 1204 16.81 38.35 12.95
N THR C 1205 17.45 39.49 13.10
CA THR C 1205 17.97 40.22 11.96
C THR C 1205 19.22 39.55 11.43
N HIS C 1206 19.24 39.29 10.13
CA HIS C 1206 20.27 38.47 9.51
C HIS C 1206 21.48 39.32 9.16
N LEU C 1207 22.67 38.89 9.59
CA LEU C 1207 23.91 39.56 9.21
C LEU C 1207 24.56 38.92 8.00
N PHE C 1208 24.93 37.65 8.11
CA PHE C 1208 25.45 36.89 6.99
C PHE C 1208 25.18 35.44 7.28
N SER C 1209 25.70 34.57 6.42
CA SER C 1209 25.46 33.15 6.58
C SER C 1209 26.51 32.38 5.80
N LEU C 1210 27.08 31.37 6.44
CA LEU C 1210 28.08 30.53 5.81
C LEU C 1210 27.54 29.13 5.70
N VAL C 1211 27.97 28.43 4.66
CA VAL C 1211 27.46 27.11 4.34
C VAL C 1211 28.58 26.09 4.39
N ASN C 1212 28.22 24.83 4.54
CA ASN C 1212 29.15 23.73 4.40
C ASN C 1212 28.40 22.56 3.81
N SER C 1213 29.17 21.62 3.28
CA SER C 1213 28.53 20.43 2.74
C SER C 1213 28.04 19.55 3.89
N ALA C 1214 27.20 18.60 3.52
CA ALA C 1214 26.60 17.67 4.46
C ALA C 1214 26.16 16.46 3.65
N PRO C 1215 25.79 15.35 4.30
CA PRO C 1215 25.23 14.24 3.52
C PRO C 1215 23.92 14.61 2.87
N ASP C 1216 23.98 14.77 1.54
CA ASP C 1216 22.85 15.09 0.68
C ASP C 1216 22.17 16.39 1.10
N GLY C 1217 22.90 17.47 0.99
CA GLY C 1217 22.32 18.77 1.25
C GLY C 1217 23.32 19.69 1.92
N LEU C 1218 22.86 20.89 2.20
CA LEU C 1218 23.72 21.92 2.75
C LEU C 1218 23.52 22.03 4.25
N LEU C 1219 24.46 22.71 4.90
CA LEU C 1219 24.39 22.97 6.33
C LEU C 1219 24.67 24.44 6.52
N PHE C 1220 23.66 25.19 6.93
CA PHE C 1220 23.78 26.63 7.01
C PHE C 1220 24.27 27.07 8.37
N PHE C 1221 24.83 28.27 8.42
CA PHE C 1221 25.25 28.89 9.68
C PHE C 1221 24.78 30.33 9.65
N HIS C 1222 23.54 30.56 10.07
CA HIS C 1222 23.02 31.91 10.10
C HIS C 1222 23.58 32.66 11.29
N THR C 1223 23.99 33.89 11.06
CA THR C 1223 24.52 34.74 12.12
C THR C 1223 23.56 35.89 12.30
N VAL C 1224 22.84 35.90 13.41
CA VAL C 1224 21.82 36.90 13.63
C VAL C 1224 22.33 37.93 14.63
N LEU C 1225 21.67 39.08 14.67
CA LEU C 1225 21.97 40.08 15.67
C LEU C 1225 21.18 39.83 16.93
N LEU C 1226 21.70 40.32 18.04
CA LEU C 1226 21.03 40.18 19.29
C LEU C 1226 21.35 41.42 20.08
N PRO C 1227 20.36 42.13 20.59
CA PRO C 1227 20.64 43.27 21.45
C PRO C 1227 20.75 42.86 22.90
N THR C 1228 21.49 43.66 23.66
CA THR C 1228 21.68 43.41 25.07
C THR C 1228 21.19 44.55 25.94
N GLU C 1229 21.51 45.78 25.59
CA GLU C 1229 21.13 46.93 26.39
C GLU C 1229 20.06 47.73 25.67
N TRP C 1230 19.55 48.75 26.34
CA TRP C 1230 18.52 49.58 25.76
C TRP C 1230 18.72 51.01 26.23
N GLU C 1231 17.84 51.89 25.75
CA GLU C 1231 17.90 53.29 26.11
C GLU C 1231 16.50 53.81 26.35
N GLU C 1232 16.17 54.07 27.60
CA GLU C 1232 14.92 54.74 27.93
C GLU C 1232 15.06 56.20 27.51
N VAL C 1233 14.30 56.59 26.50
CA VAL C 1233 14.46 57.89 25.87
C VAL C 1233 13.09 58.43 25.50
N THR C 1234 12.80 59.66 25.89
CA THR C 1234 11.59 60.34 25.45
C THR C 1234 11.75 60.82 24.02
N ALA C 1235 10.67 60.79 23.26
CA ALA C 1235 10.74 61.01 21.82
C ALA C 1235 9.70 62.02 21.37
N TRP C 1236 9.91 62.51 20.15
CA TRP C 1236 8.90 63.22 19.39
C TRP C 1236 9.04 62.78 17.95
N SER C 1237 8.14 63.26 17.10
CA SER C 1237 8.17 62.88 15.70
C SER C 1237 7.94 64.09 14.82
N GLY C 1238 8.57 65.21 15.15
CA GLY C 1238 8.50 66.39 14.33
C GLY C 1238 8.37 67.65 15.14
N ILE C 1239 8.54 68.77 14.44
CA ILE C 1239 8.65 70.08 15.04
C ILE C 1239 7.54 70.96 14.50
N CYS C 1240 6.85 71.67 15.40
CA CYS C 1240 6.00 72.80 15.03
C CYS C 1240 6.61 74.05 15.65
N VAL C 1241 6.95 75.02 14.81
CA VAL C 1241 7.61 76.24 15.27
C VAL C 1241 6.60 77.39 15.29
N ASN C 1242 6.45 77.98 16.49
CA ASN C 1242 5.63 79.17 16.74
C ASN C 1242 4.17 79.01 16.31
N ASP C 1243 3.70 77.75 16.29
CA ASP C 1243 2.36 77.34 15.85
C ASP C 1243 2.04 77.79 14.43
N THR C 1244 3.04 77.97 13.57
CA THR C 1244 2.81 78.32 12.17
C THR C 1244 3.23 77.20 11.23
N TYR C 1245 4.49 76.79 11.29
CA TYR C 1245 5.04 75.84 10.35
C TYR C 1245 5.10 74.46 10.99
N ALA C 1246 4.71 73.44 10.25
CA ALA C 1246 4.85 72.07 10.69
C ALA C 1246 6.05 71.46 9.98
N TYR C 1247 6.71 70.54 10.65
CA TYR C 1247 7.82 69.80 10.06
C TYR C 1247 7.70 68.35 10.49
N LEU C 1248 7.74 67.46 9.51
CA LEU C 1248 7.65 66.04 9.78
C LEU C 1248 8.90 65.37 9.24
N LEU C 1249 9.35 64.33 9.93
CA LEU C 1249 10.52 63.59 9.49
C LEU C 1249 10.22 62.83 8.20
N LYS C 1250 11.16 62.91 7.26
CA LYS C 1250 10.97 62.31 5.94
C LYS C 1250 10.91 60.80 6.04
N ASP C 1251 11.96 60.20 6.57
CA ASP C 1251 11.88 58.81 7.01
C ASP C 1251 10.92 58.73 8.17
N PHE C 1252 10.06 57.73 8.16
CA PHE C 1252 9.21 57.50 9.30
C PHE C 1252 9.92 56.73 10.40
N ASP C 1253 10.94 55.94 10.04
CA ASP C 1253 11.66 55.18 11.04
C ASP C 1253 12.51 56.07 11.94
N HIS C 1254 12.86 57.26 11.48
CA HIS C 1254 13.63 58.14 12.31
C HIS C 1254 12.75 58.74 13.40
N SER C 1255 13.40 59.28 14.41
CA SER C 1255 12.71 59.90 15.52
C SER C 1255 13.65 60.90 16.15
N ILE C 1256 13.08 61.97 16.70
CA ILE C 1256 13.86 63.07 17.24
C ILE C 1256 13.74 63.04 18.76
N PHE C 1257 14.81 63.42 19.43
CA PHE C 1257 14.89 63.32 20.88
C PHE C 1257 16.04 64.16 21.39
N SER C 1258 15.88 64.66 22.61
CA SER C 1258 16.95 65.38 23.27
C SER C 1258 17.88 64.40 23.97
N TYR C 1259 19.14 64.78 24.07
CA TYR C 1259 20.18 63.85 24.51
C TYR C 1259 21.22 64.68 25.25
N ASN C 1260 21.08 64.75 26.57
CA ASN C 1260 21.86 65.62 27.45
C ASN C 1260 21.80 67.07 26.96
N GLY C 1261 20.58 67.58 26.86
CA GLY C 1261 20.34 68.93 26.42
C GLY C 1261 20.57 69.20 24.95
N THR C 1262 20.87 68.17 24.16
CA THR C 1262 21.15 68.32 22.75
C THR C 1262 20.20 67.43 21.97
N TYR C 1263 19.54 67.99 20.97
CA TYR C 1263 18.53 67.25 20.22
C TYR C 1263 19.20 66.49 19.10
N MET C 1264 18.99 65.18 19.06
CA MET C 1264 19.51 64.33 18.00
C MET C 1264 18.38 63.56 17.34
N VAL C 1265 18.74 62.86 16.27
CA VAL C 1265 17.80 62.07 15.50
C VAL C 1265 18.45 60.72 15.22
N THR C 1266 17.69 59.65 15.37
CA THR C 1266 18.21 58.31 15.20
C THR C 1266 17.13 57.45 14.57
N PRO C 1267 17.50 56.37 13.91
CA PRO C 1267 16.52 55.33 13.64
C PRO C 1267 16.10 54.67 14.93
N ARG C 1268 14.93 54.06 14.90
CA ARG C 1268 14.48 53.28 16.04
C ARG C 1268 14.97 51.84 15.99
N ASN C 1269 15.84 51.51 15.03
CA ASN C 1269 16.46 50.20 15.03
C ASN C 1269 17.65 50.15 15.97
N MET C 1270 18.66 50.98 15.69
CA MET C 1270 19.86 51.04 16.50
C MET C 1270 19.97 52.42 17.14
N PHE C 1271 20.79 52.51 18.18
CA PHE C 1271 21.07 53.80 18.78
C PHE C 1271 22.26 54.41 18.06
N GLN C 1272 21.97 55.01 16.92
CA GLN C 1272 22.97 55.70 16.11
C GLN C 1272 22.55 57.16 15.99
N PRO C 1273 22.88 57.97 16.98
CA PRO C 1273 22.45 59.36 16.95
C PRO C 1273 23.31 60.20 16.03
N ARG C 1274 22.70 61.28 15.54
CA ARG C 1274 23.42 62.29 14.78
C ARG C 1274 22.61 63.57 14.83
N LYS C 1275 23.26 64.65 14.48
CA LYS C 1275 22.57 65.92 14.42
C LYS C 1275 21.68 65.96 13.18
N PRO C 1276 20.57 66.67 13.23
CA PRO C 1276 19.69 66.72 12.07
C PRO C 1276 20.12 67.79 11.09
N GLN C 1277 19.72 67.57 9.83
CA GLN C 1277 19.85 68.57 8.79
C GLN C 1277 18.47 68.89 8.26
N MET C 1278 18.39 69.95 7.46
CA MET C 1278 17.11 70.41 6.97
C MET C 1278 16.52 69.49 5.91
N SER C 1279 17.30 68.57 5.37
CA SER C 1279 16.83 67.66 4.34
C SER C 1279 16.09 66.47 4.91
N ASP C 1280 15.91 66.41 6.22
CA ASP C 1280 15.18 65.33 6.85
C ASP C 1280 13.79 65.76 7.30
N PHE C 1281 13.42 67.00 7.01
CA PHE C 1281 12.17 67.58 7.51
C PHE C 1281 11.31 67.94 6.32
N VAL C 1282 10.15 67.34 6.25
CA VAL C 1282 9.18 67.69 5.23
C VAL C 1282 8.16 68.63 5.84
N GLN C 1283 7.79 69.66 5.10
CA GLN C 1283 6.95 70.73 5.62
C GLN C 1283 5.49 70.46 5.29
N ILE C 1284 4.65 70.44 6.32
CA ILE C 1284 3.21 70.33 6.15
C ILE C 1284 2.58 71.48 6.95
N THR C 1285 1.26 71.46 7.12
CA THR C 1285 0.54 72.62 7.61
C THR C 1285 -0.17 72.44 8.94
N SER C 1286 -0.12 71.28 9.58
CA SER C 1286 -1.02 71.04 10.71
C SER C 1286 -0.35 71.19 12.07
N CYS C 1287 0.69 70.39 12.34
CA CYS C 1287 1.45 70.33 13.60
C CYS C 1287 0.54 70.13 14.81
N GLU C 1288 -0.03 68.92 14.87
CA GLU C 1288 -0.87 68.52 15.99
C GLU C 1288 -0.08 68.33 17.29
N VAL C 1289 -0.75 67.87 18.34
CA VAL C 1289 -0.20 67.83 19.68
C VAL C 1289 0.88 66.76 19.83
N THR C 1290 1.01 65.88 18.84
CA THR C 1290 1.98 64.81 18.85
C THR C 1290 3.41 65.33 18.66
N PHE C 1291 3.57 66.58 18.27
CA PHE C 1291 4.83 67.14 17.83
C PHE C 1291 5.60 67.67 19.03
N LEU C 1292 6.64 68.45 18.74
CA LEU C 1292 7.46 69.07 19.78
C LEU C 1292 7.35 70.59 19.65
N ASN C 1293 6.95 71.24 20.73
CA ASN C 1293 6.73 72.68 20.70
C ASN C 1293 8.06 73.41 20.73
N THR C 1294 8.21 74.36 19.81
CA THR C 1294 9.49 74.99 19.52
C THR C 1294 9.22 76.42 19.08
N THR C 1295 10.15 77.33 19.38
CA THR C 1295 10.11 78.67 18.83
C THR C 1295 11.25 78.86 17.86
N HIS C 1296 11.30 80.05 17.25
CA HIS C 1296 12.18 80.30 16.11
C HIS C 1296 13.65 80.23 16.49
N THR C 1297 14.01 80.83 17.62
CA THR C 1297 15.42 80.90 17.99
C THR C 1297 15.96 79.53 18.40
N THR C 1298 15.14 78.73 19.07
CA THR C 1298 15.66 77.42 19.44
C THR C 1298 15.53 76.40 18.34
N PHE C 1299 14.93 76.77 17.20
CA PHE C 1299 14.99 75.89 16.05
C PHE C 1299 16.39 75.85 15.45
N GLN C 1300 17.08 77.00 15.46
CA GLN C 1300 18.36 77.10 14.78
C GLN C 1300 19.47 76.37 15.51
N GLU C 1301 19.37 76.18 16.82
CA GLU C 1301 20.41 75.41 17.48
C GLU C 1301 20.11 73.92 17.45
N ILE C 1302 18.86 73.54 17.19
CA ILE C 1302 18.53 72.13 17.07
C ILE C 1302 19.09 71.57 15.77
N VAL C 1303 18.78 72.20 14.69
CA VAL C 1303 19.17 71.69 13.38
C VAL C 1303 20.37 72.48 12.89
N ILE C 1304 21.28 71.80 12.21
CA ILE C 1304 22.52 72.43 11.80
C ILE C 1304 22.33 73.02 10.41
N ASP C 1305 22.96 74.18 10.20
CA ASP C 1305 23.06 74.88 8.92
C ASP C 1305 21.70 75.32 8.37
N TYR C 1306 20.68 75.39 9.20
CA TYR C 1306 19.49 76.11 8.78
C TYR C 1306 19.79 77.60 8.87
N ILE C 1307 19.87 78.25 7.72
CA ILE C 1307 20.31 79.63 7.65
C ILE C 1307 19.18 80.46 7.08
N ASP C 1308 18.51 81.23 7.93
CA ASP C 1308 17.72 82.34 7.44
C ASP C 1308 18.69 83.43 7.02
N ILE C 1309 18.63 83.82 5.75
CA ILE C 1309 19.62 84.73 5.20
C ILE C 1309 19.44 86.14 5.72
N ASN C 1310 18.20 86.50 6.08
CA ASN C 1310 17.85 87.87 6.45
C ASN C 1310 18.54 88.33 7.72
N LYS C 1311 18.74 87.44 8.70
CA LYS C 1311 19.48 87.83 9.88
C LYS C 1311 20.97 87.86 9.63
N THR C 1312 21.44 87.13 8.62
CA THR C 1312 22.88 87.03 8.38
C THR C 1312 23.40 88.25 7.66
N ILE C 1313 22.66 88.74 6.68
CA ILE C 1313 23.13 89.81 5.80
C ILE C 1313 23.27 91.13 6.58
N ALA C 1314 22.49 91.31 7.63
CA ALA C 1314 22.63 92.48 8.48
C ALA C 1314 23.93 92.46 9.29
N ASP C 1315 24.52 91.28 9.51
CA ASP C 1315 25.79 91.21 10.23
C ASP C 1315 26.95 91.67 9.35
N MET C 1316 27.03 91.16 8.12
CA MET C 1316 28.09 91.62 7.23
C MET C 1316 27.82 92.99 6.64
N LEU C 1317 26.64 93.57 6.86
CA LEU C 1317 26.40 94.93 6.41
C LEU C 1317 26.98 95.95 7.38
N GLU C 1318 26.82 95.73 8.69
CA GLU C 1318 27.42 96.62 9.67
C GLU C 1318 28.92 96.39 9.81
N GLN C 1319 29.38 95.17 9.53
CA GLN C 1319 30.81 94.89 9.53
C GLN C 1319 31.51 95.51 8.33
N TYR C 1320 30.78 95.79 7.25
CA TYR C 1320 31.38 96.39 6.07
C TYR C 1320 31.63 97.88 6.29
N HIS C 1321 30.66 98.59 6.87
CA HIS C 1321 30.76 100.03 7.10
C HIS C 1321 31.27 100.37 8.50
N SER C 1322 32.11 99.52 9.08
CA SER C 1322 32.71 99.80 10.38
C SER C 1322 34.22 100.00 10.25
#